data_2LA3
#
_entry.id   2LA3
#
_entity_poly.entity_id   1
_entity_poly.type   'polypeptide(L)'
_entity_poly.pdbx_seq_one_letter_code
;GMNTVKNKQEILEAFRESPDMMAILTIIRDLGLKDSWLAAGSVRNFIWNLLSDKSPFDHETDIDVIFFDPDFSYEETLLL
EKKLREDFPQYQWELKNQVYMHQHSPHTASYTSSRDAMSKYPERCTAVGLRLNEELDFELYVPYGLEDILNFQVRPTPHF
LENEDRMELYQTRLSKKNWQEKWKNLIFKNT
;
_entity_poly.pdbx_strand_id   A
#
# COMPACT_ATOMS: atom_id res chain seq x y z
N GLY A 1 -5.14 16.19 -21.78
CA GLY A 1 -4.44 17.05 -20.82
C GLY A 1 -3.67 16.19 -19.88
N MET A 2 -4.08 16.18 -18.61
CA MET A 2 -3.47 15.43 -17.54
C MET A 2 -3.16 13.99 -17.98
N ASN A 3 -1.87 13.71 -18.19
CA ASN A 3 -1.36 12.41 -18.65
C ASN A 3 0.17 12.39 -18.65
N THR A 4 0.80 13.51 -19.00
CA THR A 4 2.24 13.64 -19.21
C THR A 4 2.99 13.69 -17.85
N VAL A 5 2.92 12.60 -17.10
CA VAL A 5 3.38 12.46 -15.73
C VAL A 5 4.65 11.61 -15.75
N LYS A 6 5.72 12.09 -15.11
CA LYS A 6 6.92 11.29 -14.84
C LYS A 6 7.44 11.50 -13.41
N ASN A 7 6.66 12.18 -12.57
CA ASN A 7 7.13 12.67 -11.27
C ASN A 7 5.97 12.81 -10.31
N LYS A 8 6.31 12.75 -9.03
CA LYS A 8 5.39 12.82 -7.91
C LYS A 8 4.37 13.94 -8.06
N GLN A 9 4.82 15.15 -8.39
CA GLN A 9 3.96 16.32 -8.43
C GLN A 9 2.76 16.05 -9.35
N GLU A 10 3.06 15.60 -10.56
CA GLU A 10 2.11 15.36 -11.65
C GLU A 10 1.13 14.22 -11.28
N ILE A 11 1.54 13.30 -10.40
CA ILE A 11 0.71 12.22 -9.85
C ILE A 11 -0.21 12.74 -8.75
N LEU A 12 0.35 13.49 -7.80
CA LEU A 12 -0.36 13.97 -6.61
C LEU A 12 -1.48 14.93 -6.98
N GLU A 13 -1.30 15.72 -8.04
CA GLU A 13 -2.37 16.56 -8.54
C GLU A 13 -3.57 15.70 -8.98
N ALA A 14 -3.32 14.50 -9.53
CA ALA A 14 -4.38 13.69 -10.12
C ALA A 14 -5.17 13.00 -9.01
N PHE A 15 -4.46 12.60 -7.94
CA PHE A 15 -5.05 12.05 -6.74
C PHE A 15 -6.17 12.96 -6.25
N ARG A 16 -5.84 14.23 -5.98
CA ARG A 16 -6.82 15.15 -5.40
C ARG A 16 -7.90 15.54 -6.40
N GLU A 17 -7.58 15.56 -7.69
CA GLU A 17 -8.57 15.80 -8.74
C GLU A 17 -9.67 14.73 -8.74
N SER A 18 -9.39 13.53 -8.21
CA SER A 18 -10.39 12.49 -8.08
C SER A 18 -11.12 12.66 -6.75
N PRO A 19 -12.47 12.64 -6.80
CA PRO A 19 -13.28 12.65 -5.59
C PRO A 19 -13.14 11.35 -4.80
N ASP A 20 -13.10 10.22 -5.49
CA ASP A 20 -13.23 8.91 -4.87
C ASP A 20 -11.91 8.55 -4.19
N MET A 21 -10.77 8.82 -4.84
CA MET A 21 -9.45 8.63 -4.27
C MET A 21 -9.29 9.52 -3.02
N MET A 22 -9.82 10.74 -3.07
CA MET A 22 -9.87 11.64 -1.93
C MET A 22 -10.74 11.09 -0.81
N ALA A 23 -11.94 10.57 -1.14
CA ALA A 23 -12.92 10.10 -0.16
C ALA A 23 -12.29 9.05 0.74
N ILE A 24 -11.69 8.04 0.12
CA ILE A 24 -11.04 6.93 0.79
C ILE A 24 -10.02 7.45 1.82
N LEU A 25 -9.34 8.56 1.51
CA LEU A 25 -8.38 9.22 2.38
C LEU A 25 -9.09 9.94 3.54
N THR A 26 -10.01 10.85 3.24
CA THR A 26 -10.77 11.62 4.23
C THR A 26 -11.42 10.71 5.29
N ILE A 27 -11.89 9.52 4.93
CA ILE A 27 -12.50 8.60 5.88
C ILE A 27 -11.43 8.00 6.81
N ILE A 28 -10.32 7.46 6.28
CA ILE A 28 -9.29 6.81 7.13
C ILE A 28 -8.65 7.82 8.10
N ARG A 29 -8.58 9.09 7.70
CA ARG A 29 -8.17 10.21 8.54
C ARG A 29 -9.00 10.28 9.83
N ASP A 30 -10.33 10.36 9.70
CA ASP A 30 -11.27 10.57 10.82
C ASP A 30 -11.45 9.33 11.70
N LEU A 31 -11.05 8.18 11.19
CA LEU A 31 -11.18 6.85 11.78
C LEU A 31 -10.68 6.77 13.21
N GLY A 32 -9.73 7.64 13.56
CA GLY A 32 -9.23 7.76 14.91
C GLY A 32 -8.34 6.58 15.28
N LEU A 33 -8.00 5.73 14.32
CA LEU A 33 -7.07 4.62 14.55
C LEU A 33 -5.70 5.19 14.83
N LYS A 34 -4.84 4.46 15.52
CA LYS A 34 -3.49 4.93 15.78
C LYS A 34 -2.57 4.30 14.77
N ASP A 35 -1.63 5.10 14.31
CA ASP A 35 -0.47 4.73 13.51
C ASP A 35 -0.82 4.14 12.13
N SER A 36 -2.10 4.03 11.80
CA SER A 36 -2.57 3.61 10.50
C SER A 36 -2.24 4.67 9.47
N TRP A 37 -2.25 4.28 8.20
CA TRP A 37 -2.44 5.15 7.05
C TRP A 37 -2.53 4.28 5.79
N LEU A 38 -2.93 4.88 4.67
CA LEU A 38 -3.00 4.20 3.40
C LEU A 38 -1.57 3.99 2.90
N ALA A 39 -1.23 2.76 2.56
CA ALA A 39 0.13 2.40 2.15
C ALA A 39 0.10 1.17 1.28
N ALA A 40 1.19 0.86 0.58
CA ALA A 40 1.21 -0.20 -0.41
C ALA A 40 0.16 -0.01 -1.51
N GLY A 41 -0.25 -1.12 -2.11
CA GLY A 41 -0.95 -1.22 -3.38
C GLY A 41 -2.12 -0.27 -3.55
N SER A 42 -2.79 0.08 -2.46
CA SER A 42 -3.89 1.02 -2.44
C SER A 42 -3.47 2.36 -3.05
N VAL A 43 -2.32 2.88 -2.63
CA VAL A 43 -1.88 4.21 -2.98
C VAL A 43 -1.35 3.98 -4.41
N ARG A 44 -0.53 2.92 -4.60
CA ARG A 44 0.14 2.58 -5.86
C ARG A 44 -0.82 2.50 -7.04
N ASN A 45 -2.02 2.01 -6.80
CA ASN A 45 -3.05 1.83 -7.82
C ASN A 45 -3.31 3.14 -8.57
N PHE A 46 -3.47 4.27 -7.87
CA PHE A 46 -3.71 5.55 -8.51
C PHE A 46 -2.48 6.10 -9.25
N ILE A 47 -1.33 5.43 -9.16
CA ILE A 47 -0.02 5.90 -9.61
C ILE A 47 0.43 5.07 -10.82
N TRP A 48 0.36 3.74 -10.72
CA TRP A 48 0.64 2.83 -11.83
C TRP A 48 -0.37 3.01 -12.96
N ASN A 49 -1.68 2.95 -12.70
CA ASN A 49 -2.70 3.13 -13.73
C ASN A 49 -2.56 4.46 -14.47
N LEU A 50 -2.21 5.51 -13.73
CA LEU A 50 -1.94 6.88 -14.17
C LEU A 50 -0.97 6.90 -15.36
N LEU A 51 0.04 6.04 -15.31
CA LEU A 51 1.17 5.96 -16.23
C LEU A 51 1.00 4.86 -17.26
N SER A 52 -0.19 4.25 -17.33
CA SER A 52 -0.50 3.09 -18.15
C SER A 52 -1.78 3.34 -18.97
N ASP A 53 -2.34 4.55 -18.88
CA ASP A 53 -3.63 4.96 -19.47
C ASP A 53 -4.79 4.04 -19.06
N LYS A 54 -4.74 3.56 -17.82
CA LYS A 54 -5.75 2.72 -17.18
C LYS A 54 -6.67 3.61 -16.35
N SER A 55 -7.43 3.00 -15.43
CA SER A 55 -8.34 3.67 -14.52
C SER A 55 -7.76 3.75 -13.11
N PRO A 56 -6.97 4.79 -12.80
CA PRO A 56 -6.46 5.01 -11.46
C PRO A 56 -7.58 5.26 -10.44
N PHE A 57 -8.78 5.62 -10.90
CA PHE A 57 -9.84 6.14 -10.06
C PHE A 57 -11.03 5.23 -9.90
N ASP A 58 -10.83 3.93 -10.17
CA ASP A 58 -11.91 2.98 -10.17
C ASP A 58 -12.56 2.75 -8.80
N HIS A 59 -11.83 3.00 -7.71
CA HIS A 59 -12.18 2.69 -6.30
C HIS A 59 -12.58 1.24 -6.01
N GLU A 60 -12.38 0.32 -6.95
CA GLU A 60 -12.90 -1.04 -6.93
C GLU A 60 -11.75 -2.06 -6.86
N THR A 61 -10.64 -1.65 -6.25
CA THR A 61 -9.50 -2.50 -5.95
C THR A 61 -9.26 -2.48 -4.44
N ASP A 62 -8.40 -3.36 -3.95
CA ASP A 62 -8.14 -3.54 -2.52
C ASP A 62 -7.46 -2.31 -1.90
N ILE A 63 -7.80 -2.02 -0.64
CA ILE A 63 -7.41 -0.82 0.07
C ILE A 63 -6.64 -1.25 1.31
N ASP A 64 -5.33 -1.43 1.17
CA ASP A 64 -4.38 -1.62 2.28
C ASP A 64 -4.55 -0.50 3.31
N VAL A 65 -4.98 -0.85 4.51
CA VAL A 65 -5.03 0.03 5.68
C VAL A 65 -4.36 -0.72 6.84
N ILE A 66 -3.03 -0.67 6.93
CA ILE A 66 -2.38 -1.27 8.06
C ILE A 66 -2.54 -0.37 9.29
N PHE A 67 -2.17 -0.87 10.46
CA PHE A 67 -2.05 -0.06 11.67
C PHE A 67 -1.16 -0.77 12.70
N PHE A 68 -0.89 -0.13 13.84
CA PHE A 68 -0.07 -0.66 14.93
C PHE A 68 -0.76 -0.29 16.23
N ASP A 69 -1.48 -1.23 16.84
CA ASP A 69 -2.15 -1.01 18.12
C ASP A 69 -2.02 -2.25 18.97
N PRO A 70 -0.93 -2.38 19.73
CA PRO A 70 -0.72 -3.52 20.60
C PRO A 70 -1.73 -3.55 21.75
N ASP A 71 -2.43 -2.44 22.02
CA ASP A 71 -3.47 -2.38 23.04
C ASP A 71 -4.85 -2.79 22.51
N PHE A 72 -5.01 -2.94 21.19
CA PHE A 72 -6.29 -3.34 20.57
C PHE A 72 -6.30 -4.87 20.43
N SER A 73 -7.45 -5.48 20.73
CA SER A 73 -7.51 -6.93 20.78
C SER A 73 -7.34 -7.56 19.39
N TYR A 74 -6.80 -8.78 19.37
CA TYR A 74 -6.68 -9.56 18.16
C TYR A 74 -8.04 -9.66 17.50
N GLU A 75 -9.08 -10.08 18.23
CA GLU A 75 -10.37 -10.36 17.64
C GLU A 75 -11.01 -9.08 17.13
N GLU A 76 -11.04 -8.03 17.96
CA GLU A 76 -11.64 -6.73 17.64
C GLU A 76 -11.11 -6.15 16.34
N THR A 77 -9.86 -6.47 15.98
CA THR A 77 -9.28 -6.13 14.69
C THR A 77 -10.16 -6.68 13.56
N LEU A 78 -10.48 -7.97 13.60
CA LEU A 78 -11.30 -8.64 12.59
C LEU A 78 -12.74 -8.12 12.65
N LEU A 79 -13.26 -7.79 13.83
CA LEU A 79 -14.59 -7.25 13.98
C LEU A 79 -14.70 -5.89 13.29
N LEU A 80 -13.73 -5.02 13.56
CA LEU A 80 -13.66 -3.67 13.00
C LEU A 80 -13.53 -3.71 11.48
N GLU A 81 -12.81 -4.69 10.93
CA GLU A 81 -12.72 -4.92 9.49
C GLU A 81 -14.12 -5.09 8.90
N LYS A 82 -14.97 -5.94 9.49
CA LYS A 82 -16.29 -6.14 8.89
C LYS A 82 -17.06 -4.80 8.91
N LYS A 83 -16.89 -3.99 9.97
CA LYS A 83 -17.59 -2.73 10.15
C LYS A 83 -17.20 -1.75 9.06
N LEU A 84 -15.93 -1.72 8.67
CA LEU A 84 -15.46 -0.92 7.54
C LEU A 84 -16.24 -1.32 6.29
N ARG A 85 -16.26 -2.60 5.94
CA ARG A 85 -16.87 -3.11 4.72
C ARG A 85 -18.40 -3.06 4.74
N GLU A 86 -19.05 -3.20 5.89
CA GLU A 86 -20.49 -3.11 6.00
C GLU A 86 -20.90 -1.67 5.72
N ASP A 87 -20.32 -0.71 6.45
CA ASP A 87 -20.74 0.69 6.37
C ASP A 87 -20.47 1.24 4.97
N PHE A 88 -19.43 0.74 4.32
CA PHE A 88 -18.94 1.23 3.04
C PHE A 88 -18.56 0.02 2.17
N PRO A 89 -19.53 -0.66 1.53
CA PRO A 89 -19.27 -1.83 0.71
C PRO A 89 -18.51 -1.47 -0.57
N GLN A 90 -18.61 -0.21 -1.00
CA GLN A 90 -18.10 0.35 -2.25
C GLN A 90 -16.57 0.37 -2.31
N TYR A 91 -15.90 0.06 -1.19
CA TYR A 91 -14.45 0.03 -1.09
C TYR A 91 -14.04 -1.28 -0.40
N GLN A 92 -12.76 -1.63 -0.52
CA GLN A 92 -12.21 -2.91 -0.12
C GLN A 92 -11.13 -2.73 0.93
N TRP A 93 -11.48 -2.05 2.01
CA TRP A 93 -10.72 -1.87 3.25
C TRP A 93 -10.11 -3.19 3.74
N GLU A 94 -8.79 -3.31 3.71
CA GLU A 94 -8.01 -4.45 4.21
C GLU A 94 -7.40 -4.03 5.54
N LEU A 95 -8.07 -4.30 6.68
CA LEU A 95 -7.60 -3.82 7.98
C LEU A 95 -6.67 -4.85 8.61
N LYS A 96 -5.37 -4.59 8.71
CA LYS A 96 -4.43 -5.59 9.22
C LYS A 96 -3.53 -4.94 10.27
N ASN A 97 -3.66 -5.42 11.51
CA ASN A 97 -2.85 -4.97 12.65
C ASN A 97 -1.49 -5.65 12.57
N GLN A 98 -0.41 -4.87 12.39
CA GLN A 98 0.92 -5.43 12.18
C GLN A 98 1.59 -5.90 13.48
N VAL A 99 0.99 -5.65 14.65
CA VAL A 99 1.49 -6.14 15.94
C VAL A 99 1.57 -7.66 15.89
N TYR A 100 0.43 -8.29 15.60
CA TYR A 100 0.23 -9.72 15.58
C TYR A 100 0.95 -10.38 14.39
N MET A 101 1.70 -9.61 13.58
CA MET A 101 2.38 -10.13 12.41
C MET A 101 3.67 -10.84 12.82
N HIS A 102 3.51 -11.99 13.48
CA HIS A 102 4.58 -12.91 13.83
C HIS A 102 4.28 -14.33 13.31
N GLN A 103 3.01 -14.61 13.00
CA GLN A 103 2.49 -15.94 12.76
C GLN A 103 2.19 -16.19 11.28
N HIS A 104 1.94 -15.12 10.51
CA HIS A 104 1.50 -15.17 9.12
C HIS A 104 2.67 -14.97 8.14
N SER A 105 3.90 -14.95 8.63
CA SER A 105 5.14 -14.70 7.92
C SER A 105 6.24 -15.55 8.59
N PRO A 106 7.41 -15.74 7.96
CA PRO A 106 8.66 -16.12 8.62
C PRO A 106 9.22 -14.92 9.38
N HIS A 107 10.50 -14.96 9.77
CA HIS A 107 11.21 -14.11 10.70
C HIS A 107 10.90 -12.62 10.53
N THR A 108 9.81 -12.23 11.18
CA THR A 108 9.20 -10.91 11.15
C THR A 108 8.84 -10.55 12.60
N ALA A 109 9.83 -10.09 13.39
CA ALA A 109 9.58 -9.54 14.71
C ALA A 109 8.96 -8.15 14.56
N SER A 110 8.39 -7.66 15.65
CA SER A 110 7.56 -6.48 15.70
C SER A 110 8.32 -5.25 15.20
N TYR A 111 7.59 -4.40 14.49
CA TYR A 111 8.07 -3.22 13.79
C TYR A 111 8.13 -2.03 14.75
N THR A 112 8.97 -1.04 14.46
CA THR A 112 9.03 0.17 15.28
C THR A 112 7.82 1.04 14.96
N SER A 113 7.53 1.29 13.67
CA SER A 113 6.36 2.04 13.22
C SER A 113 5.90 1.59 11.82
N SER A 114 4.80 2.17 11.31
CA SER A 114 4.18 1.90 10.02
C SER A 114 5.18 2.09 8.88
N ARG A 115 6.00 3.14 8.92
CA ARG A 115 7.07 3.36 7.94
C ARG A 115 8.09 2.20 7.97
N ASP A 116 8.44 1.64 9.13
CA ASP A 116 9.36 0.48 9.25
C ASP A 116 8.70 -0.78 8.69
N ALA A 117 7.45 -1.02 9.06
CA ALA A 117 6.65 -2.08 8.46
C ALA A 117 6.59 -1.96 6.93
N MET A 118 6.72 -0.75 6.39
CA MET A 118 6.69 -0.48 4.97
C MET A 118 7.96 -0.98 4.32
N SER A 119 9.14 -0.62 4.84
CA SER A 119 10.44 -1.05 4.34
C SER A 119 10.75 -2.55 4.53
N LYS A 120 9.74 -3.34 4.90
CA LYS A 120 9.78 -4.76 5.20
C LYS A 120 8.56 -5.46 4.54
N TYR A 121 8.00 -4.86 3.50
CA TYR A 121 7.02 -5.44 2.58
C TYR A 121 7.72 -6.40 1.60
N PRO A 122 6.98 -7.22 0.84
CA PRO A 122 7.58 -8.19 -0.06
C PRO A 122 8.28 -7.57 -1.27
N GLU A 123 7.98 -6.31 -1.64
CA GLU A 123 8.62 -5.64 -2.78
C GLU A 123 8.94 -4.19 -2.41
N ARG A 124 9.88 -3.58 -3.13
CA ARG A 124 10.31 -2.18 -2.95
C ARG A 124 9.20 -1.25 -3.40
N CYS A 125 8.61 -1.49 -4.58
CA CYS A 125 7.48 -0.72 -5.07
C CYS A 125 6.27 -0.80 -4.13
N THR A 126 6.17 -1.81 -3.27
CA THR A 126 5.08 -1.95 -2.30
C THR A 126 5.34 -1.08 -1.07
N ALA A 127 6.61 -0.83 -0.74
CA ALA A 127 7.00 -0.09 0.44
C ALA A 127 6.79 1.41 0.21
N VAL A 128 5.55 1.88 0.24
CA VAL A 128 5.21 3.26 -0.11
C VAL A 128 3.95 3.68 0.66
N GLY A 129 3.77 4.97 0.96
CA GLY A 129 2.59 5.48 1.67
C GLY A 129 1.97 6.69 0.97
N LEU A 130 0.70 6.99 1.27
CA LEU A 130 0.01 8.24 0.96
C LEU A 130 -1.03 8.52 2.05
N ARG A 131 -1.03 9.68 2.72
CA ARG A 131 -2.25 10.16 3.39
C ARG A 131 -2.23 11.69 3.47
N LEU A 132 -3.26 12.30 4.06
CA LEU A 132 -3.26 13.70 4.47
C LEU A 132 -2.43 13.83 5.74
N ASN A 133 -2.04 15.07 6.02
CA ASN A 133 -1.43 15.47 7.29
C ASN A 133 -2.31 16.52 7.96
N GLU A 134 -1.78 17.15 9.00
CA GLU A 134 -2.48 18.18 9.77
C GLU A 134 -2.76 19.43 8.91
N GLU A 135 -2.05 19.60 7.81
CA GLU A 135 -2.19 20.72 6.87
C GLU A 135 -3.09 20.38 5.68
N LEU A 136 -3.50 19.12 5.59
CA LEU A 136 -4.30 18.51 4.54
C LEU A 136 -3.55 18.38 3.20
N ASP A 137 -2.23 18.16 3.29
CA ASP A 137 -1.28 17.92 2.22
C ASP A 137 -1.27 16.47 1.74
N PHE A 138 -0.29 16.09 0.91
CA PHE A 138 0.00 14.70 0.57
C PHE A 138 1.28 14.28 1.30
N GLU A 139 1.17 13.61 2.44
CA GLU A 139 2.29 12.91 3.05
C GLU A 139 2.66 11.75 2.12
N LEU A 140 3.93 11.65 1.73
CA LEU A 140 4.46 10.58 0.89
C LEU A 140 5.61 9.90 1.62
N TYR A 141 5.87 8.62 1.33
CA TYR A 141 7.02 7.88 1.83
C TYR A 141 7.47 6.94 0.73
N VAL A 142 8.74 6.99 0.32
CA VAL A 142 9.34 6.19 -0.75
C VAL A 142 10.75 5.75 -0.30
N PRO A 143 10.85 4.77 0.61
CA PRO A 143 12.12 4.34 1.21
C PRO A 143 13.17 3.85 0.21
N TYR A 144 12.78 3.55 -1.03
CA TYR A 144 13.71 3.07 -2.06
C TYR A 144 13.85 4.10 -3.18
N GLY A 145 12.98 5.10 -3.24
CA GLY A 145 12.96 6.14 -4.25
C GLY A 145 11.69 6.05 -5.07
N LEU A 146 11.32 7.13 -5.74
CA LEU A 146 10.08 7.18 -6.52
C LEU A 146 10.23 6.30 -7.75
N GLU A 147 11.44 6.23 -8.31
CA GLU A 147 11.71 5.63 -9.60
C GLU A 147 11.28 4.17 -9.69
N ASP A 148 11.27 3.44 -8.56
CA ASP A 148 10.79 2.06 -8.49
C ASP A 148 9.35 1.95 -8.96
N ILE A 149 8.54 3.00 -8.75
CA ILE A 149 7.15 2.99 -9.12
C ILE A 149 7.05 3.51 -10.56
N LEU A 150 7.79 4.57 -10.92
CA LEU A 150 7.69 5.20 -12.25
C LEU A 150 8.13 4.24 -13.34
N ASN A 151 9.14 3.42 -13.08
CA ASN A 151 9.64 2.43 -14.01
C ASN A 151 8.95 1.10 -13.82
N PHE A 152 7.90 1.02 -12.98
CA PHE A 152 7.10 -0.18 -12.76
C PHE A 152 8.01 -1.36 -12.40
N GLN A 153 8.88 -1.20 -11.42
CA GLN A 153 9.79 -2.27 -11.03
C GLN A 153 9.15 -3.08 -9.91
N VAL A 154 9.37 -4.39 -9.89
CA VAL A 154 8.98 -5.30 -8.83
C VAL A 154 10.27 -6.01 -8.41
N ARG A 155 11.02 -5.44 -7.46
CA ARG A 155 12.16 -6.10 -6.80
C ARG A 155 11.89 -6.24 -5.32
N PRO A 156 12.46 -7.24 -4.63
CA PRO A 156 12.42 -7.34 -3.18
C PRO A 156 13.29 -6.25 -2.55
N THR A 157 12.96 -5.86 -1.32
CA THR A 157 13.78 -5.01 -0.47
C THR A 157 15.04 -5.73 0.00
N PRO A 158 16.06 -4.98 0.44
CA PRO A 158 17.24 -5.58 1.01
C PRO A 158 16.90 -6.36 2.28
N HIS A 159 15.85 -5.97 3.04
CA HIS A 159 15.40 -6.65 4.25
C HIS A 159 14.90 -8.08 3.97
N PHE A 160 14.72 -8.45 2.70
CA PHE A 160 14.26 -9.78 2.34
C PHE A 160 15.43 -10.69 1.98
N LEU A 161 16.35 -10.21 1.14
CA LEU A 161 17.47 -11.00 0.62
C LEU A 161 18.40 -11.49 1.74
N GLU A 162 18.39 -10.80 2.88
CA GLU A 162 19.16 -11.17 4.08
C GLU A 162 18.72 -12.50 4.72
N ASN A 163 17.58 -13.07 4.31
CA ASN A 163 16.98 -14.22 4.96
C ASN A 163 16.18 -15.04 3.97
N GLU A 164 16.69 -16.22 3.65
CA GLU A 164 16.13 -17.08 2.61
C GLU A 164 14.65 -17.38 2.82
N ASP A 165 14.22 -17.53 4.08
CA ASP A 165 12.83 -17.82 4.41
C ASP A 165 11.93 -16.67 3.97
N ARG A 166 12.41 -15.43 4.11
CA ARG A 166 11.68 -14.28 3.62
C ARG A 166 11.64 -14.27 2.09
N MET A 167 12.68 -14.72 1.41
CA MET A 167 12.61 -14.83 -0.04
C MET A 167 11.57 -15.87 -0.47
N GLU A 168 11.44 -17.00 0.24
CA GLU A 168 10.46 -18.03 -0.09
C GLU A 168 9.04 -17.48 0.01
N LEU A 169 8.74 -16.58 0.95
CA LEU A 169 7.43 -15.93 1.03
C LEU A 169 7.18 -15.04 -0.19
N TYR A 170 8.21 -14.39 -0.73
CA TYR A 170 8.09 -13.49 -1.86
C TYR A 170 7.77 -14.29 -3.11
N GLN A 171 8.60 -15.29 -3.43
CA GLN A 171 8.56 -16.07 -4.65
C GLN A 171 7.22 -16.78 -4.80
N THR A 172 6.78 -17.43 -3.72
CA THR A 172 5.48 -18.10 -3.67
C THR A 172 4.36 -17.10 -3.97
N ARG A 173 4.43 -15.91 -3.38
CA ARG A 173 3.42 -14.88 -3.57
C ARG A 173 3.69 -14.03 -4.82
N LEU A 174 4.63 -14.40 -5.69
CA LEU A 174 4.81 -13.71 -6.97
C LEU A 174 3.85 -14.29 -8.00
N SER A 175 3.97 -15.57 -8.34
CA SER A 175 3.31 -16.13 -9.53
C SER A 175 1.79 -15.88 -9.59
N LYS A 176 1.05 -16.02 -8.49
CA LYS A 176 -0.41 -15.87 -8.49
C LYS A 176 -0.83 -14.40 -8.64
N LYS A 177 0.10 -13.43 -8.66
CA LYS A 177 -0.21 -12.02 -8.80
C LYS A 177 -0.31 -11.70 -10.27
N ASN A 178 -1.48 -11.24 -10.69
CA ASN A 178 -1.77 -10.69 -12.01
C ASN A 178 -1.16 -9.29 -12.20
N TRP A 179 0.17 -9.13 -11.96
CA TRP A 179 0.91 -7.89 -12.19
C TRP A 179 0.97 -7.54 -13.68
N GLN A 180 1.86 -8.18 -14.43
CA GLN A 180 2.04 -7.94 -15.87
C GLN A 180 0.74 -8.14 -16.67
N GLU A 181 -0.20 -8.88 -16.10
CA GLU A 181 -1.51 -9.19 -16.67
C GLU A 181 -2.41 -7.94 -16.68
N LYS A 182 -2.33 -7.09 -15.66
CA LYS A 182 -3.00 -5.79 -15.64
C LYS A 182 -2.20 -4.74 -16.36
N TRP A 183 -0.87 -4.76 -16.25
CA TRP A 183 -0.01 -3.69 -16.77
C TRP A 183 1.05 -4.25 -17.73
N LYS A 184 0.93 -3.89 -19.01
CA LYS A 184 1.76 -4.31 -20.15
C LYS A 184 3.18 -3.75 -20.13
N ASN A 185 3.60 -3.06 -19.07
CA ASN A 185 4.93 -2.50 -18.89
C ASN A 185 5.38 -2.71 -17.44
N LEU A 186 5.09 -3.87 -16.84
CA LEU A 186 5.42 -4.17 -15.45
C LEU A 186 6.70 -5.03 -15.37
N ILE A 187 7.81 -4.47 -14.90
CA ILE A 187 9.11 -5.15 -14.81
C ILE A 187 9.15 -6.02 -13.56
N PHE A 188 9.68 -7.24 -13.70
CA PHE A 188 9.95 -8.16 -12.60
C PHE A 188 11.46 -8.23 -12.36
N LYS A 189 11.88 -8.41 -11.11
CA LYS A 189 13.27 -8.50 -10.66
C LYS A 189 13.31 -9.37 -9.40
N ASN A 190 14.49 -9.92 -9.11
CA ASN A 190 14.82 -10.62 -7.88
C ASN A 190 15.80 -9.82 -7.01
N THR A 191 16.38 -8.77 -7.55
CA THR A 191 17.37 -7.87 -6.99
C THR A 191 17.26 -6.61 -7.85
N GLY A 1 -4.26 19.50 -19.47
CA GLY A 1 -3.21 18.50 -19.69
C GLY A 1 -3.39 17.31 -18.76
N MET A 2 -2.70 17.28 -17.62
CA MET A 2 -2.74 16.21 -16.63
C MET A 2 -2.56 14.84 -17.28
N ASN A 3 -1.37 14.59 -17.85
CA ASN A 3 -1.05 13.32 -18.52
C ASN A 3 0.46 13.10 -18.70
N THR A 4 1.22 14.18 -18.89
CA THR A 4 2.68 14.21 -19.06
C THR A 4 3.46 13.82 -17.79
N VAL A 5 2.92 12.90 -16.99
CA VAL A 5 3.40 12.49 -15.70
C VAL A 5 4.67 11.69 -15.92
N LYS A 6 5.79 12.23 -15.44
CA LYS A 6 7.06 11.51 -15.45
C LYS A 6 7.74 11.48 -14.09
N ASN A 7 7.15 12.13 -13.08
CA ASN A 7 7.82 12.35 -11.78
C ASN A 7 6.80 12.20 -10.66
N LYS A 8 7.20 12.39 -9.39
CA LYS A 8 6.29 12.25 -8.26
C LYS A 8 5.23 13.31 -8.33
N GLN A 9 5.67 14.54 -8.57
CA GLN A 9 4.92 15.75 -8.35
C GLN A 9 3.58 15.64 -9.09
N GLU A 10 3.69 15.35 -10.40
CA GLU A 10 2.63 15.22 -11.39
C GLU A 10 1.56 14.19 -11.02
N ILE A 11 1.84 13.29 -10.09
CA ILE A 11 0.91 12.25 -9.67
C ILE A 11 0.07 12.76 -8.49
N LEU A 12 0.67 13.52 -7.58
CA LEU A 12 -0.03 14.11 -6.45
C LEU A 12 -0.99 15.20 -6.95
N GLU A 13 -0.68 15.83 -8.08
CA GLU A 13 -1.62 16.65 -8.82
C GLU A 13 -2.83 15.79 -9.21
N ALA A 14 -2.62 14.57 -9.76
CA ALA A 14 -3.70 13.79 -10.35
C ALA A 14 -4.60 13.22 -9.26
N PHE A 15 -4.01 12.79 -8.15
CA PHE A 15 -4.70 12.36 -6.95
C PHE A 15 -5.75 13.40 -6.57
N ARG A 16 -5.33 14.66 -6.40
CA ARG A 16 -6.20 15.70 -5.86
C ARG A 16 -7.21 16.16 -6.92
N GLU A 17 -6.89 16.03 -8.19
CA GLU A 17 -7.78 16.22 -9.33
C GLU A 17 -8.93 15.19 -9.39
N SER A 18 -8.97 14.20 -8.48
CA SER A 18 -10.04 13.21 -8.39
C SER A 18 -10.70 13.25 -7.02
N PRO A 19 -12.04 13.38 -6.99
CA PRO A 19 -12.80 13.49 -5.76
C PRO A 19 -12.87 12.18 -4.99
N ASP A 20 -12.89 11.04 -5.69
CA ASP A 20 -12.97 9.72 -5.08
C ASP A 20 -11.63 9.35 -4.47
N MET A 21 -10.53 9.62 -5.17
CA MET A 21 -9.20 9.33 -4.68
C MET A 21 -8.96 10.15 -3.40
N MET A 22 -9.35 11.43 -3.44
CA MET A 22 -9.48 12.27 -2.24
C MET A 22 -10.34 11.60 -1.18
N ALA A 23 -11.55 11.16 -1.54
CA ALA A 23 -12.58 10.72 -0.61
C ALA A 23 -12.06 9.62 0.30
N ILE A 24 -11.43 8.58 -0.29
CA ILE A 24 -10.98 7.40 0.43
C ILE A 24 -10.08 7.88 1.58
N LEU A 25 -9.18 8.81 1.26
CA LEU A 25 -8.19 9.38 2.15
C LEU A 25 -8.83 10.24 3.24
N THR A 26 -9.82 11.06 2.89
CA THR A 26 -10.53 11.88 3.86
C THR A 26 -11.29 10.99 4.86
N ILE A 27 -11.86 9.86 4.42
CA ILE A 27 -12.53 8.92 5.32
C ILE A 27 -11.48 8.28 6.24
N ILE A 28 -10.36 7.75 5.72
CA ILE A 28 -9.45 6.98 6.56
C ILE A 28 -8.90 7.87 7.68
N ARG A 29 -8.54 9.12 7.37
CA ARG A 29 -7.99 10.02 8.35
C ARG A 29 -8.98 10.29 9.49
N ASP A 30 -10.27 10.35 9.17
CA ASP A 30 -11.36 10.68 10.10
C ASP A 30 -11.70 9.52 11.02
N LEU A 31 -11.15 8.34 10.73
CA LEU A 31 -11.30 7.18 11.61
C LEU A 31 -10.65 7.45 12.96
N GLY A 32 -9.58 8.26 12.98
CA GLY A 32 -8.92 8.64 14.22
C GLY A 32 -8.33 7.43 14.96
N LEU A 33 -7.97 6.37 14.24
CA LEU A 33 -7.38 5.14 14.78
C LEU A 33 -6.01 5.43 15.42
N LYS A 34 -5.44 4.41 16.07
CA LYS A 34 -4.07 4.46 16.56
C LYS A 34 -3.08 4.19 15.42
N ASP A 35 -2.32 5.21 15.06
CA ASP A 35 -1.23 5.29 14.06
C ASP A 35 -1.53 4.60 12.71
N SER A 36 -2.79 4.62 12.28
CA SER A 36 -3.16 4.02 11.01
C SER A 36 -2.64 4.85 9.85
N TRP A 37 -2.48 4.21 8.71
CA TRP A 37 -2.74 4.81 7.41
C TRP A 37 -2.97 3.65 6.43
N LEU A 38 -3.42 4.01 5.25
CA LEU A 38 -3.39 3.20 4.04
C LEU A 38 -1.93 2.72 3.80
N ALA A 39 -1.63 1.66 3.03
CA ALA A 39 -0.26 1.35 2.51
C ALA A 39 -0.31 0.31 1.40
N ALA A 40 0.84 0.05 0.79
CA ALA A 40 1.02 -0.89 -0.31
C ALA A 40 0.23 -0.46 -1.55
N GLY A 41 -0.12 -1.43 -2.40
CA GLY A 41 -0.67 -1.23 -3.75
C GLY A 41 -1.92 -0.34 -3.77
N SER A 42 -2.55 -0.14 -2.61
CA SER A 42 -3.71 0.71 -2.43
C SER A 42 -3.48 2.18 -2.81
N VAL A 43 -2.21 2.63 -2.85
CA VAL A 43 -1.88 4.01 -3.23
C VAL A 43 -1.51 3.86 -4.72
N ARG A 44 -0.70 2.84 -5.03
CA ARG A 44 -0.07 2.59 -6.32
C ARG A 44 -1.08 2.57 -7.46
N ASN A 45 -2.34 2.22 -7.19
CA ASN A 45 -3.44 2.31 -8.14
C ASN A 45 -3.46 3.68 -8.85
N PHE A 46 -3.41 4.80 -8.11
CA PHE A 46 -3.55 6.12 -8.68
C PHE A 46 -2.29 6.55 -9.45
N ILE A 47 -1.27 5.69 -9.59
CA ILE A 47 -0.02 5.98 -10.29
C ILE A 47 0.18 4.97 -11.42
N TRP A 48 0.22 3.67 -11.12
CA TRP A 48 0.47 2.64 -12.13
C TRP A 48 -0.58 2.69 -13.22
N ASN A 49 -1.82 3.08 -12.90
CA ASN A 49 -2.85 3.23 -13.92
C ASN A 49 -2.68 4.50 -14.75
N LEU A 50 -2.19 5.63 -14.20
CA LEU A 50 -1.92 6.86 -14.94
C LEU A 50 -0.97 6.51 -16.09
N LEU A 51 0.18 5.96 -15.71
CA LEU A 51 1.35 5.65 -16.52
C LEU A 51 1.13 4.39 -17.37
N SER A 52 -0.11 3.88 -17.44
CA SER A 52 -0.47 2.67 -18.16
C SER A 52 -1.80 2.84 -18.89
N ASP A 53 -2.33 4.07 -19.02
CA ASP A 53 -3.54 4.36 -19.80
C ASP A 53 -4.76 3.57 -19.31
N LYS A 54 -4.80 3.27 -18.00
CA LYS A 54 -5.89 2.60 -17.28
C LYS A 54 -6.68 3.61 -16.45
N SER A 55 -7.46 3.13 -15.49
CA SER A 55 -8.32 3.95 -14.63
C SER A 55 -7.73 4.07 -13.22
N PRO A 56 -6.85 5.06 -12.99
CA PRO A 56 -6.31 5.36 -11.67
C PRO A 56 -7.40 5.63 -10.64
N PHE A 57 -8.59 6.06 -11.06
CA PHE A 57 -9.64 6.50 -10.16
C PHE A 57 -10.74 5.49 -9.93
N ASP A 58 -10.48 4.21 -10.23
CA ASP A 58 -11.36 3.15 -9.76
C ASP A 58 -11.16 2.97 -8.25
N HIS A 59 -12.17 3.30 -7.44
CA HIS A 59 -12.29 2.95 -6.02
C HIS A 59 -12.80 1.51 -5.81
N GLU A 60 -12.91 0.75 -6.89
CA GLU A 60 -13.42 -0.61 -6.94
C GLU A 60 -12.30 -1.63 -6.66
N THR A 61 -11.11 -1.16 -6.30
CA THR A 61 -9.91 -1.94 -6.02
C THR A 61 -9.73 -2.08 -4.49
N ASP A 62 -8.67 -2.75 -4.05
CA ASP A 62 -8.43 -3.15 -2.67
C ASP A 62 -7.62 -2.10 -1.91
N ILE A 63 -7.97 -1.91 -0.63
CA ILE A 63 -7.64 -0.76 0.18
C ILE A 63 -7.00 -1.27 1.49
N ASP A 64 -5.71 -1.58 1.45
CA ASP A 64 -4.92 -2.00 2.63
C ASP A 64 -4.91 -0.88 3.67
N VAL A 65 -5.45 -1.12 4.85
CA VAL A 65 -5.46 -0.15 5.94
C VAL A 65 -4.80 -0.78 7.16
N ILE A 66 -3.49 -0.61 7.30
CA ILE A 66 -2.83 -1.08 8.50
C ILE A 66 -2.98 -0.05 9.63
N PHE A 67 -2.87 -0.52 10.87
CA PHE A 67 -2.84 0.33 12.05
C PHE A 67 -2.09 -0.37 13.18
N PHE A 68 -1.43 0.42 14.03
CA PHE A 68 -0.60 -0.07 15.11
C PHE A 68 -1.41 0.11 16.39
N ASP A 69 -2.07 -0.95 16.83
CA ASP A 69 -2.72 -0.94 18.13
C ASP A 69 -2.41 -2.23 18.88
N PRO A 70 -1.25 -2.28 19.57
CA PRO A 70 -0.84 -3.46 20.32
C PRO A 70 -1.71 -3.72 21.55
N ASP A 71 -2.56 -2.76 21.92
CA ASP A 71 -3.39 -2.79 23.11
C ASP A 71 -4.76 -3.43 22.83
N PHE A 72 -5.14 -3.58 21.56
CA PHE A 72 -6.48 -3.97 21.13
C PHE A 72 -6.54 -5.46 20.84
N SER A 73 -7.67 -6.13 21.09
CA SER A 73 -7.78 -7.57 20.87
C SER A 73 -7.57 -7.90 19.39
N TYR A 74 -7.10 -9.11 19.08
CA TYR A 74 -7.05 -9.60 17.71
C TYR A 74 -8.46 -9.72 17.14
N GLU A 75 -9.43 -10.27 17.87
CA GLU A 75 -10.73 -10.49 17.24
C GLU A 75 -11.48 -9.17 17.01
N GLU A 76 -11.23 -8.19 17.87
CA GLU A 76 -11.76 -6.84 17.71
C GLU A 76 -11.28 -6.23 16.41
N THR A 77 -10.04 -6.53 16.03
CA THR A 77 -9.48 -6.18 14.73
C THR A 77 -10.49 -6.53 13.62
N LEU A 78 -10.98 -7.78 13.57
CA LEU A 78 -11.90 -8.22 12.52
C LEU A 78 -13.27 -7.55 12.68
N LEU A 79 -13.69 -7.31 13.92
CA LEU A 79 -14.96 -6.64 14.19
C LEU A 79 -14.95 -5.19 13.74
N LEU A 80 -13.80 -4.53 13.77
CA LEU A 80 -13.65 -3.16 13.29
C LEU A 80 -13.62 -3.15 11.76
N GLU A 81 -12.99 -4.18 11.17
CA GLU A 81 -12.96 -4.40 9.73
C GLU A 81 -14.39 -4.54 9.19
N LYS A 82 -15.22 -5.39 9.82
CA LYS A 82 -16.59 -5.61 9.35
C LYS A 82 -17.33 -4.29 9.28
N LYS A 83 -17.16 -3.42 10.29
CA LYS A 83 -17.87 -2.16 10.40
C LYS A 83 -17.59 -1.30 9.18
N LEU A 84 -16.31 -1.11 8.87
CA LEU A 84 -15.89 -0.24 7.78
C LEU A 84 -16.43 -0.70 6.43
N ARG A 85 -16.51 -2.01 6.23
CA ARG A 85 -17.06 -2.62 5.03
C ARG A 85 -18.58 -2.46 5.00
N GLU A 86 -19.27 -2.89 6.06
CA GLU A 86 -20.71 -2.86 6.17
C GLU A 86 -21.26 -1.45 5.93
N ASP A 87 -20.60 -0.45 6.53
CA ASP A 87 -21.03 0.94 6.50
C ASP A 87 -20.84 1.55 5.12
N PHE A 88 -19.83 1.08 4.37
CA PHE A 88 -19.37 1.71 3.14
C PHE A 88 -18.96 0.64 2.11
N PRO A 89 -19.90 -0.19 1.63
CA PRO A 89 -19.60 -1.42 0.90
C PRO A 89 -18.93 -1.18 -0.47
N GLN A 90 -18.94 0.05 -0.98
CA GLN A 90 -18.38 0.44 -2.27
C GLN A 90 -16.84 0.37 -2.29
N TYR A 91 -16.19 0.33 -1.13
CA TYR A 91 -14.73 0.25 -0.99
C TYR A 91 -14.36 -1.13 -0.44
N GLN A 92 -13.07 -1.39 -0.28
CA GLN A 92 -12.55 -2.69 0.15
C GLN A 92 -11.48 -2.54 1.23
N TRP A 93 -11.83 -1.90 2.35
CA TRP A 93 -10.96 -1.72 3.50
C TRP A 93 -10.46 -3.10 3.99
N GLU A 94 -9.14 -3.31 4.07
CA GLU A 94 -8.51 -4.50 4.64
C GLU A 94 -7.84 -4.04 5.94
N LEU A 95 -8.45 -4.26 7.09
CA LEU A 95 -8.16 -3.51 8.32
C LEU A 95 -7.25 -4.31 9.27
N LYS A 96 -6.01 -4.57 8.85
CA LYS A 96 -5.21 -5.62 9.46
C LYS A 96 -4.20 -5.02 10.42
N ASN A 97 -4.27 -5.45 11.69
CA ASN A 97 -3.24 -5.16 12.69
C ASN A 97 -2.00 -6.00 12.40
N GLN A 98 -0.83 -5.39 12.17
CA GLN A 98 0.43 -6.05 11.86
C GLN A 98 1.26 -6.30 13.12
N VAL A 99 0.84 -5.85 14.31
CA VAL A 99 1.50 -6.20 15.57
C VAL A 99 1.54 -7.73 15.71
N TYR A 100 0.54 -8.44 15.14
CA TYR A 100 0.34 -9.86 15.37
C TYR A 100 0.59 -10.63 14.08
N MET A 101 1.85 -10.63 13.60
CA MET A 101 2.25 -11.37 12.39
C MET A 101 3.43 -12.32 12.61
N HIS A 102 3.88 -12.49 13.85
CA HIS A 102 5.10 -13.23 14.22
C HIS A 102 5.08 -14.72 13.84
N GLN A 103 3.93 -15.24 13.45
CA GLN A 103 3.67 -16.64 13.08
C GLN A 103 3.37 -16.79 11.58
N HIS A 104 3.46 -15.70 10.80
CA HIS A 104 3.00 -15.61 9.42
C HIS A 104 4.07 -15.04 8.48
N SER A 105 5.32 -14.91 8.94
CA SER A 105 6.37 -14.25 8.18
C SER A 105 7.72 -14.93 8.48
N PRO A 106 8.77 -14.75 7.65
CA PRO A 106 10.01 -15.52 7.71
C PRO A 106 10.93 -15.05 8.84
N HIS A 107 10.71 -15.61 10.04
CA HIS A 107 11.48 -15.40 11.28
C HIS A 107 11.78 -13.93 11.63
N THR A 108 11.02 -12.99 11.08
CA THR A 108 11.44 -11.62 10.82
C THR A 108 11.06 -10.66 11.95
N ALA A 109 10.93 -11.17 13.18
CA ALA A 109 10.47 -10.42 14.34
C ALA A 109 9.12 -9.77 14.06
N SER A 110 8.87 -8.69 14.78
CA SER A 110 7.72 -7.82 14.69
C SER A 110 8.18 -6.49 14.06
N TYR A 111 7.24 -5.69 13.53
CA TYR A 111 7.53 -4.36 13.00
C TYR A 111 7.42 -3.33 14.12
N THR A 112 8.13 -2.20 14.04
CA THR A 112 8.11 -1.17 15.08
C THR A 112 7.10 -0.06 14.77
N SER A 113 6.63 0.09 13.53
CA SER A 113 5.65 1.11 13.16
C SER A 113 4.95 0.74 11.85
N SER A 114 3.93 1.51 11.46
CA SER A 114 3.31 1.44 10.14
C SER A 114 4.35 1.74 9.06
N ARG A 115 5.14 2.81 9.23
CA ARG A 115 6.26 3.13 8.34
C ARG A 115 7.25 1.96 8.29
N ASP A 116 7.63 1.34 9.41
CA ASP A 116 8.60 0.24 9.39
C ASP A 116 8.09 -0.98 8.61
N ALA A 117 6.83 -1.37 8.82
CA ALA A 117 6.19 -2.44 8.05
C ALA A 117 6.22 -2.14 6.55
N MET A 118 6.15 -0.87 6.14
CA MET A 118 6.25 -0.47 4.74
C MET A 118 7.65 -0.68 4.21
N SER A 119 8.68 -0.36 4.99
CA SER A 119 10.06 -0.66 4.60
C SER A 119 10.23 -2.16 4.40
N LYS A 120 9.75 -2.96 5.38
CA LYS A 120 10.05 -4.38 5.47
C LYS A 120 8.97 -5.24 4.79
N TYR A 121 8.17 -4.62 3.92
CA TYR A 121 7.33 -5.28 2.94
C TYR A 121 8.17 -6.09 1.94
N PRO A 122 7.54 -6.98 1.14
CA PRO A 122 8.27 -7.81 0.20
C PRO A 122 8.89 -7.09 -1.00
N GLU A 123 8.36 -5.96 -1.46
CA GLU A 123 8.72 -5.41 -2.80
C GLU A 123 9.15 -3.94 -2.71
N ARG A 124 9.98 -3.41 -3.61
CA ARG A 124 10.37 -2.00 -3.55
C ARG A 124 9.24 -1.06 -3.97
N CYS A 125 8.68 -1.25 -5.15
CA CYS A 125 7.61 -0.39 -5.67
C CYS A 125 6.37 -0.40 -4.77
N THR A 126 6.10 -1.52 -4.09
CA THR A 126 4.99 -1.61 -3.16
C THR A 126 5.26 -0.77 -1.90
N ALA A 127 6.52 -0.45 -1.58
CA ALA A 127 6.96 0.06 -0.27
C ALA A 127 6.66 1.56 -0.21
N VAL A 128 5.39 1.90 -0.06
CA VAL A 128 4.93 3.27 -0.06
C VAL A 128 3.60 3.35 0.66
N GLY A 129 3.33 4.55 1.18
CA GLY A 129 2.05 4.95 1.69
C GLY A 129 1.73 6.36 1.21
N LEU A 130 0.46 6.72 1.31
CA LEU A 130 -0.18 7.97 1.02
C LEU A 130 -1.28 8.16 2.08
N ARG A 131 -1.26 9.23 2.87
CA ARG A 131 -2.45 9.71 3.61
C ARG A 131 -2.49 11.23 3.50
N LEU A 132 -3.53 11.86 4.04
CA LEU A 132 -3.56 13.28 4.37
C LEU A 132 -2.85 13.47 5.69
N ASN A 133 -2.56 14.72 5.99
CA ASN A 133 -2.16 15.18 7.30
C ASN A 133 -3.22 16.18 7.75
N GLU A 134 -2.85 16.88 8.82
CA GLU A 134 -3.52 17.95 9.52
C GLU A 134 -3.90 19.13 8.60
N GLU A 135 -3.39 19.17 7.35
CA GLU A 135 -3.67 20.18 6.33
C GLU A 135 -3.84 19.61 4.94
N LEU A 136 -4.12 18.32 4.87
CA LEU A 136 -4.68 17.72 3.69
C LEU A 136 -3.66 17.70 2.54
N ASP A 137 -2.40 17.73 2.95
CA ASP A 137 -1.19 17.48 2.18
C ASP A 137 -1.14 16.03 1.69
N PHE A 138 -0.01 15.63 1.14
CA PHE A 138 0.27 14.29 0.66
C PHE A 138 1.43 13.73 1.44
N GLU A 139 1.11 13.15 2.59
CA GLU A 139 2.05 12.44 3.42
C GLU A 139 2.37 11.17 2.65
N LEU A 140 3.56 11.17 2.05
CA LEU A 140 4.13 10.05 1.32
C LEU A 140 5.14 9.36 2.26
N TYR A 141 5.60 8.17 1.91
CA TYR A 141 6.81 7.56 2.48
C TYR A 141 7.39 6.65 1.42
N VAL A 142 8.65 6.85 1.04
CA VAL A 142 9.36 6.03 0.08
C VAL A 142 10.81 5.86 0.54
N PRO A 143 11.09 4.93 1.47
CA PRO A 143 12.43 4.75 1.99
C PRO A 143 13.42 4.30 0.91
N TYR A 144 12.96 3.72 -0.20
CA TYR A 144 13.81 3.27 -1.30
C TYR A 144 13.65 4.19 -2.51
N GLY A 145 12.61 5.01 -2.57
CA GLY A 145 12.32 5.92 -3.67
C GLY A 145 11.08 5.48 -4.44
N LEU A 146 10.75 6.25 -5.48
CA LEU A 146 9.55 6.07 -6.31
C LEU A 146 9.89 5.48 -7.68
N GLU A 147 11.15 5.46 -8.09
CA GLU A 147 11.54 5.04 -9.43
C GLU A 147 11.06 3.62 -9.73
N ASP A 148 10.98 2.77 -8.71
CA ASP A 148 10.51 1.40 -8.86
C ASP A 148 9.02 1.36 -9.23
N ILE A 149 8.22 2.36 -8.83
CA ILE A 149 6.84 2.51 -9.28
C ILE A 149 6.90 3.05 -10.72
N LEU A 150 7.62 4.15 -10.93
CA LEU A 150 7.59 4.91 -12.18
C LEU A 150 8.04 4.10 -13.38
N ASN A 151 8.91 3.12 -13.18
CA ASN A 151 9.44 2.25 -14.21
C ASN A 151 8.78 0.87 -14.21
N PHE A 152 7.73 0.69 -13.38
CA PHE A 152 6.94 -0.53 -13.24
C PHE A 152 7.81 -1.74 -12.89
N GLN A 153 8.47 -1.72 -11.74
CA GLN A 153 9.52 -2.67 -11.43
C GLN A 153 9.12 -3.45 -10.18
N VAL A 154 9.00 -4.76 -10.27
CA VAL A 154 8.75 -5.66 -9.14
C VAL A 154 10.10 -6.26 -8.76
N ARG A 155 10.70 -5.80 -7.66
CA ARG A 155 12.00 -6.21 -7.15
C ARG A 155 11.84 -6.32 -5.63
N PRO A 156 12.63 -7.15 -4.94
CA PRO A 156 12.51 -7.30 -3.49
C PRO A 156 13.09 -6.10 -2.74
N THR A 157 12.64 -5.83 -1.51
CA THR A 157 13.29 -4.85 -0.64
C THR A 157 14.70 -5.31 -0.25
N PRO A 158 15.61 -4.40 0.18
CA PRO A 158 16.97 -4.79 0.50
C PRO A 158 17.06 -5.66 1.76
N HIS A 159 16.09 -5.58 2.68
CA HIS A 159 16.01 -6.45 3.84
C HIS A 159 15.74 -7.92 3.46
N PHE A 160 15.25 -8.20 2.25
CA PHE A 160 14.85 -9.53 1.86
C PHE A 160 16.04 -10.41 1.49
N LEU A 161 16.95 -9.94 0.62
CA LEU A 161 18.05 -10.77 0.09
C LEU A 161 18.88 -11.40 1.21
N GLU A 162 19.02 -10.67 2.31
CA GLU A 162 19.90 -10.94 3.43
C GLU A 162 19.48 -12.18 4.23
N ASN A 163 18.34 -12.80 3.88
CA ASN A 163 17.94 -14.09 4.42
C ASN A 163 17.12 -14.85 3.41
N GLU A 164 17.53 -16.07 3.01
CA GLU A 164 16.85 -16.79 1.94
C GLU A 164 15.40 -17.19 2.30
N ASP A 165 15.05 -17.22 3.58
CA ASP A 165 13.65 -17.40 4.00
C ASP A 165 12.79 -16.17 3.66
N ARG A 166 13.39 -14.98 3.62
CA ARG A 166 12.65 -13.84 3.06
C ARG A 166 12.40 -14.05 1.57
N MET A 167 13.35 -14.62 0.85
CA MET A 167 13.23 -14.72 -0.59
C MET A 167 12.09 -15.67 -0.95
N GLU A 168 11.92 -16.73 -0.16
CA GLU A 168 10.82 -17.66 -0.24
C GLU A 168 9.48 -16.95 -0.13
N LEU A 169 9.27 -16.11 0.88
CA LEU A 169 8.01 -15.38 1.03
C LEU A 169 7.70 -14.53 -0.19
N TYR A 170 8.71 -13.84 -0.71
CA TYR A 170 8.56 -13.00 -1.89
C TYR A 170 8.04 -13.87 -3.04
N GLN A 171 8.84 -14.88 -3.39
CA GLN A 171 8.60 -15.84 -4.46
C GLN A 171 7.22 -16.48 -4.38
N THR A 172 6.94 -17.10 -3.24
CA THR A 172 5.75 -17.89 -3.01
C THR A 172 4.48 -17.02 -3.02
N ARG A 173 4.61 -15.69 -3.08
CA ARG A 173 3.52 -14.72 -3.20
C ARG A 173 3.73 -13.83 -4.43
N LEU A 174 4.61 -14.21 -5.36
CA LEU A 174 4.96 -13.47 -6.56
C LEU A 174 4.38 -14.16 -7.79
N SER A 175 4.73 -15.44 -8.05
CA SER A 175 4.25 -16.11 -9.26
C SER A 175 2.72 -16.15 -9.34
N LYS A 176 2.05 -16.27 -8.20
CA LYS A 176 0.60 -16.35 -8.03
C LYS A 176 -0.01 -14.95 -7.96
N LYS A 177 0.38 -14.08 -8.88
CA LYS A 177 -0.11 -12.72 -8.97
C LYS A 177 -0.36 -12.38 -10.43
N ASN A 178 -1.47 -11.70 -10.69
CA ASN A 178 -1.83 -11.19 -12.01
C ASN A 178 -1.23 -9.78 -12.22
N TRP A 179 0.09 -9.62 -12.06
CA TRP A 179 0.75 -8.32 -12.20
C TRP A 179 0.79 -7.89 -13.66
N GLN A 180 1.61 -8.59 -14.45
CA GLN A 180 1.92 -8.26 -15.83
C GLN A 180 0.72 -8.47 -16.78
N GLU A 181 -0.36 -9.06 -16.26
CA GLU A 181 -1.65 -9.11 -16.93
C GLU A 181 -2.28 -7.72 -16.86
N LYS A 182 -2.54 -7.20 -15.66
CA LYS A 182 -3.26 -5.94 -15.47
C LYS A 182 -2.52 -4.72 -16.01
N TRP A 183 -1.19 -4.77 -16.01
CA TRP A 183 -0.35 -3.70 -16.52
C TRP A 183 0.64 -4.34 -17.48
N LYS A 184 0.43 -4.11 -18.78
CA LYS A 184 1.22 -4.73 -19.84
C LYS A 184 2.72 -4.42 -19.77
N ASN A 185 3.14 -3.43 -18.99
CA ASN A 185 4.51 -2.91 -18.92
C ASN A 185 5.25 -3.39 -17.67
N LEU A 186 4.67 -4.32 -16.89
CA LEU A 186 5.20 -4.70 -15.59
C LEU A 186 6.48 -5.52 -15.71
N ILE A 187 7.61 -4.99 -15.22
CA ILE A 187 8.90 -5.67 -15.11
C ILE A 187 8.95 -6.46 -13.81
N PHE A 188 9.53 -7.66 -13.84
CA PHE A 188 9.84 -8.49 -12.67
C PHE A 188 11.36 -8.60 -12.54
N LYS A 189 11.87 -8.79 -11.31
CA LYS A 189 13.29 -8.93 -10.99
C LYS A 189 13.49 -9.76 -9.73
N ASN A 190 14.75 -10.11 -9.48
CA ASN A 190 15.20 -10.88 -8.32
C ASN A 190 15.92 -10.03 -7.28
N THR A 191 16.31 -8.81 -7.63
CA THR A 191 17.20 -7.97 -6.86
C THR A 191 16.77 -6.52 -7.08
N GLY A 1 -5.16 19.33 -19.36
CA GLY A 1 -4.80 19.17 -17.95
C GLY A 1 -4.22 17.79 -17.69
N MET A 2 -4.84 17.05 -16.76
CA MET A 2 -4.29 15.86 -16.12
C MET A 2 -3.99 14.77 -17.16
N ASN A 3 -2.71 14.60 -17.51
CA ASN A 3 -2.23 13.64 -18.50
C ASN A 3 -0.68 13.62 -18.52
N THR A 4 -0.07 14.78 -18.36
CA THR A 4 1.34 15.06 -18.67
C THR A 4 2.28 14.65 -17.52
N VAL A 5 1.96 13.55 -16.85
CA VAL A 5 2.47 13.17 -15.55
C VAL A 5 3.60 12.19 -15.72
N LYS A 6 4.81 12.60 -15.33
CA LYS A 6 6.00 11.75 -15.35
C LYS A 6 6.75 11.76 -14.02
N ASN A 7 6.27 12.51 -13.03
CA ASN A 7 6.96 12.78 -11.76
C ASN A 7 6.02 13.09 -10.63
N LYS A 8 6.53 13.01 -9.40
CA LYS A 8 5.79 13.02 -8.15
C LYS A 8 4.73 14.12 -8.11
N GLN A 9 5.10 15.39 -8.28
CA GLN A 9 4.18 16.52 -8.12
C GLN A 9 2.91 16.29 -8.94
N GLU A 10 3.08 15.94 -10.22
CA GLU A 10 2.02 15.65 -11.17
C GLU A 10 1.13 14.47 -10.75
N ILE A 11 1.72 13.45 -10.14
CA ILE A 11 1.00 12.26 -9.65
C ILE A 11 0.16 12.65 -8.43
N LEU A 12 0.75 13.42 -7.51
CA LEU A 12 0.06 13.88 -6.31
C LEU A 12 -1.06 14.87 -6.67
N GLU A 13 -0.92 15.58 -7.78
CA GLU A 13 -2.01 16.36 -8.34
C GLU A 13 -3.15 15.46 -8.81
N ALA A 14 -2.85 14.32 -9.45
CA ALA A 14 -3.88 13.47 -10.02
C ALA A 14 -4.71 12.83 -8.91
N PHE A 15 -4.08 12.60 -7.75
CA PHE A 15 -4.74 12.17 -6.56
C PHE A 15 -5.82 13.16 -6.15
N ARG A 16 -5.45 14.42 -5.92
CA ARG A 16 -6.37 15.40 -5.34
C ARG A 16 -7.45 15.81 -6.32
N GLU A 17 -7.16 15.72 -7.62
CA GLU A 17 -8.11 15.84 -8.71
C GLU A 17 -9.24 14.81 -8.64
N SER A 18 -9.07 13.69 -7.93
CA SER A 18 -10.02 12.58 -7.92
C SER A 18 -10.82 12.58 -6.63
N PRO A 19 -12.16 12.63 -6.73
CA PRO A 19 -13.05 12.66 -5.58
C PRO A 19 -13.00 11.35 -4.80
N ASP A 20 -13.01 10.20 -5.50
CA ASP A 20 -13.01 8.89 -4.84
C ASP A 20 -11.69 8.67 -4.13
N MET A 21 -10.57 9.00 -4.79
CA MET A 21 -9.24 8.78 -4.22
C MET A 21 -9.11 9.55 -2.90
N MET A 22 -9.52 10.82 -2.93
CA MET A 22 -9.58 11.69 -1.77
C MET A 22 -10.52 11.16 -0.70
N ALA A 23 -11.70 10.65 -1.07
CA ALA A 23 -12.66 10.09 -0.12
C ALA A 23 -12.00 8.97 0.68
N ILE A 24 -11.30 8.02 0.05
CA ILE A 24 -10.70 6.89 0.77
C ILE A 24 -9.74 7.44 1.82
N LEU A 25 -8.91 8.40 1.40
CA LEU A 25 -7.87 8.99 2.24
C LEU A 25 -8.45 9.80 3.40
N THR A 26 -9.60 10.41 3.19
CA THR A 26 -10.35 11.14 4.19
C THR A 26 -10.97 10.14 5.18
N ILE A 27 -11.60 9.07 4.72
CA ILE A 27 -12.21 8.06 5.57
C ILE A 27 -11.13 7.43 6.45
N ILE A 28 -10.04 6.89 5.90
CA ILE A 28 -9.02 6.20 6.72
C ILE A 28 -8.50 7.14 7.82
N ARG A 29 -8.27 8.42 7.49
CA ARG A 29 -7.97 9.50 8.43
C ARG A 29 -9.03 9.65 9.52
N ASP A 30 -10.30 9.78 9.16
CA ASP A 30 -11.40 10.09 10.07
C ASP A 30 -11.78 8.88 10.93
N LEU A 31 -11.17 7.70 10.68
CA LEU A 31 -11.40 6.53 11.51
C LEU A 31 -10.97 6.74 12.97
N GLY A 32 -10.12 7.74 13.25
CA GLY A 32 -9.67 8.06 14.60
C GLY A 32 -8.61 7.10 15.13
N LEU A 33 -8.04 6.26 14.28
CA LEU A 33 -7.06 5.24 14.66
C LEU A 33 -5.68 5.86 14.94
N LYS A 34 -4.77 4.97 15.35
CA LYS A 34 -3.49 5.29 15.95
C LYS A 34 -2.42 4.86 14.93
N ASP A 35 -1.57 5.82 14.53
CA ASP A 35 -0.64 5.84 13.39
C ASP A 35 -1.20 5.32 12.05
N SER A 36 -2.52 5.16 11.88
CA SER A 36 -3.03 4.49 10.70
C SER A 36 -2.71 5.28 9.44
N TRP A 37 -2.44 4.59 8.33
CA TRP A 37 -2.46 5.24 7.03
C TRP A 37 -2.66 4.24 5.89
N LEU A 38 -2.91 4.77 4.70
CA LEU A 38 -3.10 3.98 3.48
C LEU A 38 -1.71 3.64 2.95
N ALA A 39 -1.50 2.39 2.54
CA ALA A 39 -0.21 1.87 2.13
C ALA A 39 -0.36 0.88 0.99
N ALA A 40 0.80 0.36 0.60
CA ALA A 40 0.95 -0.71 -0.35
C ALA A 40 0.35 -0.35 -1.70
N GLY A 41 -0.05 -1.38 -2.46
CA GLY A 41 -0.67 -1.26 -3.75
C GLY A 41 -1.91 -0.37 -3.78
N SER A 42 -2.55 -0.07 -2.65
CA SER A 42 -3.72 0.80 -2.65
C SER A 42 -3.30 2.20 -3.13
N VAL A 43 -2.16 2.70 -2.64
CA VAL A 43 -1.77 4.06 -2.99
C VAL A 43 -1.25 3.89 -4.42
N ARG A 44 -0.36 2.93 -4.64
CA ARG A 44 0.28 2.73 -5.95
C ARG A 44 -0.72 2.47 -7.07
N ASN A 45 -1.96 2.02 -6.80
CA ASN A 45 -3.00 1.88 -7.81
C ASN A 45 -3.23 3.19 -8.55
N PHE A 46 -3.35 4.32 -7.83
CA PHE A 46 -3.58 5.60 -8.49
C PHE A 46 -2.35 6.07 -9.28
N ILE A 47 -1.16 5.64 -8.88
CA ILE A 47 0.12 6.08 -9.43
C ILE A 47 0.45 5.27 -10.69
N TRP A 48 0.46 3.94 -10.59
CA TRP A 48 0.89 3.08 -11.66
C TRP A 48 0.00 3.31 -12.86
N ASN A 49 -1.29 3.02 -12.74
CA ASN A 49 -2.33 3.07 -13.76
C ASN A 49 -2.24 4.35 -14.58
N LEU A 50 -1.95 5.48 -13.91
CA LEU A 50 -1.74 6.81 -14.45
C LEU A 50 -0.70 6.88 -15.58
N LEU A 51 0.20 5.88 -15.62
CA LEU A 51 1.36 5.78 -16.50
C LEU A 51 1.18 4.60 -17.48
N SER A 52 -0.04 4.06 -17.62
CA SER A 52 -0.35 2.92 -18.49
C SER A 52 -1.54 3.13 -19.41
N ASP A 53 -2.27 4.24 -19.34
CA ASP A 53 -3.54 4.46 -20.03
C ASP A 53 -4.68 3.69 -19.34
N LYS A 54 -4.54 3.40 -18.03
CA LYS A 54 -5.45 2.56 -17.23
C LYS A 54 -6.48 3.43 -16.50
N SER A 55 -7.19 2.82 -15.54
CA SER A 55 -8.12 3.47 -14.64
C SER A 55 -7.54 3.55 -13.24
N PRO A 56 -6.76 4.59 -12.92
CA PRO A 56 -6.20 4.78 -11.58
C PRO A 56 -7.27 4.91 -10.49
N PHE A 57 -8.50 5.21 -10.85
CA PHE A 57 -9.58 5.57 -9.94
C PHE A 57 -10.64 4.48 -9.93
N ASP A 58 -10.17 3.25 -9.78
CA ASP A 58 -11.02 2.06 -9.85
C ASP A 58 -11.79 1.82 -8.54
N HIS A 59 -11.22 2.18 -7.39
CA HIS A 59 -11.67 2.01 -5.98
C HIS A 59 -12.14 0.62 -5.53
N GLU A 60 -12.36 -0.30 -6.45
CA GLU A 60 -12.70 -1.70 -6.31
C GLU A 60 -11.47 -2.56 -5.99
N THR A 61 -10.29 -1.99 -5.80
CA THR A 61 -9.07 -2.71 -5.51
C THR A 61 -8.99 -2.99 -3.99
N ASP A 62 -8.07 -3.86 -3.56
CA ASP A 62 -7.82 -4.13 -2.15
C ASP A 62 -7.26 -2.84 -1.51
N ILE A 63 -7.66 -2.49 -0.29
CA ILE A 63 -7.36 -1.21 0.34
C ILE A 63 -6.58 -1.47 1.63
N ASP A 64 -5.26 -1.45 1.55
CA ASP A 64 -4.37 -1.61 2.69
C ASP A 64 -4.33 -0.37 3.55
N VAL A 65 -4.64 -0.64 4.80
CA VAL A 65 -4.95 0.25 5.86
C VAL A 65 -4.26 -0.26 7.12
N ILE A 66 -2.93 -0.09 7.14
CA ILE A 66 -2.15 -0.51 8.29
C ILE A 66 -2.39 0.50 9.40
N PHE A 67 -2.34 0.01 10.63
CA PHE A 67 -2.37 0.82 11.84
C PHE A 67 -1.59 0.14 12.96
N PHE A 68 -1.32 0.89 14.03
CA PHE A 68 -0.56 0.45 15.18
C PHE A 68 -1.37 0.85 16.40
N ASP A 69 -2.10 -0.09 16.99
CA ASP A 69 -2.94 0.17 18.16
C ASP A 69 -2.77 -0.97 19.17
N PRO A 70 -1.74 -0.88 20.02
CA PRO A 70 -1.34 -1.96 20.91
C PRO A 70 -2.28 -2.14 22.09
N ASP A 71 -3.17 -1.18 22.32
CA ASP A 71 -4.17 -1.26 23.37
C ASP A 71 -5.31 -2.21 22.99
N PHE A 72 -5.46 -2.50 21.69
CA PHE A 72 -6.55 -3.28 21.12
C PHE A 72 -6.23 -4.78 21.15
N SER A 73 -7.25 -5.63 21.11
CA SER A 73 -7.09 -7.09 21.01
C SER A 73 -6.82 -7.50 19.55
N TYR A 74 -6.30 -8.72 19.37
CA TYR A 74 -6.13 -9.27 18.04
C TYR A 74 -7.47 -9.42 17.35
N GLU A 75 -8.47 -9.99 18.03
CA GLU A 75 -9.75 -10.35 17.41
C GLU A 75 -10.52 -9.10 17.01
N GLU A 76 -10.50 -8.08 17.86
CA GLU A 76 -11.17 -6.81 17.61
C GLU A 76 -10.69 -6.17 16.31
N THR A 77 -9.42 -6.37 16.00
CA THR A 77 -8.85 -5.96 14.71
C THR A 77 -9.68 -6.54 13.55
N LEU A 78 -9.98 -7.85 13.56
CA LEU A 78 -10.74 -8.52 12.50
C LEU A 78 -12.20 -8.05 12.50
N LEU A 79 -12.75 -7.80 13.67
CA LEU A 79 -14.13 -7.37 13.87
C LEU A 79 -14.34 -5.97 13.31
N LEU A 80 -13.37 -5.07 13.45
CA LEU A 80 -13.44 -3.76 12.82
C LEU A 80 -13.26 -3.85 11.33
N GLU A 81 -12.40 -4.75 10.90
CA GLU A 81 -12.20 -4.99 9.47
C GLU A 81 -13.54 -5.36 8.83
N LYS A 82 -14.25 -6.37 9.36
CA LYS A 82 -15.53 -6.76 8.79
C LYS A 82 -16.50 -5.57 8.85
N LYS A 83 -16.55 -4.82 9.97
CA LYS A 83 -17.41 -3.65 10.10
C LYS A 83 -17.12 -2.64 9.00
N LEU A 84 -15.85 -2.33 8.74
CA LEU A 84 -15.44 -1.33 7.76
C LEU A 84 -16.05 -1.64 6.39
N ARG A 85 -15.90 -2.88 5.91
CA ARG A 85 -16.47 -3.29 4.61
C ARG A 85 -17.99 -3.51 4.69
N GLU A 86 -18.59 -3.76 5.85
CA GLU A 86 -20.04 -3.84 5.98
C GLU A 86 -20.65 -2.44 5.82
N ASP A 87 -20.01 -1.43 6.43
CA ASP A 87 -20.46 -0.04 6.43
C ASP A 87 -20.30 0.55 5.03
N PHE A 88 -19.21 0.21 4.34
CA PHE A 88 -18.85 0.71 3.02
C PHE A 88 -18.50 -0.47 2.10
N PRO A 89 -19.49 -1.16 1.50
CA PRO A 89 -19.24 -2.32 0.66
C PRO A 89 -18.50 -1.95 -0.64
N GLN A 90 -18.48 -0.67 -1.02
CA GLN A 90 -17.85 -0.20 -2.25
C GLN A 90 -16.30 -0.22 -2.20
N TYR A 91 -15.69 -0.56 -1.06
CA TYR A 91 -14.25 -0.53 -0.82
C TYR A 91 -13.82 -1.81 -0.06
N GLN A 92 -12.53 -2.18 -0.14
CA GLN A 92 -11.98 -3.44 0.37
C GLN A 92 -10.94 -3.22 1.49
N TRP A 93 -11.36 -2.76 2.66
CA TRP A 93 -10.51 -2.38 3.80
C TRP A 93 -9.78 -3.59 4.42
N GLU A 94 -8.46 -3.69 4.25
CA GLU A 94 -7.57 -4.77 4.74
C GLU A 94 -7.00 -4.49 6.15
N LEU A 95 -7.83 -4.11 7.12
CA LEU A 95 -7.43 -3.48 8.39
C LEU A 95 -6.39 -4.28 9.19
N LYS A 96 -5.10 -3.90 9.10
CA LYS A 96 -4.00 -4.74 9.61
C LYS A 96 -3.22 -4.06 10.73
N ASN A 97 -3.49 -4.50 11.97
CA ASN A 97 -2.72 -4.10 13.14
C ASN A 97 -1.33 -4.73 13.13
N GLN A 98 -0.31 -3.96 12.80
CA GLN A 98 1.11 -4.33 12.77
C GLN A 98 1.67 -4.74 14.15
N VAL A 99 0.98 -4.50 15.28
CA VAL A 99 1.47 -4.80 16.63
C VAL A 99 1.79 -6.30 16.83
N TYR A 100 1.22 -7.18 16.00
CA TYR A 100 1.33 -8.61 16.17
C TYR A 100 2.35 -9.14 15.17
N MET A 101 1.94 -9.30 13.90
CA MET A 101 2.69 -9.73 12.73
C MET A 101 3.39 -11.11 12.83
N HIS A 102 3.46 -11.70 14.04
CA HIS A 102 3.99 -13.01 14.45
C HIS A 102 3.16 -14.20 13.91
N GLN A 103 2.50 -14.02 12.77
CA GLN A 103 1.73 -15.04 12.07
C GLN A 103 1.86 -14.77 10.58
N HIS A 104 1.48 -13.55 10.16
CA HIS A 104 1.34 -13.14 8.77
C HIS A 104 2.55 -13.40 7.89
N SER A 105 3.76 -13.42 8.47
CA SER A 105 4.98 -13.75 7.75
C SER A 105 5.92 -14.55 8.66
N PRO A 106 6.87 -15.34 8.10
CA PRO A 106 7.96 -15.97 8.81
C PRO A 106 8.88 -14.89 9.40
N HIS A 107 9.48 -15.20 10.56
CA HIS A 107 10.51 -14.41 11.24
C HIS A 107 10.17 -12.91 11.28
N THR A 108 8.90 -12.60 11.56
CA THR A 108 8.37 -11.25 11.51
C THR A 108 7.82 -10.90 12.89
N ALA A 109 8.57 -10.09 13.63
CA ALA A 109 8.10 -9.38 14.82
C ALA A 109 7.32 -8.14 14.38
N SER A 110 6.84 -7.38 15.36
CA SER A 110 6.24 -6.07 15.20
C SER A 110 7.28 -5.07 14.67
N TYR A 111 6.86 -3.81 14.49
CA TYR A 111 7.64 -2.72 13.94
C TYR A 111 7.56 -1.50 14.86
N THR A 112 8.37 -0.48 14.59
CA THR A 112 8.57 0.64 15.50
C THR A 112 7.72 1.86 15.11
N SER A 113 6.99 1.79 13.99
CA SER A 113 6.02 2.75 13.49
C SER A 113 5.46 2.16 12.19
N SER A 114 4.38 2.71 11.66
CA SER A 114 3.88 2.36 10.33
C SER A 114 4.92 2.67 9.26
N ARG A 115 5.77 3.67 9.45
CA ARG A 115 6.86 3.95 8.53
C ARG A 115 7.78 2.74 8.45
N ASP A 116 8.32 2.26 9.58
CA ASP A 116 9.24 1.12 9.57
C ASP A 116 8.55 -0.17 9.15
N ALA A 117 7.24 -0.31 9.38
CA ALA A 117 6.47 -1.47 8.95
C ALA A 117 6.53 -1.73 7.45
N MET A 118 6.77 -0.69 6.63
CA MET A 118 6.88 -0.83 5.18
C MET A 118 8.21 -1.42 4.72
N SER A 119 9.31 -1.27 5.45
CA SER A 119 10.62 -1.57 4.86
C SER A 119 10.84 -3.07 4.61
N LYS A 120 10.12 -3.93 5.32
CA LYS A 120 10.10 -5.38 5.19
C LYS A 120 8.75 -5.81 4.62
N TYR A 121 8.21 -5.04 3.67
CA TYR A 121 7.05 -5.41 2.86
C TYR A 121 7.35 -6.56 1.90
N PRO A 122 6.30 -7.18 1.31
CA PRO A 122 6.48 -8.28 0.39
C PRO A 122 7.16 -7.87 -0.91
N GLU A 123 7.26 -6.58 -1.18
CA GLU A 123 7.77 -6.03 -2.43
C GLU A 123 8.32 -4.60 -2.21
N ARG A 124 9.33 -4.18 -2.99
CA ARG A 124 10.00 -2.88 -2.86
C ARG A 124 9.15 -1.74 -3.41
N CYS A 125 8.65 -1.90 -4.63
CA CYS A 125 7.76 -0.93 -5.27
C CYS A 125 6.39 -0.91 -4.56
N THR A 126 6.10 -1.91 -3.71
CA THR A 126 4.95 -1.92 -2.82
C THR A 126 5.28 -1.27 -1.46
N ALA A 127 6.55 -1.11 -1.08
CA ALA A 127 6.96 -0.52 0.19
C ALA A 127 6.78 1.00 0.13
N VAL A 128 5.53 1.47 0.13
CA VAL A 128 5.18 2.87 -0.07
C VAL A 128 3.86 3.14 0.64
N GLY A 129 3.69 4.39 1.09
CA GLY A 129 2.49 4.88 1.72
C GLY A 129 2.15 6.28 1.20
N LEU A 130 0.90 6.67 1.39
CA LEU A 130 0.32 7.94 0.94
C LEU A 130 -0.83 8.25 1.90
N ARG A 131 -0.83 9.37 2.61
CA ARG A 131 -1.99 9.82 3.41
C ARG A 131 -1.98 11.34 3.53
N LEU A 132 -2.98 11.91 4.20
CA LEU A 132 -2.99 13.32 4.54
C LEU A 132 -2.17 13.56 5.80
N ASN A 133 -1.78 14.81 5.99
CA ASN A 133 -1.31 15.35 7.26
C ASN A 133 -2.39 16.27 7.80
N GLU A 134 -2.05 16.97 8.87
CA GLU A 134 -2.90 18.00 9.47
C GLU A 134 -3.32 19.05 8.43
N GLU A 135 -2.40 19.40 7.53
CA GLU A 135 -2.57 20.44 6.51
C GLU A 135 -3.16 19.86 5.20
N LEU A 136 -3.66 18.62 5.26
CA LEU A 136 -4.37 17.92 4.20
C LEU A 136 -3.55 17.80 2.91
N ASP A 137 -2.24 17.63 3.06
CA ASP A 137 -1.24 17.48 2.01
C ASP A 137 -0.98 16.00 1.72
N PHE A 138 0.11 15.68 1.02
CA PHE A 138 0.51 14.30 0.72
C PHE A 138 1.69 13.90 1.59
N GLU A 139 1.41 13.19 2.68
CA GLU A 139 2.41 12.42 3.39
C GLU A 139 2.87 11.32 2.45
N LEU A 140 4.16 11.30 2.11
CA LEU A 140 4.81 10.30 1.27
C LEU A 140 5.89 9.60 2.10
N TYR A 141 6.22 8.36 1.73
CA TYR A 141 7.40 7.65 2.22
C TYR A 141 7.87 6.72 1.11
N VAL A 142 9.15 6.85 0.73
CA VAL A 142 9.79 6.02 -0.28
C VAL A 142 11.23 5.73 0.18
N PRO A 143 11.44 4.78 1.11
CA PRO A 143 12.76 4.50 1.66
C PRO A 143 13.72 3.91 0.62
N TYR A 144 13.23 3.63 -0.58
CA TYR A 144 13.96 3.02 -1.68
C TYR A 144 13.94 3.90 -2.95
N GLY A 145 13.22 5.02 -2.95
CA GLY A 145 13.13 5.98 -4.05
C GLY A 145 12.03 5.59 -5.04
N LEU A 146 11.40 6.60 -5.66
CA LEU A 146 10.17 6.48 -6.45
C LEU A 146 10.38 5.69 -7.74
N GLU A 147 11.64 5.57 -8.18
CA GLU A 147 11.93 5.12 -9.52
C GLU A 147 11.44 3.69 -9.75
N ASP A 148 11.37 2.84 -8.73
CA ASP A 148 10.89 1.47 -8.92
C ASP A 148 9.41 1.39 -9.23
N ILE A 149 8.61 2.40 -8.86
CA ILE A 149 7.23 2.48 -9.26
C ILE A 149 7.20 2.99 -10.70
N LEU A 150 7.93 4.07 -10.99
CA LEU A 150 7.89 4.73 -12.30
C LEU A 150 8.49 3.87 -13.41
N ASN A 151 9.36 2.92 -13.07
CA ASN A 151 9.95 1.95 -13.96
C ASN A 151 9.24 0.60 -13.88
N PHE A 152 8.13 0.51 -13.13
CA PHE A 152 7.29 -0.68 -13.04
C PHE A 152 8.06 -1.91 -12.58
N GLN A 153 8.97 -1.74 -11.63
CA GLN A 153 9.90 -2.78 -11.25
C GLN A 153 9.34 -3.54 -10.05
N VAL A 154 8.75 -4.71 -10.28
CA VAL A 154 8.43 -5.64 -9.21
C VAL A 154 9.75 -6.22 -8.70
N ARG A 155 10.32 -5.66 -7.63
CA ARG A 155 11.49 -6.21 -6.95
C ARG A 155 11.09 -6.65 -5.52
N PRO A 156 11.78 -7.60 -4.88
CA PRO A 156 11.63 -7.85 -3.45
C PRO A 156 12.12 -6.65 -2.62
N THR A 157 11.74 -6.53 -1.35
CA THR A 157 12.43 -5.66 -0.41
C THR A 157 13.86 -6.19 -0.20
N PRO A 158 14.83 -5.32 0.13
CA PRO A 158 16.18 -5.76 0.45
C PRO A 158 16.18 -6.65 1.70
N HIS A 159 15.28 -6.33 2.63
CA HIS A 159 15.03 -7.03 3.88
C HIS A 159 14.37 -8.41 3.64
N PHE A 160 14.11 -8.82 2.40
CA PHE A 160 13.63 -10.17 2.10
C PHE A 160 14.75 -11.06 1.56
N LEU A 161 15.79 -10.50 0.94
CA LEU A 161 16.89 -11.31 0.41
C LEU A 161 17.65 -12.00 1.55
N GLU A 162 17.81 -11.28 2.65
CA GLU A 162 18.63 -11.65 3.80
C GLU A 162 18.07 -12.85 4.58
N ASN A 163 16.78 -13.09 4.45
CA ASN A 163 16.05 -14.13 5.17
C ASN A 163 15.31 -14.98 4.14
N GLU A 164 15.93 -16.08 3.75
CA GLU A 164 15.49 -16.94 2.65
C GLU A 164 14.03 -17.39 2.80
N ASP A 165 13.53 -17.64 4.02
CA ASP A 165 12.13 -18.06 4.21
C ASP A 165 11.17 -16.95 3.80
N ARG A 166 11.62 -15.69 3.85
CA ARG A 166 10.87 -14.55 3.34
C ARG A 166 11.00 -14.41 1.83
N MET A 167 12.10 -14.84 1.21
CA MET A 167 12.16 -14.87 -0.24
C MET A 167 11.10 -15.85 -0.74
N GLU A 168 10.97 -17.00 -0.09
CA GLU A 168 9.89 -17.92 -0.39
C GLU A 168 8.53 -17.30 -0.10
N LEU A 169 8.28 -16.63 1.04
CA LEU A 169 6.94 -16.05 1.32
C LEU A 169 6.47 -15.16 0.17
N TYR A 170 7.42 -14.43 -0.44
CA TYR A 170 7.15 -13.58 -1.58
C TYR A 170 6.74 -14.44 -2.77
N GLN A 171 7.59 -15.37 -3.21
CA GLN A 171 7.40 -16.15 -4.43
C GLN A 171 6.18 -17.08 -4.31
N THR A 172 6.05 -17.74 -3.17
CA THR A 172 4.98 -18.68 -2.80
C THR A 172 3.59 -17.99 -2.75
N ARG A 173 3.54 -16.65 -2.90
CA ARG A 173 2.33 -15.84 -2.88
C ARG A 173 2.26 -14.94 -4.13
N LEU A 174 3.10 -15.23 -5.14
CA LEU A 174 3.30 -14.42 -6.34
C LEU A 174 2.57 -15.07 -7.52
N SER A 175 3.09 -16.16 -8.11
CA SER A 175 2.44 -16.88 -9.20
C SER A 175 1.84 -15.95 -10.28
N LYS A 176 2.69 -15.06 -10.81
CA LYS A 176 2.43 -14.05 -11.81
C LYS A 176 1.47 -12.93 -11.41
N LYS A 177 0.71 -13.07 -10.31
CA LYS A 177 -0.10 -12.03 -9.70
C LYS A 177 -1.05 -11.26 -10.63
N ASN A 178 -1.28 -11.67 -11.88
CA ASN A 178 -1.86 -10.84 -12.94
C ASN A 178 -1.06 -9.55 -13.23
N TRP A 179 0.11 -9.27 -12.60
CA TRP A 179 0.75 -7.97 -12.73
C TRP A 179 1.12 -7.62 -14.16
N GLN A 180 1.84 -8.54 -14.80
CA GLN A 180 2.23 -8.47 -16.19
C GLN A 180 1.07 -8.70 -17.16
N GLU A 181 -0.16 -8.88 -16.65
CA GLU A 181 -1.34 -8.83 -17.50
C GLU A 181 -1.82 -7.39 -17.54
N LYS A 182 -2.07 -6.81 -16.36
CA LYS A 182 -2.80 -5.55 -16.27
C LYS A 182 -2.04 -4.34 -16.76
N TRP A 183 -0.74 -4.35 -16.50
CA TRP A 183 0.17 -3.28 -16.92
C TRP A 183 1.17 -3.87 -17.92
N LYS A 184 1.11 -3.41 -19.18
CA LYS A 184 1.90 -4.02 -20.26
C LYS A 184 3.40 -3.87 -20.08
N ASN A 185 3.78 -2.88 -19.30
CA ASN A 185 5.16 -2.47 -19.06
C ASN A 185 5.72 -3.09 -17.77
N LEU A 186 4.96 -3.97 -17.10
CA LEU A 186 5.26 -4.44 -15.76
C LEU A 186 6.44 -5.41 -15.77
N ILE A 187 7.54 -5.02 -15.12
CA ILE A 187 8.81 -5.74 -15.05
C ILE A 187 8.83 -6.59 -13.79
N PHE A 188 9.41 -7.79 -13.86
CA PHE A 188 9.65 -8.66 -12.71
C PHE A 188 11.16 -8.77 -12.45
N LYS A 189 11.56 -8.75 -11.18
CA LYS A 189 12.89 -9.02 -10.68
C LYS A 189 12.77 -9.93 -9.45
N ASN A 190 13.91 -10.38 -8.95
CA ASN A 190 14.09 -11.15 -7.72
C ASN A 190 15.20 -10.55 -6.87
N THR A 191 15.84 -9.47 -7.33
CA THR A 191 16.80 -8.62 -6.66
C THR A 191 17.00 -7.45 -7.62
N GLY A 1 -5.17 18.07 -19.48
CA GLY A 1 -3.77 17.84 -19.12
C GLY A 1 -3.57 16.40 -18.73
N MET A 2 -2.88 16.21 -17.59
CA MET A 2 -2.70 14.98 -16.87
C MET A 2 -2.37 13.81 -17.81
N ASN A 3 -1.13 13.76 -18.31
CA ASN A 3 -0.65 12.57 -18.99
C ASN A 3 0.87 12.42 -18.96
N THR A 4 1.59 13.54 -19.05
CA THR A 4 3.04 13.62 -19.20
C THR A 4 3.80 13.40 -17.88
N VAL A 5 3.25 12.52 -17.04
CA VAL A 5 3.68 12.31 -15.67
C VAL A 5 4.86 11.35 -15.68
N LYS A 6 6.01 11.82 -15.22
CA LYS A 6 7.21 11.02 -15.11
C LYS A 6 7.86 11.17 -13.73
N ASN A 7 7.16 11.77 -12.75
CA ASN A 7 7.73 12.23 -11.49
C ASN A 7 6.62 12.51 -10.48
N LYS A 8 6.99 12.58 -9.19
CA LYS A 8 6.09 12.74 -8.04
C LYS A 8 5.02 13.78 -8.30
N GLN A 9 5.42 15.01 -8.61
CA GLN A 9 4.55 16.15 -8.53
C GLN A 9 3.41 15.98 -9.53
N GLU A 10 3.73 15.56 -10.76
CA GLU A 10 2.79 15.32 -11.85
C GLU A 10 1.76 14.23 -11.51
N ILE A 11 2.05 13.32 -10.56
CA ILE A 11 1.09 12.36 -10.03
C ILE A 11 0.16 13.08 -9.06
N LEU A 12 0.75 13.72 -8.04
CA LEU A 12 -0.01 14.34 -6.96
C LEU A 12 -0.92 15.43 -7.53
N GLU A 13 -0.57 16.05 -8.66
CA GLU A 13 -1.42 16.99 -9.39
C GLU A 13 -2.80 16.43 -9.77
N ALA A 14 -2.96 15.10 -9.80
CA ALA A 14 -4.22 14.43 -10.14
C ALA A 14 -4.80 13.65 -8.96
N PHE A 15 -4.10 13.61 -7.82
CA PHE A 15 -4.62 13.07 -6.58
C PHE A 15 -5.92 13.78 -6.18
N ARG A 16 -5.86 15.07 -5.81
CA ARG A 16 -7.04 15.79 -5.31
C ARG A 16 -8.05 16.11 -6.41
N GLU A 17 -7.68 15.99 -7.68
CA GLU A 17 -8.62 16.04 -8.79
C GLU A 17 -9.68 14.95 -8.60
N SER A 18 -9.28 13.73 -8.25
CA SER A 18 -10.20 12.62 -8.00
C SER A 18 -10.95 12.85 -6.68
N PRO A 19 -12.29 12.81 -6.72
CA PRO A 19 -13.12 12.88 -5.53
C PRO A 19 -13.07 11.56 -4.76
N ASP A 20 -12.97 10.44 -5.49
CA ASP A 20 -12.92 9.12 -4.89
C ASP A 20 -11.64 8.96 -4.10
N MET A 21 -10.50 9.33 -4.68
CA MET A 21 -9.21 9.23 -4.04
C MET A 21 -9.17 10.04 -2.74
N MET A 22 -9.68 11.27 -2.77
CA MET A 22 -9.86 12.09 -1.58
C MET A 22 -10.62 11.31 -0.52
N ALA A 23 -11.83 10.85 -0.84
CA ALA A 23 -12.74 10.20 0.10
C ALA A 23 -12.05 9.03 0.81
N ILE A 24 -11.35 8.16 0.06
CA ILE A 24 -10.84 6.90 0.62
C ILE A 24 -9.88 7.21 1.77
N LEU A 25 -9.10 8.29 1.64
CA LEU A 25 -8.08 8.67 2.61
C LEU A 25 -8.65 9.55 3.72
N THR A 26 -9.66 10.37 3.42
CA THR A 26 -10.43 11.06 4.45
C THR A 26 -11.07 10.03 5.39
N ILE A 27 -11.68 8.95 4.88
CA ILE A 27 -12.36 7.98 5.74
C ILE A 27 -11.34 7.36 6.71
N ILE A 28 -10.20 6.82 6.25
CA ILE A 28 -9.26 6.18 7.17
C ILE A 28 -8.78 7.18 8.23
N ARG A 29 -8.39 8.40 7.81
CA ARG A 29 -7.82 9.38 8.73
C ARG A 29 -8.75 9.60 9.93
N ASP A 30 -10.05 9.56 9.67
CA ASP A 30 -11.06 10.01 10.60
C ASP A 30 -11.53 8.93 11.56
N LEU A 31 -11.04 7.69 11.40
CA LEU A 31 -11.36 6.58 12.29
C LEU A 31 -10.82 6.77 13.72
N GLY A 32 -9.72 7.52 13.88
CA GLY A 32 -9.11 7.76 15.18
C GLY A 32 -8.12 6.65 15.59
N LEU A 33 -7.79 5.72 14.69
CA LEU A 33 -6.94 4.56 14.95
C LEU A 33 -5.48 4.96 15.19
N LYS A 34 -4.63 3.99 15.55
CA LYS A 34 -3.28 4.24 16.01
C LYS A 34 -2.28 3.85 14.95
N ASP A 35 -1.43 4.81 14.58
CA ASP A 35 -0.37 4.72 13.58
C ASP A 35 -0.86 4.01 12.33
N SER A 36 -1.95 4.53 11.75
CA SER A 36 -2.67 3.88 10.67
C SER A 36 -2.82 4.79 9.45
N TRP A 37 -2.65 4.22 8.26
CA TRP A 37 -2.73 4.91 6.99
C TRP A 37 -2.88 3.88 5.86
N LEU A 38 -3.00 4.37 4.63
CA LEU A 38 -2.99 3.52 3.43
C LEU A 38 -1.59 2.94 3.22
N ALA A 39 -1.40 1.95 2.36
CA ALA A 39 -0.09 1.53 1.86
C ALA A 39 -0.27 0.56 0.71
N ALA A 40 0.86 0.25 0.06
CA ALA A 40 0.91 -0.75 -1.00
C ALA A 40 -0.20 -0.48 -2.05
N GLY A 41 -0.66 -1.51 -2.76
CA GLY A 41 -2.04 -1.64 -3.21
C GLY A 41 -2.62 -0.36 -3.79
N SER A 42 -3.47 0.30 -3.01
CA SER A 42 -4.21 1.48 -3.41
C SER A 42 -3.30 2.68 -3.73
N VAL A 43 -2.17 2.86 -3.03
CA VAL A 43 -1.23 3.93 -3.35
C VAL A 43 -0.66 3.64 -4.74
N ARG A 44 -0.22 2.42 -4.96
CA ARG A 44 0.34 2.07 -6.25
C ARG A 44 -0.70 2.14 -7.34
N ASN A 45 -1.97 1.92 -7.00
CA ASN A 45 -3.05 1.78 -7.96
C ASN A 45 -3.22 3.05 -8.78
N PHE A 46 -3.41 4.21 -8.13
CA PHE A 46 -3.56 5.46 -8.87
C PHE A 46 -2.30 5.70 -9.70
N ILE A 47 -1.13 5.65 -9.06
CA ILE A 47 0.17 5.96 -9.66
C ILE A 47 0.43 5.12 -10.91
N TRP A 48 0.36 3.79 -10.82
CA TRP A 48 0.69 2.90 -11.93
C TRP A 48 -0.23 3.17 -13.11
N ASN A 49 -1.53 3.02 -12.92
CA ASN A 49 -2.55 3.22 -13.95
C ASN A 49 -2.35 4.55 -14.70
N LEU A 50 -1.95 5.61 -13.98
CA LEU A 50 -1.67 6.96 -14.49
C LEU A 50 -0.58 6.97 -15.59
N LEU A 51 0.19 5.89 -15.73
CA LEU A 51 1.33 5.71 -16.63
C LEU A 51 1.05 4.65 -17.70
N SER A 52 -0.19 4.17 -17.83
CA SER A 52 -0.52 3.14 -18.83
C SER A 52 -1.88 3.34 -19.48
N ASP A 53 -2.46 4.53 -19.31
CA ASP A 53 -3.68 5.01 -19.96
C ASP A 53 -4.89 4.20 -19.49
N LYS A 54 -4.75 3.62 -18.31
CA LYS A 54 -5.69 2.80 -17.56
C LYS A 54 -6.75 3.70 -16.94
N SER A 55 -7.47 3.15 -15.97
CA SER A 55 -8.37 3.88 -15.10
C SER A 55 -7.77 3.96 -13.70
N PRO A 56 -6.93 4.96 -13.42
CA PRO A 56 -6.33 5.15 -12.11
C PRO A 56 -7.30 5.28 -10.95
N PHE A 57 -8.57 5.59 -11.19
CA PHE A 57 -9.43 6.12 -10.12
C PHE A 57 -10.53 5.18 -9.67
N ASP A 58 -10.47 3.92 -10.09
CA ASP A 58 -11.46 2.94 -9.72
C ASP A 58 -11.33 2.55 -8.24
N HIS A 59 -12.36 2.86 -7.46
CA HIS A 59 -12.59 2.43 -6.07
C HIS A 59 -12.82 0.91 -5.90
N GLU A 60 -12.90 0.15 -6.98
CA GLU A 60 -13.17 -1.28 -6.99
C GLU A 60 -11.92 -2.14 -6.67
N THR A 61 -10.81 -1.52 -6.26
CA THR A 61 -9.55 -2.15 -5.89
C THR A 61 -9.48 -2.39 -4.37
N ASP A 62 -8.44 -3.08 -3.90
CA ASP A 62 -8.20 -3.44 -2.50
C ASP A 62 -7.68 -2.18 -1.79
N ILE A 63 -8.21 -1.88 -0.61
CA ILE A 63 -7.89 -0.68 0.15
C ILE A 63 -7.10 -1.11 1.39
N ASP A 64 -5.76 -1.13 1.28
CA ASP A 64 -4.90 -1.47 2.41
C ASP A 64 -4.91 -0.40 3.47
N VAL A 65 -4.97 -0.88 4.69
CA VAL A 65 -5.21 -0.13 5.90
C VAL A 65 -4.39 -0.78 7.02
N ILE A 66 -3.07 -0.56 7.00
CA ILE A 66 -2.26 -0.97 8.13
C ILE A 66 -2.52 -0.03 9.30
N PHE A 67 -2.46 -0.59 10.51
CA PHE A 67 -2.51 0.12 11.79
C PHE A 67 -1.50 -0.46 12.80
N PHE A 68 -1.39 0.05 14.03
CA PHE A 68 -0.49 -0.55 15.02
C PHE A 68 -1.11 -0.45 16.43
N ASP A 69 -1.73 -1.55 16.89
CA ASP A 69 -2.46 -1.61 18.15
C ASP A 69 -2.22 -2.94 18.88
N PRO A 70 -1.18 -3.06 19.72
CA PRO A 70 -0.92 -4.23 20.59
C PRO A 70 -2.07 -4.62 21.51
N ASP A 71 -3.00 -3.70 21.73
CA ASP A 71 -4.09 -3.85 22.69
C ASP A 71 -5.40 -4.23 22.01
N PHE A 72 -5.52 -3.99 20.70
CA PHE A 72 -6.75 -4.29 19.98
C PHE A 72 -6.73 -5.77 19.68
N SER A 73 -7.63 -6.53 20.30
CA SER A 73 -7.58 -7.99 20.30
C SER A 73 -7.46 -8.55 18.89
N TYR A 74 -6.85 -9.73 18.78
CA TYR A 74 -6.71 -10.38 17.50
C TYR A 74 -8.08 -10.48 16.85
N GLU A 75 -9.12 -10.94 17.54
CA GLU A 75 -10.42 -11.08 16.93
C GLU A 75 -11.05 -9.74 16.60
N GLU A 76 -10.92 -8.73 17.48
CA GLU A 76 -11.47 -7.40 17.25
C GLU A 76 -10.91 -6.78 15.97
N THR A 77 -9.66 -7.10 15.63
CA THR A 77 -9.06 -6.72 14.36
C THR A 77 -10.00 -7.13 13.21
N LEU A 78 -10.50 -8.38 13.23
CA LEU A 78 -11.39 -8.91 12.21
C LEU A 78 -12.77 -8.29 12.32
N LEU A 79 -13.28 -8.02 13.53
CA LEU A 79 -14.58 -7.43 13.74
C LEU A 79 -14.68 -6.03 13.14
N LEU A 80 -13.67 -5.21 13.40
CA LEU A 80 -13.61 -3.82 12.93
C LEU A 80 -13.58 -3.75 11.41
N GLU A 81 -12.94 -4.72 10.75
CA GLU A 81 -12.91 -4.82 9.30
C GLU A 81 -14.34 -4.91 8.73
N LYS A 82 -15.21 -5.75 9.32
CA LYS A 82 -16.64 -5.80 8.94
C LYS A 82 -17.20 -4.42 9.02
N LYS A 83 -17.10 -3.81 10.20
CA LYS A 83 -17.72 -2.53 10.52
C LYS A 83 -17.46 -1.53 9.41
N LEU A 84 -16.21 -1.40 8.99
CA LEU A 84 -15.83 -0.49 7.92
C LEU A 84 -16.44 -0.86 6.56
N ARG A 85 -16.50 -2.14 6.22
CA ARG A 85 -17.14 -2.63 5.00
C ARG A 85 -18.68 -2.53 5.10
N GLU A 86 -19.27 -2.56 6.28
CA GLU A 86 -20.68 -2.35 6.51
C GLU A 86 -21.02 -0.87 6.35
N ASP A 87 -20.17 0.02 6.90
CA ASP A 87 -20.28 1.47 6.82
C ASP A 87 -20.23 1.91 5.36
N PHE A 88 -19.26 1.39 4.61
CA PHE A 88 -18.94 1.82 3.26
C PHE A 88 -18.75 0.59 2.36
N PRO A 89 -19.83 -0.07 1.90
CA PRO A 89 -19.73 -1.32 1.15
C PRO A 89 -19.06 -1.17 -0.21
N GLN A 90 -18.97 0.06 -0.75
CA GLN A 90 -18.34 0.29 -2.03
C GLN A 90 -16.80 0.18 -1.99
N TYR A 91 -16.17 -0.05 -0.82
CA TYR A 91 -14.71 -0.06 -0.65
C TYR A 91 -14.25 -1.32 0.09
N GLN A 92 -12.99 -1.70 -0.12
CA GLN A 92 -12.42 -2.95 0.34
C GLN A 92 -11.39 -2.71 1.45
N TRP A 93 -11.84 -2.29 2.63
CA TRP A 93 -10.98 -2.00 3.78
C TRP A 93 -10.35 -3.29 4.30
N GLU A 94 -9.11 -3.56 3.94
CA GLU A 94 -8.32 -4.75 4.22
C GLU A 94 -7.88 -4.95 5.68
N LEU A 95 -8.50 -4.29 6.67
CA LEU A 95 -7.94 -4.00 8.00
C LEU A 95 -7.19 -5.18 8.60
N LYS A 96 -5.88 -5.01 8.72
CA LYS A 96 -4.98 -6.07 9.14
C LYS A 96 -3.93 -5.41 10.01
N ASN A 97 -3.70 -5.91 11.22
CA ASN A 97 -2.79 -5.33 12.21
C ASN A 97 -1.34 -5.78 11.98
N GLN A 98 -0.35 -4.98 12.41
CA GLN A 98 1.08 -5.14 12.13
C GLN A 98 1.92 -5.33 13.40
N VAL A 99 1.40 -5.03 14.58
CA VAL A 99 2.06 -5.43 15.82
C VAL A 99 2.25 -6.95 15.90
N TYR A 100 1.28 -7.65 15.35
CA TYR A 100 1.14 -9.09 15.48
C TYR A 100 2.00 -9.79 14.43
N MET A 101 1.52 -9.94 13.19
CA MET A 101 2.25 -10.45 12.01
C MET A 101 2.74 -11.90 12.10
N HIS A 102 2.80 -12.48 13.29
CA HIS A 102 3.33 -13.79 13.66
C HIS A 102 2.39 -14.91 13.18
N GLN A 103 2.16 -14.96 11.87
CA GLN A 103 1.32 -15.88 11.11
C GLN A 103 1.24 -15.50 9.63
N HIS A 104 1.61 -14.27 9.26
CA HIS A 104 1.49 -13.77 7.90
C HIS A 104 2.85 -13.41 7.30
N SER A 105 3.88 -13.28 8.13
CA SER A 105 5.27 -13.08 7.77
C SER A 105 6.14 -13.90 8.75
N PRO A 106 7.37 -14.27 8.37
CA PRO A 106 8.36 -14.98 9.19
C PRO A 106 8.91 -14.04 10.28
N HIS A 107 10.06 -14.37 10.90
CA HIS A 107 10.84 -13.48 11.78
C HIS A 107 11.25 -12.14 11.12
N THR A 108 10.27 -11.37 10.70
CA THR A 108 10.32 -9.95 10.37
C THR A 108 9.92 -9.11 11.59
N ALA A 109 9.95 -9.72 12.77
CA ALA A 109 9.88 -9.11 14.08
C ALA A 109 8.66 -8.20 14.27
N SER A 110 8.68 -7.49 15.39
CA SER A 110 7.87 -6.31 15.62
C SER A 110 8.47 -5.13 14.84
N TYR A 111 7.77 -3.99 14.87
CA TYR A 111 8.17 -2.73 14.24
C TYR A 111 8.03 -1.63 15.29
N THR A 112 8.68 -0.49 15.06
CA THR A 112 8.45 0.67 15.91
C THR A 112 7.09 1.29 15.58
N SER A 113 6.86 1.68 14.33
CA SER A 113 5.68 2.39 13.86
C SER A 113 5.46 2.03 12.38
N SER A 114 4.34 2.45 11.78
CA SER A 114 3.87 2.00 10.45
C SER A 114 4.91 2.19 9.34
N ARG A 115 5.66 3.29 9.40
CA ARG A 115 6.68 3.64 8.43
C ARG A 115 7.83 2.63 8.51
N ASP A 116 8.23 2.21 9.71
CA ASP A 116 9.21 1.13 9.87
C ASP A 116 8.59 -0.20 9.49
N ALA A 117 7.30 -0.43 9.74
CA ALA A 117 6.58 -1.60 9.23
C ALA A 117 6.66 -1.72 7.70
N MET A 118 6.84 -0.62 6.97
CA MET A 118 7.10 -0.57 5.54
C MET A 118 8.55 -0.86 5.14
N SER A 119 9.51 -0.80 6.05
CA SER A 119 10.93 -0.97 5.76
C SER A 119 11.19 -2.36 5.18
N LYS A 120 10.84 -3.42 5.94
CA LYS A 120 10.81 -4.81 5.52
C LYS A 120 9.46 -5.09 4.82
N TYR A 121 9.09 -4.31 3.80
CA TYR A 121 8.01 -4.70 2.89
C TYR A 121 8.53 -5.65 1.81
N PRO A 122 7.62 -6.44 1.20
CA PRO A 122 8.01 -7.51 0.30
C PRO A 122 8.68 -7.05 -0.99
N GLU A 123 8.35 -5.86 -1.49
CA GLU A 123 8.70 -5.45 -2.85
C GLU A 123 9.01 -3.96 -2.81
N ARG A 124 9.99 -3.46 -3.58
CA ARG A 124 10.43 -2.06 -3.44
C ARG A 124 9.33 -1.09 -3.83
N CYS A 125 8.64 -1.33 -4.94
CA CYS A 125 7.51 -0.51 -5.38
C CYS A 125 6.32 -0.63 -4.42
N THR A 126 6.27 -1.68 -3.61
CA THR A 126 5.23 -1.90 -2.61
C THR A 126 5.54 -1.09 -1.36
N ALA A 127 6.82 -0.93 -1.01
CA ALA A 127 7.33 -0.18 0.13
C ALA A 127 7.14 1.32 -0.07
N VAL A 128 5.90 1.79 0.11
CA VAL A 128 5.54 3.18 0.00
C VAL A 128 4.15 3.39 0.59
N GLY A 129 3.93 4.57 1.15
CA GLY A 129 2.67 5.05 1.66
C GLY A 129 2.43 6.48 1.18
N LEU A 130 1.17 6.90 1.22
CA LEU A 130 0.60 8.13 0.70
C LEU A 130 -0.71 8.35 1.46
N ARG A 131 -0.80 9.35 2.36
CA ARG A 131 -2.03 9.64 3.11
C ARG A 131 -2.09 11.11 3.52
N LEU A 132 -3.27 11.53 3.98
CA LEU A 132 -3.57 12.87 4.47
C LEU A 132 -2.85 13.20 5.76
N ASN A 133 -2.84 14.50 6.07
CA ASN A 133 -2.57 15.02 7.41
C ASN A 133 -3.78 15.78 7.90
N GLU A 134 -3.61 16.45 9.02
CA GLU A 134 -4.53 17.40 9.61
C GLU A 134 -4.95 18.55 8.69
N GLU A 135 -4.13 18.86 7.70
CA GLU A 135 -4.42 19.85 6.66
C GLU A 135 -4.58 19.26 5.27
N LEU A 136 -4.83 17.97 5.22
CA LEU A 136 -5.42 17.31 4.10
C LEU A 136 -4.47 17.34 2.90
N ASP A 137 -3.19 17.17 3.18
CA ASP A 137 -2.07 17.25 2.27
C ASP A 137 -1.59 15.85 1.93
N PHE A 138 -0.40 15.72 1.35
CA PHE A 138 0.14 14.47 0.87
C PHE A 138 1.44 14.17 1.61
N GLU A 139 1.30 13.47 2.74
CA GLU A 139 2.41 12.72 3.32
C GLU A 139 2.70 11.60 2.33
N LEU A 140 3.97 11.41 1.99
CA LEU A 140 4.48 10.41 1.07
C LEU A 140 5.70 9.79 1.76
N TYR A 141 5.85 8.47 1.72
CA TYR A 141 7.05 7.82 2.23
C TYR A 141 7.56 6.85 1.20
N VAL A 142 8.77 7.06 0.70
CA VAL A 142 9.44 6.24 -0.29
C VAL A 142 10.86 5.93 0.21
N PRO A 143 11.04 4.96 1.11
CA PRO A 143 12.34 4.67 1.70
C PRO A 143 13.36 4.23 0.65
N TYR A 144 12.91 3.64 -0.47
CA TYR A 144 13.77 3.14 -1.53
C TYR A 144 13.70 4.05 -2.76
N GLY A 145 12.68 4.93 -2.82
CA GLY A 145 12.47 5.90 -3.88
C GLY A 145 11.18 5.62 -4.64
N LEU A 146 10.83 6.57 -5.51
CA LEU A 146 9.64 6.54 -6.37
C LEU A 146 9.91 5.75 -7.64
N GLU A 147 11.15 5.74 -8.13
CA GLU A 147 11.50 5.28 -9.46
C GLU A 147 11.07 3.83 -9.71
N ASP A 148 11.10 2.95 -8.71
CA ASP A 148 10.65 1.57 -8.89
C ASP A 148 9.15 1.49 -9.20
N ILE A 149 8.37 2.53 -8.90
CA ILE A 149 6.96 2.58 -9.22
C ILE A 149 6.87 3.09 -10.66
N LEU A 150 7.51 4.22 -10.99
CA LEU A 150 7.46 4.81 -12.33
C LEU A 150 7.94 3.83 -13.40
N ASN A 151 8.86 2.94 -13.06
CA ASN A 151 9.45 1.98 -13.97
C ASN A 151 8.81 0.60 -13.84
N PHE A 152 7.69 0.47 -13.11
CA PHE A 152 6.93 -0.76 -12.95
C PHE A 152 7.82 -1.92 -12.53
N GLN A 153 8.73 -1.69 -11.58
CA GLN A 153 9.65 -2.73 -11.17
C GLN A 153 9.01 -3.47 -10.01
N VAL A 154 9.12 -4.79 -9.99
CA VAL A 154 8.77 -5.64 -8.85
C VAL A 154 10.04 -6.40 -8.52
N ARG A 155 10.81 -5.88 -7.55
CA ARG A 155 11.97 -6.55 -6.97
C ARG A 155 11.78 -6.64 -5.47
N PRO A 156 12.39 -7.64 -4.81
CA PRO A 156 12.43 -7.69 -3.36
C PRO A 156 13.20 -6.48 -2.82
N THR A 157 12.90 -6.09 -1.60
CA THR A 157 13.68 -5.10 -0.88
C THR A 157 15.04 -5.70 -0.43
N PRO A 158 16.05 -4.88 -0.09
CA PRO A 158 17.37 -5.39 0.28
C PRO A 158 17.32 -6.18 1.59
N HIS A 159 16.50 -5.75 2.55
CA HIS A 159 16.30 -6.40 3.85
C HIS A 159 15.45 -7.68 3.71
N PHE A 160 14.86 -7.97 2.54
CA PHE A 160 14.23 -9.27 2.30
C PHE A 160 15.31 -10.31 2.00
N LEU A 161 16.17 -10.03 1.01
CA LEU A 161 17.14 -10.98 0.45
C LEU A 161 18.11 -11.55 1.47
N GLU A 162 18.30 -10.88 2.60
CA GLU A 162 19.14 -11.33 3.69
C GLU A 162 18.66 -12.64 4.34
N ASN A 163 17.34 -12.90 4.30
CA ASN A 163 16.70 -14.07 4.90
C ASN A 163 15.87 -14.85 3.87
N GLU A 164 16.23 -16.12 3.66
CA GLU A 164 15.51 -17.06 2.83
C GLU A 164 14.02 -17.12 3.16
N ASP A 165 13.63 -17.07 4.45
CA ASP A 165 12.21 -17.16 4.83
C ASP A 165 11.45 -15.92 4.34
N ARG A 166 12.11 -14.75 4.36
CA ARG A 166 11.48 -13.57 3.82
C ARG A 166 11.28 -13.72 2.32
N MET A 167 12.29 -14.26 1.62
CA MET A 167 12.24 -14.43 0.18
C MET A 167 11.15 -15.41 -0.21
N GLU A 168 10.93 -16.47 0.57
CA GLU A 168 9.90 -17.46 0.35
C GLU A 168 8.52 -16.81 0.32
N LEU A 169 8.23 -15.94 1.28
CA LEU A 169 6.97 -15.19 1.33
C LEU A 169 6.78 -14.36 0.07
N TYR A 170 7.83 -13.66 -0.37
CA TYR A 170 7.76 -12.80 -1.54
C TYR A 170 7.38 -13.66 -2.73
N GLN A 171 8.18 -14.69 -3.00
CA GLN A 171 8.06 -15.63 -4.09
C GLN A 171 6.67 -16.25 -4.13
N THR A 172 6.30 -16.89 -3.01
CA THR A 172 5.08 -17.69 -2.94
C THR A 172 3.86 -16.82 -3.23
N ARG A 173 3.84 -15.57 -2.75
CA ARG A 173 2.68 -14.69 -2.91
C ARG A 173 2.76 -13.90 -4.23
N LEU A 174 3.93 -13.76 -4.83
CA LEU A 174 4.20 -13.01 -6.05
C LEU A 174 3.53 -13.65 -7.25
N SER A 175 3.84 -14.89 -7.59
CA SER A 175 3.29 -15.49 -8.82
C SER A 175 1.79 -15.79 -8.70
N LYS A 176 1.19 -15.66 -7.51
CA LYS A 176 -0.25 -15.76 -7.33
C LYS A 176 -0.85 -14.34 -7.29
N LYS A 177 -0.48 -13.54 -8.29
CA LYS A 177 -1.00 -12.22 -8.58
C LYS A 177 -1.22 -12.14 -10.09
N ASN A 178 -1.88 -11.08 -10.54
CA ASN A 178 -2.21 -10.79 -11.93
C ASN A 178 -1.63 -9.41 -12.28
N TRP A 179 -0.36 -9.20 -11.93
CA TRP A 179 0.38 -7.96 -12.09
C TRP A 179 0.54 -7.64 -13.58
N GLN A 180 1.31 -8.48 -14.26
CA GLN A 180 1.63 -8.36 -15.68
C GLN A 180 0.41 -8.56 -16.60
N GLU A 181 -0.74 -8.91 -16.03
CA GLU A 181 -1.99 -9.02 -16.78
C GLU A 181 -2.63 -7.64 -16.92
N LYS A 182 -2.85 -6.94 -15.80
CA LYS A 182 -3.51 -5.64 -15.80
C LYS A 182 -2.65 -4.56 -16.43
N TRP A 183 -1.34 -4.71 -16.32
CA TRP A 183 -0.41 -3.64 -16.56
C TRP A 183 0.68 -4.18 -17.46
N LYS A 184 0.51 -3.97 -18.77
CA LYS A 184 1.36 -4.47 -19.85
C LYS A 184 2.85 -4.16 -19.73
N ASN A 185 3.29 -3.29 -18.82
CA ASN A 185 4.69 -2.91 -18.67
C ASN A 185 5.33 -3.50 -17.41
N LEU A 186 4.65 -4.39 -16.69
CA LEU A 186 5.11 -4.83 -15.38
C LEU A 186 6.40 -5.63 -15.48
N ILE A 187 7.49 -5.09 -14.93
CA ILE A 187 8.78 -5.76 -14.83
C ILE A 187 8.82 -6.57 -13.55
N PHE A 188 9.30 -7.81 -13.67
CA PHE A 188 9.48 -8.75 -12.59
C PHE A 188 10.98 -8.98 -12.41
N LYS A 189 11.41 -8.99 -11.16
CA LYS A 189 12.79 -9.22 -10.77
C LYS A 189 12.88 -9.99 -9.46
N ASN A 190 14.04 -10.59 -9.22
CA ASN A 190 14.42 -11.28 -7.99
C ASN A 190 15.46 -10.51 -7.17
N THR A 191 15.81 -9.31 -7.60
CA THR A 191 16.74 -8.31 -7.07
C THR A 191 16.70 -7.26 -8.19
N GLY A 1 -3.81 18.59 -17.41
CA GLY A 1 -4.75 17.54 -17.80
C GLY A 1 -4.07 16.19 -17.68
N MET A 2 -4.66 15.27 -16.93
CA MET A 2 -4.09 13.99 -16.57
C MET A 2 -3.72 13.16 -17.82
N ASN A 3 -2.46 13.19 -18.23
CA ASN A 3 -1.81 12.25 -19.15
C ASN A 3 -0.30 12.43 -19.21
N THR A 4 0.19 13.68 -19.14
CA THR A 4 1.61 14.02 -19.22
C THR A 4 2.26 13.91 -17.84
N VAL A 5 2.31 12.69 -17.30
CA VAL A 5 2.77 12.41 -15.96
C VAL A 5 3.89 11.38 -16.00
N LYS A 6 5.10 11.81 -15.64
CA LYS A 6 6.31 10.99 -15.56
C LYS A 6 7.05 11.19 -14.24
N ASN A 7 6.49 11.95 -13.31
CA ASN A 7 7.07 12.28 -12.00
C ASN A 7 5.99 12.47 -10.95
N LYS A 8 6.43 12.45 -9.70
CA LYS A 8 5.60 12.30 -8.51
C LYS A 8 4.53 13.39 -8.43
N GLN A 9 4.95 14.63 -8.69
CA GLN A 9 4.09 15.81 -8.57
C GLN A 9 2.88 15.68 -9.49
N GLU A 10 3.14 15.32 -10.75
CA GLU A 10 2.15 15.20 -11.80
C GLU A 10 1.11 14.12 -11.45
N ILE A 11 1.48 13.11 -10.65
CA ILE A 11 0.58 12.11 -10.08
C ILE A 11 -0.23 12.71 -8.94
N LEU A 12 0.45 13.36 -7.99
CA LEU A 12 -0.11 13.88 -6.74
C LEU A 12 -1.25 14.86 -7.01
N GLU A 13 -1.14 15.64 -8.09
CA GLU A 13 -2.19 16.54 -8.54
C GLU A 13 -3.46 15.73 -8.87
N ALA A 14 -3.33 14.65 -9.63
CA ALA A 14 -4.49 13.90 -10.11
C ALA A 14 -5.21 13.23 -8.93
N PHE A 15 -4.48 12.86 -7.88
CA PHE A 15 -5.09 12.42 -6.62
C PHE A 15 -6.05 13.48 -6.11
N ARG A 16 -5.53 14.68 -5.88
CA ARG A 16 -6.29 15.75 -5.24
C ARG A 16 -7.47 16.15 -6.12
N GLU A 17 -7.26 16.18 -7.43
CA GLU A 17 -8.30 16.47 -8.41
C GLU A 17 -9.47 15.46 -8.35
N SER A 18 -9.27 14.27 -7.78
CA SER A 18 -10.31 13.25 -7.67
C SER A 18 -11.15 13.44 -6.41
N PRO A 19 -12.48 13.52 -6.55
CA PRO A 19 -13.40 13.47 -5.42
C PRO A 19 -13.37 12.11 -4.74
N ASP A 20 -13.19 11.04 -5.52
CA ASP A 20 -13.19 9.65 -5.06
C ASP A 20 -11.94 9.38 -4.23
N MET A 21 -10.76 9.70 -4.76
CA MET A 21 -9.52 9.48 -4.04
C MET A 21 -9.49 10.32 -2.75
N MET A 22 -9.95 11.58 -2.84
CA MET A 22 -10.07 12.43 -1.68
C MET A 22 -11.02 11.84 -0.62
N ALA A 23 -12.13 11.24 -1.03
CA ALA A 23 -13.04 10.57 -0.09
C ALA A 23 -12.27 9.50 0.68
N ILE A 24 -11.64 8.55 -0.02
CA ILE A 24 -10.89 7.46 0.59
C ILE A 24 -9.92 7.97 1.65
N LEU A 25 -9.11 8.96 1.30
CA LEU A 25 -8.08 9.46 2.21
C LEU A 25 -8.69 10.14 3.44
N THR A 26 -9.79 10.86 3.28
CA THR A 26 -10.53 11.41 4.40
C THR A 26 -11.11 10.28 5.29
N ILE A 27 -11.66 9.23 4.69
CA ILE A 27 -12.27 8.13 5.42
C ILE A 27 -11.25 7.48 6.35
N ILE A 28 -10.05 7.14 5.84
CA ILE A 28 -9.04 6.45 6.63
C ILE A 28 -8.55 7.34 7.78
N ARG A 29 -8.28 8.63 7.53
CA ARG A 29 -7.75 9.52 8.57
C ARG A 29 -8.69 9.63 9.77
N ASP A 30 -9.99 9.57 9.52
CA ASP A 30 -11.06 9.87 10.44
C ASP A 30 -11.42 8.70 11.35
N LEU A 31 -10.83 7.52 11.08
CA LEU A 31 -11.03 6.28 11.83
C LEU A 31 -10.69 6.41 13.33
N GLY A 32 -9.92 7.43 13.71
CA GLY A 32 -9.51 7.66 15.09
C GLY A 32 -8.58 6.57 15.64
N LEU A 33 -8.15 5.65 14.76
CA LEU A 33 -7.13 4.67 15.05
C LEU A 33 -5.80 5.40 15.09
N LYS A 34 -4.89 4.88 15.91
CA LYS A 34 -3.60 5.46 16.17
C LYS A 34 -2.67 5.02 15.04
N ASP A 35 -2.10 5.99 14.33
CA ASP A 35 -1.07 5.77 13.32
C ASP A 35 -1.48 4.92 12.12
N SER A 36 -2.77 4.65 11.92
CA SER A 36 -3.25 4.00 10.72
C SER A 36 -3.08 4.96 9.54
N TRP A 37 -2.42 4.55 8.46
CA TRP A 37 -2.39 5.35 7.25
C TRP A 37 -2.39 4.43 6.03
N LEU A 38 -2.95 4.93 4.93
CA LEU A 38 -3.18 4.19 3.71
C LEU A 38 -1.82 3.84 3.11
N ALA A 39 -1.64 2.57 2.71
CA ALA A 39 -0.36 2.06 2.22
C ALA A 39 -0.59 1.30 0.93
N ALA A 40 0.54 0.93 0.33
CA ALA A 40 0.61 -0.22 -0.54
C ALA A 40 -0.43 -0.12 -1.65
N GLY A 41 -0.91 -1.23 -2.19
CA GLY A 41 -2.32 -1.36 -2.58
C GLY A 41 -2.92 -0.17 -3.31
N SER A 42 -3.68 0.67 -2.59
CA SER A 42 -4.37 1.83 -3.12
C SER A 42 -3.38 2.83 -3.71
N VAL A 43 -2.34 3.15 -2.92
CA VAL A 43 -1.29 4.10 -3.27
C VAL A 43 -0.68 3.63 -4.59
N ARG A 44 -0.31 2.34 -4.67
CA ARG A 44 0.27 1.78 -5.88
C ARG A 44 -0.74 1.78 -7.01
N ASN A 45 -2.03 1.52 -6.76
CA ASN A 45 -3.07 1.39 -7.77
C ASN A 45 -3.27 2.71 -8.51
N PHE A 46 -3.50 3.81 -7.78
CA PHE A 46 -3.75 5.11 -8.42
C PHE A 46 -2.53 5.55 -9.23
N ILE A 47 -1.35 5.05 -8.89
CA ILE A 47 -0.13 5.38 -9.59
C ILE A 47 -0.01 4.47 -10.82
N TRP A 48 0.18 3.17 -10.65
CA TRP A 48 0.48 2.25 -11.76
C TRP A 48 -0.52 2.34 -12.91
N ASN A 49 -1.81 2.52 -12.60
CA ASN A 49 -2.82 2.74 -13.62
C ASN A 49 -2.55 4.02 -14.43
N LEU A 50 -2.25 5.11 -13.74
CA LEU A 50 -2.03 6.44 -14.31
C LEU A 50 -0.99 6.40 -15.43
N LEU A 51 0.26 5.99 -15.17
CA LEU A 51 1.29 5.89 -16.20
C LEU A 51 0.96 4.91 -17.34
N SER A 52 -0.11 4.13 -17.23
CA SER A 52 -0.50 3.11 -18.21
C SER A 52 -1.79 3.48 -18.93
N ASP A 53 -2.29 4.72 -18.75
CA ASP A 53 -3.51 5.30 -19.33
C ASP A 53 -4.80 4.52 -19.02
N LYS A 54 -4.73 3.71 -17.97
CA LYS A 54 -5.78 2.92 -17.33
C LYS A 54 -6.73 3.86 -16.59
N SER A 55 -7.53 3.27 -15.71
CA SER A 55 -8.39 3.96 -14.78
C SER A 55 -7.81 3.93 -13.36
N PRO A 56 -6.94 4.90 -13.01
CA PRO A 56 -6.47 5.08 -11.63
C PRO A 56 -7.62 5.39 -10.67
N PHE A 57 -8.67 6.04 -11.20
CA PHE A 57 -9.87 6.38 -10.46
C PHE A 57 -10.82 5.20 -10.55
N ASP A 58 -10.38 4.09 -10.00
CA ASP A 58 -11.19 2.94 -9.72
C ASP A 58 -11.13 2.71 -8.22
N HIS A 59 -12.29 2.76 -7.57
CA HIS A 59 -12.40 2.43 -6.17
C HIS A 59 -12.67 0.94 -5.95
N GLU A 60 -12.83 0.13 -7.00
CA GLU A 60 -13.10 -1.30 -6.92
C GLU A 60 -11.81 -2.12 -6.77
N THR A 61 -10.80 -1.55 -6.12
CA THR A 61 -9.48 -2.14 -5.85
C THR A 61 -9.25 -2.25 -4.33
N ASP A 62 -8.18 -2.94 -3.92
CA ASP A 62 -7.83 -3.22 -2.53
C ASP A 62 -7.09 -2.05 -1.86
N ILE A 63 -7.32 -1.85 -0.56
CA ILE A 63 -7.05 -0.62 0.18
C ILE A 63 -6.38 -0.99 1.49
N ASP A 64 -5.05 -0.98 1.51
CA ASP A 64 -4.26 -1.42 2.67
C ASP A 64 -4.43 -0.45 3.84
N VAL A 65 -4.96 -0.91 4.97
CA VAL A 65 -5.13 -0.13 6.17
C VAL A 65 -4.33 -0.78 7.30
N ILE A 66 -3.02 -0.61 7.27
CA ILE A 66 -2.16 -1.06 8.35
C ILE A 66 -2.34 -0.14 9.54
N PHE A 67 -2.20 -0.68 10.75
CA PHE A 67 -2.24 0.10 11.98
C PHE A 67 -1.45 -0.60 13.09
N PHE A 68 -1.08 0.18 14.12
CA PHE A 68 -0.39 -0.22 15.33
C PHE A 68 -1.38 0.02 16.47
N ASP A 69 -2.01 -1.04 17.00
CA ASP A 69 -2.77 -0.92 18.25
C ASP A 69 -2.57 -2.17 19.12
N PRO A 70 -1.53 -2.20 19.96
CA PRO A 70 -1.21 -3.34 20.80
C PRO A 70 -2.18 -3.53 21.96
N ASP A 71 -3.12 -2.60 22.14
CA ASP A 71 -4.09 -2.65 23.23
C ASP A 71 -5.53 -2.84 22.73
N PHE A 72 -5.70 -3.08 21.43
CA PHE A 72 -6.98 -3.38 20.80
C PHE A 72 -7.09 -4.89 20.68
N SER A 73 -8.11 -5.50 21.27
CA SER A 73 -8.27 -6.95 21.25
C SER A 73 -8.26 -7.47 19.82
N TYR A 74 -7.84 -8.73 19.65
CA TYR A 74 -7.85 -9.39 18.37
C TYR A 74 -9.24 -9.30 17.75
N GLU A 75 -10.26 -9.66 18.52
CA GLU A 75 -11.62 -9.66 18.02
C GLU A 75 -12.12 -8.23 17.74
N GLU A 76 -11.68 -7.23 18.50
CA GLU A 76 -12.04 -5.83 18.25
C GLU A 76 -11.59 -5.44 16.84
N THR A 77 -10.43 -5.96 16.40
CA THR A 77 -9.91 -5.74 15.05
C THR A 77 -10.91 -6.28 14.04
N LEU A 78 -11.35 -7.54 14.18
CA LEU A 78 -12.25 -8.19 13.24
C LEU A 78 -13.62 -7.52 13.20
N LEU A 79 -14.09 -7.07 14.35
CA LEU A 79 -15.30 -6.27 14.47
C LEU A 79 -15.17 -4.98 13.68
N LEU A 80 -14.01 -4.35 13.77
CA LEU A 80 -13.72 -3.13 13.06
C LEU A 80 -13.79 -3.35 11.55
N GLU A 81 -13.19 -4.44 11.11
CA GLU A 81 -13.16 -4.85 9.71
C GLU A 81 -14.59 -4.91 9.17
N LYS A 82 -15.47 -5.66 9.85
CA LYS A 82 -16.84 -5.82 9.36
C LYS A 82 -17.55 -4.47 9.33
N LYS A 83 -17.25 -3.58 10.29
CA LYS A 83 -17.82 -2.25 10.36
C LYS A 83 -17.37 -1.43 9.16
N LEU A 84 -16.08 -1.37 8.85
CA LEU A 84 -15.56 -0.68 7.65
C LEU A 84 -16.27 -1.19 6.40
N ARG A 85 -16.48 -2.51 6.33
CA ARG A 85 -17.17 -3.15 5.22
C ARG A 85 -18.62 -2.67 5.15
N GLU A 86 -19.34 -2.66 6.27
CA GLU A 86 -20.70 -2.16 6.32
C GLU A 86 -20.80 -0.67 5.98
N ASP A 87 -19.84 0.14 6.41
CA ASP A 87 -19.92 1.60 6.39
C ASP A 87 -19.97 2.09 4.95
N PHE A 88 -19.08 1.54 4.13
CA PHE A 88 -18.85 1.93 2.76
C PHE A 88 -18.70 0.66 1.91
N PRO A 89 -19.78 -0.07 1.62
CA PRO A 89 -19.72 -1.39 1.01
C PRO A 89 -19.03 -1.45 -0.37
N GLN A 90 -18.82 -0.28 -0.98
CA GLN A 90 -18.18 -0.07 -2.28
C GLN A 90 -16.65 -0.21 -2.28
N TYR A 91 -16.00 -0.22 -1.10
CA TYR A 91 -14.55 -0.19 -0.97
C TYR A 91 -14.03 -1.53 -0.39
N GLN A 92 -12.71 -1.70 -0.29
CA GLN A 92 -12.03 -2.91 0.14
C GLN A 92 -10.93 -2.62 1.17
N TRP A 93 -11.34 -2.27 2.37
CA TRP A 93 -10.48 -1.96 3.51
C TRP A 93 -9.83 -3.24 4.01
N GLU A 94 -8.50 -3.31 3.99
CA GLU A 94 -7.70 -4.42 4.51
C GLU A 94 -7.14 -3.95 5.86
N LEU A 95 -7.91 -4.10 6.94
CA LEU A 95 -7.47 -3.59 8.24
C LEU A 95 -6.46 -4.57 8.82
N LYS A 96 -5.21 -4.14 9.04
CA LYS A 96 -4.15 -5.07 9.39
C LYS A 96 -3.34 -4.63 10.59
N ASN A 97 -3.62 -5.26 11.73
CA ASN A 97 -2.94 -4.98 12.99
C ASN A 97 -1.56 -5.63 12.94
N GLN A 98 -0.58 -4.85 12.53
CA GLN A 98 0.83 -5.21 12.44
C GLN A 98 1.40 -5.76 13.76
N VAL A 99 0.81 -5.44 14.91
CA VAL A 99 1.21 -6.01 16.20
C VAL A 99 1.15 -7.54 16.16
N TYR A 100 0.21 -8.09 15.39
CA TYR A 100 -0.09 -9.51 15.32
C TYR A 100 0.56 -10.13 14.06
N MET A 101 1.47 -9.41 13.42
CA MET A 101 2.25 -9.86 12.27
C MET A 101 3.36 -10.81 12.75
N HIS A 102 2.97 -12.00 13.21
CA HIS A 102 3.86 -12.98 13.86
C HIS A 102 3.74 -14.38 13.23
N GLN A 103 3.09 -14.45 12.07
CA GLN A 103 2.68 -15.66 11.38
C GLN A 103 2.71 -15.47 9.85
N HIS A 104 3.34 -14.40 9.35
CA HIS A 104 3.29 -13.96 7.96
C HIS A 104 4.64 -14.12 7.25
N SER A 105 5.75 -14.20 7.98
CA SER A 105 7.09 -14.43 7.41
C SER A 105 7.94 -15.33 8.31
N PRO A 106 8.95 -16.02 7.76
CA PRO A 106 9.56 -17.19 8.42
C PRO A 106 10.42 -16.87 9.64
N HIS A 107 10.95 -15.65 9.68
CA HIS A 107 11.86 -15.15 10.71
C HIS A 107 11.58 -13.69 11.05
N THR A 108 10.56 -13.10 10.43
CA THR A 108 10.37 -11.66 10.32
C THR A 108 9.00 -11.44 10.95
N ALA A 109 8.97 -11.00 12.22
CA ALA A 109 7.83 -11.21 13.09
C ALA A 109 7.67 -10.14 14.16
N SER A 110 7.88 -8.89 13.77
CA SER A 110 7.71 -7.66 14.55
C SER A 110 8.20 -6.47 13.70
N TYR A 111 7.90 -5.24 14.09
CA TYR A 111 8.37 -4.00 13.46
C TYR A 111 8.83 -3.05 14.56
N THR A 112 9.14 -1.80 14.22
CA THR A 112 9.24 -0.74 15.22
C THR A 112 7.99 0.14 15.14
N SER A 113 7.65 0.67 13.97
CA SER A 113 6.63 1.70 13.81
C SER A 113 6.04 1.60 12.39
N SER A 114 4.99 2.36 12.10
CA SER A 114 4.18 2.25 10.89
C SER A 114 5.03 2.28 9.62
N ARG A 115 5.96 3.25 9.54
CA ARG A 115 6.88 3.37 8.41
C ARG A 115 7.73 2.10 8.25
N ASP A 116 8.26 1.55 9.34
CA ASP A 116 9.13 0.38 9.30
C ASP A 116 8.42 -0.84 8.69
N ALA A 117 7.13 -1.02 8.99
CA ALA A 117 6.34 -2.10 8.43
C ALA A 117 6.26 -2.00 6.90
N MET A 118 6.08 -0.79 6.33
CA MET A 118 6.09 -0.61 4.87
C MET A 118 7.39 -1.09 4.27
N SER A 119 8.53 -0.65 4.81
CA SER A 119 9.83 -0.99 4.26
C SER A 119 10.20 -2.48 4.47
N LYS A 120 9.32 -3.29 5.07
CA LYS A 120 9.47 -4.74 5.15
C LYS A 120 8.50 -5.50 4.23
N TYR A 121 7.68 -4.82 3.41
CA TYR A 121 6.79 -5.47 2.44
C TYR A 121 7.59 -6.33 1.44
N PRO A 122 6.92 -7.25 0.72
CA PRO A 122 7.56 -8.12 -0.27
C PRO A 122 8.26 -7.33 -1.37
N GLU A 123 7.76 -6.16 -1.79
CA GLU A 123 8.37 -5.44 -2.91
C GLU A 123 8.50 -3.95 -2.64
N ARG A 124 9.55 -3.33 -3.20
CA ARG A 124 9.86 -1.91 -3.16
C ARG A 124 8.62 -1.09 -3.54
N CYS A 125 7.97 -1.44 -4.65
CA CYS A 125 6.84 -0.69 -5.15
C CYS A 125 5.63 -0.76 -4.22
N THR A 126 5.42 -1.85 -3.46
CA THR A 126 4.35 -1.91 -2.47
C THR A 126 4.77 -1.24 -1.15
N ALA A 127 6.07 -1.09 -0.90
CA ALA A 127 6.62 -0.43 0.27
C ALA A 127 6.46 1.10 0.16
N VAL A 128 5.22 1.58 0.20
CA VAL A 128 4.89 3.00 0.06
C VAL A 128 3.67 3.34 0.91
N GLY A 129 3.55 4.62 1.28
CA GLY A 129 2.41 5.18 2.00
C GLY A 129 2.09 6.57 1.45
N LEU A 130 0.82 6.99 1.56
CA LEU A 130 0.29 8.24 1.00
C LEU A 130 -0.95 8.59 1.82
N ARG A 131 -0.93 9.69 2.58
CA ARG A 131 -2.05 10.13 3.43
C ARG A 131 -2.08 11.66 3.48
N LEU A 132 -3.19 12.27 3.91
CA LEU A 132 -3.22 13.68 4.26
C LEU A 132 -2.52 13.85 5.61
N ASN A 133 -2.02 15.04 5.90
CA ASN A 133 -1.55 15.42 7.24
C ASN A 133 -2.46 16.49 7.80
N GLU A 134 -2.05 17.09 8.91
CA GLU A 134 -2.77 18.17 9.58
C GLU A 134 -2.88 19.45 8.74
N GLU A 135 -2.10 19.58 7.67
CA GLU A 135 -2.20 20.70 6.73
C GLU A 135 -2.98 20.30 5.47
N LEU A 136 -3.51 19.06 5.42
CA LEU A 136 -4.13 18.43 4.26
C LEU A 136 -3.18 18.42 3.06
N ASP A 137 -1.93 18.01 3.28
CA ASP A 137 -0.86 17.88 2.30
C ASP A 137 -0.86 16.47 1.68
N PHE A 138 0.23 16.10 1.01
CA PHE A 138 0.49 14.76 0.50
C PHE A 138 1.63 14.15 1.30
N GLU A 139 1.35 13.46 2.40
CA GLU A 139 2.36 12.65 3.07
C GLU A 139 2.87 11.61 2.07
N LEU A 140 4.13 11.23 2.17
CA LEU A 140 4.77 10.22 1.35
C LEU A 140 5.60 9.33 2.28
N TYR A 141 6.01 8.16 1.81
CA TYR A 141 7.21 7.48 2.29
C TYR A 141 7.69 6.55 1.19
N VAL A 142 8.92 6.74 0.74
CA VAL A 142 9.61 5.99 -0.30
C VAL A 142 11.09 5.84 0.11
N PRO A 143 11.41 5.15 1.22
CA PRO A 143 12.76 5.09 1.80
C PRO A 143 13.79 4.35 0.95
N TYR A 144 13.36 3.78 -0.17
CA TYR A 144 14.20 3.12 -1.15
C TYR A 144 14.20 3.89 -2.49
N GLY A 145 13.17 4.68 -2.79
CA GLY A 145 13.07 5.55 -3.96
C GLY A 145 11.74 5.36 -4.69
N LEU A 146 11.24 6.41 -5.33
CA LEU A 146 9.93 6.42 -5.97
C LEU A 146 9.97 5.89 -7.38
N GLU A 147 11.09 6.03 -8.07
CA GLU A 147 11.22 5.59 -9.43
C GLU A 147 10.92 4.11 -9.65
N ASP A 148 11.11 3.27 -8.63
CA ASP A 148 10.76 1.85 -8.73
C ASP A 148 9.29 1.70 -9.08
N ILE A 149 8.42 2.54 -8.51
CA ILE A 149 7.01 2.50 -8.84
C ILE A 149 6.84 2.98 -10.29
N LEU A 150 7.42 4.13 -10.65
CA LEU A 150 7.21 4.72 -11.99
C LEU A 150 7.73 3.82 -13.11
N ASN A 151 8.80 3.08 -12.84
CA ASN A 151 9.44 2.15 -13.76
C ASN A 151 8.82 0.75 -13.63
N PHE A 152 7.77 0.59 -12.82
CA PHE A 152 7.07 -0.66 -12.57
C PHE A 152 8.06 -1.78 -12.22
N GLN A 153 9.01 -1.50 -11.34
CA GLN A 153 10.07 -2.41 -10.94
C GLN A 153 9.60 -3.18 -9.71
N VAL A 154 9.06 -4.37 -9.93
CA VAL A 154 8.74 -5.28 -8.85
C VAL A 154 10.06 -5.94 -8.45
N ARG A 155 10.69 -5.43 -7.40
CA ARG A 155 11.94 -5.93 -6.86
C ARG A 155 11.81 -6.01 -5.34
N PRO A 156 12.47 -6.96 -4.67
CA PRO A 156 12.27 -7.20 -3.24
C PRO A 156 12.78 -6.02 -2.41
N THR A 157 12.39 -5.91 -1.15
CA THR A 157 13.03 -4.97 -0.23
C THR A 157 14.34 -5.57 0.29
N PRO A 158 15.31 -4.78 0.78
CA PRO A 158 16.52 -5.33 1.41
C PRO A 158 16.20 -6.15 2.67
N HIS A 159 15.05 -5.92 3.31
CA HIS A 159 14.53 -6.70 4.42
C HIS A 159 13.93 -8.04 3.97
N PHE A 160 14.02 -8.39 2.69
CA PHE A 160 13.79 -9.73 2.21
C PHE A 160 15.11 -10.47 2.06
N LEU A 161 16.10 -9.86 1.41
CA LEU A 161 17.38 -10.51 1.05
C LEU A 161 18.24 -10.87 2.27
N GLU A 162 17.86 -10.42 3.46
CA GLU A 162 18.55 -10.74 4.71
C GLU A 162 18.38 -12.20 5.14
N ASN A 163 17.20 -12.78 4.85
CA ASN A 163 16.73 -14.02 5.47
C ASN A 163 16.29 -14.95 4.35
N GLU A 164 17.08 -15.97 4.02
CA GLU A 164 16.92 -16.72 2.77
C GLU A 164 15.56 -17.40 2.68
N ASP A 165 14.99 -17.83 3.81
CA ASP A 165 13.64 -18.40 3.82
C ASP A 165 12.62 -17.36 3.35
N ARG A 166 12.88 -16.07 3.59
CA ARG A 166 12.05 -14.97 3.13
C ARG A 166 12.30 -14.66 1.64
N MET A 167 13.51 -14.86 1.09
CA MET A 167 13.70 -14.77 -0.36
C MET A 167 12.85 -15.84 -1.04
N GLU A 168 12.84 -17.06 -0.51
CA GLU A 168 11.98 -18.12 -1.01
C GLU A 168 10.51 -17.73 -0.84
N LEU A 169 10.12 -17.14 0.31
CA LEU A 169 8.75 -16.65 0.52
C LEU A 169 8.31 -15.73 -0.60
N TYR A 170 9.18 -14.79 -1.00
CA TYR A 170 8.87 -13.81 -2.02
C TYR A 170 8.40 -14.53 -3.27
N GLN A 171 9.21 -15.47 -3.74
CA GLN A 171 9.05 -16.24 -4.96
C GLN A 171 7.79 -17.12 -4.84
N THR A 172 7.70 -17.89 -3.76
CA THR A 172 6.63 -18.83 -3.46
C THR A 172 5.27 -18.10 -3.34
N ARG A 173 5.26 -16.81 -3.01
CA ARG A 173 4.05 -15.99 -2.87
C ARG A 173 3.97 -14.89 -3.94
N LEU A 174 4.79 -15.00 -4.99
CA LEU A 174 4.66 -14.23 -6.22
C LEU A 174 3.97 -15.14 -7.23
N SER A 175 4.68 -16.17 -7.70
CA SER A 175 4.37 -17.04 -8.82
C SER A 175 4.27 -16.23 -10.12
N LYS A 176 3.23 -15.41 -10.24
CA LYS A 176 3.07 -14.42 -11.30
C LYS A 176 2.21 -13.22 -10.87
N LYS A 177 1.29 -13.39 -9.91
CA LYS A 177 0.49 -12.32 -9.29
C LYS A 177 -0.31 -11.47 -10.29
N ASN A 178 -0.48 -11.97 -11.52
CA ASN A 178 -0.96 -11.26 -12.71
C ASN A 178 -0.32 -9.89 -12.99
N TRP A 179 0.79 -9.51 -12.33
CA TRP A 179 1.26 -8.12 -12.35
C TRP A 179 1.46 -7.61 -13.78
N GLN A 180 2.18 -8.37 -14.59
CA GLN A 180 2.43 -8.06 -15.99
C GLN A 180 1.17 -8.12 -16.85
N GLU A 181 0.17 -8.94 -16.52
CA GLU A 181 -0.99 -9.13 -17.39
C GLU A 181 -1.87 -7.89 -17.44
N LYS A 182 -1.87 -7.08 -16.37
CA LYS A 182 -2.74 -5.91 -16.28
C LYS A 182 -2.12 -4.68 -16.91
N TRP A 183 -0.81 -4.48 -16.78
CA TRP A 183 -0.16 -3.25 -17.21
C TRP A 183 0.90 -3.45 -18.25
N LYS A 184 1.12 -4.68 -18.71
CA LYS A 184 2.04 -5.15 -19.76
C LYS A 184 3.49 -4.71 -19.57
N ASN A 185 3.72 -3.83 -18.60
CA ASN A 185 4.99 -3.10 -18.47
C ASN A 185 5.64 -3.36 -17.12
N LEU A 186 5.31 -4.47 -16.46
CA LEU A 186 5.90 -4.79 -15.18
C LEU A 186 7.20 -5.51 -15.40
N ILE A 187 8.19 -5.05 -14.67
CA ILE A 187 9.49 -5.66 -14.57
C ILE A 187 9.46 -6.44 -13.28
N PHE A 188 9.99 -7.65 -13.31
CA PHE A 188 10.24 -8.45 -12.13
C PHE A 188 11.76 -8.51 -11.97
N LYS A 189 12.23 -8.46 -10.74
CA LYS A 189 13.64 -8.51 -10.38
C LYS A 189 13.77 -9.28 -9.06
N ASN A 190 14.99 -9.42 -8.58
CA ASN A 190 15.34 -10.13 -7.36
C ASN A 190 16.31 -9.33 -6.50
N THR A 191 16.65 -8.09 -6.87
CA THR A 191 17.52 -7.22 -6.07
C THR A 191 16.95 -5.81 -6.07
N GLY A 1 -4.39 18.74 -17.11
CA GLY A 1 -4.05 17.91 -18.27
C GLY A 1 -3.30 16.68 -17.82
N MET A 2 -4.02 15.66 -17.33
CA MET A 2 -3.42 14.54 -16.63
C MET A 2 -2.89 13.47 -17.59
N ASN A 3 -1.65 13.63 -18.09
CA ASN A 3 -0.92 12.55 -18.76
C ASN A 3 0.59 12.64 -18.54
N THR A 4 1.22 13.82 -18.65
CA THR A 4 2.69 13.92 -18.75
C THR A 4 3.43 13.76 -17.40
N VAL A 5 3.05 12.80 -16.57
CA VAL A 5 3.63 12.56 -15.26
C VAL A 5 4.83 11.62 -15.38
N LYS A 6 5.98 12.02 -14.84
CA LYS A 6 7.12 11.12 -14.65
C LYS A 6 7.65 11.15 -13.22
N ASN A 7 6.95 11.82 -12.31
CA ASN A 7 7.45 12.29 -11.02
C ASN A 7 6.33 12.54 -10.04
N LYS A 8 6.69 12.49 -8.77
CA LYS A 8 5.84 12.67 -7.60
C LYS A 8 4.98 13.91 -7.70
N GLN A 9 5.56 15.08 -7.96
CA GLN A 9 4.77 16.31 -7.93
C GLN A 9 3.66 16.27 -8.99
N GLU A 10 3.98 15.81 -10.19
CA GLU A 10 3.00 15.62 -11.26
C GLU A 10 1.92 14.59 -10.91
N ILE A 11 2.29 13.51 -10.22
CA ILE A 11 1.33 12.56 -9.67
C ILE A 11 0.35 13.32 -8.79
N LEU A 12 0.78 13.89 -7.66
CA LEU A 12 -0.08 14.23 -6.51
C LEU A 12 -1.25 15.15 -6.80
N GLU A 13 -1.18 15.92 -7.88
CA GLU A 13 -2.30 16.71 -8.38
C GLU A 13 -3.50 15.83 -8.75
N ALA A 14 -3.28 14.61 -9.28
CA ALA A 14 -4.36 13.81 -9.87
C ALA A 14 -5.15 13.09 -8.78
N PHE A 15 -4.47 12.74 -7.68
CA PHE A 15 -5.11 12.30 -6.45
C PHE A 15 -6.21 13.30 -6.09
N ARG A 16 -5.82 14.58 -6.00
CA ARG A 16 -6.72 15.62 -5.53
C ARG A 16 -7.73 16.03 -6.60
N GLU A 17 -7.42 15.81 -7.88
CA GLU A 17 -8.38 15.98 -8.97
C GLU A 17 -9.56 15.01 -8.76
N SER A 18 -9.29 13.76 -8.38
CA SER A 18 -10.33 12.75 -8.25
C SER A 18 -11.07 12.88 -6.91
N PRO A 19 -12.42 12.93 -6.95
CA PRO A 19 -13.24 12.99 -5.75
C PRO A 19 -13.20 11.67 -4.98
N ASP A 20 -13.22 10.53 -5.67
CA ASP A 20 -13.25 9.21 -5.03
C ASP A 20 -11.94 8.94 -4.29
N MET A 21 -10.80 9.22 -4.92
CA MET A 21 -9.49 9.07 -4.28
C MET A 21 -9.43 9.93 -3.00
N MET A 22 -9.91 11.17 -3.09
CA MET A 22 -10.06 12.08 -1.96
C MET A 22 -10.97 11.52 -0.87
N ALA A 23 -12.08 10.86 -1.25
CA ALA A 23 -13.02 10.24 -0.32
C ALA A 23 -12.26 9.24 0.55
N ILE A 24 -11.69 8.21 -0.07
CA ILE A 24 -11.06 7.07 0.62
C ILE A 24 -10.08 7.60 1.67
N LEU A 25 -9.27 8.57 1.29
CA LEU A 25 -8.24 9.13 2.16
C LEU A 25 -8.82 9.90 3.35
N THR A 26 -9.89 10.66 3.12
CA THR A 26 -10.64 11.38 4.14
C THR A 26 -11.47 10.44 5.03
N ILE A 27 -11.85 9.26 4.56
CA ILE A 27 -12.51 8.26 5.38
C ILE A 27 -11.49 7.68 6.37
N ILE A 28 -10.35 7.20 5.86
CA ILE A 28 -9.42 6.42 6.68
C ILE A 28 -8.85 7.26 7.82
N ARG A 29 -8.56 8.54 7.56
CA ARG A 29 -8.10 9.46 8.61
C ARG A 29 -9.09 9.55 9.77
N ASP A 30 -10.39 9.53 9.46
CA ASP A 30 -11.52 9.80 10.36
C ASP A 30 -11.64 8.67 11.39
N LEU A 31 -11.08 7.50 11.07
CA LEU A 31 -11.14 6.33 11.93
C LEU A 31 -10.45 6.56 13.27
N GLY A 32 -9.59 7.59 13.37
CA GLY A 32 -8.83 7.91 14.56
C GLY A 32 -7.71 6.90 14.85
N LEU A 33 -7.55 5.89 13.98
CA LEU A 33 -6.71 4.74 14.29
C LEU A 33 -5.27 5.17 14.36
N LYS A 34 -4.65 4.87 15.49
CA LYS A 34 -3.29 5.29 15.78
C LYS A 34 -2.40 4.68 14.72
N ASP A 35 -1.50 5.49 14.17
CA ASP A 35 -0.40 5.07 13.31
C ASP A 35 -0.89 4.45 11.99
N SER A 36 -2.19 4.56 11.65
CA SER A 36 -2.79 3.98 10.45
C SER A 36 -2.52 4.84 9.22
N TRP A 37 -2.56 4.23 8.01
CA TRP A 37 -2.58 4.91 6.71
C TRP A 37 -2.52 3.93 5.53
N LEU A 38 -2.81 4.43 4.30
CA LEU A 38 -2.81 3.66 3.06
C LEU A 38 -1.38 3.44 2.61
N ALA A 39 -1.04 2.17 2.48
CA ALA A 39 0.31 1.71 2.19
C ALA A 39 0.28 0.50 1.30
N ALA A 40 1.05 0.51 0.21
CA ALA A 40 0.95 -0.43 -0.90
C ALA A 40 -0.44 -0.44 -1.55
N GLY A 41 -0.51 -0.96 -2.78
CA GLY A 41 -1.77 -1.36 -3.40
C GLY A 41 -2.72 -0.22 -3.75
N SER A 42 -3.35 0.34 -2.71
CA SER A 42 -4.18 1.51 -2.70
C SER A 42 -3.47 2.64 -3.43
N VAL A 43 -2.41 3.17 -2.84
CA VAL A 43 -1.85 4.45 -3.26
C VAL A 43 -1.24 4.19 -4.65
N ARG A 44 -0.68 3.00 -4.78
CA ARG A 44 -0.02 2.51 -5.98
C ARG A 44 -0.98 2.51 -7.17
N ASN A 45 -2.25 2.14 -6.98
CA ASN A 45 -3.21 2.05 -8.08
C ASN A 45 -3.37 3.42 -8.74
N PHE A 46 -3.45 4.51 -7.97
CA PHE A 46 -3.65 5.84 -8.53
C PHE A 46 -2.39 6.35 -9.25
N ILE A 47 -1.32 5.55 -9.38
CA ILE A 47 -0.06 5.91 -10.02
C ILE A 47 0.21 4.95 -11.17
N TRP A 48 0.33 3.64 -10.91
CA TRP A 48 0.63 2.66 -11.95
C TRP A 48 -0.35 2.79 -13.11
N ASN A 49 -1.64 2.88 -12.79
CA ASN A 49 -2.69 3.10 -13.77
C ASN A 49 -2.55 4.41 -14.58
N LEU A 50 -2.08 5.54 -14.02
CA LEU A 50 -1.82 6.79 -14.72
C LEU A 50 -0.79 6.57 -15.84
N LEU A 51 0.02 5.52 -15.73
CA LEU A 51 1.17 5.23 -16.54
C LEU A 51 0.91 3.95 -17.36
N SER A 52 -0.37 3.53 -17.49
CA SER A 52 -0.73 2.24 -18.07
C SER A 52 -1.93 2.29 -19.00
N ASP A 53 -2.51 3.46 -19.25
CA ASP A 53 -3.77 3.64 -19.99
C ASP A 53 -4.87 2.77 -19.36
N LYS A 54 -4.89 2.78 -18.03
CA LYS A 54 -5.87 2.11 -17.18
C LYS A 54 -6.75 3.18 -16.54
N SER A 55 -7.53 2.77 -15.56
CA SER A 55 -8.38 3.60 -14.73
C SER A 55 -7.76 3.80 -13.35
N PRO A 56 -6.90 4.82 -13.17
CA PRO A 56 -6.35 5.18 -11.85
C PRO A 56 -7.44 5.50 -10.83
N PHE A 57 -8.61 5.92 -11.30
CA PHE A 57 -9.72 6.33 -10.47
C PHE A 57 -10.83 5.30 -10.66
N ASP A 58 -10.72 4.21 -9.92
CA ASP A 58 -11.63 3.07 -9.89
C ASP A 58 -11.63 2.61 -8.44
N HIS A 59 -12.64 2.95 -7.64
CA HIS A 59 -12.66 2.69 -6.18
C HIS A 59 -12.89 1.21 -5.85
N GLU A 60 -12.76 0.31 -6.83
CA GLU A 60 -13.03 -1.11 -6.76
C GLU A 60 -11.73 -1.89 -6.91
N THR A 61 -10.72 -1.49 -6.14
CA THR A 61 -9.46 -2.19 -5.96
C THR A 61 -9.15 -2.20 -4.47
N ASP A 62 -8.15 -2.98 -4.05
CA ASP A 62 -7.93 -3.30 -2.64
C ASP A 62 -7.37 -2.09 -1.90
N ILE A 63 -7.81 -1.89 -0.66
CA ILE A 63 -7.59 -0.69 0.13
C ILE A 63 -6.87 -1.14 1.41
N ASP A 64 -5.54 -1.27 1.33
CA ASP A 64 -4.65 -1.71 2.41
C ASP A 64 -4.74 -0.75 3.61
N VAL A 65 -5.19 -1.23 4.76
CA VAL A 65 -5.35 -0.41 5.96
C VAL A 65 -4.50 -0.96 7.11
N ILE A 66 -3.19 -0.71 7.03
CA ILE A 66 -2.27 -1.07 8.09
C ILE A 66 -2.36 -0.05 9.23
N PHE A 67 -2.04 -0.48 10.46
CA PHE A 67 -1.87 0.38 11.61
C PHE A 67 -1.03 -0.33 12.69
N PHE A 68 -0.56 0.43 13.69
CA PHE A 68 0.13 -0.05 14.88
C PHE A 68 -0.73 0.40 16.07
N ASP A 69 -1.56 -0.49 16.63
CA ASP A 69 -2.24 -0.23 17.90
C ASP A 69 -2.28 -1.53 18.70
N PRO A 70 -1.21 -1.81 19.47
CA PRO A 70 -1.03 -3.09 20.13
C PRO A 70 -2.00 -3.34 21.27
N ASP A 71 -2.56 -2.30 21.89
CA ASP A 71 -3.54 -2.57 22.94
C ASP A 71 -4.86 -3.07 22.35
N PHE A 72 -5.16 -2.75 21.09
CA PHE A 72 -6.39 -3.14 20.46
C PHE A 72 -6.38 -4.66 20.31
N SER A 73 -7.34 -5.34 20.94
CA SER A 73 -7.36 -6.79 20.97
C SER A 73 -7.41 -7.39 19.56
N TYR A 74 -7.04 -8.66 19.49
CA TYR A 74 -6.98 -9.40 18.25
C TYR A 74 -8.37 -9.48 17.64
N GLU A 75 -9.41 -9.79 18.44
CA GLU A 75 -10.75 -9.94 17.90
C GLU A 75 -11.34 -8.57 17.57
N GLU A 76 -11.13 -7.58 18.43
CA GLU A 76 -11.47 -6.18 18.22
C GLU A 76 -11.04 -5.69 16.83
N THR A 77 -9.82 -6.04 16.44
CA THR A 77 -9.30 -5.76 15.10
C THR A 77 -10.29 -6.24 14.03
N LEU A 78 -10.64 -7.52 14.07
CA LEU A 78 -11.51 -8.17 13.08
C LEU A 78 -12.94 -7.63 13.13
N LEU A 79 -13.35 -7.23 14.32
CA LEU A 79 -14.68 -6.69 14.60
C LEU A 79 -14.86 -5.30 14.04
N LEU A 80 -13.77 -4.55 13.92
CA LEU A 80 -13.69 -3.27 13.23
C LEU A 80 -13.76 -3.51 11.73
N GLU A 81 -12.96 -4.47 11.30
CA GLU A 81 -12.78 -4.84 9.91
C GLU A 81 -14.13 -5.17 9.28
N LYS A 82 -14.91 -6.08 9.88
CA LYS A 82 -16.22 -6.40 9.37
C LYS A 82 -17.11 -5.17 9.27
N LYS A 83 -16.98 -4.21 10.20
CA LYS A 83 -17.79 -3.01 10.26
C LYS A 83 -17.42 -2.16 9.06
N LEU A 84 -16.14 -1.85 8.83
CA LEU A 84 -15.68 -1.13 7.65
C LEU A 84 -16.32 -1.70 6.39
N ARG A 85 -16.31 -3.03 6.28
CA ARG A 85 -16.77 -3.73 5.10
C ARG A 85 -18.29 -3.70 4.95
N GLU A 86 -19.09 -3.75 6.02
CA GLU A 86 -20.52 -3.53 5.96
C GLU A 86 -20.86 -2.07 5.63
N ASP A 87 -20.19 -1.15 6.31
CA ASP A 87 -20.56 0.27 6.39
C ASP A 87 -20.40 0.91 5.02
N PHE A 88 -19.33 0.53 4.31
CA PHE A 88 -19.02 0.99 2.96
C PHE A 88 -18.57 -0.22 2.12
N PRO A 89 -19.53 -1.02 1.64
CA PRO A 89 -19.28 -2.26 0.93
C PRO A 89 -18.89 -2.01 -0.54
N GLN A 90 -18.80 -0.74 -0.95
CA GLN A 90 -18.35 -0.28 -2.26
C GLN A 90 -16.82 -0.21 -2.40
N TYR A 91 -16.07 -0.40 -1.30
CA TYR A 91 -14.61 -0.33 -1.22
C TYR A 91 -14.10 -1.69 -0.71
N GLN A 92 -12.78 -1.86 -0.64
CA GLN A 92 -12.14 -3.12 -0.25
C GLN A 92 -11.09 -2.94 0.84
N TRP A 93 -11.51 -2.45 2.01
CA TRP A 93 -10.67 -2.29 3.20
C TRP A 93 -9.98 -3.62 3.59
N GLU A 94 -8.67 -3.58 3.88
CA GLU A 94 -7.93 -4.64 4.57
C GLU A 94 -7.42 -4.06 5.90
N LEU A 95 -8.25 -4.04 6.95
CA LEU A 95 -7.88 -3.50 8.27
C LEU A 95 -6.89 -4.43 8.98
N LYS A 96 -5.59 -4.19 8.81
CA LYS A 96 -4.53 -5.10 9.25
C LYS A 96 -3.64 -4.50 10.31
N ASN A 97 -3.91 -4.93 11.54
CA ASN A 97 -3.07 -4.59 12.69
C ASN A 97 -1.71 -5.26 12.50
N GLN A 98 -0.65 -4.47 12.31
CA GLN A 98 0.71 -4.98 12.11
C GLN A 98 1.28 -5.61 13.38
N VAL A 99 0.65 -5.40 14.53
CA VAL A 99 0.97 -6.09 15.76
C VAL A 99 0.70 -7.61 15.60
N TYR A 100 -0.30 -7.97 14.77
CA TYR A 100 -0.72 -9.34 14.56
C TYR A 100 -0.24 -9.78 13.18
N MET A 101 1.08 -9.80 13.00
CA MET A 101 1.75 -10.22 11.77
C MET A 101 2.44 -11.59 11.93
N HIS A 102 2.29 -12.25 13.08
CA HIS A 102 2.95 -13.52 13.44
C HIS A 102 2.35 -14.69 12.66
N GLN A 103 2.38 -14.63 11.34
CA GLN A 103 1.68 -15.51 10.42
C GLN A 103 2.22 -15.31 9.00
N HIS A 104 2.03 -14.11 8.41
CA HIS A 104 2.14 -13.91 6.97
C HIS A 104 3.56 -14.03 6.43
N SER A 105 4.59 -14.03 7.28
CA SER A 105 5.97 -14.14 6.86
C SER A 105 6.76 -15.01 7.85
N PRO A 106 7.75 -15.77 7.37
CA PRO A 106 8.34 -16.85 8.15
C PRO A 106 9.26 -16.43 9.28
N HIS A 107 9.87 -15.27 9.12
CA HIS A 107 10.85 -14.70 10.05
C HIS A 107 10.75 -13.17 9.96
N THR A 108 9.51 -12.68 9.92
CA THR A 108 9.17 -11.27 9.89
C THR A 108 7.81 -11.19 10.58
N ALA A 109 7.73 -10.55 11.74
CA ALA A 109 6.47 -10.14 12.35
C ALA A 109 6.76 -9.09 13.39
N SER A 110 7.34 -7.98 12.95
CA SER A 110 7.83 -6.94 13.82
C SER A 110 8.22 -5.77 12.95
N TYR A 111 7.81 -4.59 13.38
CA TYR A 111 8.20 -3.31 12.81
C TYR A 111 8.41 -2.33 13.94
N THR A 112 9.19 -1.29 13.69
CA THR A 112 9.48 -0.27 14.69
C THR A 112 8.49 0.90 14.58
N SER A 113 7.74 1.02 13.48
CA SER A 113 6.82 2.11 13.22
C SER A 113 5.95 1.73 12.02
N SER A 114 5.00 2.57 11.64
CA SER A 114 4.26 2.42 10.39
C SER A 114 5.18 2.55 9.18
N ARG A 115 6.12 3.52 9.21
CA ARG A 115 7.06 3.73 8.11
C ARG A 115 7.88 2.45 7.92
N ASP A 116 8.36 1.86 9.01
CA ASP A 116 9.16 0.64 8.95
C ASP A 116 8.40 -0.57 8.39
N ALA A 117 7.11 -0.67 8.67
CA ALA A 117 6.27 -1.71 8.08
C ALA A 117 6.27 -1.64 6.55
N MET A 118 6.27 -0.43 5.97
CA MET A 118 6.33 -0.28 4.52
C MET A 118 7.68 -0.74 3.98
N SER A 119 8.80 -0.28 4.55
CA SER A 119 10.11 -0.67 4.03
C SER A 119 10.39 -2.17 4.17
N LYS A 120 9.56 -2.91 4.92
CA LYS A 120 9.66 -4.36 5.09
C LYS A 120 8.68 -5.14 4.21
N TYR A 121 7.90 -4.50 3.34
CA TYR A 121 7.02 -5.17 2.38
C TYR A 121 7.79 -6.15 1.49
N PRO A 122 7.11 -7.06 0.76
CA PRO A 122 7.75 -8.03 -0.13
C PRO A 122 8.47 -7.37 -1.31
N GLU A 123 8.19 -6.11 -1.61
CA GLU A 123 8.55 -5.46 -2.87
C GLU A 123 8.91 -3.98 -2.64
N ARG A 124 9.90 -3.47 -3.40
CA ARG A 124 10.38 -2.08 -3.32
C ARG A 124 9.28 -1.09 -3.67
N CYS A 125 8.66 -1.21 -4.84
CA CYS A 125 7.62 -0.28 -5.26
C CYS A 125 6.49 -0.28 -4.23
N THR A 126 6.11 -1.46 -3.72
CA THR A 126 5.09 -1.65 -2.71
C THR A 126 5.43 -0.91 -1.40
N ALA A 127 6.71 -0.73 -1.08
CA ALA A 127 7.20 0.03 0.06
C ALA A 127 7.02 1.54 -0.14
N VAL A 128 5.77 1.99 -0.16
CA VAL A 128 5.40 3.40 -0.18
C VAL A 128 4.06 3.57 0.54
N GLY A 129 3.78 4.80 0.94
CA GLY A 129 2.53 5.24 1.51
C GLY A 129 2.02 6.47 0.79
N LEU A 130 0.82 6.92 1.18
CA LEU A 130 0.26 8.20 0.80
C LEU A 130 -0.89 8.45 1.78
N ARG A 131 -0.83 9.51 2.60
CA ARG A 131 -2.03 9.96 3.32
C ARG A 131 -2.05 11.49 3.45
N LEU A 132 -3.15 12.02 3.98
CA LEU A 132 -3.30 13.41 4.35
C LEU A 132 -2.67 13.61 5.72
N ASN A 133 -2.24 14.83 5.99
CA ASN A 133 -1.81 15.29 7.32
C ASN A 133 -2.82 16.29 7.85
N GLU A 134 -2.52 16.89 8.99
CA GLU A 134 -3.40 17.81 9.69
C GLU A 134 -3.66 19.09 8.89
N GLU A 135 -2.86 19.38 7.87
CA GLU A 135 -2.97 20.51 6.96
C GLU A 135 -3.56 20.09 5.59
N LEU A 136 -3.97 18.83 5.48
CA LEU A 136 -4.59 18.16 4.34
C LEU A 136 -3.65 18.04 3.13
N ASP A 137 -2.37 17.78 3.37
CA ASP A 137 -1.33 17.69 2.33
C ASP A 137 -1.04 16.25 1.94
N PHE A 138 0.07 16.00 1.25
CA PHE A 138 0.44 14.69 0.74
C PHE A 138 1.66 14.16 1.50
N GLU A 139 1.41 13.38 2.55
CA GLU A 139 2.40 12.60 3.26
C GLU A 139 2.96 11.53 2.31
N LEU A 140 4.15 11.74 1.76
CA LEU A 140 4.85 10.77 0.92
C LEU A 140 6.02 10.19 1.71
N TYR A 141 6.40 8.94 1.43
CA TYR A 141 7.46 8.21 2.12
C TYR A 141 8.12 7.19 1.19
N VAL A 142 9.34 7.49 0.71
CA VAL A 142 10.10 6.64 -0.21
C VAL A 142 11.54 6.40 0.30
N PRO A 143 11.75 5.50 1.27
CA PRO A 143 13.08 5.19 1.80
C PRO A 143 13.97 4.43 0.81
N TYR A 144 13.41 3.97 -0.32
CA TYR A 144 14.12 3.25 -1.38
C TYR A 144 14.03 3.96 -2.73
N GLY A 145 13.46 5.17 -2.79
CA GLY A 145 13.34 5.95 -4.02
C GLY A 145 11.97 5.79 -4.68
N LEU A 146 11.75 6.61 -5.70
CA LEU A 146 10.47 6.76 -6.40
C LEU A 146 10.48 6.06 -7.74
N GLU A 147 11.62 6.07 -8.44
CA GLU A 147 11.74 5.53 -9.78
C GLU A 147 11.32 4.06 -9.83
N ASP A 148 11.38 3.35 -8.70
CA ASP A 148 10.91 2.00 -8.50
C ASP A 148 9.43 1.87 -8.86
N ILE A 149 8.60 2.86 -8.56
CA ILE A 149 7.19 2.81 -8.85
C ILE A 149 7.01 3.20 -10.31
N LEU A 150 7.62 4.31 -10.75
CA LEU A 150 7.46 4.82 -12.10
C LEU A 150 7.83 3.75 -13.11
N ASN A 151 8.94 3.06 -12.89
CA ASN A 151 9.45 2.01 -13.76
C ASN A 151 8.81 0.66 -13.45
N PHE A 152 7.80 0.58 -12.57
CA PHE A 152 7.05 -0.62 -12.29
C PHE A 152 7.97 -1.78 -11.84
N GLN A 153 8.99 -1.47 -11.04
CA GLN A 153 10.06 -2.44 -10.79
C GLN A 153 9.74 -3.27 -9.55
N VAL A 154 9.18 -4.47 -9.76
CA VAL A 154 9.02 -5.45 -8.71
C VAL A 154 10.38 -6.09 -8.46
N ARG A 155 11.18 -5.51 -7.56
CA ARG A 155 12.29 -6.18 -6.88
C ARG A 155 11.93 -6.30 -5.40
N PRO A 156 12.48 -7.28 -4.67
CA PRO A 156 12.23 -7.44 -3.25
C PRO A 156 12.84 -6.29 -2.45
N THR A 157 12.39 -6.05 -1.22
CA THR A 157 13.03 -5.09 -0.31
C THR A 157 14.38 -5.65 0.14
N PRO A 158 15.32 -4.80 0.59
CA PRO A 158 16.62 -5.27 1.04
C PRO A 158 16.49 -6.07 2.34
N HIS A 159 15.38 -5.95 3.08
CA HIS A 159 15.08 -6.73 4.27
C HIS A 159 14.53 -8.14 3.95
N PHE A 160 14.23 -8.45 2.68
CA PHE A 160 13.83 -9.80 2.30
C PHE A 160 15.06 -10.68 2.06
N LEU A 161 16.00 -10.22 1.22
CA LEU A 161 17.16 -11.00 0.79
C LEU A 161 18.10 -11.39 1.93
N GLU A 162 17.90 -10.79 3.11
CA GLU A 162 18.62 -11.13 4.33
C GLU A 162 18.33 -12.57 4.81
N ASN A 163 17.13 -13.09 4.55
CA ASN A 163 16.61 -14.31 5.16
C ASN A 163 15.85 -15.10 4.09
N GLU A 164 16.35 -16.26 3.73
CA GLU A 164 15.98 -16.96 2.51
C GLU A 164 14.54 -17.50 2.58
N ASP A 165 14.04 -17.80 3.78
CA ASP A 165 12.64 -18.13 3.99
C ASP A 165 11.77 -16.94 3.60
N ARG A 166 12.21 -15.71 3.86
CA ARG A 166 11.47 -14.56 3.35
C ARG A 166 11.45 -14.54 1.83
N MET A 167 12.50 -15.01 1.15
CA MET A 167 12.54 -14.99 -0.30
C MET A 167 11.57 -16.02 -0.86
N GLU A 168 11.41 -17.15 -0.18
CA GLU A 168 10.41 -18.15 -0.53
C GLU A 168 9.02 -17.51 -0.53
N LEU A 169 8.68 -16.76 0.51
CA LEU A 169 7.36 -16.12 0.56
C LEU A 169 7.19 -15.14 -0.60
N TYR A 170 8.26 -14.47 -1.03
CA TYR A 170 8.19 -13.50 -2.12
C TYR A 170 7.81 -14.28 -3.38
N GLN A 171 8.62 -15.30 -3.73
CA GLN A 171 8.47 -16.14 -4.90
C GLN A 171 7.08 -16.80 -4.93
N THR A 172 6.72 -17.49 -3.84
CA THR A 172 5.48 -18.25 -3.71
C THR A 172 4.24 -17.33 -3.81
N ARG A 173 4.40 -16.02 -3.60
CA ARG A 173 3.34 -15.01 -3.64
C ARG A 173 3.61 -13.97 -4.74
N LEU A 174 4.47 -14.31 -5.71
CA LEU A 174 4.70 -13.54 -6.92
C LEU A 174 3.86 -14.12 -8.05
N SER A 175 4.21 -15.32 -8.55
CA SER A 175 3.65 -15.96 -9.75
C SER A 175 2.16 -16.30 -9.65
N LYS A 176 1.47 -15.86 -8.60
CA LYS A 176 0.07 -16.11 -8.31
C LYS A 176 -0.73 -14.82 -8.24
N LYS A 177 -0.11 -13.65 -8.49
CA LYS A 177 -0.73 -12.33 -8.31
C LYS A 177 -1.20 -11.70 -9.61
N ASN A 178 -0.84 -12.24 -10.78
CA ASN A 178 -1.13 -11.68 -12.10
C ASN A 178 -0.66 -10.23 -12.28
N TRP A 179 0.37 -9.77 -11.57
CA TRP A 179 0.83 -8.37 -11.65
C TRP A 179 1.14 -7.93 -13.08
N GLN A 180 1.94 -8.73 -13.78
CA GLN A 180 2.32 -8.55 -15.18
C GLN A 180 1.14 -8.61 -16.16
N GLU A 181 0.00 -9.14 -15.74
CA GLU A 181 -1.17 -9.32 -16.59
C GLU A 181 -2.12 -8.13 -16.54
N LYS A 182 -2.13 -7.42 -15.42
CA LYS A 182 -3.04 -6.31 -15.19
C LYS A 182 -2.43 -4.97 -15.55
N TRP A 183 -1.12 -4.99 -15.66
CA TRP A 183 -0.29 -3.90 -16.13
C TRP A 183 0.76 -4.45 -17.09
N LYS A 184 0.62 -4.24 -18.40
CA LYS A 184 1.61 -4.70 -19.39
C LYS A 184 2.98 -3.99 -19.31
N ASN A 185 3.18 -3.10 -18.34
CA ASN A 185 4.44 -2.40 -18.11
C ASN A 185 5.11 -2.90 -16.84
N LEU A 186 4.56 -3.93 -16.17
CA LEU A 186 5.07 -4.45 -14.90
C LEU A 186 6.36 -5.23 -15.11
N ILE A 187 7.45 -4.76 -14.52
CA ILE A 187 8.76 -5.41 -14.55
C ILE A 187 8.86 -6.30 -13.32
N PHE A 188 9.43 -7.49 -13.47
CA PHE A 188 9.74 -8.44 -12.41
C PHE A 188 11.25 -8.57 -12.31
N LYS A 189 11.77 -8.59 -11.08
CA LYS A 189 13.18 -8.70 -10.72
C LYS A 189 13.29 -9.54 -9.44
N ASN A 190 14.50 -9.96 -9.12
CA ASN A 190 14.85 -10.75 -7.94
C ASN A 190 15.80 -9.98 -7.00
N THR A 191 16.28 -8.81 -7.42
CA THR A 191 17.32 -8.01 -6.80
C THR A 191 17.13 -6.59 -7.32
N GLY A 1 -5.85 11.20 -14.98
CA GLY A 1 -4.44 11.55 -15.22
C GLY A 1 -4.36 12.61 -16.26
N MET A 2 -3.18 12.67 -16.84
CA MET A 2 -3.04 12.17 -18.18
C MET A 2 -1.75 11.34 -18.19
N ASN A 3 -1.10 11.19 -19.33
CA ASN A 3 0.26 10.61 -19.45
C ASN A 3 1.35 11.57 -19.00
N THR A 4 0.99 12.81 -18.72
CA THR A 4 1.85 13.95 -18.39
C THR A 4 2.52 13.86 -17.01
N VAL A 5 2.87 12.65 -16.61
CA VAL A 5 3.16 12.31 -15.24
C VAL A 5 4.30 11.32 -15.25
N LYS A 6 5.47 11.80 -14.83
CA LYS A 6 6.69 11.04 -14.60
C LYS A 6 7.29 11.44 -13.26
N ASN A 7 6.54 12.20 -12.47
CA ASN A 7 7.01 12.75 -11.20
C ASN A 7 5.85 12.88 -10.26
N LYS A 8 6.20 12.90 -8.97
CA LYS A 8 5.28 12.98 -7.85
C LYS A 8 4.19 14.02 -8.07
N GLN A 9 4.58 15.28 -8.31
CA GLN A 9 3.68 16.41 -8.41
C GLN A 9 2.49 16.06 -9.33
N GLU A 10 2.80 15.55 -10.52
CA GLU A 10 1.86 15.26 -11.61
C GLU A 10 0.94 14.08 -11.30
N ILE A 11 1.41 13.16 -10.47
CA ILE A 11 0.57 12.13 -9.89
C ILE A 11 -0.39 12.78 -8.86
N LEU A 12 0.15 13.52 -7.89
CA LEU A 12 -0.60 14.02 -6.74
C LEU A 12 -1.70 14.98 -7.17
N GLU A 13 -1.46 15.75 -8.22
CA GLU A 13 -2.47 16.61 -8.80
C GLU A 13 -3.66 15.79 -9.31
N ALA A 14 -3.45 14.58 -9.87
CA ALA A 14 -4.57 13.78 -10.37
C ALA A 14 -5.31 13.10 -9.22
N PHE A 15 -4.62 12.90 -8.08
CA PHE A 15 -5.17 12.34 -6.87
C PHE A 15 -6.30 13.22 -6.33
N ARG A 16 -6.01 14.48 -5.97
CA ARG A 16 -7.00 15.35 -5.32
C ARG A 16 -8.06 15.82 -6.31
N GLU A 17 -7.78 15.77 -7.62
CA GLU A 17 -8.78 15.93 -8.66
C GLU A 17 -9.83 14.81 -8.61
N SER A 18 -9.49 13.63 -8.09
CA SER A 18 -10.40 12.49 -8.05
C SER A 18 -11.15 12.45 -6.72
N PRO A 19 -12.49 12.40 -6.77
CA PRO A 19 -13.33 12.47 -5.60
C PRO A 19 -13.17 11.23 -4.73
N ASP A 20 -13.25 10.02 -5.30
CA ASP A 20 -13.20 8.81 -4.49
C ASP A 20 -11.79 8.59 -3.98
N MET A 21 -10.77 8.83 -4.82
CA MET A 21 -9.40 8.60 -4.43
C MET A 21 -9.04 9.40 -3.21
N MET A 22 -9.45 10.68 -3.18
CA MET A 22 -9.06 11.56 -2.10
C MET A 22 -10.02 11.44 -0.92
N ALA A 23 -11.28 11.00 -1.14
CA ALA A 23 -12.21 10.66 -0.07
C ALA A 23 -11.62 9.63 0.89
N ILE A 24 -10.99 8.56 0.36
CA ILE A 24 -10.48 7.44 1.16
C ILE A 24 -9.64 7.94 2.35
N LEU A 25 -8.82 8.96 2.11
CA LEU A 25 -7.90 9.49 3.10
C LEU A 25 -8.65 10.33 4.13
N THR A 26 -9.67 11.09 3.71
CA THR A 26 -10.51 11.85 4.60
C THR A 26 -11.23 10.89 5.56
N ILE A 27 -11.61 9.72 5.05
CA ILE A 27 -12.28 8.70 5.83
C ILE A 27 -11.26 8.20 6.87
N ILE A 28 -10.13 7.55 6.49
CA ILE A 28 -9.23 6.94 7.48
C ILE A 28 -8.66 7.98 8.47
N ARG A 29 -8.41 9.22 8.05
CA ARG A 29 -7.93 10.22 9.00
C ARG A 29 -8.93 10.43 10.14
N ASP A 30 -10.20 10.24 9.85
CA ASP A 30 -11.32 10.40 10.77
C ASP A 30 -11.82 9.04 11.30
N LEU A 31 -11.21 7.93 10.87
CA LEU A 31 -11.53 6.56 11.32
C LEU A 31 -11.39 6.43 12.84
N GLY A 32 -10.45 7.18 13.42
CA GLY A 32 -10.13 7.08 14.84
C GLY A 32 -9.40 5.77 15.11
N LEU A 33 -8.58 5.34 14.16
CA LEU A 33 -7.50 4.38 14.39
C LEU A 33 -6.29 5.20 14.84
N LYS A 34 -5.43 4.61 15.65
CA LYS A 34 -4.15 5.25 15.99
C LYS A 34 -3.11 4.82 14.98
N ASP A 35 -2.13 5.70 14.74
CA ASP A 35 -0.84 5.37 14.12
C ASP A 35 -1.03 4.68 12.77
N SER A 36 -1.95 5.20 11.93
CA SER A 36 -2.49 4.51 10.77
C SER A 36 -2.45 5.40 9.53
N TRP A 37 -2.05 4.87 8.36
CA TRP A 37 -2.11 5.58 7.10
C TRP A 37 -2.02 4.59 5.93
N LEU A 38 -2.29 5.03 4.69
CA LEU A 38 -2.30 4.16 3.51
C LEU A 38 -0.87 3.75 3.16
N ALA A 39 -0.73 2.52 2.68
CA ALA A 39 0.54 1.93 2.28
C ALA A 39 0.29 0.89 1.20
N ALA A 40 1.37 0.30 0.73
CA ALA A 40 1.38 -0.80 -0.21
C ALA A 40 0.63 -0.49 -1.49
N GLY A 41 0.14 -1.52 -2.17
CA GLY A 41 -0.51 -1.45 -3.47
C GLY A 41 -1.60 -0.36 -3.55
N SER A 42 -2.21 -0.01 -2.43
CA SER A 42 -3.23 1.03 -2.29
C SER A 42 -2.71 2.45 -2.49
N VAL A 43 -1.40 2.65 -2.52
CA VAL A 43 -0.76 3.91 -2.90
C VAL A 43 -0.27 3.80 -4.34
N ARG A 44 0.10 2.62 -4.83
CA ARG A 44 0.66 2.43 -6.17
C ARG A 44 -0.42 2.30 -7.24
N ASN A 45 -1.59 1.78 -6.91
CA ASN A 45 -2.64 1.50 -7.88
C ASN A 45 -3.04 2.79 -8.60
N PHE A 46 -3.26 3.88 -7.86
CA PHE A 46 -3.57 5.19 -8.41
C PHE A 46 -2.36 5.86 -9.06
N ILE A 47 -1.18 5.25 -9.09
CA ILE A 47 -0.01 5.78 -9.79
C ILE A 47 0.35 4.98 -11.04
N TRP A 48 0.24 3.65 -11.05
CA TRP A 48 0.64 2.83 -12.20
C TRP A 48 -0.35 2.93 -13.35
N ASN A 49 -1.63 2.70 -13.07
CA ASN A 49 -2.73 2.77 -14.03
C ASN A 49 -2.75 4.09 -14.83
N LEU A 50 -2.39 5.22 -14.21
CA LEU A 50 -2.26 6.58 -14.74
C LEU A 50 -1.41 6.58 -16.02
N LEU A 51 -0.42 5.69 -16.07
CA LEU A 51 0.64 5.64 -17.07
C LEU A 51 0.34 4.58 -18.14
N SER A 52 -0.71 3.78 -17.97
CA SER A 52 -1.00 2.55 -18.72
C SER A 52 -2.37 2.62 -19.39
N ASP A 53 -3.06 3.74 -19.26
CA ASP A 53 -4.40 4.05 -19.76
C ASP A 53 -5.47 3.10 -19.21
N LYS A 54 -5.16 2.55 -18.04
CA LYS A 54 -5.96 1.75 -17.14
C LYS A 54 -6.94 2.66 -16.37
N SER A 55 -7.50 2.13 -15.29
CA SER A 55 -8.42 2.78 -14.36
C SER A 55 -7.70 3.15 -13.04
N PRO A 56 -7.06 4.33 -12.98
CA PRO A 56 -6.42 4.79 -11.76
C PRO A 56 -7.36 4.97 -10.57
N PHE A 57 -8.66 5.14 -10.79
CA PHE A 57 -9.59 5.59 -9.74
C PHE A 57 -10.56 4.52 -9.30
N ASP A 58 -10.14 3.28 -9.50
CA ASP A 58 -11.05 2.15 -9.59
C ASP A 58 -11.74 1.78 -8.27
N HIS A 59 -11.07 2.02 -7.12
CA HIS A 59 -11.38 1.71 -5.71
C HIS A 59 -11.87 0.31 -5.34
N GLU A 60 -12.28 -0.51 -6.30
CA GLU A 60 -12.74 -1.90 -6.20
C GLU A 60 -11.56 -2.86 -6.01
N THR A 61 -10.47 -2.35 -5.47
CA THR A 61 -9.18 -2.98 -5.24
C THR A 61 -8.91 -3.00 -3.72
N ASP A 62 -7.85 -3.68 -3.31
CA ASP A 62 -7.54 -3.90 -1.89
C ASP A 62 -7.03 -2.60 -1.26
N ILE A 63 -7.47 -2.31 -0.03
CA ILE A 63 -7.22 -1.05 0.67
C ILE A 63 -6.46 -1.41 1.96
N ASP A 64 -5.12 -1.37 1.88
CA ASP A 64 -4.22 -1.56 3.01
C ASP A 64 -4.62 -0.60 4.12
N VAL A 65 -4.84 -1.10 5.34
CA VAL A 65 -5.00 -0.31 6.56
C VAL A 65 -4.07 -0.88 7.63
N ILE A 66 -2.79 -0.54 7.54
CA ILE A 66 -1.89 -0.76 8.65
C ILE A 66 -2.21 0.28 9.71
N PHE A 67 -1.96 -0.08 10.96
CA PHE A 67 -2.08 0.80 12.10
C PHE A 67 -1.02 0.39 13.13
N PHE A 68 -1.03 0.90 14.36
CA PHE A 68 -0.30 0.30 15.48
C PHE A 68 -1.19 0.45 16.70
N ASP A 69 -1.85 -0.63 17.14
CA ASP A 69 -2.58 -0.58 18.39
C ASP A 69 -2.47 -1.90 19.14
N PRO A 70 -1.36 -2.11 19.87
CA PRO A 70 -1.09 -3.29 20.69
C PRO A 70 -2.19 -3.60 21.70
N ASP A 71 -2.87 -2.57 22.20
CA ASP A 71 -3.96 -2.73 23.14
C ASP A 71 -5.19 -3.35 22.49
N PHE A 72 -5.37 -3.11 21.20
CA PHE A 72 -6.55 -3.49 20.44
C PHE A 72 -6.58 -5.00 20.29
N SER A 73 -7.59 -5.65 20.88
CA SER A 73 -7.72 -7.10 20.92
C SER A 73 -7.64 -7.74 19.52
N TYR A 74 -7.29 -9.01 19.52
CA TYR A 74 -7.23 -9.81 18.30
C TYR A 74 -8.59 -9.77 17.62
N GLU A 75 -9.68 -10.06 18.34
CA GLU A 75 -10.99 -10.13 17.72
C GLU A 75 -11.52 -8.73 17.41
N GLU A 76 -11.27 -7.74 18.28
CA GLU A 76 -11.61 -6.35 18.01
C GLU A 76 -11.04 -5.90 16.67
N THR A 77 -9.82 -6.34 16.35
CA THR A 77 -9.20 -6.04 15.06
C THR A 77 -10.10 -6.55 13.93
N LEU A 78 -10.52 -7.81 13.98
CA LEU A 78 -11.33 -8.43 12.93
C LEU A 78 -12.71 -7.79 12.84
N LEU A 79 -13.32 -7.48 13.97
CA LEU A 79 -14.66 -6.92 14.07
C LEU A 79 -14.68 -5.49 13.55
N LEU A 80 -13.65 -4.71 13.85
CA LEU A 80 -13.56 -3.36 13.32
C LEU A 80 -13.38 -3.40 11.81
N GLU A 81 -12.59 -4.36 11.30
CA GLU A 81 -12.39 -4.58 9.88
C GLU A 81 -13.72 -4.91 9.20
N LYS A 82 -14.39 -5.97 9.67
CA LYS A 82 -15.61 -6.44 9.05
C LYS A 82 -16.66 -5.32 9.03
N LYS A 83 -16.84 -4.59 10.14
CA LYS A 83 -17.79 -3.50 10.24
C LYS A 83 -17.46 -2.38 9.25
N LEU A 84 -16.20 -1.99 9.10
CA LEU A 84 -15.79 -0.97 8.13
C LEU A 84 -16.26 -1.32 6.72
N ARG A 85 -16.17 -2.60 6.36
CA ARG A 85 -16.53 -3.11 5.04
C ARG A 85 -18.04 -3.24 4.87
N GLU A 86 -18.85 -3.24 5.94
CA GLU A 86 -20.30 -3.29 5.85
C GLU A 86 -20.90 -1.92 5.56
N ASP A 87 -20.34 -0.87 6.19
CA ASP A 87 -20.83 0.50 6.02
C ASP A 87 -20.41 1.02 4.65
N PHE A 88 -19.20 0.66 4.23
CA PHE A 88 -18.61 1.13 2.99
C PHE A 88 -18.10 -0.07 2.18
N PRO A 89 -18.99 -0.90 1.62
CA PRO A 89 -18.60 -2.09 0.85
C PRO A 89 -17.89 -1.74 -0.45
N GLN A 90 -17.89 -0.46 -0.83
CA GLN A 90 -17.16 0.08 -1.97
C GLN A 90 -15.64 0.04 -1.80
N TYR A 91 -15.14 -0.33 -0.60
CA TYR A 91 -13.77 -0.15 -0.17
C TYR A 91 -13.35 -1.38 0.66
N GLN A 92 -12.32 -2.08 0.19
CA GLN A 92 -11.83 -3.31 0.81
C GLN A 92 -10.86 -3.01 1.96
N TRP A 93 -11.35 -2.48 3.09
CA TRP A 93 -10.53 -2.07 4.25
C TRP A 93 -9.79 -3.24 4.92
N GLU A 94 -8.53 -3.48 4.56
CA GLU A 94 -7.65 -4.54 5.06
C GLU A 94 -6.94 -4.07 6.35
N LEU A 95 -7.62 -4.06 7.50
CA LEU A 95 -7.00 -3.70 8.79
C LEU A 95 -5.88 -4.68 9.15
N LYS A 96 -4.74 -4.20 9.65
CA LYS A 96 -3.62 -5.08 9.97
C LYS A 96 -2.78 -4.55 11.13
N ASN A 97 -2.86 -5.25 12.27
CA ASN A 97 -2.20 -4.89 13.51
C ASN A 97 -0.75 -5.42 13.51
N GLN A 98 0.21 -4.67 12.93
CA GLN A 98 1.61 -5.11 12.66
C GLN A 98 2.39 -5.63 13.88
N VAL A 99 1.98 -5.19 15.07
CA VAL A 99 2.29 -5.77 16.38
C VAL A 99 2.04 -7.28 16.48
N TYR A 100 0.84 -7.71 16.15
CA TYR A 100 0.40 -9.10 16.23
C TYR A 100 1.20 -9.99 15.28
N MET A 101 0.81 -10.07 14.00
CA MET A 101 1.59 -10.69 12.93
C MET A 101 2.03 -12.12 13.28
N HIS A 102 3.13 -12.59 12.68
CA HIS A 102 3.55 -13.98 12.45
C HIS A 102 2.53 -14.77 11.60
N GLN A 103 1.25 -14.67 11.92
CA GLN A 103 0.17 -15.45 11.35
C GLN A 103 -0.02 -15.26 9.84
N HIS A 104 0.61 -14.23 9.26
CA HIS A 104 0.58 -13.95 7.83
C HIS A 104 1.98 -13.92 7.22
N SER A 105 3.07 -14.10 7.98
CA SER A 105 4.41 -13.93 7.46
C SER A 105 5.42 -14.82 8.21
N PRO A 106 6.45 -15.35 7.52
CA PRO A 106 7.61 -15.94 8.15
C PRO A 106 8.38 -14.94 8.99
N HIS A 107 9.27 -15.48 9.83
CA HIS A 107 9.94 -14.92 11.00
C HIS A 107 10.53 -13.53 10.80
N THR A 108 9.67 -12.52 10.71
CA THR A 108 10.01 -11.15 10.32
C THR A 108 9.93 -10.14 11.47
N ALA A 109 9.95 -10.62 12.70
CA ALA A 109 9.86 -9.82 13.91
C ALA A 109 10.93 -8.74 13.87
N SER A 110 10.50 -7.48 13.74
CA SER A 110 11.35 -6.32 13.53
C SER A 110 10.47 -5.08 13.54
N TYR A 111 9.56 -5.00 12.58
CA TYR A 111 8.64 -3.88 12.45
C TYR A 111 7.67 -3.76 13.61
N THR A 112 7.02 -2.59 13.67
CA THR A 112 6.09 -2.21 14.70
C THR A 112 5.38 -0.94 14.23
N SER A 113 6.16 0.03 13.72
CA SER A 113 5.65 1.35 13.34
C SER A 113 5.19 1.31 11.87
N SER A 114 4.45 2.33 11.45
CA SER A 114 3.78 2.35 10.15
C SER A 114 4.81 2.31 9.01
N ARG A 115 5.74 3.25 9.01
CA ARG A 115 6.83 3.30 8.05
C ARG A 115 7.72 2.05 8.17
N ASP A 116 7.85 1.50 9.37
CA ASP A 116 8.74 0.40 9.69
C ASP A 116 8.31 -0.88 8.98
N ALA A 117 7.01 -1.18 9.04
CA ALA A 117 6.47 -2.34 8.35
C ALA A 117 6.58 -2.18 6.83
N MET A 118 6.49 -0.94 6.35
CA MET A 118 6.47 -0.56 4.95
C MET A 118 7.80 -0.83 4.27
N SER A 119 8.90 -0.39 4.87
CA SER A 119 10.24 -0.54 4.30
C SER A 119 10.67 -2.02 4.26
N LYS A 120 9.88 -2.91 4.86
CA LYS A 120 10.08 -4.34 4.96
C LYS A 120 9.03 -5.08 4.11
N TYR A 121 8.33 -4.43 3.18
CA TYR A 121 7.42 -5.12 2.26
C TYR A 121 8.13 -6.10 1.33
N PRO A 122 7.37 -6.99 0.66
CA PRO A 122 7.95 -7.90 -0.31
C PRO A 122 8.52 -7.22 -1.57
N GLU A 123 8.22 -5.95 -1.85
CA GLU A 123 8.57 -5.29 -3.11
C GLU A 123 9.07 -3.87 -2.80
N ARG A 124 10.09 -3.36 -3.49
CA ARG A 124 10.63 -2.00 -3.27
C ARG A 124 9.58 -0.97 -3.65
N CYS A 125 8.95 -1.15 -4.83
CA CYS A 125 7.87 -0.30 -5.30
C CYS A 125 6.80 -0.16 -4.22
N THR A 126 6.34 -1.27 -3.60
CA THR A 126 5.15 -1.18 -2.76
C THR A 126 5.50 -0.49 -1.44
N ALA A 127 6.79 -0.41 -1.08
CA ALA A 127 7.32 0.15 0.15
C ALA A 127 7.21 1.68 0.14
N VAL A 128 5.97 2.16 0.16
CA VAL A 128 5.58 3.55 0.08
C VAL A 128 4.24 3.70 0.79
N GLY A 129 4.03 4.90 1.35
CA GLY A 129 2.78 5.24 2.00
C GLY A 129 2.35 6.64 1.58
N LEU A 130 1.07 6.93 1.75
CA LEU A 130 0.44 8.20 1.35
C LEU A 130 -0.69 8.51 2.34
N ARG A 131 -0.83 9.76 2.80
CA ARG A 131 -2.03 10.25 3.50
C ARG A 131 -2.10 11.77 3.42
N LEU A 132 -3.17 12.35 3.95
CA LEU A 132 -3.24 13.76 4.32
C LEU A 132 -2.53 13.90 5.67
N ASN A 133 -1.91 15.06 5.88
CA ASN A 133 -1.60 15.57 7.19
C ASN A 133 -2.78 16.39 7.69
N GLU A 134 -2.57 17.04 8.83
CA GLU A 134 -3.48 18.02 9.43
C GLU A 134 -3.86 19.11 8.43
N GLU A 135 -2.92 19.51 7.58
CA GLU A 135 -3.05 20.63 6.65
C GLU A 135 -3.59 20.19 5.28
N LEU A 136 -3.90 18.91 5.12
CA LEU A 136 -4.54 18.29 3.96
C LEU A 136 -3.64 18.23 2.73
N ASP A 137 -2.34 18.17 2.96
CA ASP A 137 -1.27 17.95 1.99
C ASP A 137 -1.12 16.47 1.66
N PHE A 138 -0.01 16.09 1.04
CA PHE A 138 0.30 14.75 0.56
C PHE A 138 1.54 14.25 1.30
N GLU A 139 1.32 13.65 2.47
CA GLU A 139 2.37 12.94 3.19
C GLU A 139 2.84 11.79 2.30
N LEU A 140 4.15 11.66 2.06
CA LEU A 140 4.74 10.63 1.21
C LEU A 140 5.89 10.01 2.00
N TYR A 141 6.21 8.73 1.78
CA TYR A 141 7.41 8.06 2.30
C TYR A 141 7.96 7.18 1.21
N VAL A 142 9.20 7.41 0.79
CA VAL A 142 9.90 6.53 -0.14
C VAL A 142 11.33 6.36 0.38
N PRO A 143 11.61 5.44 1.31
CA PRO A 143 12.95 5.22 1.84
C PRO A 143 13.90 4.59 0.81
N TYR A 144 13.41 4.20 -0.38
CA TYR A 144 14.24 3.73 -1.49
C TYR A 144 14.14 4.67 -2.70
N GLY A 145 13.22 5.63 -2.71
CA GLY A 145 12.97 6.56 -3.81
C GLY A 145 11.79 6.11 -4.68
N LEU A 146 11.26 7.05 -5.47
CA LEU A 146 10.03 6.89 -6.25
C LEU A 146 10.23 6.09 -7.52
N GLU A 147 11.44 6.08 -8.07
CA GLU A 147 11.58 5.74 -9.48
C GLU A 147 11.29 4.28 -9.78
N ASP A 148 11.30 3.40 -8.79
CA ASP A 148 10.81 2.03 -8.95
C ASP A 148 9.36 2.00 -9.41
N ILE A 149 8.53 2.95 -8.96
CA ILE A 149 7.14 3.00 -9.33
C ILE A 149 7.07 3.52 -10.76
N LEU A 150 7.71 4.67 -11.05
CA LEU A 150 7.68 5.27 -12.39
C LEU A 150 8.22 4.31 -13.46
N ASN A 151 9.25 3.53 -13.12
CA ASN A 151 9.88 2.58 -14.03
C ASN A 151 9.17 1.23 -14.06
N PHE A 152 8.01 1.09 -13.40
CA PHE A 152 7.19 -0.12 -13.30
C PHE A 152 8.00 -1.33 -12.84
N GLN A 153 8.68 -1.23 -11.69
CA GLN A 153 9.65 -2.24 -11.29
C GLN A 153 9.15 -3.00 -10.08
N VAL A 154 9.54 -4.27 -10.01
CA VAL A 154 9.21 -5.16 -8.92
C VAL A 154 10.50 -5.91 -8.59
N ARG A 155 11.36 -5.28 -7.76
CA ARG A 155 12.46 -5.97 -7.09
C ARG A 155 12.08 -6.14 -5.61
N PRO A 156 12.54 -7.21 -4.94
CA PRO A 156 12.37 -7.38 -3.51
C PRO A 156 13.08 -6.27 -2.72
N THR A 157 12.61 -5.97 -1.51
CA THR A 157 13.27 -4.99 -0.65
C THR A 157 14.67 -5.47 -0.25
N PRO A 158 15.58 -4.58 0.14
CA PRO A 158 16.93 -4.95 0.55
C PRO A 158 16.97 -5.58 1.93
N HIS A 159 15.83 -5.73 2.61
CA HIS A 159 15.70 -6.48 3.85
C HIS A 159 15.28 -7.94 3.57
N PHE A 160 14.69 -8.24 2.41
CA PHE A 160 14.03 -9.52 2.12
C PHE A 160 15.03 -10.66 1.93
N LEU A 161 16.03 -10.52 1.06
CA LEU A 161 17.03 -11.54 0.75
C LEU A 161 17.82 -11.94 2.00
N GLU A 162 17.83 -11.07 3.01
CA GLU A 162 18.49 -11.30 4.29
C GLU A 162 17.89 -12.51 5.05
N ASN A 163 16.70 -12.98 4.63
CA ASN A 163 16.01 -14.17 5.12
C ASN A 163 15.32 -14.90 3.96
N GLU A 164 15.85 -16.07 3.58
CA GLU A 164 15.30 -16.98 2.59
C GLU A 164 13.82 -17.28 2.83
N ASP A 165 13.37 -17.35 4.08
CA ASP A 165 11.97 -17.64 4.39
C ASP A 165 11.08 -16.52 3.86
N ARG A 166 11.52 -15.26 3.86
CA ARG A 166 10.65 -14.22 3.32
C ARG A 166 10.50 -14.35 1.82
N MET A 167 11.54 -14.84 1.13
CA MET A 167 11.52 -14.93 -0.31
C MET A 167 10.39 -15.84 -0.79
N GLU A 168 10.09 -16.93 -0.06
CA GLU A 168 8.99 -17.82 -0.41
C GLU A 168 7.66 -17.03 -0.43
N LEU A 169 7.46 -16.14 0.55
CA LEU A 169 6.25 -15.33 0.67
C LEU A 169 6.15 -14.34 -0.47
N TYR A 170 7.28 -13.83 -0.99
CA TYR A 170 7.22 -12.90 -2.10
C TYR A 170 6.66 -13.68 -3.29
N GLN A 171 7.31 -14.79 -3.62
CA GLN A 171 7.00 -15.63 -4.77
C GLN A 171 5.54 -16.04 -4.78
N THR A 172 5.07 -16.61 -3.67
CA THR A 172 3.69 -17.11 -3.55
C THR A 172 2.64 -16.05 -3.96
N ARG A 173 2.90 -14.76 -3.73
CA ARG A 173 2.00 -13.66 -4.08
C ARG A 173 2.65 -12.73 -5.12
N LEU A 174 3.45 -13.30 -6.02
CA LEU A 174 4.14 -12.57 -7.07
C LEU A 174 3.66 -13.07 -8.43
N SER A 175 3.91 -14.33 -8.79
CA SER A 175 3.56 -14.81 -10.12
C SER A 175 2.03 -14.94 -10.28
N LYS A 176 1.29 -15.24 -9.21
CA LYS A 176 -0.13 -15.55 -9.18
C LYS A 176 -0.97 -14.27 -9.12
N LYS A 177 -0.52 -13.20 -9.74
CA LYS A 177 -1.14 -11.87 -9.65
C LYS A 177 -1.39 -11.24 -11.02
N ASN A 178 -1.10 -11.96 -12.12
CA ASN A 178 -1.15 -11.50 -13.52
C ASN A 178 -0.50 -10.13 -13.78
N TRP A 179 0.49 -9.73 -12.97
CA TRP A 179 1.12 -8.42 -12.95
C TRP A 179 1.64 -7.97 -14.31
N GLN A 180 2.43 -8.82 -14.93
CA GLN A 180 3.02 -8.58 -16.23
C GLN A 180 1.94 -8.49 -17.32
N GLU A 181 0.84 -9.21 -17.15
CA GLU A 181 -0.30 -9.27 -18.07
C GLU A 181 -1.25 -8.08 -17.87
N LYS A 182 -0.90 -7.15 -16.95
CA LYS A 182 -1.73 -6.07 -16.47
C LYS A 182 -1.27 -4.70 -16.94
N TRP A 183 0.04 -4.53 -17.03
CA TRP A 183 0.73 -3.28 -17.27
C TRP A 183 1.85 -3.70 -18.21
N LYS A 184 1.75 -3.32 -19.49
CA LYS A 184 2.68 -3.70 -20.55
C LYS A 184 4.12 -3.27 -20.29
N ASN A 185 4.37 -2.44 -19.29
CA ASN A 185 5.72 -2.00 -18.93
C ASN A 185 6.32 -2.81 -17.75
N LEU A 186 5.54 -3.68 -17.09
CA LEU A 186 5.85 -4.21 -15.77
C LEU A 186 7.09 -5.10 -15.76
N ILE A 187 8.14 -4.67 -15.05
CA ILE A 187 9.43 -5.36 -14.92
C ILE A 187 9.47 -6.16 -13.62
N PHE A 188 9.94 -7.39 -13.75
CA PHE A 188 10.16 -8.34 -12.67
C PHE A 188 11.65 -8.45 -12.41
N LYS A 189 12.01 -8.54 -11.13
CA LYS A 189 13.36 -8.74 -10.63
C LYS A 189 13.29 -9.58 -9.36
N ASN A 190 14.44 -10.13 -8.97
CA ASN A 190 14.63 -10.96 -7.80
C ASN A 190 15.67 -10.38 -6.83
N THR A 191 16.22 -9.20 -7.11
CA THR A 191 17.28 -8.58 -6.31
C THR A 191 17.48 -7.13 -6.77
N GLY A 1 -3.66 19.69 -16.07
CA GLY A 1 -3.19 19.01 -17.28
C GLY A 1 -2.84 17.57 -16.99
N MET A 2 -3.85 16.69 -17.02
CA MET A 2 -3.74 15.29 -16.64
C MET A 2 -3.33 14.47 -17.86
N ASN A 3 -2.02 14.28 -18.09
CA ASN A 3 -1.51 13.09 -18.79
C ASN A 3 0.02 12.97 -18.65
N THR A 4 0.77 14.07 -18.71
CA THR A 4 2.23 14.09 -18.81
C THR A 4 2.93 13.78 -17.47
N VAL A 5 2.32 12.92 -16.66
CA VAL A 5 2.77 12.57 -15.34
C VAL A 5 3.85 11.51 -15.48
N LYS A 6 5.00 11.72 -14.86
CA LYS A 6 6.07 10.72 -14.78
C LYS A 6 6.78 10.76 -13.43
N ASN A 7 6.17 11.37 -12.43
CA ASN A 7 6.80 11.67 -11.14
C ASN A 7 5.78 12.15 -10.13
N LYS A 8 6.15 12.09 -8.85
CA LYS A 8 5.34 12.30 -7.66
C LYS A 8 4.45 13.50 -7.79
N GLN A 9 5.02 14.68 -8.01
CA GLN A 9 4.28 15.92 -7.98
C GLN A 9 3.10 15.92 -8.95
N GLU A 10 3.30 15.35 -10.14
CA GLU A 10 2.29 15.22 -11.17
C GLU A 10 1.22 14.19 -10.77
N ILE A 11 1.63 13.10 -10.14
CA ILE A 11 0.71 12.08 -9.62
C ILE A 11 -0.18 12.70 -8.55
N LEU A 12 0.42 13.47 -7.64
CA LEU A 12 -0.29 14.09 -6.53
C LEU A 12 -1.26 15.15 -7.01
N GLU A 13 -0.94 15.86 -8.10
CA GLU A 13 -1.90 16.74 -8.72
C GLU A 13 -3.13 15.95 -9.16
N ALA A 14 -2.98 14.67 -9.53
CA ALA A 14 -4.10 13.90 -10.03
C ALA A 14 -4.83 13.19 -8.88
N PHE A 15 -4.27 13.19 -7.67
CA PHE A 15 -4.92 12.65 -6.48
C PHE A 15 -6.11 13.53 -6.12
N ARG A 16 -5.87 14.83 -5.92
CA ARG A 16 -6.94 15.73 -5.48
C ARG A 16 -7.98 15.92 -6.58
N GLU A 17 -7.59 15.78 -7.85
CA GLU A 17 -8.47 15.80 -9.01
C GLU A 17 -9.53 14.68 -8.98
N SER A 18 -9.50 13.76 -8.00
CA SER A 18 -10.57 12.77 -7.81
C SER A 18 -11.26 13.05 -6.48
N PRO A 19 -12.61 13.08 -6.48
CA PRO A 19 -13.39 13.11 -5.26
C PRO A 19 -13.27 11.78 -4.52
N ASP A 20 -13.27 10.67 -5.25
CA ASP A 20 -13.28 9.31 -4.70
C ASP A 20 -11.94 9.01 -4.02
N MET A 21 -10.83 9.34 -4.68
CA MET A 21 -9.49 9.16 -4.12
C MET A 21 -9.36 9.99 -2.84
N MET A 22 -9.84 11.22 -2.87
CA MET A 22 -9.89 12.06 -1.67
C MET A 22 -10.77 11.44 -0.59
N ALA A 23 -11.92 10.88 -0.96
CA ALA A 23 -12.88 10.31 -0.03
C ALA A 23 -12.23 9.21 0.80
N ILE A 24 -11.52 8.29 0.15
CA ILE A 24 -10.81 7.19 0.83
C ILE A 24 -9.91 7.72 1.95
N LEU A 25 -9.35 8.92 1.78
CA LEU A 25 -8.49 9.55 2.77
C LEU A 25 -9.30 10.26 3.84
N THR A 26 -10.22 11.16 3.46
CA THR A 26 -11.12 11.83 4.39
C THR A 26 -11.81 10.81 5.32
N ILE A 27 -12.18 9.63 4.82
CA ILE A 27 -12.82 8.61 5.63
C ILE A 27 -11.81 7.99 6.60
N ILE A 28 -10.70 7.41 6.12
CA ILE A 28 -9.74 6.71 7.00
C ILE A 28 -9.32 7.67 8.12
N ARG A 29 -9.05 8.93 7.78
CA ARG A 29 -8.52 9.87 8.74
C ARG A 29 -9.50 10.11 9.91
N ASP A 30 -10.78 10.20 9.62
CA ASP A 30 -11.87 10.51 10.55
C ASP A 30 -12.24 9.29 11.42
N LEU A 31 -11.64 8.12 11.16
CA LEU A 31 -11.80 6.94 11.99
C LEU A 31 -11.30 7.13 13.43
N GLY A 32 -10.42 8.11 13.66
CA GLY A 32 -9.83 8.36 14.97
C GLY A 32 -9.06 7.15 15.51
N LEU A 33 -8.47 6.36 14.62
CA LEU A 33 -7.52 5.30 14.97
C LEU A 33 -6.20 5.95 15.39
N LYS A 34 -5.19 5.12 15.66
CA LYS A 34 -3.88 5.61 16.07
C LYS A 34 -2.83 4.92 15.23
N ASP A 35 -1.88 5.73 14.76
CA ASP A 35 -0.78 5.34 13.87
C ASP A 35 -1.32 4.44 12.76
N SER A 36 -2.32 4.97 12.05
CA SER A 36 -2.93 4.34 10.90
C SER A 36 -2.74 5.22 9.68
N TRP A 37 -2.56 4.61 8.51
CA TRP A 37 -2.58 5.31 7.23
C TRP A 37 -2.77 4.32 6.07
N LEU A 38 -2.80 4.81 4.84
CA LEU A 38 -2.97 4.00 3.62
C LEU A 38 -1.59 3.53 3.15
N ALA A 39 -1.52 2.32 2.62
CA ALA A 39 -0.30 1.70 2.09
C ALA A 39 -0.60 1.01 0.76
N ALA A 40 0.24 0.03 0.43
CA ALA A 40 0.22 -0.78 -0.78
C ALA A 40 -1.18 -1.25 -1.17
N GLY A 41 -1.33 -1.76 -2.39
CA GLY A 41 -2.66 -1.98 -2.92
C GLY A 41 -3.17 -0.63 -3.38
N SER A 42 -3.73 0.17 -2.46
CA SER A 42 -4.38 1.42 -2.80
C SER A 42 -3.39 2.47 -3.29
N VAL A 43 -2.30 2.69 -2.53
CA VAL A 43 -1.31 3.72 -2.85
C VAL A 43 -0.61 3.33 -4.17
N ARG A 44 -0.51 2.05 -4.53
CA ARG A 44 0.00 1.65 -5.84
C ARG A 44 -1.03 1.85 -6.91
N ASN A 45 -2.28 1.47 -6.68
CA ASN A 45 -3.34 1.52 -7.68
C ASN A 45 -3.42 2.92 -8.30
N PHE A 46 -3.47 3.98 -7.48
CA PHE A 46 -3.63 5.34 -8.00
C PHE A 46 -2.38 5.82 -8.77
N ILE A 47 -1.30 5.03 -8.78
CA ILE A 47 -0.07 5.34 -9.48
C ILE A 47 0.07 4.39 -10.68
N TRP A 48 0.20 3.08 -10.49
CA TRP A 48 0.47 2.16 -11.59
C TRP A 48 -0.58 2.24 -12.69
N ASN A 49 -1.86 2.39 -12.35
CA ASN A 49 -2.86 2.56 -13.39
C ASN A 49 -2.64 3.88 -14.14
N LEU A 50 -2.30 4.95 -13.42
CA LEU A 50 -2.03 6.30 -13.91
C LEU A 50 -1.02 6.29 -15.07
N LEU A 51 0.27 6.01 -14.83
CA LEU A 51 1.27 5.99 -15.89
C LEU A 51 1.04 4.90 -16.96
N SER A 52 0.07 4.00 -16.74
CA SER A 52 -0.26 2.90 -17.64
C SER A 52 -1.53 3.25 -18.44
N ASP A 53 -2.04 4.48 -18.33
CA ASP A 53 -3.23 4.96 -19.05
C ASP A 53 -4.51 4.14 -18.75
N LYS A 54 -4.50 3.41 -17.64
CA LYS A 54 -5.62 2.64 -17.10
C LYS A 54 -6.55 3.55 -16.31
N SER A 55 -7.43 2.97 -15.51
CA SER A 55 -8.31 3.68 -14.59
C SER A 55 -7.82 3.57 -13.15
N PRO A 56 -6.95 4.47 -12.69
CA PRO A 56 -6.59 4.54 -11.30
C PRO A 56 -7.81 4.81 -10.42
N PHE A 57 -8.81 5.53 -10.93
CA PHE A 57 -9.99 5.93 -10.16
C PHE A 57 -11.05 4.84 -10.19
N ASP A 58 -10.63 3.61 -9.95
CA ASP A 58 -11.49 2.43 -10.02
C ASP A 58 -12.20 2.16 -8.69
N HIS A 59 -11.62 2.60 -7.55
CA HIS A 59 -12.05 2.45 -6.14
C HIS A 59 -12.37 1.04 -5.64
N GLU A 60 -12.41 0.02 -6.48
CA GLU A 60 -12.81 -1.34 -6.10
C GLU A 60 -11.60 -2.25 -5.88
N THR A 61 -10.39 -1.71 -5.87
CA THR A 61 -9.19 -2.42 -5.48
C THR A 61 -9.20 -2.70 -3.96
N ASP A 62 -8.27 -3.55 -3.52
CA ASP A 62 -7.84 -3.80 -2.15
C ASP A 62 -7.20 -2.55 -1.50
N ILE A 63 -7.52 -2.26 -0.24
CA ILE A 63 -7.20 -1.01 0.46
C ILE A 63 -6.46 -1.36 1.77
N ASP A 64 -5.13 -1.43 1.74
CA ASP A 64 -4.33 -1.69 2.96
C ASP A 64 -4.28 -0.45 3.80
N VAL A 65 -4.99 -0.60 4.88
CA VAL A 65 -5.15 0.25 6.00
C VAL A 65 -4.42 -0.43 7.17
N ILE A 66 -3.14 -0.17 7.25
CA ILE A 66 -2.34 -0.69 8.33
C ILE A 66 -2.56 0.20 9.56
N PHE A 67 -2.62 -0.39 10.75
CA PHE A 67 -2.61 0.36 12.02
C PHE A 67 -1.84 -0.30 13.17
N PHE A 68 -1.39 0.51 14.13
CA PHE A 68 -0.51 0.10 15.21
C PHE A 68 -1.09 0.59 16.53
N ASP A 69 -1.76 -0.29 17.28
CA ASP A 69 -2.41 0.02 18.55
C ASP A 69 -2.31 -1.15 19.54
N PRO A 70 -1.20 -1.25 20.29
CA PRO A 70 -1.01 -2.34 21.25
C PRO A 70 -2.10 -2.41 22.32
N ASP A 71 -2.88 -1.35 22.52
CA ASP A 71 -3.97 -1.25 23.48
C ASP A 71 -5.33 -1.74 22.93
N PHE A 72 -5.41 -2.28 21.70
CA PHE A 72 -6.65 -2.85 21.18
C PHE A 72 -6.83 -4.31 21.61
N SER A 73 -7.74 -5.02 20.96
CA SER A 73 -7.95 -6.46 21.11
C SER A 73 -7.93 -7.10 19.73
N TYR A 74 -7.48 -8.34 19.69
CA TYR A 74 -7.39 -9.10 18.47
C TYR A 74 -8.76 -9.16 17.82
N GLU A 75 -9.83 -9.52 18.55
CA GLU A 75 -11.10 -9.74 17.86
C GLU A 75 -11.74 -8.44 17.36
N GLU A 76 -11.57 -7.37 18.12
CA GLU A 76 -12.09 -6.05 17.77
C GLU A 76 -11.48 -5.56 16.48
N THR A 77 -10.23 -5.92 16.22
CA THR A 77 -9.55 -5.75 14.93
C THR A 77 -10.49 -6.19 13.79
N LEU A 78 -10.99 -7.42 13.82
CA LEU A 78 -11.77 -7.98 12.72
C LEU A 78 -13.16 -7.35 12.63
N LEU A 79 -13.75 -7.01 13.77
CA LEU A 79 -15.06 -6.35 13.85
C LEU A 79 -15.01 -4.92 13.31
N LEU A 80 -13.94 -4.19 13.60
CA LEU A 80 -13.80 -2.82 13.13
C LEU A 80 -13.62 -2.79 11.60
N GLU A 81 -12.94 -3.80 11.07
CA GLU A 81 -12.79 -4.04 9.64
C GLU A 81 -14.16 -4.27 9.01
N LYS A 82 -14.95 -5.18 9.58
CA LYS A 82 -16.33 -5.42 9.18
C LYS A 82 -17.12 -4.13 9.12
N LYS A 83 -17.16 -3.40 10.24
CA LYS A 83 -17.90 -2.16 10.39
C LYS A 83 -17.60 -1.20 9.24
N LEU A 84 -16.33 -1.04 8.89
CA LEU A 84 -15.92 -0.20 7.78
C LEU A 84 -16.50 -0.70 6.46
N ARG A 85 -16.33 -1.99 6.14
CA ARG A 85 -16.85 -2.58 4.92
C ARG A 85 -18.38 -2.64 4.91
N GLU A 86 -19.05 -2.56 6.07
CA GLU A 86 -20.49 -2.46 6.15
C GLU A 86 -20.96 -1.05 5.80
N ASP A 87 -20.31 -0.03 6.37
CA ASP A 87 -20.74 1.35 6.21
C ASP A 87 -20.37 1.91 4.83
N PHE A 88 -19.37 1.29 4.18
CA PHE A 88 -18.87 1.63 2.86
C PHE A 88 -18.45 0.34 2.09
N PRO A 89 -19.42 -0.47 1.61
CA PRO A 89 -19.14 -1.75 0.94
C PRO A 89 -18.47 -1.61 -0.43
N GLN A 90 -18.41 -0.40 -0.98
CA GLN A 90 -17.78 -0.06 -2.25
C GLN A 90 -16.25 -0.03 -2.18
N TYR A 91 -15.67 -0.28 -1.00
CA TYR A 91 -14.25 -0.12 -0.70
C TYR A 91 -13.76 -1.33 0.11
N GLN A 92 -12.52 -1.76 -0.10
CA GLN A 92 -11.97 -2.99 0.48
C GLN A 92 -10.94 -2.72 1.58
N TRP A 93 -11.39 -2.14 2.69
CA TRP A 93 -10.61 -1.88 3.89
C TRP A 93 -10.03 -3.20 4.45
N GLU A 94 -8.74 -3.45 4.26
CA GLU A 94 -8.02 -4.64 4.71
C GLU A 94 -7.56 -4.50 6.18
N LEU A 95 -8.33 -3.83 7.05
CA LEU A 95 -7.93 -3.32 8.38
C LEU A 95 -7.14 -4.36 9.19
N LYS A 96 -5.84 -4.13 9.36
CA LYS A 96 -4.87 -5.10 9.86
C LYS A 96 -4.02 -4.45 10.93
N ASN A 97 -4.06 -4.94 12.16
CA ASN A 97 -3.16 -4.55 13.26
C ASN A 97 -1.80 -5.22 13.07
N GLN A 98 -0.73 -4.44 12.92
CA GLN A 98 0.65 -4.90 12.77
C GLN A 98 1.29 -5.36 14.10
N VAL A 99 0.86 -4.82 15.23
CA VAL A 99 1.44 -5.14 16.55
C VAL A 99 1.40 -6.65 16.85
N TYR A 100 0.34 -7.35 16.43
CA TYR A 100 0.15 -8.78 16.70
C TYR A 100 0.66 -9.66 15.54
N MET A 101 1.36 -9.08 14.55
CA MET A 101 1.76 -9.67 13.26
C MET A 101 2.87 -10.74 13.37
N HIS A 102 3.07 -11.38 14.52
CA HIS A 102 4.11 -12.37 14.75
C HIS A 102 3.81 -13.75 14.10
N GLN A 103 3.14 -13.77 12.94
CA GLN A 103 2.53 -14.98 12.39
C GLN A 103 2.22 -14.92 10.88
N HIS A 104 2.64 -13.86 10.18
CA HIS A 104 2.36 -13.67 8.76
C HIS A 104 3.66 -13.61 7.93
N SER A 105 4.81 -13.97 8.48
CA SER A 105 6.08 -14.07 7.73
C SER A 105 7.00 -15.14 8.32
N PRO A 106 8.04 -15.60 7.59
CA PRO A 106 8.97 -16.60 8.11
C PRO A 106 10.04 -16.05 9.03
N HIS A 107 10.37 -14.78 8.85
CA HIS A 107 11.41 -14.12 9.62
C HIS A 107 11.11 -12.65 9.84
N THR A 108 9.82 -12.28 9.83
CA THR A 108 9.39 -10.93 10.08
C THR A 108 8.20 -10.96 11.06
N ALA A 109 8.38 -11.59 12.22
CA ALA A 109 7.38 -11.68 13.27
C ALA A 109 7.26 -10.32 13.97
N SER A 110 6.34 -9.50 13.46
CA SER A 110 6.08 -8.13 13.89
C SER A 110 7.17 -7.17 13.34
N TYR A 111 6.94 -5.87 13.53
CA TYR A 111 7.60 -4.76 12.88
C TYR A 111 7.90 -3.68 13.94
N THR A 112 8.40 -2.50 13.53
CA THR A 112 8.82 -1.46 14.48
C THR A 112 7.94 -0.20 14.43
N SER A 113 7.02 -0.10 13.45
CA SER A 113 5.91 0.86 13.30
C SER A 113 5.28 0.60 11.91
N SER A 114 4.31 1.43 11.51
CA SER A 114 3.67 1.47 10.22
C SER A 114 4.67 1.47 9.06
N ARG A 115 5.63 2.40 9.10
CA ARG A 115 6.60 2.56 8.02
C ARG A 115 7.56 1.37 8.03
N ASP A 116 7.96 0.87 9.20
CA ASP A 116 8.84 -0.29 9.27
C ASP A 116 8.20 -1.50 8.60
N ALA A 117 6.93 -1.78 8.92
CA ALA A 117 6.12 -2.80 8.25
C ALA A 117 6.24 -2.68 6.74
N MET A 118 6.01 -1.47 6.23
CA MET A 118 6.09 -1.12 4.83
C MET A 118 7.47 -1.43 4.25
N SER A 119 8.54 -1.08 4.96
CA SER A 119 9.90 -1.29 4.48
C SER A 119 10.25 -2.79 4.37
N LYS A 120 9.45 -3.67 4.98
CA LYS A 120 9.53 -5.13 4.93
C LYS A 120 8.35 -5.73 4.16
N TYR A 121 7.64 -4.95 3.32
CA TYR A 121 6.79 -5.53 2.29
C TYR A 121 7.65 -6.44 1.39
N PRO A 122 7.01 -7.35 0.65
CA PRO A 122 7.72 -8.37 -0.13
C PRO A 122 8.31 -7.83 -1.42
N GLU A 123 8.16 -6.55 -1.69
CA GLU A 123 8.42 -5.95 -2.98
C GLU A 123 8.73 -4.44 -2.80
N ARG A 124 9.75 -3.90 -3.48
CA ARG A 124 10.16 -2.49 -3.38
C ARG A 124 9.03 -1.55 -3.79
N CYS A 125 8.38 -1.77 -4.95
CA CYS A 125 7.29 -0.88 -5.35
C CYS A 125 6.10 -1.03 -4.39
N THR A 126 5.98 -2.14 -3.67
CA THR A 126 4.93 -2.29 -2.67
C THR A 126 5.25 -1.45 -1.42
N ALA A 127 6.53 -1.27 -1.07
CA ALA A 127 7.05 -0.58 0.10
C ALA A 127 6.81 0.95 0.09
N VAL A 128 5.55 1.40 0.20
CA VAL A 128 5.17 2.81 0.11
C VAL A 128 3.76 3.03 0.67
N GLY A 129 3.49 4.25 1.12
CA GLY A 129 2.22 4.68 1.69
C GLY A 129 1.97 6.15 1.39
N LEU A 130 0.72 6.59 1.56
CA LEU A 130 0.23 7.91 1.21
C LEU A 130 -0.91 8.29 2.17
N ARG A 131 -0.89 9.48 2.79
CA ARG A 131 -1.99 9.97 3.66
C ARG A 131 -1.90 11.48 3.88
N LEU A 132 -2.91 12.07 4.54
CA LEU A 132 -2.96 13.47 4.95
C LEU A 132 -2.18 13.67 6.24
N ASN A 133 -1.57 14.85 6.40
CA ASN A 133 -0.86 15.20 7.64
C ASN A 133 -1.80 15.92 8.57
N GLU A 134 -1.23 16.55 9.58
CA GLU A 134 -1.83 17.71 10.20
C GLU A 134 -2.33 18.74 9.19
N GLU A 135 -1.45 19.10 8.25
CA GLU A 135 -1.59 20.17 7.26
C GLU A 135 -2.63 19.79 6.17
N LEU A 136 -3.07 18.52 6.15
CA LEU A 136 -3.92 17.90 5.17
C LEU A 136 -3.24 17.81 3.80
N ASP A 137 -1.94 17.54 3.81
CA ASP A 137 -1.09 17.34 2.63
C ASP A 137 -0.69 15.89 2.46
N PHE A 138 -0.26 15.55 1.26
CA PHE A 138 -0.05 14.21 0.76
C PHE A 138 1.37 13.76 1.13
N GLU A 139 1.49 13.12 2.29
CA GLU A 139 2.70 12.46 2.77
C GLU A 139 3.10 11.37 1.79
N LEU A 140 4.39 11.10 1.69
CA LEU A 140 4.97 10.05 0.89
C LEU A 140 5.98 9.31 1.78
N TYR A 141 6.19 8.02 1.54
CA TYR A 141 7.26 7.25 2.18
C TYR A 141 7.87 6.30 1.15
N VAL A 142 9.12 6.53 0.74
CA VAL A 142 9.86 5.63 -0.13
C VAL A 142 11.31 5.53 0.38
N PRO A 143 11.61 4.63 1.33
CA PRO A 143 12.96 4.47 1.83
C PRO A 143 13.92 3.87 0.80
N TYR A 144 13.41 3.49 -0.37
CA TYR A 144 14.11 2.79 -1.44
C TYR A 144 14.06 3.57 -2.77
N GLY A 145 13.13 4.53 -2.91
CA GLY A 145 12.93 5.37 -4.10
C GLY A 145 11.56 5.12 -4.77
N LEU A 146 11.11 6.09 -5.57
CA LEU A 146 9.85 6.06 -6.32
C LEU A 146 10.04 5.59 -7.76
N GLU A 147 11.26 5.63 -8.29
CA GLU A 147 11.57 5.19 -9.65
C GLU A 147 11.11 3.75 -9.87
N ASP A 148 11.07 2.94 -8.81
CA ASP A 148 10.60 1.57 -8.78
C ASP A 148 9.15 1.49 -9.23
N ILE A 149 8.32 2.48 -8.88
CA ILE A 149 6.92 2.50 -9.29
C ILE A 149 6.85 2.98 -10.74
N LEU A 150 7.51 4.10 -11.06
CA LEU A 150 7.39 4.73 -12.38
C LEU A 150 7.87 3.82 -13.50
N ASN A 151 8.93 3.05 -13.25
CA ASN A 151 9.50 2.14 -14.24
C ASN A 151 8.76 0.80 -14.24
N PHE A 152 7.72 0.65 -13.42
CA PHE A 152 6.95 -0.56 -13.22
C PHE A 152 7.89 -1.72 -12.90
N GLN A 153 8.68 -1.55 -11.85
CA GLN A 153 9.61 -2.56 -11.40
C GLN A 153 8.90 -3.44 -10.36
N VAL A 154 9.28 -4.71 -10.32
CA VAL A 154 9.02 -5.68 -9.28
C VAL A 154 10.40 -6.21 -8.91
N ARG A 155 10.93 -5.83 -7.75
CA ARG A 155 12.18 -6.32 -7.18
C ARG A 155 12.03 -6.48 -5.66
N PRO A 156 12.77 -7.40 -5.03
CA PRO A 156 12.69 -7.59 -3.60
C PRO A 156 13.28 -6.38 -2.86
N THR A 157 12.75 -6.08 -1.68
CA THR A 157 13.30 -5.10 -0.76
C THR A 157 14.69 -5.56 -0.32
N PRO A 158 15.58 -4.62 0.06
CA PRO A 158 16.88 -4.97 0.59
C PRO A 158 16.76 -5.85 1.84
N HIS A 159 15.68 -5.71 2.63
CA HIS A 159 15.43 -6.54 3.80
C HIS A 159 15.17 -8.01 3.46
N PHE A 160 14.83 -8.34 2.22
CA PHE A 160 14.53 -9.71 1.84
C PHE A 160 15.78 -10.44 1.35
N LEU A 161 16.75 -9.75 0.75
CA LEU A 161 17.98 -10.40 0.30
C LEU A 161 18.76 -10.93 1.52
N GLU A 162 18.60 -10.27 2.66
CA GLU A 162 19.26 -10.52 3.95
C GLU A 162 18.77 -11.77 4.65
N ASN A 163 17.71 -12.37 4.13
CA ASN A 163 17.11 -13.59 4.68
C ASN A 163 16.57 -14.47 3.57
N GLU A 164 17.17 -15.64 3.35
CA GLU A 164 16.75 -16.54 2.28
C GLU A 164 15.26 -16.89 2.44
N ASP A 165 14.81 -17.04 3.69
CA ASP A 165 13.45 -17.38 4.07
C ASP A 165 12.47 -16.33 3.58
N ARG A 166 12.86 -15.06 3.71
CA ARG A 166 12.06 -13.97 3.23
C ARG A 166 11.96 -14.02 1.70
N MET A 167 13.05 -14.30 0.99
CA MET A 167 12.97 -14.46 -0.46
C MET A 167 11.93 -15.54 -0.83
N GLU A 168 11.93 -16.67 -0.12
CA GLU A 168 10.97 -17.74 -0.35
C GLU A 168 9.52 -17.26 -0.18
N LEU A 169 9.23 -16.38 0.79
CA LEU A 169 7.90 -15.79 0.97
C LEU A 169 7.47 -15.09 -0.31
N TYR A 170 8.34 -14.22 -0.84
CA TYR A 170 8.03 -13.42 -2.02
C TYR A 170 7.65 -14.35 -3.16
N GLN A 171 8.51 -15.32 -3.46
CA GLN A 171 8.38 -16.27 -4.56
C GLN A 171 7.06 -17.05 -4.42
N THR A 172 6.81 -17.59 -3.23
CA THR A 172 5.57 -18.30 -2.93
C THR A 172 4.33 -17.43 -3.22
N ARG A 173 4.27 -16.20 -2.68
CA ARG A 173 3.13 -15.30 -2.95
C ARG A 173 3.17 -14.74 -4.38
N LEU A 174 4.28 -14.90 -5.13
CA LEU A 174 4.40 -14.42 -6.50
C LEU A 174 3.56 -15.31 -7.39
N SER A 175 3.96 -16.57 -7.57
CA SER A 175 3.23 -17.56 -8.37
C SER A 175 2.71 -16.97 -9.68
N LYS A 176 3.62 -16.30 -10.41
CA LYS A 176 3.41 -15.66 -11.71
C LYS A 176 2.13 -14.81 -11.69
N LYS A 177 1.98 -13.95 -10.67
CA LYS A 177 0.91 -13.00 -10.48
C LYS A 177 0.61 -12.25 -11.76
N ASN A 178 -0.59 -11.73 -11.78
CA ASN A 178 -1.20 -10.90 -12.82
C ASN A 178 -0.53 -9.53 -13.05
N TRP A 179 0.70 -9.33 -12.55
CA TRP A 179 1.47 -8.11 -12.71
C TRP A 179 1.59 -7.73 -14.19
N GLN A 180 2.26 -8.57 -14.97
CA GLN A 180 2.44 -8.33 -16.40
C GLN A 180 1.16 -8.48 -17.22
N GLU A 181 0.11 -9.11 -16.67
CA GLU A 181 -1.17 -9.21 -17.34
C GLU A 181 -1.82 -7.83 -17.39
N LYS A 182 -1.99 -7.19 -16.23
CA LYS A 182 -2.72 -5.93 -16.14
C LYS A 182 -1.92 -4.76 -16.70
N TRP A 183 -0.61 -4.73 -16.45
CA TRP A 183 0.26 -3.63 -16.78
C TRP A 183 1.31 -4.15 -17.78
N LYS A 184 1.18 -3.82 -19.07
CA LYS A 184 2.04 -4.42 -20.12
C LYS A 184 3.51 -4.07 -19.93
N ASN A 185 3.77 -2.93 -19.31
CA ASN A 185 5.08 -2.30 -19.10
C ASN A 185 5.90 -2.95 -17.96
N LEU A 186 5.32 -3.92 -17.25
CA LEU A 186 5.78 -4.41 -15.96
C LEU A 186 7.04 -5.29 -16.08
N ILE A 187 8.07 -4.96 -15.30
CA ILE A 187 9.38 -5.60 -15.20
C ILE A 187 9.43 -6.47 -13.95
N PHE A 188 10.02 -7.66 -14.09
CA PHE A 188 10.36 -8.54 -12.97
C PHE A 188 11.89 -8.57 -12.81
N LYS A 189 12.36 -8.66 -11.56
CA LYS A 189 13.78 -8.82 -11.17
C LYS A 189 13.88 -9.68 -9.90
N ASN A 190 15.10 -9.99 -9.46
CA ASN A 190 15.43 -10.80 -8.29
C ASN A 190 16.30 -10.05 -7.26
N THR A 191 16.55 -8.77 -7.49
CA THR A 191 17.29 -7.83 -6.66
C THR A 191 16.87 -6.44 -7.21
N GLY A 1 -3.15 19.09 -16.00
CA GLY A 1 -2.52 18.59 -17.24
C GLY A 1 -3.34 17.56 -17.96
N MET A 2 -3.02 17.37 -19.23
CA MET A 2 -2.86 16.02 -19.72
C MET A 2 -1.81 15.28 -18.88
N ASN A 3 -1.69 14.00 -19.18
CA ASN A 3 -0.92 12.84 -18.70
C ASN A 3 0.61 12.98 -18.43
N THR A 4 1.09 14.20 -18.34
CA THR A 4 2.48 14.68 -18.34
C THR A 4 3.28 14.32 -17.06
N VAL A 5 3.15 13.10 -16.58
CA VAL A 5 3.49 12.70 -15.22
C VAL A 5 4.62 11.67 -15.25
N LYS A 6 5.78 12.03 -14.70
CA LYS A 6 6.90 11.12 -14.46
C LYS A 6 7.43 11.22 -13.02
N ASN A 7 6.73 11.95 -12.15
CA ASN A 7 7.22 12.31 -10.83
C ASN A 7 6.09 12.72 -9.93
N LYS A 8 6.40 12.78 -8.63
CA LYS A 8 5.44 12.84 -7.55
C LYS A 8 4.41 13.93 -7.75
N GLN A 9 4.81 15.19 -7.83
CA GLN A 9 3.89 16.31 -7.80
C GLN A 9 2.90 16.19 -8.96
N GLU A 10 3.36 15.77 -10.13
CA GLU A 10 2.54 15.58 -11.32
C GLU A 10 1.48 14.50 -11.09
N ILE A 11 1.80 13.47 -10.30
CA ILE A 11 0.83 12.49 -9.80
C ILE A 11 -0.13 13.18 -8.81
N LEU A 12 0.39 13.84 -7.77
CA LEU A 12 -0.43 14.37 -6.69
C LEU A 12 -1.39 15.45 -7.20
N GLU A 13 -1.01 16.19 -8.25
CA GLU A 13 -1.83 17.12 -9.00
C GLU A 13 -3.01 16.47 -9.72
N ALA A 14 -3.03 15.15 -9.85
CA ALA A 14 -4.18 14.39 -10.35
C ALA A 14 -4.92 13.65 -9.23
N PHE A 15 -4.37 13.60 -8.01
CA PHE A 15 -4.98 12.90 -6.89
C PHE A 15 -6.24 13.62 -6.43
N ARG A 16 -6.11 14.87 -5.98
CA ARG A 16 -7.18 15.66 -5.39
C ARG A 16 -8.18 16.12 -6.45
N GLU A 17 -7.73 16.20 -7.70
CA GLU A 17 -8.57 16.31 -8.88
C GLU A 17 -9.62 15.19 -8.94
N SER A 18 -9.37 14.02 -8.35
CA SER A 18 -10.36 12.97 -8.23
C SER A 18 -11.01 13.08 -6.84
N PRO A 19 -12.32 13.26 -6.80
CA PRO A 19 -13.05 13.42 -5.55
C PRO A 19 -13.02 12.13 -4.75
N ASP A 20 -13.09 10.99 -5.44
CA ASP A 20 -13.22 9.67 -4.84
C ASP A 20 -11.89 9.25 -4.26
N MET A 21 -10.82 9.44 -5.02
CA MET A 21 -9.46 9.14 -4.58
C MET A 21 -9.15 9.92 -3.30
N MET A 22 -9.49 11.21 -3.27
CA MET A 22 -9.18 12.06 -2.13
C MET A 22 -10.18 11.89 -0.98
N ALA A 23 -11.40 11.42 -1.26
CA ALA A 23 -12.34 10.98 -0.25
C ALA A 23 -11.69 9.91 0.59
N ILE A 24 -11.18 8.81 -0.03
CA ILE A 24 -10.59 7.67 0.68
C ILE A 24 -9.61 8.15 1.75
N LEU A 25 -8.69 9.03 1.36
CA LEU A 25 -7.65 9.56 2.22
C LEU A 25 -8.17 10.45 3.36
N THR A 26 -9.26 11.16 3.13
CA THR A 26 -9.96 11.91 4.15
C THR A 26 -10.65 10.94 5.11
N ILE A 27 -11.40 9.96 4.59
CA ILE A 27 -12.18 9.03 5.38
C ILE A 27 -11.26 8.31 6.36
N ILE A 28 -10.16 7.75 5.87
CA ILE A 28 -9.21 6.97 6.67
C ILE A 28 -8.61 7.85 7.79
N ARG A 29 -8.18 9.08 7.49
CA ARG A 29 -7.53 9.91 8.51
C ARG A 29 -8.45 10.20 9.70
N ASP A 30 -9.76 10.27 9.47
CA ASP A 30 -10.80 10.58 10.45
C ASP A 30 -11.16 9.38 11.34
N LEU A 31 -10.67 8.17 11.02
CA LEU A 31 -11.04 6.96 11.74
C LEU A 31 -10.61 6.99 13.21
N GLY A 32 -9.65 7.84 13.57
CA GLY A 32 -9.14 7.98 14.91
C GLY A 32 -8.36 6.73 15.38
N LEU A 33 -8.00 5.84 14.47
CA LEU A 33 -7.21 4.65 14.76
C LEU A 33 -5.77 5.09 15.04
N LYS A 34 -4.98 4.14 15.54
CA LYS A 34 -3.64 4.38 15.99
C LYS A 34 -2.70 4.07 14.84
N ASP A 35 -2.08 5.11 14.27
CA ASP A 35 -1.10 5.01 13.19
C ASP A 35 -1.67 4.31 11.95
N SER A 36 -2.98 4.45 11.69
CA SER A 36 -3.57 3.87 10.49
C SER A 36 -3.25 4.74 9.30
N TRP A 37 -2.70 4.16 8.24
CA TRP A 37 -2.69 4.80 6.93
C TRP A 37 -2.73 3.73 5.85
N LEU A 38 -2.69 4.15 4.58
CA LEU A 38 -2.59 3.22 3.47
C LEU A 38 -1.25 2.50 3.54
N ALA A 39 -1.04 1.66 2.55
CA ALA A 39 0.25 1.34 1.97
C ALA A 39 0.02 0.68 0.63
N ALA A 40 1.14 0.32 0.01
CA ALA A 40 1.14 -0.76 -0.94
C ALA A 40 0.26 -0.43 -2.15
N GLY A 41 -0.30 -1.43 -2.81
CA GLY A 41 -1.08 -1.31 -4.04
C GLY A 41 -2.10 -0.17 -4.03
N SER A 42 -2.69 0.16 -2.88
CA SER A 42 -3.66 1.24 -2.69
C SER A 42 -3.06 2.64 -2.90
N VAL A 43 -1.74 2.78 -2.86
CA VAL A 43 -1.03 3.99 -3.23
C VAL A 43 -0.64 3.95 -4.72
N ARG A 44 -0.68 2.79 -5.36
CA ARG A 44 -0.02 2.56 -6.63
C ARG A 44 -1.01 2.29 -7.75
N ASN A 45 -2.25 1.88 -7.47
CA ASN A 45 -3.29 1.87 -8.49
C ASN A 45 -3.43 3.26 -9.09
N PHE A 46 -3.44 4.30 -8.25
CA PHE A 46 -3.61 5.65 -8.74
C PHE A 46 -2.33 6.19 -9.40
N ILE A 47 -1.25 5.39 -9.52
CA ILE A 47 -0.01 5.79 -10.18
C ILE A 47 0.25 4.91 -11.41
N TRP A 48 0.37 3.59 -11.26
CA TRP A 48 0.67 2.68 -12.38
C TRP A 48 -0.35 2.83 -13.51
N ASN A 49 -1.62 3.05 -13.19
CA ASN A 49 -2.68 3.16 -14.16
C ASN A 49 -2.60 4.49 -14.93
N LEU A 50 -2.26 5.60 -14.26
CA LEU A 50 -1.98 6.89 -14.88
C LEU A 50 -0.93 6.72 -15.99
N LEU A 51 -0.03 5.74 -15.84
CA LEU A 51 1.17 5.53 -16.65
C LEU A 51 0.99 4.32 -17.59
N SER A 52 -0.20 3.76 -17.72
CA SER A 52 -0.44 2.58 -18.55
C SER A 52 -1.82 2.67 -19.22
N ASP A 53 -2.38 3.88 -19.33
CA ASP A 53 -3.59 4.15 -20.11
C ASP A 53 -4.83 3.42 -19.56
N LYS A 54 -4.84 3.12 -18.25
CA LYS A 54 -5.94 2.47 -17.53
C LYS A 54 -6.74 3.50 -16.72
N SER A 55 -7.56 3.01 -15.79
CA SER A 55 -8.39 3.79 -14.89
C SER A 55 -7.77 3.81 -13.49
N PRO A 56 -6.88 4.75 -13.19
CA PRO A 56 -6.32 4.91 -11.85
C PRO A 56 -7.39 5.04 -10.77
N PHE A 57 -8.49 5.69 -11.13
CA PHE A 57 -9.59 5.98 -10.24
C PHE A 57 -10.57 4.83 -10.38
N ASP A 58 -10.34 3.78 -9.60
CA ASP A 58 -11.10 2.53 -9.62
C ASP A 58 -11.23 2.09 -8.16
N HIS A 59 -12.26 2.57 -7.48
CA HIS A 59 -12.45 2.34 -6.05
C HIS A 59 -12.75 0.87 -5.69
N GLU A 60 -12.88 0.04 -6.72
CA GLU A 60 -13.12 -1.39 -6.71
C GLU A 60 -11.86 -2.19 -6.36
N THR A 61 -10.71 -1.53 -6.14
CA THR A 61 -9.45 -2.18 -5.80
C THR A 61 -9.33 -2.31 -4.27
N ASP A 62 -8.31 -3.04 -3.83
CA ASP A 62 -8.07 -3.43 -2.45
C ASP A 62 -7.41 -2.26 -1.71
N ILE A 63 -7.81 -1.96 -0.46
CA ILE A 63 -7.41 -0.77 0.27
C ILE A 63 -6.68 -1.23 1.55
N ASP A 64 -5.35 -1.33 1.51
CA ASP A 64 -4.52 -1.74 2.67
C ASP A 64 -4.75 -0.73 3.79
N VAL A 65 -5.13 -1.18 4.98
CA VAL A 65 -5.24 -0.34 6.16
C VAL A 65 -4.43 -0.99 7.28
N ILE A 66 -3.12 -0.78 7.23
CA ILE A 66 -2.25 -1.19 8.33
C ILE A 66 -2.39 -0.19 9.46
N PHE A 67 -2.21 -0.65 10.71
CA PHE A 67 -2.22 0.18 11.91
C PHE A 67 -1.43 -0.53 13.01
N PHE A 68 -1.20 0.17 14.13
CA PHE A 68 -0.37 -0.29 15.24
C PHE A 68 -1.00 0.19 16.56
N ASP A 69 -1.74 -0.71 17.22
CA ASP A 69 -2.32 -0.53 18.54
C ASP A 69 -2.13 -1.81 19.36
N PRO A 70 -0.98 -1.97 20.03
CA PRO A 70 -0.69 -3.15 20.84
C PRO A 70 -1.61 -3.29 22.07
N ASP A 71 -2.48 -2.30 22.30
CA ASP A 71 -3.55 -2.35 23.28
C ASP A 71 -4.88 -2.89 22.72
N PHE A 72 -5.00 -3.23 21.43
CA PHE A 72 -6.29 -3.68 20.87
C PHE A 72 -6.31 -5.19 20.68
N SER A 73 -7.47 -5.81 20.93
CA SER A 73 -7.67 -7.25 20.87
C SER A 73 -7.55 -7.78 19.45
N TYR A 74 -7.12 -9.04 19.32
CA TYR A 74 -7.04 -9.70 18.04
C TYR A 74 -8.42 -9.74 17.40
N GLU A 75 -9.45 -10.18 18.12
CA GLU A 75 -10.75 -10.34 17.50
C GLU A 75 -11.35 -8.97 17.17
N GLU A 76 -11.25 -7.99 18.08
CA GLU A 76 -11.78 -6.64 17.87
C GLU A 76 -11.24 -6.01 16.59
N THR A 77 -10.00 -6.31 16.25
CA THR A 77 -9.40 -5.98 14.94
C THR A 77 -10.39 -6.32 13.80
N LEU A 78 -10.88 -7.57 13.75
CA LEU A 78 -11.81 -8.02 12.72
C LEU A 78 -13.19 -7.40 12.92
N LEU A 79 -13.65 -7.31 14.17
CA LEU A 79 -14.99 -6.83 14.49
C LEU A 79 -15.20 -5.40 14.03
N LEU A 80 -14.16 -4.60 14.17
CA LEU A 80 -14.08 -3.23 13.71
C LEU A 80 -14.26 -3.19 12.19
N GLU A 81 -13.48 -4.01 11.49
CA GLU A 81 -13.44 -4.09 10.03
C GLU A 81 -14.84 -4.28 9.44
N LYS A 82 -15.62 -5.22 9.98
CA LYS A 82 -16.95 -5.50 9.43
C LYS A 82 -17.82 -4.24 9.47
N LYS A 83 -17.68 -3.41 10.51
CA LYS A 83 -18.43 -2.17 10.63
C LYS A 83 -17.99 -1.29 9.49
N LEU A 84 -16.68 -1.05 9.36
CA LEU A 84 -16.13 -0.13 8.37
C LEU A 84 -16.63 -0.46 6.97
N ARG A 85 -16.70 -1.76 6.65
CA ARG A 85 -17.23 -2.20 5.36
C ARG A 85 -18.76 -2.04 5.31
N GLU A 86 -19.54 -2.35 6.34
CA GLU A 86 -20.97 -2.05 6.33
C GLU A 86 -21.27 -0.55 6.22
N ASP A 87 -20.39 0.29 6.78
CA ASP A 87 -20.53 1.74 6.88
C ASP A 87 -20.32 2.37 5.50
N PHE A 88 -19.36 1.83 4.75
CA PHE A 88 -18.92 2.30 3.44
C PHE A 88 -18.57 1.10 2.57
N PRO A 89 -19.58 0.35 2.11
CA PRO A 89 -19.40 -0.92 1.42
C PRO A 89 -18.82 -0.77 0.02
N GLN A 90 -18.80 0.46 -0.48
CA GLN A 90 -18.21 0.87 -1.73
C GLN A 90 -16.69 0.65 -1.76
N TYR A 91 -16.03 0.31 -0.63
CA TYR A 91 -14.58 0.21 -0.57
C TYR A 91 -14.12 -1.01 0.25
N GLN A 92 -12.87 -1.43 0.06
CA GLN A 92 -12.30 -2.68 0.56
C GLN A 92 -11.29 -2.44 1.69
N TRP A 93 -11.76 -2.02 2.86
CA TRP A 93 -10.89 -1.62 3.97
C TRP A 93 -10.20 -2.84 4.60
N GLU A 94 -8.96 -3.15 4.22
CA GLU A 94 -8.20 -4.31 4.68
C GLU A 94 -7.49 -3.99 5.99
N LEU A 95 -8.21 -4.06 7.12
CA LEU A 95 -7.70 -3.65 8.43
C LEU A 95 -6.78 -4.70 9.06
N LYS A 96 -5.46 -4.50 9.01
CA LYS A 96 -4.50 -5.40 9.64
C LYS A 96 -3.62 -4.69 10.68
N ASN A 97 -3.90 -4.98 11.95
CA ASN A 97 -3.03 -4.65 13.07
C ASN A 97 -1.68 -5.39 12.94
N GLN A 98 -0.62 -4.66 12.64
CA GLN A 98 0.73 -5.15 12.44
C GLN A 98 1.39 -5.64 13.75
N VAL A 99 0.82 -5.37 14.93
CA VAL A 99 1.29 -5.92 16.20
C VAL A 99 1.32 -7.45 16.11
N TYR A 100 0.25 -8.03 15.59
CA TYR A 100 0.04 -9.48 15.52
C TYR A 100 0.71 -10.08 14.28
N MET A 101 1.75 -9.44 13.72
CA MET A 101 2.33 -9.89 12.47
C MET A 101 3.42 -10.98 12.65
N HIS A 102 3.82 -11.26 13.89
CA HIS A 102 4.86 -12.21 14.31
C HIS A 102 4.54 -13.71 14.07
N GLN A 103 3.86 -14.01 12.97
CA GLN A 103 3.46 -15.35 12.54
C GLN A 103 3.21 -15.43 11.02
N HIS A 104 3.42 -14.34 10.28
CA HIS A 104 3.08 -14.21 8.86
C HIS A 104 4.32 -14.12 7.96
N SER A 105 5.54 -14.06 8.50
CA SER A 105 6.78 -14.06 7.75
C SER A 105 7.94 -14.49 8.67
N PRO A 106 9.01 -15.10 8.11
CA PRO A 106 10.15 -15.57 8.87
C PRO A 106 10.83 -14.38 9.52
N HIS A 107 11.46 -14.58 10.68
CA HIS A 107 12.16 -13.61 11.53
C HIS A 107 11.40 -12.30 11.87
N THR A 108 10.18 -12.10 11.39
CA THR A 108 9.48 -10.81 11.40
C THR A 108 8.75 -10.64 12.72
N ALA A 109 9.44 -10.24 13.80
CA ALA A 109 8.85 -10.13 15.12
C ALA A 109 8.25 -8.72 15.33
N SER A 110 7.25 -8.36 14.53
CA SER A 110 6.62 -7.05 14.54
C SER A 110 7.63 -5.95 14.14
N TYR A 111 7.27 -4.69 14.38
CA TYR A 111 7.83 -3.47 13.80
C TYR A 111 7.88 -2.33 14.85
N THR A 112 8.09 -1.08 14.43
CA THR A 112 8.08 0.10 15.30
C THR A 112 6.85 1.00 15.00
N SER A 113 6.42 1.07 13.74
CA SER A 113 5.26 1.83 13.28
C SER A 113 4.75 1.19 12.00
N SER A 114 3.54 1.55 11.55
CA SER A 114 3.03 1.30 10.21
C SER A 114 4.06 1.64 9.14
N ARG A 115 4.54 2.89 9.15
CA ARG A 115 5.54 3.39 8.23
C ARG A 115 6.81 2.55 8.23
N ASP A 116 7.17 1.86 9.32
CA ASP A 116 8.35 1.01 9.32
C ASP A 116 8.03 -0.45 8.99
N ALA A 117 6.77 -0.88 9.14
CA ALA A 117 6.31 -2.17 8.66
C ALA A 117 6.38 -2.23 7.12
N MET A 118 6.12 -1.09 6.47
CA MET A 118 6.12 -0.96 5.02
C MET A 118 7.44 -1.42 4.40
N SER A 119 8.59 -1.02 4.94
CA SER A 119 9.87 -1.35 4.33
C SER A 119 10.06 -2.86 4.25
N LYS A 120 9.64 -3.56 5.31
CA LYS A 120 9.67 -5.01 5.44
C LYS A 120 8.68 -5.73 4.51
N TYR A 121 7.95 -5.06 3.60
CA TYR A 121 7.09 -5.76 2.63
C TYR A 121 7.90 -6.62 1.64
N PRO A 122 7.27 -7.60 0.98
CA PRO A 122 7.91 -8.51 0.02
C PRO A 122 8.45 -7.81 -1.23
N GLU A 123 7.91 -6.66 -1.61
CA GLU A 123 8.29 -5.99 -2.87
C GLU A 123 8.50 -4.50 -2.64
N ARG A 124 9.41 -3.89 -3.43
CA ARG A 124 9.72 -2.46 -3.39
C ARG A 124 8.45 -1.64 -3.57
N CYS A 125 7.72 -1.87 -4.66
CA CYS A 125 6.48 -1.16 -4.91
C CYS A 125 5.36 -1.49 -3.89
N THR A 126 5.48 -2.50 -3.03
CA THR A 126 4.57 -2.69 -1.90
C THR A 126 5.04 -1.80 -0.73
N ALA A 127 6.35 -1.67 -0.52
CA ALA A 127 6.96 -0.82 0.48
C ALA A 127 6.86 0.67 0.09
N VAL A 128 5.66 1.23 0.14
CA VAL A 128 5.32 2.60 -0.24
C VAL A 128 4.10 3.03 0.57
N GLY A 129 3.96 4.31 0.91
CA GLY A 129 2.82 4.86 1.65
C GLY A 129 2.42 6.27 1.19
N LEU A 130 1.15 6.62 1.43
CA LEU A 130 0.52 7.93 1.20
C LEU A 130 -0.63 8.15 2.20
N ARG A 131 -0.79 9.35 2.77
CA ARG A 131 -2.07 9.75 3.39
C ARG A 131 -2.21 11.28 3.45
N LEU A 132 -3.43 11.76 3.74
CA LEU A 132 -3.68 13.08 4.27
C LEU A 132 -3.23 13.12 5.71
N ASN A 133 -3.02 14.34 6.20
CA ASN A 133 -2.71 14.58 7.61
C ASN A 133 -3.72 15.55 8.20
N GLU A 134 -3.39 16.09 9.37
CA GLU A 134 -4.16 17.10 10.08
C GLU A 134 -4.38 18.38 9.28
N GLU A 135 -3.61 18.62 8.22
CA GLU A 135 -3.73 19.78 7.36
C GLU A 135 -3.96 19.43 5.92
N LEU A 136 -4.37 18.20 5.68
CA LEU A 136 -4.98 17.81 4.44
C LEU A 136 -3.92 17.82 3.33
N ASP A 137 -2.68 17.56 3.75
CA ASP A 137 -1.44 17.58 3.01
C ASP A 137 -1.22 16.19 2.40
N PHE A 138 -0.03 15.94 1.88
CA PHE A 138 0.39 14.72 1.24
C PHE A 138 1.63 14.21 1.96
N GLU A 139 1.40 13.30 2.88
CA GLU A 139 2.44 12.47 3.46
C GLU A 139 2.83 11.44 2.41
N LEU A 140 4.12 11.21 2.14
CA LEU A 140 4.63 10.19 1.21
C LEU A 140 5.60 9.31 2.03
N TYR A 141 5.79 8.05 1.69
CA TYR A 141 6.91 7.25 2.16
C TYR A 141 7.35 6.34 1.02
N VAL A 142 8.62 6.41 0.62
CA VAL A 142 9.27 5.58 -0.38
C VAL A 142 10.63 5.18 0.18
N PRO A 143 10.71 4.14 1.03
CA PRO A 143 11.96 3.71 1.66
C PRO A 143 13.06 3.33 0.67
N TYR A 144 12.73 3.13 -0.61
CA TYR A 144 13.65 2.75 -1.65
C TYR A 144 13.53 3.66 -2.88
N GLY A 145 12.75 4.73 -2.78
CA GLY A 145 12.65 5.79 -3.78
C GLY A 145 11.46 5.60 -4.72
N LEU A 146 11.16 6.66 -5.48
CA LEU A 146 9.97 6.72 -6.32
C LEU A 146 10.16 5.95 -7.61
N GLU A 147 11.39 5.88 -8.11
CA GLU A 147 11.66 5.41 -9.46
C GLU A 147 11.08 4.02 -9.69
N ASP A 148 11.05 3.17 -8.68
CA ASP A 148 10.51 1.82 -8.74
C ASP A 148 9.08 1.82 -9.26
N ILE A 149 8.23 2.77 -8.83
CA ILE A 149 6.83 2.76 -9.20
C ILE A 149 6.75 3.21 -10.66
N LEU A 150 7.42 4.31 -11.01
CA LEU A 150 7.41 4.84 -12.38
C LEU A 150 7.95 3.84 -13.38
N ASN A 151 9.02 3.13 -13.01
CA ASN A 151 9.68 2.12 -13.82
C ASN A 151 8.92 0.78 -13.73
N PHE A 152 7.76 0.68 -13.06
CA PHE A 152 6.95 -0.53 -12.93
C PHE A 152 7.75 -1.72 -12.38
N GLN A 153 8.59 -1.51 -11.38
CA GLN A 153 9.55 -2.50 -10.96
C GLN A 153 9.00 -3.33 -9.80
N VAL A 154 8.43 -4.49 -10.09
CA VAL A 154 8.26 -5.50 -9.06
C VAL A 154 9.64 -6.11 -8.83
N ARG A 155 10.24 -5.82 -7.68
CA ARG A 155 11.46 -6.48 -7.24
C ARG A 155 11.45 -6.55 -5.71
N PRO A 156 12.17 -7.48 -5.09
CA PRO A 156 12.16 -7.65 -3.64
C PRO A 156 12.84 -6.48 -2.92
N THR A 157 12.62 -6.36 -1.62
CA THR A 157 13.22 -5.34 -0.75
C THR A 157 14.56 -5.85 -0.19
N PRO A 158 15.48 -4.96 0.25
CA PRO A 158 16.76 -5.39 0.79
C PRO A 158 16.61 -6.18 2.09
N HIS A 159 15.67 -5.82 2.98
CA HIS A 159 15.36 -6.62 4.18
C HIS A 159 14.63 -7.92 3.81
N PHE A 160 14.36 -8.20 2.53
CA PHE A 160 14.17 -9.56 2.06
C PHE A 160 15.55 -10.18 1.78
N LEU A 161 16.33 -9.65 0.82
CA LEU A 161 17.61 -10.25 0.38
C LEU A 161 18.56 -10.67 1.51
N GLU A 162 18.58 -9.91 2.60
CA GLU A 162 19.45 -10.19 3.76
C GLU A 162 19.20 -11.56 4.40
N ASN A 163 17.98 -12.07 4.26
CA ASN A 163 17.52 -13.34 4.82
C ASN A 163 17.08 -14.27 3.70
N GLU A 164 17.77 -15.39 3.51
CA GLU A 164 17.45 -16.36 2.47
C GLU A 164 16.01 -16.88 2.61
N ASP A 165 15.52 -17.00 3.86
CA ASP A 165 14.15 -17.42 4.17
C ASP A 165 13.12 -16.46 3.59
N ARG A 166 13.45 -15.16 3.58
CA ARG A 166 12.57 -14.18 3.01
C ARG A 166 12.49 -14.34 1.51
N MET A 167 13.63 -14.60 0.84
CA MET A 167 13.63 -14.78 -0.60
C MET A 167 12.74 -15.95 -0.98
N GLU A 168 12.84 -17.07 -0.26
CA GLU A 168 11.96 -18.21 -0.49
C GLU A 168 10.49 -17.83 -0.29
N LEU A 169 10.17 -17.02 0.74
CA LEU A 169 8.81 -16.56 0.99
C LEU A 169 8.29 -15.74 -0.17
N TYR A 170 9.08 -14.81 -0.67
CA TYR A 170 8.66 -13.97 -1.80
C TYR A 170 8.29 -14.86 -2.99
N GLN A 171 9.20 -15.78 -3.34
CA GLN A 171 9.09 -16.65 -4.51
C GLN A 171 7.90 -17.60 -4.39
N THR A 172 7.79 -18.26 -3.23
CA THR A 172 6.72 -19.23 -2.95
C THR A 172 5.34 -18.56 -3.08
N ARG A 173 5.23 -17.27 -2.73
CA ARG A 173 3.98 -16.53 -2.84
C ARG A 173 3.73 -16.03 -4.27
N LEU A 174 4.77 -15.81 -5.08
CA LEU A 174 4.63 -15.37 -6.47
C LEU A 174 3.92 -16.44 -7.30
N SER A 175 4.63 -17.52 -7.64
CA SER A 175 4.31 -18.64 -8.52
C SER A 175 3.95 -18.19 -9.94
N LYS A 176 2.87 -17.43 -10.10
CA LYS A 176 2.44 -16.71 -11.28
C LYS A 176 1.46 -15.64 -10.79
N LYS A 177 1.96 -14.46 -10.42
CA LYS A 177 1.12 -13.28 -10.31
C LYS A 177 0.83 -12.77 -11.71
N ASN A 178 -0.42 -12.40 -11.88
CA ASN A 178 -1.02 -11.73 -13.04
C ASN A 178 -0.53 -10.29 -13.27
N TRP A 179 0.51 -9.81 -12.58
CA TRP A 179 0.83 -8.38 -12.60
C TRP A 179 1.12 -7.84 -13.99
N GLN A 180 1.80 -8.65 -14.80
CA GLN A 180 2.17 -8.30 -16.15
C GLN A 180 1.00 -8.46 -17.15
N GLU A 181 -0.12 -9.05 -16.75
CA GLU A 181 -1.34 -9.04 -17.56
C GLU A 181 -1.99 -7.66 -17.44
N LYS A 182 -2.30 -7.27 -16.21
CA LYS A 182 -3.19 -6.15 -15.88
C LYS A 182 -2.61 -4.77 -16.15
N TRP A 183 -1.30 -4.77 -16.29
CA TRP A 183 -0.51 -3.68 -16.86
C TRP A 183 0.43 -4.18 -17.95
N LYS A 184 0.38 -3.53 -19.11
CA LYS A 184 1.26 -3.75 -20.24
C LYS A 184 2.73 -3.39 -20.01
N ASN A 185 3.11 -2.85 -18.85
CA ASN A 185 4.46 -2.34 -18.58
C ASN A 185 5.18 -3.07 -17.44
N LEU A 186 4.61 -4.13 -16.88
CA LEU A 186 5.01 -4.57 -15.54
C LEU A 186 6.30 -5.40 -15.53
N ILE A 187 7.38 -4.84 -14.97
CA ILE A 187 8.70 -5.47 -14.87
C ILE A 187 8.73 -6.36 -13.64
N PHE A 188 9.39 -7.51 -13.74
CA PHE A 188 9.68 -8.42 -12.64
C PHE A 188 11.19 -8.54 -12.50
N LYS A 189 11.68 -8.62 -11.26
CA LYS A 189 13.05 -9.03 -10.92
C LYS A 189 12.97 -9.82 -9.62
N ASN A 190 14.06 -10.52 -9.30
CA ASN A 190 14.29 -11.34 -8.13
C ASN A 190 15.41 -10.77 -7.26
N THR A 191 15.89 -9.58 -7.62
CA THR A 191 16.91 -8.79 -6.95
C THR A 191 16.50 -7.34 -7.17
N GLY A 1 -0.81 19.85 -14.07
CA GLY A 1 -0.40 19.03 -15.23
C GLY A 1 -1.03 17.65 -15.15
N MET A 2 -1.13 16.93 -16.28
CA MET A 2 -1.79 15.62 -16.33
C MET A 2 -1.32 14.82 -17.56
N ASN A 3 0.00 14.62 -17.71
CA ASN A 3 0.60 13.59 -18.57
C ASN A 3 2.10 13.48 -18.32
N THR A 4 2.80 14.61 -18.30
CA THR A 4 4.27 14.64 -18.22
C THR A 4 4.78 14.40 -16.79
N VAL A 5 4.06 13.58 -16.04
CA VAL A 5 4.32 13.20 -14.68
C VAL A 5 5.47 12.23 -14.66
N LYS A 6 6.60 12.62 -14.07
CA LYS A 6 7.65 11.67 -13.73
C LYS A 6 8.06 11.66 -12.28
N ASN A 7 7.54 12.57 -11.47
CA ASN A 7 7.81 12.55 -10.04
C ASN A 7 6.56 12.63 -9.21
N LYS A 8 6.73 12.37 -7.91
CA LYS A 8 5.64 12.05 -7.01
C LYS A 8 4.65 13.20 -7.01
N GLN A 9 5.17 14.44 -6.93
CA GLN A 9 4.46 15.70 -6.88
C GLN A 9 3.45 15.78 -8.03
N GLU A 10 3.90 15.44 -9.23
CA GLU A 10 3.12 15.43 -10.45
C GLU A 10 2.02 14.38 -10.46
N ILE A 11 2.18 13.28 -9.71
CA ILE A 11 1.12 12.31 -9.48
C ILE A 11 0.16 12.89 -8.43
N LEU A 12 0.67 13.52 -7.36
CA LEU A 12 -0.20 13.97 -6.26
C LEU A 12 -1.25 14.97 -6.76
N GLU A 13 -0.94 15.74 -7.82
CA GLU A 13 -1.90 16.60 -8.48
C GLU A 13 -3.17 15.84 -8.82
N ALA A 14 -3.04 14.66 -9.45
CA ALA A 14 -4.18 13.98 -10.03
C ALA A 14 -4.96 13.24 -8.96
N PHE A 15 -4.43 13.13 -7.73
CA PHE A 15 -5.17 12.54 -6.62
C PHE A 15 -6.40 13.36 -6.23
N ARG A 16 -6.23 14.58 -5.72
CA ARG A 16 -7.37 15.38 -5.24
C ARG A 16 -8.25 15.87 -6.37
N GLU A 17 -7.85 15.67 -7.62
CA GLU A 17 -8.70 15.89 -8.77
C GLU A 17 -9.86 14.88 -8.86
N SER A 18 -9.84 13.79 -8.09
CA SER A 18 -10.89 12.79 -8.05
C SER A 18 -11.48 12.73 -6.63
N PRO A 19 -12.82 12.76 -6.53
CA PRO A 19 -13.52 12.84 -5.27
C PRO A 19 -13.41 11.53 -4.49
N ASP A 20 -13.45 10.39 -5.18
CA ASP A 20 -13.43 9.05 -4.57
C ASP A 20 -12.04 8.67 -4.13
N MET A 21 -11.03 8.99 -4.93
CA MET A 21 -9.65 8.72 -4.57
C MET A 21 -9.30 9.51 -3.31
N MET A 22 -9.67 10.80 -3.29
CA MET A 22 -9.46 11.65 -2.11
C MET A 22 -10.38 11.25 -0.96
N ALA A 23 -11.57 10.69 -1.22
CA ALA A 23 -12.50 10.18 -0.21
C ALA A 23 -11.82 9.15 0.66
N ILE A 24 -11.12 8.18 0.05
CA ILE A 24 -10.47 7.08 0.76
C ILE A 24 -9.60 7.61 1.90
N LEU A 25 -8.88 8.71 1.65
CA LEU A 25 -8.01 9.32 2.65
C LEU A 25 -8.80 9.98 3.79
N THR A 26 -9.94 10.61 3.47
CA THR A 26 -10.85 11.14 4.48
C THR A 26 -11.43 9.99 5.30
N ILE A 27 -11.88 8.90 4.66
CA ILE A 27 -12.46 7.75 5.32
C ILE A 27 -11.42 7.28 6.34
N ILE A 28 -10.24 6.83 5.87
CA ILE A 28 -9.25 6.20 6.73
C ILE A 28 -8.89 7.08 7.93
N ARG A 29 -8.63 8.38 7.70
CA ARG A 29 -8.22 9.28 8.77
C ARG A 29 -9.27 9.33 9.89
N ASP A 30 -10.55 9.38 9.52
CA ASP A 30 -11.64 9.70 10.44
C ASP A 30 -12.09 8.47 11.24
N LEU A 31 -11.63 7.29 10.84
CA LEU A 31 -11.95 6.02 11.51
C LEU A 31 -11.46 5.95 12.96
N GLY A 32 -10.60 6.88 13.38
CA GLY A 32 -10.01 6.84 14.71
C GLY A 32 -9.11 5.63 14.90
N LEU A 33 -8.59 5.08 13.80
CA LEU A 33 -7.40 4.24 13.81
C LEU A 33 -6.24 5.11 14.23
N LYS A 34 -5.24 4.55 14.90
CA LYS A 34 -4.18 5.35 15.52
C LYS A 34 -2.87 5.07 14.82
N ASP A 35 -2.14 6.14 14.52
CA ASP A 35 -0.93 6.14 13.70
C ASP A 35 -1.15 5.28 12.45
N SER A 36 -2.13 5.64 11.62
CA SER A 36 -2.59 4.83 10.50
C SER A 36 -2.14 5.38 9.15
N TRP A 37 -2.22 4.54 8.11
CA TRP A 37 -1.86 4.88 6.75
C TRP A 37 -2.82 4.26 5.76
N LEU A 38 -2.67 4.70 4.52
CA LEU A 38 -3.02 3.96 3.33
C LEU A 38 -1.67 3.67 2.66
N ALA A 39 -1.40 2.41 2.30
CA ALA A 39 -0.09 1.95 1.82
C ALA A 39 -0.26 0.73 0.93
N ALA A 40 0.80 0.31 0.25
CA ALA A 40 0.78 -0.79 -0.71
C ALA A 40 -0.12 -0.47 -1.92
N GLY A 41 -0.66 -1.51 -2.55
CA GLY A 41 -1.47 -1.50 -3.75
C GLY A 41 -2.54 -0.43 -3.78
N SER A 42 -3.08 -0.05 -2.62
CA SER A 42 -4.03 1.03 -2.47
C SER A 42 -3.55 2.33 -3.14
N VAL A 43 -2.28 2.69 -2.94
CA VAL A 43 -1.76 3.98 -3.37
C VAL A 43 -1.23 3.69 -4.79
N ARG A 44 -0.51 2.56 -4.93
CA ARG A 44 0.13 2.13 -6.18
C ARG A 44 -0.86 2.04 -7.34
N ASN A 45 -2.11 1.63 -7.10
CA ASN A 45 -3.19 1.64 -8.08
C ASN A 45 -3.24 2.98 -8.80
N PHE A 46 -3.39 4.08 -8.04
CA PHE A 46 -3.61 5.39 -8.63
C PHE A 46 -2.39 5.91 -9.38
N ILE A 47 -1.24 5.23 -9.31
CA ILE A 47 0.04 5.63 -9.87
C ILE A 47 0.35 4.78 -11.10
N TRP A 48 0.25 3.46 -10.99
CA TRP A 48 0.50 2.58 -12.12
C TRP A 48 -0.50 2.86 -13.22
N ASN A 49 -1.81 2.77 -12.92
CA ASN A 49 -2.84 3.09 -13.90
C ASN A 49 -2.68 4.49 -14.51
N LEU A 50 -2.23 5.46 -13.70
CA LEU A 50 -1.90 6.86 -14.08
C LEU A 50 -0.96 6.85 -15.29
N LEU A 51 0.07 6.01 -15.21
CA LEU A 51 1.20 5.86 -16.14
C LEU A 51 0.95 4.72 -17.14
N SER A 52 -0.30 4.27 -17.29
CA SER A 52 -0.69 3.14 -18.12
C SER A 52 -1.82 3.46 -19.10
N ASP A 53 -2.34 4.69 -19.09
CA ASP A 53 -3.55 5.08 -19.83
C ASP A 53 -4.79 4.27 -19.38
N LYS A 54 -4.78 3.81 -18.13
CA LYS A 54 -5.84 3.03 -17.49
C LYS A 54 -6.68 3.97 -16.61
N SER A 55 -7.49 3.38 -15.73
CA SER A 55 -8.39 3.99 -14.77
C SER A 55 -7.80 3.91 -13.36
N PRO A 56 -6.97 4.88 -12.95
CA PRO A 56 -6.46 4.97 -11.59
C PRO A 56 -7.58 5.14 -10.56
N PHE A 57 -8.73 5.71 -10.93
CA PHE A 57 -9.81 6.05 -10.00
C PHE A 57 -10.79 4.92 -9.81
N ASP A 58 -10.30 3.70 -9.94
CA ASP A 58 -11.16 2.54 -10.03
C ASP A 58 -11.78 2.15 -8.68
N HIS A 59 -11.13 2.50 -7.56
CA HIS A 59 -11.37 2.20 -6.12
C HIS A 59 -11.73 0.77 -5.69
N GLU A 60 -12.24 -0.07 -6.57
CA GLU A 60 -12.71 -1.45 -6.38
C GLU A 60 -11.54 -2.44 -6.25
N THR A 61 -10.36 -1.94 -5.90
CA THR A 61 -9.12 -2.70 -5.71
C THR A 61 -8.82 -2.84 -4.20
N ASP A 62 -7.76 -3.58 -3.85
CA ASP A 62 -7.33 -3.85 -2.46
C ASP A 62 -6.78 -2.58 -1.81
N ILE A 63 -6.99 -2.44 -0.51
CA ILE A 63 -6.82 -1.21 0.26
C ILE A 63 -6.08 -1.56 1.57
N ASP A 64 -4.75 -1.54 1.58
CA ASP A 64 -3.98 -1.81 2.82
C ASP A 64 -4.09 -0.66 3.79
N VAL A 65 -4.54 -0.98 5.01
CA VAL A 65 -4.74 -0.02 6.08
C VAL A 65 -3.91 -0.49 7.29
N ILE A 66 -2.63 -0.10 7.31
CA ILE A 66 -1.76 -0.37 8.45
C ILE A 66 -1.99 0.69 9.54
N PHE A 67 -1.67 0.35 10.80
CA PHE A 67 -1.78 1.26 11.94
C PHE A 67 -0.86 0.84 13.11
N PHE A 68 -0.88 1.49 14.28
CA PHE A 68 -0.08 1.07 15.44
C PHE A 68 -0.77 1.40 16.76
N ASP A 69 -1.40 0.40 17.40
CA ASP A 69 -1.99 0.56 18.74
C ASP A 69 -1.97 -0.78 19.51
N PRO A 70 -0.87 -1.10 20.22
CA PRO A 70 -0.71 -2.32 21.00
C PRO A 70 -1.87 -2.70 21.92
N ASP A 71 -2.58 -1.71 22.47
CA ASP A 71 -3.61 -2.01 23.48
C ASP A 71 -4.88 -2.64 22.90
N PHE A 72 -5.01 -2.70 21.56
CA PHE A 72 -6.24 -3.19 20.96
C PHE A 72 -6.41 -4.69 21.18
N SER A 73 -7.63 -5.19 21.05
CA SER A 73 -7.92 -6.61 21.14
C SER A 73 -7.70 -7.24 19.76
N TYR A 74 -7.19 -8.47 19.76
CA TYR A 74 -7.11 -9.31 18.59
C TYR A 74 -8.43 -9.36 17.84
N GLU A 75 -9.55 -9.73 18.48
CA GLU A 75 -10.79 -9.95 17.74
C GLU A 75 -11.33 -8.67 17.11
N GLU A 76 -11.32 -7.57 17.89
CA GLU A 76 -11.76 -6.25 17.45
C GLU A 76 -11.06 -5.89 16.15
N THR A 77 -9.77 -6.23 16.04
CA THR A 77 -8.98 -5.99 14.84
C THR A 77 -9.71 -6.51 13.58
N LEU A 78 -10.17 -7.78 13.59
CA LEU A 78 -10.79 -8.41 12.42
C LEU A 78 -12.22 -7.90 12.24
N LEU A 79 -12.97 -7.75 13.34
CA LEU A 79 -14.34 -7.26 13.32
C LEU A 79 -14.41 -5.88 12.70
N LEU A 80 -13.43 -5.01 13.02
CA LEU A 80 -13.38 -3.67 12.48
C LEU A 80 -13.16 -3.68 10.97
N GLU A 81 -12.34 -4.62 10.47
CA GLU A 81 -12.13 -4.81 9.05
C GLU A 81 -13.45 -5.22 8.37
N LYS A 82 -14.13 -6.24 8.92
CA LYS A 82 -15.45 -6.66 8.51
C LYS A 82 -16.41 -5.49 8.42
N LYS A 83 -16.58 -4.78 9.52
CA LYS A 83 -17.44 -3.62 9.64
C LYS A 83 -17.19 -2.62 8.51
N LEU A 84 -15.93 -2.38 8.15
CA LEU A 84 -15.56 -1.51 7.03
C LEU A 84 -15.98 -2.06 5.68
N ARG A 85 -15.67 -3.34 5.39
CA ARG A 85 -16.07 -4.03 4.17
C ARG A 85 -17.60 -4.11 4.05
N GLU A 86 -18.29 -4.15 5.18
CA GLU A 86 -19.73 -4.21 5.28
C GLU A 86 -20.32 -2.83 5.01
N ASP A 87 -19.80 -1.78 5.66
CA ASP A 87 -20.25 -0.40 5.52
C ASP A 87 -20.01 0.09 4.09
N PHE A 88 -18.79 -0.10 3.59
CA PHE A 88 -18.32 0.45 2.33
C PHE A 88 -17.87 -0.72 1.45
N PRO A 89 -18.81 -1.45 0.83
CA PRO A 89 -18.53 -2.65 0.04
C PRO A 89 -17.80 -2.36 -1.27
N GLN A 90 -17.78 -1.10 -1.71
CA GLN A 90 -17.16 -0.65 -2.96
C GLN A 90 -15.63 -0.68 -2.87
N TYR A 91 -15.08 -1.03 -1.71
CA TYR A 91 -13.69 -0.86 -1.31
C TYR A 91 -13.28 -2.11 -0.54
N GLN A 92 -11.97 -2.33 -0.41
CA GLN A 92 -11.39 -3.58 0.08
C GLN A 92 -10.37 -3.34 1.19
N TRP A 93 -10.84 -2.74 2.26
CA TRP A 93 -10.08 -2.42 3.48
C TRP A 93 -9.39 -3.69 4.01
N GLU A 94 -8.08 -3.61 4.24
CA GLU A 94 -7.24 -4.65 4.80
C GLU A 94 -6.66 -4.05 6.08
N LEU A 95 -7.40 -4.14 7.18
CA LEU A 95 -7.02 -3.62 8.48
C LEU A 95 -6.24 -4.71 9.20
N LYS A 96 -4.92 -4.56 9.26
CA LYS A 96 -4.04 -5.60 9.74
C LYS A 96 -3.10 -4.93 10.71
N ASN A 97 -3.03 -5.37 11.97
CA ASN A 97 -2.22 -4.68 12.99
C ASN A 97 -0.75 -5.08 12.87
N GLN A 98 0.17 -4.11 12.93
CA GLN A 98 1.60 -4.34 12.73
C GLN A 98 2.27 -4.84 14.01
N VAL A 99 1.94 -4.25 15.17
CA VAL A 99 2.46 -4.66 16.48
C VAL A 99 2.43 -6.16 16.72
N TYR A 100 1.27 -6.74 16.45
CA TYR A 100 1.02 -8.16 16.70
C TYR A 100 2.06 -8.99 15.97
N MET A 101 2.04 -8.93 14.64
CA MET A 101 2.87 -9.68 13.73
C MET A 101 2.98 -11.15 14.10
N HIS A 102 4.02 -11.84 13.63
CA HIS A 102 4.46 -13.16 14.10
C HIS A 102 3.58 -14.32 13.62
N GLN A 103 2.43 -14.01 13.03
CA GLN A 103 1.36 -14.89 12.58
C GLN A 103 0.89 -14.53 11.15
N HIS A 104 1.68 -13.70 10.45
CA HIS A 104 1.32 -13.16 9.14
C HIS A 104 2.46 -13.26 8.12
N SER A 105 3.67 -13.69 8.50
CA SER A 105 4.85 -13.62 7.64
C SER A 105 5.86 -14.65 8.16
N PRO A 106 6.72 -15.26 7.31
CA PRO A 106 7.87 -16.02 7.75
C PRO A 106 8.88 -15.07 8.39
N HIS A 107 8.95 -15.09 9.72
CA HIS A 107 9.95 -14.42 10.54
C HIS A 107 10.17 -12.95 10.13
N THR A 108 9.12 -12.27 9.64
CA THR A 108 9.18 -10.88 9.23
C THR A 108 8.44 -10.08 10.30
N ALA A 109 9.10 -9.78 11.42
CA ALA A 109 8.43 -9.23 12.59
C ALA A 109 9.38 -8.34 13.38
N SER A 110 9.80 -7.22 12.79
CA SER A 110 10.68 -6.29 13.48
C SER A 110 10.53 -4.94 12.82
N TYR A 111 9.64 -4.24 13.47
CA TYR A 111 9.29 -2.83 13.37
C TYR A 111 8.55 -2.38 14.63
N THR A 112 8.11 -1.12 14.65
CA THR A 112 7.10 -0.62 15.57
C THR A 112 6.32 0.49 14.85
N SER A 113 7.00 1.52 14.36
CA SER A 113 6.38 2.73 13.82
C SER A 113 5.95 2.46 12.38
N SER A 114 5.05 3.29 11.85
CA SER A 114 4.51 3.12 10.51
C SER A 114 5.60 3.11 9.46
N ARG A 115 6.38 4.20 9.38
CA ARG A 115 7.50 4.32 8.46
C ARG A 115 8.49 3.15 8.64
N ASP A 116 8.71 2.69 9.88
CA ASP A 116 9.62 1.57 10.16
C ASP A 116 9.09 0.26 9.58
N ALA A 117 7.80 -0.02 9.79
CA ALA A 117 7.14 -1.20 9.27
C ALA A 117 7.09 -1.19 7.75
N MET A 118 6.76 -0.04 7.16
CA MET A 118 6.60 0.12 5.71
C MET A 118 7.91 -0.12 4.97
N SER A 119 9.05 0.11 5.62
CA SER A 119 10.34 -0.08 4.98
C SER A 119 10.62 -1.59 4.75
N LYS A 120 9.92 -2.54 5.40
CA LYS A 120 10.07 -3.99 5.16
C LYS A 120 8.82 -4.55 4.48
N TYR A 121 8.37 -3.93 3.40
CA TYR A 121 7.22 -4.40 2.63
C TYR A 121 7.57 -5.52 1.63
N PRO A 122 6.57 -6.24 1.08
CA PRO A 122 6.77 -7.42 0.24
C PRO A 122 7.46 -7.14 -1.09
N GLU A 123 7.33 -5.94 -1.64
CA GLU A 123 7.99 -5.54 -2.88
C GLU A 123 8.52 -4.12 -2.67
N ARG A 124 9.56 -3.75 -3.41
CA ARG A 124 10.08 -2.39 -3.52
C ARG A 124 8.97 -1.43 -3.90
N CYS A 125 8.38 -1.68 -5.05
CA CYS A 125 7.35 -0.84 -5.62
C CYS A 125 6.10 -0.80 -4.73
N THR A 126 5.84 -1.82 -3.92
CA THR A 126 4.76 -1.80 -2.95
C THR A 126 5.11 -0.93 -1.74
N ALA A 127 6.39 -0.75 -1.40
CA ALA A 127 6.91 -0.14 -0.17
C ALA A 127 6.75 1.38 -0.16
N VAL A 128 5.52 1.83 -0.36
CA VAL A 128 5.10 3.22 -0.39
C VAL A 128 3.84 3.39 0.46
N GLY A 129 3.66 4.59 1.01
CA GLY A 129 2.46 5.01 1.70
C GLY A 129 2.06 6.40 1.18
N LEU A 130 0.75 6.70 1.22
CA LEU A 130 0.15 7.94 0.73
C LEU A 130 -1.07 8.16 1.61
N ARG A 131 -1.01 9.07 2.58
CA ARG A 131 -2.14 9.41 3.44
C ARG A 131 -2.34 10.93 3.45
N LEU A 132 -3.24 11.41 4.31
CA LEU A 132 -3.42 12.81 4.59
C LEU A 132 -2.79 13.07 5.93
N ASN A 133 -2.35 14.29 6.15
CA ASN A 133 -1.86 14.79 7.43
C ASN A 133 -2.86 15.83 7.93
N GLU A 134 -2.54 16.48 9.03
CA GLU A 134 -3.40 17.45 9.69
C GLU A 134 -3.80 18.61 8.76
N GLU A 135 -2.93 18.92 7.81
CA GLU A 135 -3.10 20.00 6.84
C GLU A 135 -3.82 19.50 5.58
N LEU A 136 -4.36 18.28 5.63
CA LEU A 136 -5.09 17.60 4.57
C LEU A 136 -4.23 17.46 3.31
N ASP A 137 -2.95 17.15 3.51
CA ASP A 137 -1.93 17.12 2.47
C ASP A 137 -1.29 15.75 2.35
N PHE A 138 -0.53 15.55 1.28
CA PHE A 138 -0.17 14.24 0.75
C PHE A 138 1.07 13.68 1.43
N GLU A 139 0.87 13.12 2.60
CA GLU A 139 1.87 12.47 3.43
C GLU A 139 2.36 11.22 2.71
N LEU A 140 3.59 11.26 2.19
CA LEU A 140 4.23 10.21 1.40
C LEU A 140 5.30 9.54 2.27
N TYR A 141 5.67 8.29 1.96
CA TYR A 141 6.88 7.67 2.45
C TYR A 141 7.44 6.75 1.38
N VAL A 142 8.71 6.96 1.01
CA VAL A 142 9.47 6.15 0.05
C VAL A 142 10.95 6.12 0.48
N PRO A 143 11.37 5.21 1.37
CA PRO A 143 12.76 5.09 1.78
C PRO A 143 13.64 4.42 0.72
N TYR A 144 13.08 3.76 -0.30
CA TYR A 144 13.82 3.16 -1.42
C TYR A 144 13.70 3.99 -2.69
N GLY A 145 12.73 4.90 -2.73
CA GLY A 145 12.47 5.78 -3.84
C GLY A 145 11.18 5.41 -4.55
N LEU A 146 10.92 6.09 -5.66
CA LEU A 146 9.69 5.92 -6.43
C LEU A 146 9.99 5.25 -7.76
N GLU A 147 11.26 5.18 -8.18
CA GLU A 147 11.68 4.79 -9.50
C GLU A 147 11.18 3.41 -9.89
N ASP A 148 11.10 2.48 -8.95
CA ASP A 148 10.58 1.15 -9.18
C ASP A 148 9.06 1.12 -9.31
N ILE A 149 8.37 2.20 -8.97
CA ILE A 149 6.98 2.40 -9.30
C ILE A 149 6.90 3.02 -10.70
N LEU A 150 7.67 4.09 -10.97
CA LEU A 150 7.66 4.74 -12.27
C LEU A 150 8.01 3.78 -13.40
N ASN A 151 8.99 2.91 -13.17
CA ASN A 151 9.48 1.95 -14.14
C ASN A 151 8.72 0.61 -14.04
N PHE A 152 7.67 0.52 -13.22
CA PHE A 152 6.81 -0.65 -13.04
C PHE A 152 7.61 -1.92 -12.71
N GLN A 153 8.25 -1.99 -11.54
CA GLN A 153 9.25 -2.98 -11.25
C GLN A 153 8.86 -3.82 -10.03
N VAL A 154 8.38 -5.03 -10.29
CA VAL A 154 8.12 -6.02 -9.24
C VAL A 154 9.47 -6.64 -8.86
N ARG A 155 10.02 -6.26 -7.69
CA ARG A 155 11.19 -6.86 -7.05
C ARG A 155 11.00 -6.81 -5.54
N PRO A 156 11.59 -7.72 -4.76
CA PRO A 156 11.59 -7.66 -3.29
C PRO A 156 12.45 -6.48 -2.82
N THR A 157 12.34 -6.16 -1.53
CA THR A 157 13.17 -5.19 -0.84
C THR A 157 14.44 -5.88 -0.30
N PRO A 158 15.51 -5.13 0.01
CA PRO A 158 16.77 -5.74 0.40
C PRO A 158 16.65 -6.57 1.68
N HIS A 159 15.86 -6.14 2.67
CA HIS A 159 15.68 -6.85 3.94
C HIS A 159 14.95 -8.19 3.76
N PHE A 160 14.47 -8.50 2.56
CA PHE A 160 13.90 -9.80 2.26
C PHE A 160 15.00 -10.79 1.90
N LEU A 161 15.89 -10.47 0.94
CA LEU A 161 16.98 -11.33 0.44
C LEU A 161 17.93 -11.81 1.55
N GLU A 162 18.03 -11.05 2.63
CA GLU A 162 18.76 -11.42 3.85
C GLU A 162 18.25 -12.69 4.56
N ASN A 163 17.08 -13.19 4.15
CA ASN A 163 16.41 -14.35 4.72
C ASN A 163 15.69 -15.09 3.60
N GLU A 164 16.12 -16.30 3.26
CA GLU A 164 15.50 -17.07 2.18
C GLU A 164 14.04 -17.44 2.52
N ASP A 165 13.69 -17.44 3.81
CA ASP A 165 12.31 -17.61 4.24
C ASP A 165 11.47 -16.43 3.76
N ARG A 166 12.02 -15.21 3.70
CA ARG A 166 11.28 -14.07 3.14
C ARG A 166 11.21 -14.16 1.62
N MET A 167 12.15 -14.85 0.96
CA MET A 167 12.05 -15.07 -0.47
C MET A 167 10.87 -15.99 -0.79
N GLU A 168 10.55 -17.01 0.04
CA GLU A 168 9.44 -17.90 -0.26
C GLU A 168 8.13 -17.12 -0.23
N LEU A 169 7.95 -16.22 0.75
CA LEU A 169 6.74 -15.39 0.89
C LEU A 169 6.54 -14.55 -0.35
N TYR A 170 7.63 -13.97 -0.86
CA TYR A 170 7.59 -13.07 -2.00
C TYR A 170 7.02 -13.86 -3.18
N GLN A 171 7.69 -14.95 -3.54
CA GLN A 171 7.38 -15.88 -4.61
C GLN A 171 5.97 -16.46 -4.50
N THR A 172 5.63 -16.99 -3.33
CA THR A 172 4.36 -17.69 -3.09
C THR A 172 3.19 -16.72 -3.30
N ARG A 173 3.38 -15.42 -3.04
CA ARG A 173 2.39 -14.37 -3.26
C ARG A 173 2.75 -13.52 -4.49
N LEU A 174 3.56 -14.03 -5.43
CA LEU A 174 3.97 -13.35 -6.65
C LEU A 174 3.25 -13.95 -7.84
N SER A 175 3.64 -15.13 -8.34
CA SER A 175 3.11 -15.61 -9.62
C SER A 175 1.61 -15.89 -9.59
N LYS A 176 0.99 -16.01 -8.42
CA LYS A 176 -0.46 -16.12 -8.26
C LYS A 176 -1.18 -14.79 -8.50
N LYS A 177 -0.46 -13.70 -8.83
CA LYS A 177 -0.99 -12.37 -9.07
C LYS A 177 -1.06 -12.15 -10.57
N ASN A 178 -2.17 -11.57 -10.98
CA ASN A 178 -2.48 -11.07 -12.33
C ASN A 178 -1.68 -9.83 -12.76
N TRP A 179 -0.44 -9.64 -12.29
CA TRP A 179 0.32 -8.42 -12.50
C TRP A 179 0.43 -7.98 -13.96
N GLN A 180 1.11 -8.77 -14.78
CA GLN A 180 1.26 -8.48 -16.22
C GLN A 180 -0.08 -8.49 -16.97
N GLU A 181 -1.12 -9.16 -16.43
CA GLU A 181 -2.44 -9.17 -17.04
C GLU A 181 -3.16 -7.84 -16.84
N LYS A 182 -2.76 -7.06 -15.82
CA LYS A 182 -3.31 -5.74 -15.58
C LYS A 182 -2.50 -4.67 -16.29
N TRP A 183 -1.18 -4.75 -16.22
CA TRP A 183 -0.29 -3.73 -16.76
C TRP A 183 0.67 -4.39 -17.72
N LYS A 184 0.50 -4.14 -19.02
CA LYS A 184 1.34 -4.72 -20.07
C LYS A 184 2.81 -4.41 -19.82
N ASN A 185 3.07 -3.17 -19.39
CA ASN A 185 4.39 -2.62 -19.23
C ASN A 185 4.82 -2.81 -17.78
N LEU A 186 4.82 -4.07 -17.33
CA LEU A 186 5.13 -4.46 -15.96
C LEU A 186 6.33 -5.41 -15.92
N ILE A 187 7.42 -5.02 -15.25
CA ILE A 187 8.68 -5.76 -15.13
C ILE A 187 8.68 -6.68 -13.93
N PHE A 188 9.17 -7.88 -14.12
CA PHE A 188 9.38 -8.91 -13.11
C PHE A 188 10.88 -9.09 -12.89
N LYS A 189 11.31 -9.07 -11.63
CA LYS A 189 12.67 -9.33 -11.18
C LYS A 189 12.57 -10.03 -9.83
N ASN A 190 13.71 -10.37 -9.24
CA ASN A 190 13.84 -10.95 -7.92
C ASN A 190 14.86 -10.20 -7.06
N THR A 191 15.50 -9.17 -7.59
CA THR A 191 16.36 -8.21 -6.92
C THR A 191 16.18 -6.86 -7.66
N GLY A 1 -6.22 17.20 -19.37
CA GLY A 1 -6.14 15.74 -19.27
C GLY A 1 -5.03 15.35 -18.33
N MET A 2 -5.38 14.84 -17.14
CA MET A 2 -4.38 14.38 -16.20
C MET A 2 -3.84 13.06 -16.73
N ASN A 3 -2.61 13.07 -17.25
CA ASN A 3 -1.91 11.86 -17.66
C ASN A 3 -0.41 12.08 -17.83
N THR A 4 -0.04 13.23 -18.38
CA THR A 4 1.29 13.47 -18.97
C THR A 4 2.37 13.75 -17.92
N VAL A 5 2.24 13.10 -16.77
CA VAL A 5 3.16 13.23 -15.68
C VAL A 5 4.41 12.43 -15.97
N LYS A 6 5.50 12.84 -15.34
CA LYS A 6 6.72 12.06 -15.22
C LYS A 6 7.26 11.96 -13.80
N ASN A 7 6.59 12.62 -12.86
CA ASN A 7 7.18 13.02 -11.60
C ASN A 7 6.14 13.25 -10.54
N LYS A 8 6.51 12.90 -9.32
CA LYS A 8 5.64 12.72 -8.17
C LYS A 8 4.71 13.90 -7.89
N GLN A 9 5.18 15.14 -8.02
CA GLN A 9 4.44 16.36 -7.81
C GLN A 9 3.09 16.27 -8.53
N GLU A 10 3.16 16.02 -9.83
CA GLU A 10 2.06 15.80 -10.76
C GLU A 10 1.19 14.59 -10.40
N ILE A 11 1.77 13.54 -9.81
CA ILE A 11 1.06 12.32 -9.36
C ILE A 11 0.07 12.67 -8.25
N LEU A 12 0.56 13.48 -7.31
CA LEU A 12 -0.22 13.97 -6.18
C LEU A 12 -1.37 14.85 -6.67
N GLU A 13 -1.19 15.59 -7.77
CA GLU A 13 -2.27 16.37 -8.36
C GLU A 13 -3.32 15.47 -8.99
N ALA A 14 -2.94 14.30 -9.49
CA ALA A 14 -3.89 13.35 -10.06
C ALA A 14 -4.74 12.76 -8.93
N PHE A 15 -4.13 12.52 -7.78
CA PHE A 15 -4.83 12.06 -6.60
C PHE A 15 -5.95 13.03 -6.23
N ARG A 16 -5.65 14.33 -6.05
CA ARG A 16 -6.68 15.29 -5.62
C ARG A 16 -7.74 15.50 -6.70
N GLU A 17 -7.36 15.39 -7.97
CA GLU A 17 -8.28 15.48 -9.08
C GLU A 17 -9.39 14.43 -9.03
N SER A 18 -9.19 13.31 -8.32
CA SER A 18 -10.19 12.28 -8.20
C SER A 18 -10.98 12.43 -6.91
N PRO A 19 -12.32 12.45 -6.99
CA PRO A 19 -13.19 12.47 -5.84
C PRO A 19 -13.04 11.18 -5.03
N ASP A 20 -13.06 10.00 -5.69
CA ASP A 20 -13.00 8.72 -4.98
C ASP A 20 -11.66 8.56 -4.27
N MET A 21 -10.55 8.85 -4.95
CA MET A 21 -9.22 8.73 -4.34
C MET A 21 -9.17 9.61 -3.09
N MET A 22 -9.65 10.86 -3.18
CA MET A 22 -9.79 11.74 -2.05
C MET A 22 -10.69 11.16 -0.96
N ALA A 23 -11.87 10.66 -1.33
CA ALA A 23 -12.87 10.14 -0.40
C ALA A 23 -12.25 9.05 0.45
N ILE A 24 -11.58 8.06 -0.16
CA ILE A 24 -10.93 6.97 0.56
C ILE A 24 -9.99 7.53 1.65
N LEU A 25 -9.22 8.56 1.30
CA LEU A 25 -8.29 9.19 2.24
C LEU A 25 -9.04 9.90 3.37
N THR A 26 -10.01 10.76 3.05
CA THR A 26 -10.84 11.44 4.02
C THR A 26 -11.52 10.43 4.95
N ILE A 27 -12.01 9.29 4.43
CA ILE A 27 -12.63 8.25 5.23
C ILE A 27 -11.62 7.75 6.28
N ILE A 28 -10.45 7.26 5.84
CA ILE A 28 -9.51 6.59 6.72
C ILE A 28 -8.97 7.56 7.79
N ARG A 29 -8.70 8.81 7.41
CA ARG A 29 -8.24 9.87 8.33
C ARG A 29 -9.21 10.01 9.52
N ASP A 30 -10.51 9.98 9.27
CA ASP A 30 -11.50 10.34 10.28
C ASP A 30 -11.72 9.24 11.32
N LEU A 31 -11.20 8.04 11.05
CA LEU A 31 -11.36 6.86 11.89
C LEU A 31 -10.84 7.08 13.32
N GLY A 32 -9.90 8.01 13.50
CA GLY A 32 -9.37 8.34 14.80
C GLY A 32 -8.54 7.21 15.39
N LEU A 33 -7.97 6.33 14.57
CA LEU A 33 -7.10 5.24 15.02
C LEU A 33 -5.70 5.76 15.37
N LYS A 34 -4.81 4.84 15.74
CA LYS A 34 -3.41 5.08 15.95
C LYS A 34 -2.62 4.73 14.70
N ASP A 35 -1.83 5.70 14.31
CA ASP A 35 -0.80 5.69 13.25
C ASP A 35 -1.28 5.17 11.88
N SER A 36 -2.60 5.08 11.67
CA SER A 36 -3.18 4.47 10.50
C SER A 36 -3.07 5.36 9.27
N TRP A 37 -2.84 4.75 8.12
CA TRP A 37 -2.91 5.38 6.82
C TRP A 37 -2.98 4.31 5.73
N LEU A 38 -3.10 4.73 4.47
CA LEU A 38 -3.16 3.83 3.32
C LEU A 38 -1.76 3.47 2.88
N ALA A 39 -1.53 2.21 2.52
CA ALA A 39 -0.22 1.67 2.12
C ALA A 39 -0.31 0.70 0.96
N ALA A 40 0.82 0.00 0.80
CA ALA A 40 1.16 -1.08 -0.08
C ALA A 40 0.77 -0.91 -1.55
N GLY A 41 -0.46 -1.30 -1.88
CA GLY A 41 -0.91 -1.41 -3.26
C GLY A 41 -2.00 -0.42 -3.59
N SER A 42 -2.55 0.24 -2.58
CA SER A 42 -3.56 1.27 -2.75
C SER A 42 -2.92 2.55 -3.24
N VAL A 43 -1.75 2.87 -2.68
CA VAL A 43 -1.15 4.15 -3.03
C VAL A 43 -0.57 3.88 -4.44
N ARG A 44 0.06 2.71 -4.58
CA ARG A 44 0.57 2.24 -5.86
C ARG A 44 -0.54 2.13 -6.91
N ASN A 45 -1.79 1.84 -6.52
CA ASN A 45 -2.91 1.76 -7.43
C ASN A 45 -3.11 3.08 -8.19
N PHE A 46 -3.26 4.21 -7.50
CA PHE A 46 -3.54 5.47 -8.21
C PHE A 46 -2.36 5.83 -9.13
N ILE A 47 -1.14 5.47 -8.74
CA ILE A 47 0.07 5.80 -9.48
C ILE A 47 0.21 4.88 -10.70
N TRP A 48 0.23 3.56 -10.55
CA TRP A 48 0.60 2.67 -11.65
C TRP A 48 -0.35 2.79 -12.85
N ASN A 49 -1.66 2.82 -12.62
CA ASN A 49 -2.61 2.97 -13.72
C ASN A 49 -2.41 4.31 -14.43
N LEU A 50 -1.89 5.35 -13.75
CA LEU A 50 -1.62 6.69 -14.29
C LEU A 50 -0.56 6.59 -15.42
N LEU A 51 0.72 6.27 -15.12
CA LEU A 51 1.74 6.16 -16.14
C LEU A 51 1.44 5.04 -17.16
N SER A 52 0.53 4.11 -16.86
CA SER A 52 0.14 2.99 -17.73
C SER A 52 -1.03 3.39 -18.64
N ASP A 53 -1.56 4.61 -18.48
CA ASP A 53 -2.66 5.20 -19.22
C ASP A 53 -3.96 4.39 -19.13
N LYS A 54 -4.22 3.84 -17.95
CA LYS A 54 -5.40 3.07 -17.54
C LYS A 54 -6.30 3.95 -16.70
N SER A 55 -7.21 3.34 -15.94
CA SER A 55 -8.15 4.00 -15.04
C SER A 55 -7.68 3.82 -13.59
N PRO A 56 -6.82 4.73 -13.08
CA PRO A 56 -6.42 4.74 -11.68
C PRO A 56 -7.62 4.90 -10.75
N PHE A 57 -8.67 5.59 -11.18
CA PHE A 57 -9.81 5.99 -10.37
C PHE A 57 -10.93 5.01 -10.66
N ASP A 58 -10.96 3.93 -9.88
CA ASP A 58 -11.78 2.75 -10.09
C ASP A 58 -11.81 2.02 -8.75
N HIS A 59 -12.86 2.23 -7.94
CA HIS A 59 -12.92 1.79 -6.54
C HIS A 59 -12.86 0.28 -6.34
N GLU A 60 -12.88 -0.49 -7.42
CA GLU A 60 -12.71 -1.94 -7.48
C GLU A 60 -11.26 -2.38 -7.26
N THR A 61 -10.39 -1.46 -6.86
CA THR A 61 -9.10 -1.74 -6.28
C THR A 61 -9.24 -2.00 -4.78
N ASP A 62 -8.13 -2.21 -4.07
CA ASP A 62 -8.04 -2.73 -2.73
C ASP A 62 -7.19 -1.81 -1.84
N ILE A 63 -7.48 -1.82 -0.53
CA ILE A 63 -7.31 -0.68 0.36
C ILE A 63 -6.56 -1.17 1.62
N ASP A 64 -5.22 -1.12 1.63
CA ASP A 64 -4.39 -1.61 2.73
C ASP A 64 -4.47 -0.62 3.90
N VAL A 65 -5.30 -0.93 4.89
CA VAL A 65 -5.53 -0.08 6.06
C VAL A 65 -4.59 -0.55 7.15
N ILE A 66 -3.33 -0.14 7.06
CA ILE A 66 -2.40 -0.43 8.13
C ILE A 66 -2.73 0.45 9.33
N PHE A 67 -2.42 -0.05 10.54
CA PHE A 67 -2.41 0.72 11.78
C PHE A 67 -1.43 0.04 12.75
N PHE A 68 -1.01 0.78 13.77
CA PHE A 68 -0.19 0.34 14.89
C PHE A 68 -1.00 0.66 16.13
N ASP A 69 -1.46 -0.37 16.85
CA ASP A 69 -2.30 -0.21 18.04
C ASP A 69 -2.12 -1.47 18.91
N PRO A 70 -1.10 -1.48 19.78
CA PRO A 70 -0.64 -2.69 20.43
C PRO A 70 -1.53 -3.17 21.57
N ASP A 71 -2.47 -2.35 22.04
CA ASP A 71 -3.40 -2.71 23.11
C ASP A 71 -4.74 -3.20 22.52
N PHE A 72 -4.81 -3.46 21.21
CA PHE A 72 -6.04 -3.86 20.51
C PHE A 72 -5.96 -5.34 20.18
N SER A 73 -7.01 -6.09 20.55
CA SER A 73 -7.03 -7.52 20.38
C SER A 73 -7.14 -7.87 18.90
N TYR A 74 -6.76 -9.11 18.57
CA TYR A 74 -6.86 -9.61 17.22
C TYR A 74 -8.32 -9.66 16.78
N GLU A 75 -9.23 -10.11 17.64
CA GLU A 75 -10.65 -10.17 17.29
C GLU A 75 -11.21 -8.78 17.06
N GLU A 76 -10.85 -7.82 17.93
CA GLU A 76 -11.27 -6.43 17.78
C GLU A 76 -10.84 -5.89 16.43
N THR A 77 -9.65 -6.27 15.97
CA THR A 77 -9.15 -5.95 14.65
C THR A 77 -10.14 -6.43 13.57
N LEU A 78 -10.53 -7.72 13.57
CA LEU A 78 -11.47 -8.27 12.58
C LEU A 78 -12.84 -7.61 12.68
N LEU A 79 -13.25 -7.27 13.89
CA LEU A 79 -14.57 -6.75 14.15
C LEU A 79 -14.68 -5.29 13.71
N LEU A 80 -13.62 -4.52 13.90
CA LEU A 80 -13.46 -3.20 13.32
C LEU A 80 -13.44 -3.29 11.80
N GLU A 81 -12.77 -4.29 11.27
CA GLU A 81 -12.72 -4.53 9.84
C GLU A 81 -14.14 -4.67 9.29
N LYS A 82 -14.99 -5.51 9.90
CA LYS A 82 -16.37 -5.65 9.41
C LYS A 82 -17.09 -4.31 9.46
N LYS A 83 -16.81 -3.45 10.46
CA LYS A 83 -17.43 -2.14 10.63
C LYS A 83 -17.03 -1.20 9.50
N LEU A 84 -15.76 -1.23 9.10
CA LEU A 84 -15.26 -0.49 7.94
C LEU A 84 -15.76 -1.09 6.61
N ARG A 85 -16.36 -2.27 6.62
CA ARG A 85 -17.01 -2.81 5.44
C ARG A 85 -18.52 -2.55 5.51
N GLU A 86 -19.13 -2.49 6.69
CA GLU A 86 -20.55 -2.33 6.89
C GLU A 86 -21.06 -0.99 6.39
N ASP A 87 -20.28 0.07 6.58
CA ASP A 87 -20.63 1.43 6.15
C ASP A 87 -20.35 1.58 4.65
N PHE A 88 -19.17 1.13 4.18
CA PHE A 88 -18.75 1.22 2.78
C PHE A 88 -18.57 -0.18 2.17
N PRO A 89 -19.65 -0.92 1.88
CA PRO A 89 -19.54 -2.30 1.42
C PRO A 89 -18.93 -2.43 0.02
N GLN A 90 -18.88 -1.34 -0.77
CA GLN A 90 -18.40 -1.35 -2.14
C GLN A 90 -16.89 -1.06 -2.27
N TYR A 91 -16.18 -0.85 -1.16
CA TYR A 91 -14.72 -0.70 -1.13
C TYR A 91 -14.12 -1.91 -0.39
N GLN A 92 -12.80 -2.01 -0.34
CA GLN A 92 -12.08 -3.24 0.02
C GLN A 92 -11.05 -3.00 1.14
N TRP A 93 -11.52 -2.60 2.32
CA TRP A 93 -10.73 -2.20 3.48
C TRP A 93 -10.00 -3.39 4.15
N GLU A 94 -8.70 -3.55 3.92
CA GLU A 94 -7.86 -4.60 4.49
C GLU A 94 -7.23 -4.08 5.79
N LEU A 95 -7.92 -4.22 6.94
CA LEU A 95 -7.43 -3.67 8.22
C LEU A 95 -6.32 -4.53 8.83
N LYS A 96 -5.06 -4.16 8.63
CA LYS A 96 -3.91 -4.97 9.05
C LYS A 96 -3.14 -4.30 10.17
N ASN A 97 -3.27 -4.91 11.36
CA ASN A 97 -2.50 -4.50 12.54
C ASN A 97 -1.05 -4.89 12.32
N GLN A 98 -0.14 -3.92 12.29
CA GLN A 98 1.29 -4.13 12.09
C GLN A 98 2.01 -4.60 13.37
N VAL A 99 1.35 -4.57 14.53
CA VAL A 99 1.94 -4.98 15.81
C VAL A 99 2.33 -6.46 15.76
N TYR A 100 1.35 -7.33 15.46
CA TYR A 100 1.48 -8.77 15.63
C TYR A 100 2.33 -9.35 14.50
N MET A 101 1.72 -9.52 13.32
CA MET A 101 2.23 -9.99 12.03
C MET A 101 3.05 -11.29 12.00
N HIS A 102 3.37 -11.91 13.13
CA HIS A 102 4.09 -13.18 13.34
C HIS A 102 3.41 -14.40 12.69
N GLN A 103 2.29 -14.18 12.00
CA GLN A 103 1.28 -15.10 11.52
C GLN A 103 0.91 -14.75 10.05
N HIS A 104 1.72 -13.94 9.37
CA HIS A 104 1.55 -13.58 7.97
C HIS A 104 2.84 -13.76 7.15
N SER A 105 3.99 -14.07 7.75
CA SER A 105 5.25 -14.29 7.04
C SER A 105 6.21 -15.10 7.90
N PRO A 106 7.27 -15.67 7.32
CA PRO A 106 8.40 -16.22 8.07
C PRO A 106 9.09 -15.12 8.87
N HIS A 107 9.51 -15.47 10.09
CA HIS A 107 10.46 -14.81 10.98
C HIS A 107 10.35 -13.28 11.15
N THR A 108 9.20 -12.64 10.90
CA THR A 108 9.16 -11.24 10.47
C THR A 108 9.25 -10.22 11.60
N ALA A 109 9.63 -10.68 12.79
CA ALA A 109 9.75 -9.84 13.97
C ALA A 109 10.83 -8.78 13.77
N SER A 110 10.46 -7.51 13.97
CA SER A 110 11.31 -6.34 14.17
C SER A 110 10.46 -5.07 14.23
N TYR A 111 9.55 -4.94 13.28
CA TYR A 111 8.72 -3.75 13.17
C TYR A 111 7.63 -3.73 14.24
N THR A 112 6.91 -2.61 14.29
CA THR A 112 5.74 -2.41 15.11
C THR A 112 4.94 -1.24 14.50
N SER A 113 5.60 -0.13 14.16
CA SER A 113 4.98 1.07 13.60
C SER A 113 4.65 0.85 12.12
N SER A 114 3.75 1.70 11.61
CA SER A 114 3.36 1.73 10.20
C SER A 114 4.60 1.85 9.31
N ARG A 115 5.38 2.95 9.41
CA ARG A 115 6.57 3.19 8.57
C ARG A 115 7.56 2.02 8.65
N ASP A 116 7.82 1.49 9.84
CA ASP A 116 8.79 0.42 10.03
C ASP A 116 8.36 -0.80 9.24
N ALA A 117 7.14 -1.28 9.48
CA ALA A 117 6.57 -2.43 8.78
C ALA A 117 6.46 -2.19 7.28
N MET A 118 6.22 -0.94 6.86
CA MET A 118 6.11 -0.54 5.47
C MET A 118 7.42 -0.82 4.75
N SER A 119 8.54 -0.70 5.46
CA SER A 119 9.86 -0.88 4.90
C SER A 119 10.20 -2.37 4.72
N LYS A 120 9.31 -3.29 5.10
CA LYS A 120 9.52 -4.72 5.02
C LYS A 120 8.56 -5.42 4.03
N TYR A 121 7.77 -4.70 3.23
CA TYR A 121 6.88 -5.30 2.22
C TYR A 121 7.66 -6.22 1.25
N PRO A 122 6.96 -7.10 0.52
CA PRO A 122 7.60 -8.07 -0.37
C PRO A 122 8.28 -7.48 -1.59
N GLU A 123 7.98 -6.22 -1.93
CA GLU A 123 8.74 -5.50 -2.96
C GLU A 123 8.88 -4.02 -2.61
N ARG A 124 9.95 -3.37 -3.12
CA ARG A 124 10.28 -1.95 -2.87
C ARG A 124 9.18 -1.04 -3.39
N CYS A 125 8.60 -1.40 -4.53
CA CYS A 125 7.56 -0.67 -5.21
C CYS A 125 6.25 -0.73 -4.41
N THR A 126 5.97 -1.83 -3.69
CA THR A 126 4.89 -1.88 -2.71
C THR A 126 5.24 -1.07 -1.44
N ALA A 127 6.50 -0.67 -1.24
CA ALA A 127 6.93 -0.16 0.05
C ALA A 127 6.93 1.34 0.14
N VAL A 128 5.80 1.80 0.67
CA VAL A 128 5.30 3.12 0.51
C VAL A 128 3.95 3.32 1.22
N GLY A 129 3.57 4.59 1.49
CA GLY A 129 2.29 4.99 2.06
C GLY A 129 1.94 6.45 1.72
N LEU A 130 0.64 6.80 1.84
CA LEU A 130 0.05 8.10 1.47
C LEU A 130 -1.13 8.40 2.40
N ARG A 131 -1.24 9.65 2.92
CA ARG A 131 -2.45 10.18 3.56
C ARG A 131 -2.49 11.71 3.44
N LEU A 132 -3.50 12.37 4.02
CA LEU A 132 -3.43 13.79 4.36
C LEU A 132 -2.78 13.93 5.72
N ASN A 133 -2.21 15.11 5.92
CA ASN A 133 -1.78 15.59 7.22
C ASN A 133 -2.83 16.54 7.78
N GLU A 134 -2.48 17.19 8.87
CA GLU A 134 -3.33 18.17 9.55
C GLU A 134 -3.66 19.35 8.64
N GLU A 135 -2.73 19.71 7.76
CA GLU A 135 -2.77 20.89 6.89
C GLU A 135 -3.60 20.61 5.64
N LEU A 136 -3.99 19.34 5.43
CA LEU A 136 -4.62 18.77 4.26
C LEU A 136 -3.70 18.83 3.04
N ASP A 137 -2.45 18.44 3.27
CA ASP A 137 -1.39 18.26 2.28
C ASP A 137 -1.33 16.80 1.88
N PHE A 138 -0.34 16.39 1.07
CA PHE A 138 -0.13 15.01 0.67
C PHE A 138 1.06 14.43 1.44
N GLU A 139 0.80 13.71 2.53
CA GLU A 139 1.81 12.99 3.29
C GLU A 139 2.32 11.81 2.45
N LEU A 140 3.60 11.46 2.57
CA LEU A 140 4.27 10.43 1.80
C LEU A 140 5.23 9.65 2.73
N TYR A 141 5.73 8.51 2.26
CA TYR A 141 6.93 7.84 2.75
C TYR A 141 7.41 6.98 1.58
N VAL A 142 8.66 7.16 1.12
CA VAL A 142 9.28 6.39 0.05
C VAL A 142 10.73 6.06 0.48
N PRO A 143 10.95 5.24 1.52
CA PRO A 143 12.30 5.09 2.06
C PRO A 143 13.24 4.34 1.12
N TYR A 144 12.70 3.66 0.10
CA TYR A 144 13.43 3.01 -0.98
C TYR A 144 13.22 3.76 -2.29
N GLY A 145 12.73 5.00 -2.22
CA GLY A 145 12.57 5.87 -3.35
C GLY A 145 11.33 5.54 -4.16
N LEU A 146 11.13 6.35 -5.18
CA LEU A 146 9.91 6.44 -5.96
C LEU A 146 10.10 5.98 -7.39
N GLU A 147 11.33 6.05 -7.88
CA GLU A 147 11.62 5.73 -9.26
C GLU A 147 11.27 4.27 -9.58
N ASP A 148 11.39 3.38 -8.59
CA ASP A 148 11.00 1.97 -8.67
C ASP A 148 9.54 1.83 -9.13
N ILE A 149 8.64 2.70 -8.66
CA ILE A 149 7.24 2.66 -9.00
C ILE A 149 7.08 3.16 -10.43
N LEU A 150 7.69 4.29 -10.77
CA LEU A 150 7.52 4.94 -12.06
C LEU A 150 8.01 4.05 -13.20
N ASN A 151 9.11 3.32 -12.98
CA ASN A 151 9.66 2.41 -13.97
C ASN A 151 8.88 1.09 -14.04
N PHE A 152 7.84 0.89 -13.21
CA PHE A 152 7.07 -0.35 -13.06
C PHE A 152 7.96 -1.52 -12.68
N GLN A 153 8.74 -1.35 -11.62
CA GLN A 153 9.63 -2.40 -11.15
C GLN A 153 8.91 -3.24 -10.09
N VAL A 154 9.29 -4.51 -9.99
CA VAL A 154 8.90 -5.45 -8.94
C VAL A 154 10.20 -6.13 -8.52
N ARG A 155 10.78 -5.65 -7.42
CA ARG A 155 12.07 -6.07 -6.89
C ARG A 155 11.99 -6.12 -5.37
N PRO A 156 12.67 -7.07 -4.71
CA PRO A 156 12.62 -7.23 -3.26
C PRO A 156 13.30 -6.07 -2.54
N THR A 157 12.94 -5.90 -1.27
CA THR A 157 13.57 -5.02 -0.30
C THR A 157 14.98 -5.52 0.04
N PRO A 158 15.84 -4.65 0.58
CA PRO A 158 17.12 -5.04 1.15
C PRO A 158 16.98 -5.78 2.49
N HIS A 159 15.75 -6.09 2.94
CA HIS A 159 15.50 -7.03 4.03
C HIS A 159 15.23 -8.45 3.53
N PHE A 160 15.00 -8.68 2.23
CA PHE A 160 14.52 -9.96 1.75
C PHE A 160 15.67 -10.94 1.50
N LEU A 161 16.63 -10.58 0.66
CA LEU A 161 17.77 -11.44 0.31
C LEU A 161 18.55 -11.88 1.56
N GLU A 162 18.43 -11.12 2.65
CA GLU A 162 18.97 -11.44 3.97
C GLU A 162 18.65 -12.89 4.36
N ASN A 163 17.46 -13.39 4.02
CA ASN A 163 17.05 -14.76 4.34
C ASN A 163 16.18 -15.39 3.28
N GLU A 164 16.54 -16.60 2.84
CA GLU A 164 15.90 -17.27 1.70
C GLU A 164 14.43 -17.63 2.00
N ASP A 165 14.05 -17.72 3.27
CA ASP A 165 12.65 -17.82 3.68
C ASP A 165 11.86 -16.62 3.17
N ARG A 166 12.49 -15.44 3.14
CA ARG A 166 11.82 -14.31 2.49
C ARG A 166 11.70 -14.50 0.98
N MET A 167 12.68 -15.12 0.32
CA MET A 167 12.64 -15.25 -1.14
C MET A 167 11.53 -16.22 -1.51
N GLU A 168 11.32 -17.22 -0.67
CA GLU A 168 10.21 -18.15 -0.76
C GLU A 168 8.89 -17.42 -0.61
N LEU A 169 8.73 -16.58 0.43
CA LEU A 169 7.49 -15.82 0.61
C LEU A 169 7.23 -14.90 -0.58
N TYR A 170 8.27 -14.37 -1.23
CA TYR A 170 8.12 -13.55 -2.41
C TYR A 170 7.51 -14.43 -3.50
N GLN A 171 8.26 -15.42 -3.97
CA GLN A 171 7.92 -16.31 -5.08
C GLN A 171 6.53 -16.92 -4.91
N THR A 172 6.29 -17.53 -3.75
CA THR A 172 5.10 -18.32 -3.47
C THR A 172 3.80 -17.46 -3.53
N ARG A 173 3.91 -16.13 -3.41
CA ARG A 173 2.78 -15.20 -3.41
C ARG A 173 2.80 -14.27 -4.61
N LEU A 174 3.94 -14.17 -5.29
CA LEU A 174 4.14 -13.45 -6.54
C LEU A 174 3.47 -14.22 -7.67
N SER A 175 3.74 -15.52 -7.75
CA SER A 175 3.31 -16.40 -8.85
C SER A 175 1.79 -16.44 -9.04
N LYS A 176 1.00 -16.27 -7.97
CA LYS A 176 -0.46 -16.33 -7.97
C LYS A 176 -1.09 -14.98 -8.37
N LYS A 177 -0.31 -14.03 -8.89
CA LYS A 177 -0.79 -12.69 -9.19
C LYS A 177 -0.69 -12.42 -10.68
N ASN A 178 -1.63 -11.61 -11.12
CA ASN A 178 -1.86 -11.01 -12.42
C ASN A 178 -1.02 -9.75 -12.67
N TRP A 179 0.15 -9.59 -12.02
CA TRP A 179 0.91 -8.33 -12.03
C TRP A 179 1.12 -7.75 -13.43
N GLN A 180 1.82 -8.46 -14.32
CA GLN A 180 2.02 -8.02 -15.69
C GLN A 180 0.72 -7.98 -16.52
N GLU A 181 -0.34 -8.66 -16.07
CA GLU A 181 -1.59 -8.82 -16.84
C GLU A 181 -2.51 -7.60 -16.73
N LYS A 182 -2.17 -6.67 -15.84
CA LYS A 182 -2.75 -5.32 -15.79
C LYS A 182 -1.82 -4.27 -16.36
N TRP A 183 -0.50 -4.43 -16.21
CA TRP A 183 0.49 -3.42 -16.54
C TRP A 183 1.50 -4.03 -17.51
N LYS A 184 1.36 -3.73 -18.81
CA LYS A 184 2.16 -4.35 -19.87
C LYS A 184 3.64 -3.99 -19.84
N ASN A 185 4.06 -2.99 -19.08
CA ASN A 185 5.48 -2.61 -19.00
C ASN A 185 6.08 -3.03 -17.65
N LEU A 186 5.41 -3.95 -16.95
CA LEU A 186 5.72 -4.35 -15.58
C LEU A 186 6.89 -5.33 -15.55
N ILE A 187 7.97 -4.94 -14.87
CA ILE A 187 9.23 -5.65 -14.79
C ILE A 187 9.26 -6.49 -13.52
N PHE A 188 9.77 -7.71 -13.64
CA PHE A 188 9.96 -8.65 -12.54
C PHE A 188 11.46 -8.77 -12.26
N LYS A 189 11.84 -8.84 -10.99
CA LYS A 189 13.22 -9.06 -10.54
C LYS A 189 13.21 -9.86 -9.24
N ASN A 190 14.38 -10.35 -8.84
CA ASN A 190 14.59 -11.18 -7.64
C ASN A 190 15.64 -10.56 -6.71
N THR A 191 16.09 -9.35 -7.02
CA THR A 191 17.20 -8.62 -6.39
C THR A 191 17.13 -7.18 -6.91
N GLY A 1 -3.99 18.96 -19.42
CA GLY A 1 -2.91 17.96 -19.36
C GLY A 1 -3.45 16.66 -18.81
N MET A 2 -3.04 16.31 -17.58
CA MET A 2 -3.34 15.03 -16.96
C MET A 2 -2.95 13.90 -17.91
N ASN A 3 -1.66 13.79 -18.25
CA ASN A 3 -1.13 12.64 -18.99
C ASN A 3 0.37 12.43 -18.82
N THR A 4 1.18 13.47 -19.02
CA THR A 4 2.64 13.38 -19.17
C THR A 4 3.37 13.25 -17.81
N VAL A 5 2.88 12.41 -16.92
CA VAL A 5 3.39 12.23 -15.57
C VAL A 5 4.65 11.38 -15.69
N LYS A 6 5.77 11.89 -15.20
CA LYS A 6 7.01 11.13 -15.07
C LYS A 6 7.69 11.30 -13.71
N ASN A 7 7.02 11.92 -12.73
CA ASN A 7 7.57 12.29 -11.43
C ASN A 7 6.45 12.45 -10.44
N LYS A 8 6.83 12.61 -9.17
CA LYS A 8 5.95 12.43 -8.03
C LYS A 8 4.86 13.48 -8.06
N GLN A 9 5.30 14.70 -8.39
CA GLN A 9 4.56 15.92 -8.26
C GLN A 9 3.38 15.85 -9.22
N GLU A 10 3.66 15.46 -10.47
CA GLU A 10 2.69 15.32 -11.55
C GLU A 10 1.63 14.25 -11.24
N ILE A 11 1.94 13.25 -10.41
CA ILE A 11 0.96 12.29 -9.87
C ILE A 11 0.09 13.00 -8.83
N LEU A 12 0.72 13.54 -7.79
CA LEU A 12 0.04 14.11 -6.63
C LEU A 12 -0.88 15.25 -7.05
N GLU A 13 -0.57 15.95 -8.15
CA GLU A 13 -1.44 16.95 -8.75
C GLU A 13 -2.84 16.38 -9.03
N ALA A 14 -2.96 15.13 -9.48
CA ALA A 14 -4.22 14.53 -9.93
C ALA A 14 -4.88 13.71 -8.81
N PHE A 15 -4.23 13.56 -7.65
CA PHE A 15 -4.90 13.04 -6.47
C PHE A 15 -6.12 13.90 -6.15
N ARG A 16 -5.90 15.21 -6.00
CA ARG A 16 -6.90 16.15 -5.51
C ARG A 16 -8.02 16.37 -6.52
N GLU A 17 -7.75 16.15 -7.81
CA GLU A 17 -8.72 16.11 -8.89
C GLU A 17 -9.76 15.02 -8.61
N SER A 18 -9.32 13.81 -8.27
CA SER A 18 -10.22 12.70 -8.04
C SER A 18 -11.04 12.94 -6.77
N PRO A 19 -12.37 12.96 -6.89
CA PRO A 19 -13.25 13.04 -5.74
C PRO A 19 -13.17 11.78 -4.91
N ASP A 20 -12.91 10.65 -5.58
CA ASP A 20 -12.84 9.32 -5.01
C ASP A 20 -11.56 9.16 -4.22
N MET A 21 -10.39 9.51 -4.77
CA MET A 21 -9.12 9.42 -4.07
C MET A 21 -9.18 10.26 -2.79
N MET A 22 -9.73 11.48 -2.90
CA MET A 22 -10.01 12.34 -1.78
C MET A 22 -10.90 11.64 -0.73
N ALA A 23 -12.06 11.10 -1.13
CA ALA A 23 -13.02 10.45 -0.22
C ALA A 23 -12.35 9.35 0.61
N ILE A 24 -11.55 8.48 -0.04
CA ILE A 24 -11.01 7.29 0.63
C ILE A 24 -10.14 7.79 1.79
N LEU A 25 -9.34 8.82 1.53
CA LEU A 25 -8.47 9.42 2.54
C LEU A 25 -9.28 10.10 3.66
N THR A 26 -10.38 10.78 3.35
CA THR A 26 -11.28 11.37 4.34
C THR A 26 -11.87 10.31 5.28
N ILE A 27 -12.28 9.15 4.76
CA ILE A 27 -12.83 8.10 5.60
C ILE A 27 -11.72 7.58 6.50
N ILE A 28 -10.64 6.99 5.95
CA ILE A 28 -9.57 6.34 6.70
C ILE A 28 -8.94 7.27 7.76
N ARG A 29 -8.88 8.59 7.50
CA ARG A 29 -8.36 9.58 8.47
C ARG A 29 -9.33 9.87 9.63
N ASP A 30 -10.61 9.56 9.50
CA ASP A 30 -11.65 9.81 10.53
C ASP A 30 -11.78 8.69 11.54
N LEU A 31 -11.39 7.46 11.20
CA LEU A 31 -11.60 6.27 12.02
C LEU A 31 -11.06 6.42 13.43
N GLY A 32 -9.96 7.16 13.54
CA GLY A 32 -9.31 7.48 14.80
C GLY A 32 -8.44 6.31 15.29
N LEU A 33 -8.16 5.31 14.44
CA LEU A 33 -7.21 4.23 14.71
C LEU A 33 -5.80 4.81 14.63
N LYS A 34 -4.86 4.22 15.39
CA LYS A 34 -3.56 4.82 15.59
C LYS A 34 -2.56 4.21 14.61
N ASP A 35 -1.65 5.06 14.18
CA ASP A 35 -0.55 4.81 13.24
C ASP A 35 -1.05 4.00 12.02
N SER A 36 -2.29 4.25 11.58
CA SER A 36 -2.84 3.66 10.38
C SER A 36 -2.57 4.56 9.19
N TRP A 37 -2.52 3.99 7.98
CA TRP A 37 -2.67 4.73 6.74
C TRP A 37 -2.93 3.73 5.61
N LEU A 38 -3.07 4.21 4.36
CA LEU A 38 -3.00 3.34 3.19
C LEU A 38 -1.53 2.94 2.99
N ALA A 39 -1.31 1.88 2.25
CA ALA A 39 -0.01 1.49 1.75
C ALA A 39 -0.20 0.59 0.56
N ALA A 40 0.92 0.30 -0.12
CA ALA A 40 0.95 -0.69 -1.18
C ALA A 40 -0.20 -0.46 -2.18
N GLY A 41 -0.66 -1.52 -2.86
CA GLY A 41 -2.06 -1.69 -3.23
C GLY A 41 -2.69 -0.44 -3.82
N SER A 42 -3.57 0.20 -3.05
CA SER A 42 -4.31 1.40 -3.42
C SER A 42 -3.40 2.60 -3.69
N VAL A 43 -2.34 2.79 -2.91
CA VAL A 43 -1.35 3.84 -3.20
C VAL A 43 -0.68 3.58 -4.55
N ARG A 44 -0.47 2.31 -4.93
CA ARG A 44 0.09 2.03 -6.25
C ARG A 44 -0.93 2.19 -7.35
N ASN A 45 -2.18 1.83 -7.08
CA ASN A 45 -3.23 1.75 -8.09
C ASN A 45 -3.39 3.08 -8.82
N PHE A 46 -3.58 4.19 -8.07
CA PHE A 46 -3.73 5.51 -8.68
C PHE A 46 -2.47 6.01 -9.38
N ILE A 47 -1.32 5.35 -9.25
CA ILE A 47 -0.06 5.75 -9.88
C ILE A 47 0.17 4.88 -11.12
N TRP A 48 0.18 3.56 -10.97
CA TRP A 48 0.51 2.66 -12.06
C TRP A 48 -0.51 2.76 -13.18
N ASN A 49 -1.80 2.78 -12.88
CA ASN A 49 -2.82 2.92 -13.92
C ASN A 49 -2.69 4.25 -14.66
N LEU A 50 -2.39 5.33 -13.93
CA LEU A 50 -2.10 6.67 -14.45
C LEU A 50 -1.02 6.54 -15.53
N LEU A 51 0.11 5.97 -15.15
CA LEU A 51 1.33 5.81 -15.94
C LEU A 51 1.18 4.70 -16.99
N SER A 52 0.00 4.11 -17.15
CA SER A 52 -0.30 2.99 -18.05
C SER A 52 -1.54 3.25 -18.89
N ASP A 53 -2.08 4.47 -18.85
CA ASP A 53 -3.21 4.86 -19.68
C ASP A 53 -4.49 4.07 -19.35
N LYS A 54 -4.59 3.60 -18.11
CA LYS A 54 -5.73 2.86 -17.54
C LYS A 54 -6.56 3.80 -16.68
N SER A 55 -7.41 3.26 -15.82
CA SER A 55 -8.32 4.00 -14.96
C SER A 55 -7.80 4.01 -13.53
N PRO A 56 -6.96 4.98 -13.15
CA PRO A 56 -6.43 5.08 -11.79
C PRO A 56 -7.46 5.27 -10.69
N PHE A 57 -8.70 5.64 -11.00
CA PHE A 57 -9.63 6.13 -10.00
C PHE A 57 -10.74 5.17 -9.64
N ASP A 58 -10.62 3.89 -10.02
CA ASP A 58 -11.59 2.90 -9.59
C ASP A 58 -11.50 2.69 -8.07
N HIS A 59 -12.57 3.02 -7.37
CA HIS A 59 -12.79 2.60 -5.98
C HIS A 59 -13.08 1.09 -5.83
N GLU A 60 -13.11 0.36 -6.94
CA GLU A 60 -13.34 -1.09 -6.95
C GLU A 60 -12.07 -1.89 -6.70
N THR A 61 -10.90 -1.27 -6.58
CA THR A 61 -9.68 -1.96 -6.20
C THR A 61 -9.69 -2.30 -4.69
N ASP A 62 -8.72 -3.11 -4.25
CA ASP A 62 -8.46 -3.37 -2.84
C ASP A 62 -7.93 -2.09 -2.18
N ILE A 63 -8.31 -1.84 -0.93
CA ILE A 63 -7.99 -0.63 -0.17
C ILE A 63 -7.20 -1.08 1.06
N ASP A 64 -5.90 -1.29 0.89
CA ASP A 64 -4.98 -1.74 1.95
C ASP A 64 -4.99 -0.79 3.14
N VAL A 65 -5.37 -1.24 4.34
CA VAL A 65 -5.28 -0.45 5.57
C VAL A 65 -4.42 -1.14 6.65
N ILE A 66 -3.12 -0.87 6.67
CA ILE A 66 -2.26 -1.26 7.78
C ILE A 66 -2.45 -0.28 8.95
N PHE A 67 -2.31 -0.76 10.19
CA PHE A 67 -2.37 0.05 11.39
C PHE A 67 -1.53 -0.57 12.51
N PHE A 68 -1.24 0.18 13.58
CA PHE A 68 -0.48 -0.27 14.74
C PHE A 68 -1.27 0.08 15.99
N ASP A 69 -2.04 -0.91 16.46
CA ASP A 69 -2.80 -0.77 17.69
C ASP A 69 -2.55 -2.03 18.52
N PRO A 70 -1.41 -2.08 19.24
CA PRO A 70 -1.04 -3.20 20.10
C PRO A 70 -1.94 -3.34 21.33
N ASP A 71 -2.80 -2.36 21.56
CA ASP A 71 -3.70 -2.29 22.70
C ASP A 71 -5.15 -2.60 22.26
N PHE A 72 -5.34 -3.17 21.06
CA PHE A 72 -6.63 -3.55 20.50
C PHE A 72 -6.60 -5.03 20.16
N SER A 73 -7.55 -5.81 20.69
CA SER A 73 -7.53 -7.26 20.65
C SER A 73 -7.48 -7.79 19.21
N TYR A 74 -7.04 -9.05 19.07
CA TYR A 74 -6.94 -9.69 17.77
C TYR A 74 -8.32 -9.81 17.15
N GLU A 75 -9.35 -10.24 17.90
CA GLU A 75 -10.67 -10.44 17.32
C GLU A 75 -11.35 -9.09 17.09
N GLU A 76 -11.19 -8.14 18.03
CA GLU A 76 -11.71 -6.78 17.92
C GLU A 76 -11.26 -6.13 16.62
N THR A 77 -10.02 -6.40 16.26
CA THR A 77 -9.42 -5.97 15.01
C THR A 77 -10.27 -6.43 13.79
N LEU A 78 -10.79 -7.68 13.75
CA LEU A 78 -11.67 -8.14 12.67
C LEU A 78 -13.09 -7.60 12.84
N LEU A 79 -13.53 -7.39 14.08
CA LEU A 79 -14.85 -6.81 14.35
C LEU A 79 -14.92 -5.38 13.80
N LEU A 80 -13.82 -4.63 13.87
CA LEU A 80 -13.70 -3.30 13.32
C LEU A 80 -13.60 -3.34 11.80
N GLU A 81 -12.89 -4.34 11.29
CA GLU A 81 -12.85 -4.66 9.86
C GLU A 81 -14.27 -4.82 9.32
N LYS A 82 -15.14 -5.58 10.00
CA LYS A 82 -16.50 -5.74 9.50
C LYS A 82 -17.22 -4.39 9.52
N LYS A 83 -16.96 -3.53 10.51
CA LYS A 83 -17.64 -2.25 10.65
C LYS A 83 -17.34 -1.42 9.41
N LEU A 84 -16.08 -1.30 9.05
CA LEU A 84 -15.67 -0.56 7.86
C LEU A 84 -16.29 -1.13 6.59
N ARG A 85 -16.34 -2.46 6.47
CA ARG A 85 -16.95 -3.15 5.34
C ARG A 85 -18.45 -2.89 5.28
N GLU A 86 -19.17 -2.94 6.41
CA GLU A 86 -20.59 -2.73 6.49
C GLU A 86 -20.95 -1.28 6.19
N ASP A 87 -20.18 -0.34 6.73
CA ASP A 87 -20.44 1.10 6.68
C ASP A 87 -20.32 1.61 5.25
N PHE A 88 -19.31 1.12 4.52
CA PHE A 88 -19.03 1.49 3.14
C PHE A 88 -18.78 0.22 2.31
N PRO A 89 -19.84 -0.49 1.88
CA PRO A 89 -19.69 -1.73 1.12
C PRO A 89 -19.07 -1.50 -0.27
N GLN A 90 -19.07 -0.25 -0.72
CA GLN A 90 -18.57 0.19 -2.02
C GLN A 90 -17.03 0.19 -2.10
N TYR A 91 -16.33 -0.12 -1.00
CA TYR A 91 -14.87 -0.09 -0.90
C TYR A 91 -14.40 -1.43 -0.32
N GLN A 92 -13.07 -1.62 -0.24
CA GLN A 92 -12.45 -2.88 0.14
C GLN A 92 -11.32 -2.65 1.16
N TRP A 93 -11.67 -2.10 2.31
CA TRP A 93 -10.80 -1.81 3.45
C TRP A 93 -10.17 -3.09 4.01
N GLU A 94 -8.93 -3.39 3.62
CA GLU A 94 -8.19 -4.54 4.13
C GLU A 94 -7.42 -4.13 5.39
N LEU A 95 -8.14 -4.02 6.52
CA LEU A 95 -7.52 -3.68 7.82
C LEU A 95 -6.55 -4.78 8.23
N LYS A 96 -5.30 -4.47 8.61
CA LYS A 96 -4.35 -5.44 9.17
C LYS A 96 -3.48 -4.85 10.28
N ASN A 97 -3.61 -5.41 11.48
CA ASN A 97 -2.84 -5.05 12.67
C ASN A 97 -1.48 -5.78 12.64
N GLN A 98 -0.45 -5.13 12.12
CA GLN A 98 0.89 -5.72 11.95
C GLN A 98 1.52 -6.16 13.29
N VAL A 99 1.03 -5.68 14.44
CA VAL A 99 1.46 -6.06 15.79
C VAL A 99 1.61 -7.58 15.89
N TYR A 100 0.55 -8.30 15.52
CA TYR A 100 0.45 -9.74 15.74
C TYR A 100 1.28 -10.54 14.72
N MET A 101 1.96 -9.91 13.77
CA MET A 101 2.35 -10.60 12.55
C MET A 101 3.66 -11.40 12.65
N HIS A 102 4.26 -11.49 13.84
CA HIS A 102 5.48 -12.27 14.03
C HIS A 102 5.25 -13.74 13.61
N GLN A 103 4.20 -14.37 14.16
CA GLN A 103 3.81 -15.76 13.90
C GLN A 103 3.20 -15.98 12.50
N HIS A 104 3.29 -15.00 11.60
CA HIS A 104 2.77 -15.05 10.25
C HIS A 104 3.89 -14.95 9.21
N SER A 105 5.13 -14.67 9.62
CA SER A 105 6.21 -14.32 8.70
C SER A 105 7.45 -15.18 9.01
N PRO A 106 8.40 -15.35 8.07
CA PRO A 106 9.45 -16.35 8.23
C PRO A 106 10.65 -15.87 9.03
N HIS A 107 10.87 -14.56 9.02
CA HIS A 107 11.79 -13.87 9.92
C HIS A 107 11.30 -12.45 10.19
N THR A 108 10.22 -12.02 9.55
CA THR A 108 9.73 -10.65 9.67
C THR A 108 8.87 -10.56 10.93
N ALA A 109 9.54 -10.43 12.09
CA ALA A 109 8.89 -9.99 13.30
C ALA A 109 8.25 -8.62 13.06
N SER A 110 7.41 -8.25 14.00
CA SER A 110 6.62 -7.03 13.92
C SER A 110 7.52 -5.78 14.01
N TYR A 111 6.88 -4.62 13.88
CA TYR A 111 7.51 -3.37 13.46
C TYR A 111 7.37 -2.30 14.53
N THR A 112 8.18 -1.24 14.49
CA THR A 112 8.11 -0.19 15.51
C THR A 112 6.86 0.67 15.27
N SER A 113 6.77 1.26 14.08
CA SER A 113 5.69 2.12 13.64
C SER A 113 5.52 1.93 12.12
N SER A 114 4.47 2.50 11.54
CA SER A 114 4.01 2.26 10.18
C SER A 114 5.08 2.46 9.11
N ARG A 115 5.96 3.45 9.28
CA ARG A 115 7.05 3.66 8.35
C ARG A 115 8.04 2.50 8.40
N ASP A 116 8.54 2.09 9.57
CA ASP A 116 9.48 0.97 9.64
C ASP A 116 8.81 -0.34 9.21
N ALA A 117 7.47 -0.46 9.34
CA ALA A 117 6.72 -1.55 8.72
C ALA A 117 6.98 -1.57 7.21
N MET A 118 6.78 -0.44 6.52
CA MET A 118 7.09 -0.32 5.10
C MET A 118 8.57 -0.61 4.80
N SER A 119 9.51 -0.25 5.70
CA SER A 119 10.93 -0.53 5.51
C SER A 119 11.25 -2.04 5.60
N LYS A 120 10.31 -2.89 6.02
CA LYS A 120 10.46 -4.35 6.01
C LYS A 120 9.25 -4.95 5.26
N TYR A 121 9.09 -4.54 4.00
CA TYR A 121 8.04 -4.99 3.09
C TYR A 121 8.53 -5.97 2.03
N PRO A 122 7.61 -6.75 1.45
CA PRO A 122 7.97 -7.79 0.48
C PRO A 122 8.59 -7.25 -0.80
N GLU A 123 8.29 -6.02 -1.22
CA GLU A 123 8.64 -5.55 -2.56
C GLU A 123 9.06 -4.08 -2.46
N ARG A 124 9.95 -3.64 -3.34
CA ARG A 124 10.44 -2.26 -3.39
C ARG A 124 9.28 -1.33 -3.70
N CYS A 125 8.57 -1.52 -4.82
CA CYS A 125 7.43 -0.65 -5.16
C CYS A 125 6.28 -0.73 -4.16
N THR A 126 6.17 -1.81 -3.38
CA THR A 126 5.14 -1.93 -2.35
C THR A 126 5.54 -1.16 -1.10
N ALA A 127 6.84 -0.99 -0.84
CA ALA A 127 7.38 -0.28 0.30
C ALA A 127 7.13 1.23 0.14
N VAL A 128 5.87 1.67 0.27
CA VAL A 128 5.41 3.05 0.10
C VAL A 128 4.02 3.27 0.73
N GLY A 129 3.74 4.52 1.14
CA GLY A 129 2.43 4.97 1.61
C GLY A 129 2.10 6.35 1.03
N LEU A 130 0.86 6.82 1.26
CA LEU A 130 0.30 8.10 0.78
C LEU A 130 -1.00 8.41 1.55
N ARG A 131 -1.03 9.38 2.47
CA ARG A 131 -2.27 9.78 3.17
C ARG A 131 -2.32 11.30 3.34
N LEU A 132 -3.42 11.79 3.92
CA LEU A 132 -3.44 13.12 4.51
C LEU A 132 -2.79 13.00 5.88
N ASN A 133 -2.16 14.09 6.29
CA ASN A 133 -1.65 14.28 7.64
C ASN A 133 -2.51 15.33 8.33
N GLU A 134 -2.03 15.81 9.46
CA GLU A 134 -2.61 16.86 10.27
C GLU A 134 -2.75 18.20 9.55
N GLU A 135 -1.91 18.41 8.55
CA GLU A 135 -1.93 19.58 7.68
C GLU A 135 -2.89 19.38 6.49
N LEU A 136 -3.44 18.18 6.36
CA LEU A 136 -4.23 17.69 5.24
C LEU A 136 -3.42 17.64 3.93
N ASP A 137 -2.10 17.49 4.04
CA ASP A 137 -1.19 17.46 2.89
C ASP A 137 -1.11 16.10 2.22
N PHE A 138 -0.13 15.88 1.35
CA PHE A 138 0.18 14.59 0.78
C PHE A 138 1.42 14.08 1.51
N GLU A 139 1.18 13.33 2.58
CA GLU A 139 2.22 12.57 3.27
C GLU A 139 2.75 11.52 2.31
N LEU A 140 4.07 11.43 2.14
CA LEU A 140 4.71 10.42 1.28
C LEU A 140 5.82 9.73 2.08
N TYR A 141 6.22 8.52 1.68
CA TYR A 141 7.37 7.82 2.25
C TYR A 141 7.92 6.80 1.27
N VAL A 142 9.16 6.99 0.82
CA VAL A 142 9.90 6.12 -0.09
C VAL A 142 11.35 5.97 0.38
N PRO A 143 11.65 5.05 1.32
CA PRO A 143 13.00 4.88 1.83
C PRO A 143 13.98 4.37 0.77
N TYR A 144 13.52 3.75 -0.32
CA TYR A 144 14.40 3.26 -1.37
C TYR A 144 14.33 4.14 -2.62
N GLY A 145 13.30 4.97 -2.76
CA GLY A 145 13.08 5.84 -3.90
C GLY A 145 11.67 5.70 -4.48
N LEU A 146 11.30 6.69 -5.28
CA LEU A 146 10.05 6.83 -6.00
C LEU A 146 10.18 6.30 -7.42
N GLU A 147 11.37 6.46 -8.01
CA GLU A 147 11.73 6.05 -9.36
C GLU A 147 11.36 4.59 -9.62
N ASP A 148 11.41 3.76 -8.58
CA ASP A 148 10.91 2.39 -8.52
C ASP A 148 9.51 2.30 -9.16
N ILE A 149 8.58 3.14 -8.74
CA ILE A 149 7.19 3.07 -9.16
C ILE A 149 7.10 3.60 -10.58
N LEU A 150 7.78 4.72 -10.90
CA LEU A 150 7.77 5.32 -12.23
C LEU A 150 8.31 4.37 -13.29
N ASN A 151 9.32 3.55 -12.95
CA ASN A 151 9.89 2.56 -13.85
C ASN A 151 9.17 1.22 -13.77
N PHE A 152 8.03 1.15 -13.07
CA PHE A 152 7.18 -0.03 -12.97
C PHE A 152 7.97 -1.26 -12.55
N GLN A 153 8.68 -1.15 -11.43
CA GLN A 153 9.52 -2.24 -10.96
C GLN A 153 8.71 -3.17 -10.03
N VAL A 154 9.07 -4.44 -9.96
CA VAL A 154 8.64 -5.43 -8.97
C VAL A 154 9.88 -6.22 -8.60
N ARG A 155 10.48 -5.90 -7.46
CA ARG A 155 11.71 -6.51 -6.98
C ARG A 155 11.68 -6.59 -5.46
N PRO A 156 12.39 -7.55 -4.86
CA PRO A 156 12.46 -7.68 -3.42
C PRO A 156 13.25 -6.51 -2.83
N THR A 157 13.03 -6.24 -1.55
CA THR A 157 13.72 -5.23 -0.77
C THR A 157 15.06 -5.77 -0.23
N PRO A 158 15.99 -4.92 0.23
CA PRO A 158 17.30 -5.36 0.73
C PRO A 158 17.24 -6.07 2.10
N HIS A 159 16.11 -6.05 2.82
CA HIS A 159 15.94 -6.85 4.02
C HIS A 159 15.43 -8.27 3.71
N PHE A 160 15.23 -8.65 2.44
CA PHE A 160 14.72 -9.98 2.09
C PHE A 160 15.84 -10.95 1.73
N LEU A 161 16.75 -10.60 0.81
CA LEU A 161 17.77 -11.53 0.26
C LEU A 161 18.64 -12.18 1.34
N GLU A 162 18.84 -11.48 2.46
CA GLU A 162 19.62 -11.90 3.61
C GLU A 162 19.13 -13.21 4.25
N ASN A 163 17.86 -13.52 4.02
CA ASN A 163 17.25 -14.79 4.38
C ASN A 163 16.49 -15.38 3.20
N GLU A 164 16.94 -16.53 2.71
CA GLU A 164 16.34 -17.29 1.62
C GLU A 164 14.87 -17.64 1.93
N ASP A 165 14.52 -17.81 3.20
CA ASP A 165 13.16 -18.10 3.63
C ASP A 165 12.29 -16.85 3.63
N ARG A 166 12.88 -15.64 3.66
CA ARG A 166 12.16 -14.41 3.34
C ARG A 166 11.85 -14.41 1.85
N MET A 167 12.84 -14.75 1.03
CA MET A 167 12.67 -14.80 -0.42
C MET A 167 11.53 -15.74 -0.79
N GLU A 168 11.40 -16.91 -0.15
CA GLU A 168 10.31 -17.84 -0.45
C GLU A 168 8.93 -17.22 -0.25
N LEU A 169 8.70 -16.48 0.84
CA LEU A 169 7.44 -15.77 1.07
C LEU A 169 7.13 -14.79 -0.07
N TYR A 170 8.16 -14.07 -0.53
CA TYR A 170 7.99 -13.16 -1.65
C TYR A 170 7.61 -13.93 -2.91
N GLN A 171 8.41 -14.94 -3.27
CA GLN A 171 8.30 -15.79 -4.45
C GLN A 171 6.94 -16.46 -4.53
N THR A 172 6.56 -17.14 -3.46
CA THR A 172 5.38 -17.99 -3.40
C THR A 172 4.10 -17.16 -3.64
N ARG A 173 4.01 -15.94 -3.10
CA ARG A 173 2.81 -15.11 -3.26
C ARG A 173 2.85 -14.36 -4.58
N LEU A 174 4.04 -14.09 -5.13
CA LEU A 174 4.22 -13.35 -6.39
C LEU A 174 3.42 -13.97 -7.52
N SER A 175 3.58 -15.28 -7.75
CA SER A 175 3.06 -15.94 -8.94
C SER A 175 1.54 -15.83 -9.07
N LYS A 176 0.84 -15.61 -7.96
CA LYS A 176 -0.61 -15.45 -7.93
C LYS A 176 -1.05 -14.12 -8.54
N LYS A 177 -0.16 -13.13 -8.61
CA LYS A 177 -0.50 -11.75 -8.94
C LYS A 177 -0.40 -11.56 -10.44
N ASN A 178 -1.51 -11.18 -11.05
CA ASN A 178 -1.68 -10.76 -12.44
C ASN A 178 -0.95 -9.45 -12.80
N TRP A 179 0.24 -9.17 -12.25
CA TRP A 179 0.89 -7.85 -12.37
C TRP A 179 1.13 -7.50 -13.83
N GLN A 180 1.93 -8.32 -14.51
CA GLN A 180 2.33 -8.12 -15.90
C GLN A 180 1.17 -8.31 -16.90
N GLU A 181 0.04 -8.86 -16.45
CA GLU A 181 -1.16 -8.95 -17.27
C GLU A 181 -1.93 -7.63 -17.27
N LYS A 182 -2.04 -6.97 -16.11
CA LYS A 182 -2.74 -5.68 -16.00
C LYS A 182 -1.87 -4.54 -16.53
N TRP A 183 -0.56 -4.62 -16.31
CA TRP A 183 0.40 -3.57 -16.65
C TRP A 183 1.45 -4.25 -17.49
N LYS A 184 1.37 -4.15 -18.83
CA LYS A 184 2.32 -4.84 -19.71
C LYS A 184 3.74 -4.35 -19.45
N ASN A 185 3.95 -3.04 -19.25
CA ASN A 185 5.29 -2.46 -19.06
C ASN A 185 5.67 -2.56 -17.59
N LEU A 186 5.63 -3.76 -17.06
CA LEU A 186 5.84 -4.06 -15.65
C LEU A 186 7.00 -5.04 -15.50
N ILE A 187 8.07 -4.58 -14.84
CA ILE A 187 9.32 -5.32 -14.73
C ILE A 187 9.30 -6.18 -13.48
N PHE A 188 9.70 -7.43 -13.62
CA PHE A 188 9.94 -8.35 -12.51
C PHE A 188 11.45 -8.54 -12.40
N LYS A 189 11.97 -8.60 -11.18
CA LYS A 189 13.31 -9.10 -10.87
C LYS A 189 13.33 -9.87 -9.55
N ASN A 190 14.46 -10.50 -9.26
CA ASN A 190 14.79 -11.28 -8.06
C ASN A 190 15.67 -10.52 -7.05
N THR A 191 16.10 -9.32 -7.40
CA THR A 191 16.93 -8.39 -6.67
C THR A 191 16.78 -7.09 -7.48
N GLY A 1 -5.22 15.90 -15.36
CA GLY A 1 -4.51 15.11 -16.38
C GLY A 1 -3.83 13.93 -15.71
N MET A 2 -3.37 12.96 -16.50
CA MET A 2 -2.77 11.75 -15.96
C MET A 2 -1.64 11.21 -16.84
N ASN A 3 -1.06 12.07 -17.70
CA ASN A 3 -0.17 11.68 -18.80
C ASN A 3 1.11 12.51 -18.80
N THR A 4 1.03 13.80 -18.44
CA THR A 4 2.15 14.74 -18.40
C THR A 4 2.97 14.59 -17.10
N VAL A 5 3.09 13.37 -16.60
CA VAL A 5 3.46 13.06 -15.23
C VAL A 5 4.62 12.09 -15.22
N LYS A 6 5.78 12.56 -14.75
CA LYS A 6 6.98 11.75 -14.58
C LYS A 6 7.54 11.86 -13.16
N ASN A 7 6.84 12.53 -12.25
CA ASN A 7 7.38 12.96 -10.96
C ASN A 7 6.29 13.13 -9.93
N LYS A 8 6.64 12.99 -8.66
CA LYS A 8 5.75 13.02 -7.50
C LYS A 8 4.74 14.14 -7.58
N GLN A 9 5.22 15.37 -7.80
CA GLN A 9 4.37 16.55 -7.72
C GLN A 9 3.19 16.41 -8.69
N GLU A 10 3.47 16.00 -9.92
CA GLU A 10 2.49 15.79 -10.98
C GLU A 10 1.52 14.64 -10.63
N ILE A 11 2.01 13.58 -10.01
CA ILE A 11 1.19 12.43 -9.58
C ILE A 11 0.19 12.89 -8.51
N LEU A 12 0.67 13.59 -7.48
CA LEU A 12 -0.13 13.99 -6.33
C LEU A 12 -1.27 14.93 -6.72
N GLU A 13 -1.14 15.68 -7.81
CA GLU A 13 -2.25 16.45 -8.33
C GLU A 13 -3.39 15.55 -8.77
N ALA A 14 -3.11 14.41 -9.41
CA ALA A 14 -4.18 13.61 -10.00
C ALA A 14 -4.96 12.93 -8.88
N PHE A 15 -4.28 12.59 -7.78
CA PHE A 15 -4.93 12.16 -6.56
C PHE A 15 -6.00 13.17 -6.13
N ARG A 16 -5.59 14.43 -5.95
CA ARG A 16 -6.46 15.46 -5.41
C ARG A 16 -7.58 15.83 -6.38
N GLU A 17 -7.29 15.80 -7.68
CA GLU A 17 -8.25 16.03 -8.74
C GLU A 17 -9.47 15.10 -8.62
N SER A 18 -9.28 13.86 -8.15
CA SER A 18 -10.34 12.87 -8.09
C SER A 18 -11.08 12.91 -6.75
N PRO A 19 -12.42 12.94 -6.78
CA PRO A 19 -13.25 12.92 -5.58
C PRO A 19 -13.09 11.60 -4.82
N ASP A 20 -13.18 10.47 -5.51
CA ASP A 20 -13.22 9.15 -4.85
C ASP A 20 -11.87 8.81 -4.25
N MET A 21 -10.78 9.14 -4.94
CA MET A 21 -9.44 8.93 -4.42
C MET A 21 -9.29 9.67 -3.09
N MET A 22 -9.69 10.94 -3.06
CA MET A 22 -9.70 11.78 -1.86
C MET A 22 -10.67 11.26 -0.80
N ALA A 23 -11.80 10.69 -1.18
CA ALA A 23 -12.80 10.16 -0.24
C ALA A 23 -12.14 9.09 0.63
N ILE A 24 -11.52 8.09 0.03
CA ILE A 24 -10.88 6.96 0.72
C ILE A 24 -9.95 7.47 1.83
N LEU A 25 -9.10 8.44 1.49
CA LEU A 25 -8.11 9.00 2.41
C LEU A 25 -8.76 9.75 3.57
N THR A 26 -9.79 10.55 3.30
CA THR A 26 -10.51 11.28 4.36
C THR A 26 -11.36 10.32 5.21
N ILE A 27 -11.75 9.15 4.70
CA ILE A 27 -12.42 8.15 5.50
C ILE A 27 -11.41 7.59 6.50
N ILE A 28 -10.25 7.08 6.05
CA ILE A 28 -9.29 6.38 6.92
C ILE A 28 -8.87 7.26 8.10
N ARG A 29 -8.58 8.54 7.85
CA ARG A 29 -8.16 9.47 8.92
C ARG A 29 -9.18 9.51 10.06
N ASP A 30 -10.47 9.58 9.76
CA ASP A 30 -11.50 9.84 10.77
C ASP A 30 -11.78 8.63 11.66
N LEU A 31 -11.33 7.44 11.24
CA LEU A 31 -11.57 6.16 11.91
C LEU A 31 -11.06 6.14 13.36
N GLY A 32 -10.27 7.13 13.78
CA GLY A 32 -9.69 7.22 15.11
C GLY A 32 -8.70 6.07 15.37
N LEU A 33 -8.31 5.33 14.33
CA LEU A 33 -7.25 4.36 14.40
C LEU A 33 -5.96 5.10 14.71
N LYS A 34 -5.08 4.44 15.45
CA LYS A 34 -3.84 5.04 15.88
C LYS A 34 -2.74 4.61 14.93
N ASP A 35 -1.79 5.51 14.66
CA ASP A 35 -0.61 5.30 13.82
C ASP A 35 -0.97 4.57 12.52
N SER A 36 -1.97 5.08 11.82
CA SER A 36 -2.63 4.35 10.73
C SER A 36 -2.66 5.17 9.46
N TRP A 37 -2.23 4.60 8.35
CA TRP A 37 -2.36 5.27 7.08
C TRP A 37 -2.50 4.27 5.93
N LEU A 38 -2.81 4.80 4.76
CA LEU A 38 -3.14 4.05 3.57
C LEU A 38 -1.83 3.71 2.88
N ALA A 39 -1.53 2.44 2.65
CA ALA A 39 -0.20 1.99 2.22
C ALA A 39 -0.39 0.91 1.19
N ALA A 40 0.56 0.74 0.25
CA ALA A 40 0.70 -0.34 -0.70
C ALA A 40 -0.56 -0.80 -1.43
N GLY A 41 -0.50 -0.83 -2.75
CA GLY A 41 -1.62 -1.32 -3.53
C GLY A 41 -2.68 -0.26 -3.70
N SER A 42 -3.25 0.24 -2.60
CA SER A 42 -4.16 1.36 -2.58
C SER A 42 -3.48 2.57 -3.22
N VAL A 43 -2.41 3.05 -2.57
CA VAL A 43 -1.80 4.34 -2.91
C VAL A 43 -1.16 4.09 -4.31
N ARG A 44 -0.56 2.91 -4.45
CA ARG A 44 0.11 2.45 -5.66
C ARG A 44 -0.85 2.48 -6.86
N ASN A 45 -2.13 2.16 -6.72
CA ASN A 45 -3.02 2.05 -7.87
C ASN A 45 -3.14 3.41 -8.56
N PHE A 46 -3.18 4.52 -7.82
CA PHE A 46 -3.36 5.84 -8.41
C PHE A 46 -2.09 6.33 -9.13
N ILE A 47 -0.99 5.57 -9.04
CA ILE A 47 0.33 5.94 -9.49
C ILE A 47 0.69 5.05 -10.69
N TRP A 48 0.56 3.73 -10.56
CA TRP A 48 0.75 2.80 -11.65
C TRP A 48 -0.29 3.06 -12.76
N ASN A 49 -1.57 2.81 -12.52
CA ASN A 49 -2.64 2.90 -13.54
C ASN A 49 -2.57 4.19 -14.35
N LEU A 50 -2.33 5.30 -13.66
CA LEU A 50 -2.10 6.64 -14.20
C LEU A 50 -1.12 6.59 -15.37
N LEU A 51 0.10 6.13 -15.12
CA LEU A 51 1.17 6.03 -16.11
C LEU A 51 0.95 4.88 -17.11
N SER A 52 -0.12 4.09 -16.99
CA SER A 52 -0.38 2.90 -17.81
C SER A 52 -1.57 3.07 -18.73
N ASP A 53 -2.16 4.27 -18.72
CA ASP A 53 -3.31 4.62 -19.54
C ASP A 53 -4.51 3.76 -19.14
N LYS A 54 -4.55 3.39 -17.86
CA LYS A 54 -5.59 2.65 -17.16
C LYS A 54 -6.41 3.67 -16.36
N SER A 55 -7.27 3.15 -15.51
CA SER A 55 -8.16 3.88 -14.62
C SER A 55 -7.67 3.82 -13.17
N PRO A 56 -6.81 4.77 -12.76
CA PRO A 56 -6.48 4.95 -11.35
C PRO A 56 -7.74 5.18 -10.52
N PHE A 57 -8.73 5.93 -11.04
CA PHE A 57 -9.91 6.37 -10.31
C PHE A 57 -11.00 5.36 -10.58
N ASP A 58 -11.10 4.40 -9.65
CA ASP A 58 -11.77 3.14 -9.89
C ASP A 58 -12.32 2.58 -8.60
N HIS A 59 -11.60 2.79 -7.49
CA HIS A 59 -11.81 2.36 -6.10
C HIS A 59 -12.13 0.87 -5.86
N GLU A 60 -12.21 0.10 -6.95
CA GLU A 60 -12.60 -1.29 -7.08
C GLU A 60 -11.35 -2.20 -7.02
N THR A 61 -10.35 -1.77 -6.26
CA THR A 61 -9.14 -2.52 -5.92
C THR A 61 -9.07 -2.68 -4.39
N ASP A 62 -8.14 -3.51 -3.90
CA ASP A 62 -7.93 -3.79 -2.49
C ASP A 62 -7.20 -2.63 -1.81
N ILE A 63 -7.62 -2.31 -0.58
CA ILE A 63 -7.32 -1.06 0.09
C ILE A 63 -6.62 -1.36 1.40
N ASP A 64 -5.28 -1.42 1.38
CA ASP A 64 -4.48 -1.58 2.60
C ASP A 64 -4.48 -0.30 3.39
N VAL A 65 -4.71 -0.53 4.66
CA VAL A 65 -5.06 0.39 5.72
C VAL A 65 -4.35 -0.11 6.98
N ILE A 66 -3.03 0.04 7.05
CA ILE A 66 -2.31 -0.47 8.22
C ILE A 66 -2.57 0.43 9.42
N PHE A 67 -2.46 -0.12 10.61
CA PHE A 67 -2.49 0.63 11.87
C PHE A 67 -1.52 0.01 12.90
N PHE A 68 -1.30 0.70 14.02
CA PHE A 68 -0.53 0.24 15.18
C PHE A 68 -1.38 0.59 16.41
N ASP A 69 -2.08 -0.41 16.93
CA ASP A 69 -2.81 -0.30 18.19
C ASP A 69 -2.60 -1.60 18.96
N PRO A 70 -1.52 -1.68 19.75
CA PRO A 70 -1.18 -2.87 20.52
C PRO A 70 -2.08 -3.09 21.74
N ASP A 71 -2.99 -2.16 22.00
CA ASP A 71 -3.98 -2.26 23.06
C ASP A 71 -5.35 -2.62 22.46
N PHE A 72 -5.42 -2.94 21.16
CA PHE A 72 -6.65 -3.32 20.49
C PHE A 72 -6.88 -4.81 20.67
N SER A 73 -8.10 -5.18 21.02
CA SER A 73 -8.48 -6.58 21.18
C SER A 73 -8.36 -7.31 19.83
N TYR A 74 -8.11 -8.62 19.90
CA TYR A 74 -8.13 -9.47 18.72
C TYR A 74 -9.48 -9.36 18.02
N GLU A 75 -10.58 -9.56 18.75
CA GLU A 75 -11.91 -9.53 18.16
C GLU A 75 -12.15 -8.18 17.48
N GLU A 76 -11.86 -7.10 18.19
CA GLU A 76 -12.12 -5.74 17.72
C GLU A 76 -11.44 -5.44 16.41
N THR A 77 -10.28 -6.03 16.19
CA THR A 77 -9.61 -5.96 14.90
C THR A 77 -10.62 -6.42 13.83
N LEU A 78 -11.16 -7.63 13.98
CA LEU A 78 -12.10 -8.24 13.06
C LEU A 78 -13.38 -7.44 12.92
N LEU A 79 -13.88 -6.88 14.02
CA LEU A 79 -15.07 -6.07 14.04
C LEU A 79 -14.90 -4.81 13.24
N LEU A 80 -13.77 -4.14 13.37
CA LEU A 80 -13.54 -2.97 12.54
C LEU A 80 -13.45 -3.37 11.08
N GLU A 81 -12.76 -4.47 10.77
CA GLU A 81 -12.69 -4.97 9.39
C GLU A 81 -14.10 -5.10 8.85
N LYS A 82 -14.93 -5.90 9.53
CA LYS A 82 -16.27 -6.19 9.05
C LYS A 82 -17.15 -4.93 9.03
N LYS A 83 -17.04 -4.05 10.02
CA LYS A 83 -17.80 -2.80 10.11
C LYS A 83 -17.45 -1.93 8.91
N LEU A 84 -16.17 -1.67 8.69
CA LEU A 84 -15.68 -0.90 7.56
C LEU A 84 -16.18 -1.51 6.24
N ARG A 85 -16.13 -2.84 6.14
CA ARG A 85 -16.54 -3.54 4.92
C ARG A 85 -18.04 -3.51 4.67
N GLU A 86 -18.87 -3.47 5.72
CA GLU A 86 -20.31 -3.32 5.58
C GLU A 86 -20.67 -1.86 5.31
N ASP A 87 -20.05 -0.92 6.04
CA ASP A 87 -20.39 0.51 6.02
C ASP A 87 -20.13 1.08 4.64
N PHE A 88 -18.92 0.81 4.11
CA PHE A 88 -18.44 1.34 2.85
C PHE A 88 -18.08 0.16 1.94
N PRO A 89 -19.06 -0.55 1.37
CA PRO A 89 -18.83 -1.72 0.52
C PRO A 89 -18.20 -1.35 -0.82
N GLN A 90 -18.27 -0.07 -1.22
CA GLN A 90 -17.68 0.46 -2.45
C GLN A 90 -16.14 0.47 -2.43
N TYR A 91 -15.52 0.08 -1.32
CA TYR A 91 -14.08 0.05 -1.08
C TYR A 91 -13.74 -1.34 -0.51
N GLN A 92 -12.48 -1.63 -0.22
CA GLN A 92 -12.03 -2.99 0.08
C GLN A 92 -10.98 -3.01 1.20
N TRP A 93 -11.35 -2.54 2.38
CA TRP A 93 -10.47 -2.21 3.51
C TRP A 93 -9.77 -3.44 4.14
N GLU A 94 -8.52 -3.68 3.77
CA GLU A 94 -7.63 -4.73 4.29
C GLU A 94 -7.09 -4.33 5.68
N LEU A 95 -7.96 -4.26 6.70
CA LEU A 95 -7.69 -3.57 7.98
C LEU A 95 -6.68 -4.33 8.86
N LYS A 96 -5.39 -4.05 8.69
CA LYS A 96 -4.33 -5.00 9.06
C LYS A 96 -3.39 -4.44 10.12
N ASN A 97 -3.61 -4.86 11.37
CA ASN A 97 -2.80 -4.48 12.52
C ASN A 97 -1.39 -5.08 12.36
N GLN A 98 -0.33 -4.27 12.39
CA GLN A 98 1.06 -4.76 12.35
C GLN A 98 1.55 -5.22 13.74
N VAL A 99 0.74 -5.10 14.79
CA VAL A 99 1.07 -5.67 16.09
C VAL A 99 1.02 -7.19 16.01
N TYR A 100 -0.04 -7.72 15.40
CA TYR A 100 -0.30 -9.14 15.23
C TYR A 100 0.49 -9.66 14.03
N MET A 101 1.81 -9.47 14.07
CA MET A 101 2.80 -9.94 13.12
C MET A 101 3.71 -10.95 13.82
N HIS A 102 4.92 -11.18 13.31
CA HIS A 102 5.88 -12.25 13.62
C HIS A 102 5.32 -13.69 13.52
N GLN A 103 4.02 -13.87 13.32
CA GLN A 103 3.30 -15.14 13.34
C GLN A 103 2.76 -15.56 11.96
N HIS A 104 3.04 -14.78 10.90
CA HIS A 104 2.51 -15.02 9.55
C HIS A 104 3.58 -15.02 8.45
N SER A 105 4.82 -14.66 8.74
CA SER A 105 5.91 -14.72 7.76
C SER A 105 7.20 -15.12 8.49
N PRO A 106 8.16 -15.75 7.80
CA PRO A 106 9.33 -16.29 8.44
C PRO A 106 10.21 -15.15 8.95
N HIS A 107 10.64 -15.25 10.21
CA HIS A 107 11.58 -14.40 10.92
C HIS A 107 11.18 -12.90 10.99
N THR A 108 9.94 -12.50 10.66
CA THR A 108 9.68 -11.15 10.19
C THR A 108 9.58 -10.13 11.34
N ALA A 109 10.03 -10.54 12.52
CA ALA A 109 10.09 -9.71 13.70
C ALA A 109 11.22 -8.69 13.50
N SER A 110 10.90 -7.40 13.56
CA SER A 110 11.82 -6.27 13.34
C SER A 110 11.12 -4.93 13.53
N TYR A 111 9.83 -4.86 13.19
CA TYR A 111 9.26 -3.57 12.81
C TYR A 111 9.21 -2.58 13.97
N THR A 112 9.05 -1.29 13.64
CA THR A 112 9.09 -0.23 14.65
C THR A 112 8.08 0.90 14.41
N SER A 113 7.38 0.94 13.27
CA SER A 113 6.32 1.89 12.98
C SER A 113 5.53 1.38 11.76
N SER A 114 4.42 2.05 11.44
CA SER A 114 3.66 1.82 10.23
C SER A 114 4.54 2.03 8.99
N ARG A 115 5.22 3.18 8.89
CA ARG A 115 6.31 3.43 7.97
C ARG A 115 7.29 2.27 7.92
N ASP A 116 7.88 1.90 9.05
CA ASP A 116 8.96 0.94 9.05
C ASP A 116 8.48 -0.37 8.42
N ALA A 117 7.38 -0.95 8.93
CA ALA A 117 6.80 -2.19 8.43
C ALA A 117 6.57 -2.15 6.91
N MET A 118 6.14 -1.02 6.37
CA MET A 118 5.96 -0.78 4.93
C MET A 118 7.22 -1.13 4.14
N SER A 119 8.39 -0.70 4.64
CA SER A 119 9.68 -0.98 4.04
C SER A 119 10.01 -2.48 3.97
N LYS A 120 9.27 -3.32 4.71
CA LYS A 120 9.46 -4.76 4.82
C LYS A 120 8.31 -5.51 4.09
N TYR A 121 7.55 -4.83 3.22
CA TYR A 121 6.71 -5.49 2.21
C TYR A 121 7.58 -6.44 1.33
N PRO A 122 6.96 -7.34 0.55
CA PRO A 122 7.68 -8.26 -0.32
C PRO A 122 8.43 -7.57 -1.46
N GLU A 123 8.09 -6.32 -1.82
CA GLU A 123 8.47 -5.71 -3.09
C GLU A 123 8.84 -4.24 -2.85
N ARG A 124 9.92 -3.75 -3.47
CA ARG A 124 10.37 -2.37 -3.34
C ARG A 124 9.31 -1.43 -3.90
N CYS A 125 8.82 -1.69 -5.12
CA CYS A 125 7.75 -0.88 -5.71
C CYS A 125 6.51 -0.79 -4.81
N THR A 126 6.15 -1.84 -4.09
CA THR A 126 4.96 -1.83 -3.24
C THR A 126 5.18 -1.05 -1.94
N ALA A 127 6.43 -0.85 -1.53
CA ALA A 127 6.77 -0.29 -0.25
C ALA A 127 6.58 1.24 -0.27
N VAL A 128 5.34 1.71 -0.21
CA VAL A 128 4.99 3.12 -0.37
C VAL A 128 3.69 3.47 0.36
N GLY A 129 3.62 4.69 0.91
CA GLY A 129 2.52 5.15 1.74
C GLY A 129 1.98 6.52 1.32
N LEU A 130 0.72 6.81 1.69
CA LEU A 130 0.03 8.06 1.47
C LEU A 130 -0.94 8.31 2.65
N ARG A 131 -1.06 9.54 3.21
CA ARG A 131 -2.25 9.99 3.95
C ARG A 131 -2.45 11.49 3.71
N LEU A 132 -3.56 12.04 4.20
CA LEU A 132 -3.75 13.48 4.37
C LEU A 132 -3.29 13.82 5.77
N ASN A 133 -2.84 15.07 5.92
CA ASN A 133 -2.36 15.60 7.20
C ASN A 133 -3.43 16.53 7.75
N GLU A 134 -3.05 17.19 8.84
CA GLU A 134 -3.67 18.41 9.32
C GLU A 134 -3.95 19.41 8.20
N GLU A 135 -3.01 19.60 7.29
CA GLU A 135 -3.08 20.66 6.27
C GLU A 135 -3.77 20.17 5.00
N LEU A 136 -4.35 18.97 5.05
CA LEU A 136 -4.98 18.27 3.93
C LEU A 136 -3.99 18.09 2.77
N ASP A 137 -2.73 17.84 3.10
CA ASP A 137 -1.61 17.61 2.17
C ASP A 137 -1.48 16.13 1.84
N PHE A 138 -0.35 15.72 1.27
CA PHE A 138 -0.05 14.37 0.82
C PHE A 138 1.25 13.92 1.48
N GLU A 139 1.14 13.40 2.69
CA GLU A 139 2.28 12.79 3.37
C GLU A 139 2.65 11.54 2.58
N LEU A 140 3.93 11.37 2.26
CA LEU A 140 4.47 10.31 1.43
C LEU A 140 5.52 9.55 2.24
N TYR A 141 5.90 8.35 1.81
CA TYR A 141 7.09 7.63 2.29
C TYR A 141 7.53 6.67 1.19
N VAL A 142 8.77 6.81 0.73
CA VAL A 142 9.42 5.97 -0.28
C VAL A 142 10.92 5.85 0.08
N PRO A 143 11.32 5.12 1.14
CA PRO A 143 12.72 5.06 1.55
C PRO A 143 13.61 4.25 0.59
N TYR A 144 13.05 3.69 -0.51
CA TYR A 144 13.78 3.06 -1.60
C TYR A 144 13.71 3.90 -2.88
N GLY A 145 13.01 5.03 -2.87
CA GLY A 145 12.91 5.95 -3.98
C GLY A 145 11.81 5.57 -4.97
N LEU A 146 11.43 6.52 -5.82
CA LEU A 146 10.23 6.40 -6.65
C LEU A 146 10.48 5.63 -7.92
N GLU A 147 11.74 5.50 -8.35
CA GLU A 147 12.05 4.88 -9.62
C GLU A 147 11.52 3.45 -9.72
N ASP A 148 11.53 2.69 -8.61
CA ASP A 148 10.98 1.34 -8.56
C ASP A 148 9.50 1.34 -8.93
N ILE A 149 8.77 2.42 -8.65
CA ILE A 149 7.36 2.55 -8.95
C ILE A 149 7.24 3.09 -10.38
N LEU A 150 7.90 4.21 -10.70
CA LEU A 150 7.78 4.86 -12.00
C LEU A 150 8.16 3.92 -13.14
N ASN A 151 9.10 3.01 -12.92
CA ASN A 151 9.57 2.05 -13.90
C ASN A 151 8.93 0.67 -13.70
N PHE A 152 7.99 0.53 -12.75
CA PHE A 152 7.15 -0.63 -12.48
C PHE A 152 7.99 -1.88 -12.19
N GLN A 153 8.96 -1.76 -11.29
CA GLN A 153 9.99 -2.76 -11.09
C GLN A 153 9.69 -3.55 -9.84
N VAL A 154 9.20 -4.77 -10.01
CA VAL A 154 8.90 -5.64 -8.89
C VAL A 154 10.20 -6.33 -8.50
N ARG A 155 10.97 -5.62 -7.68
CA ARG A 155 12.21 -6.09 -7.06
C ARG A 155 11.87 -6.44 -5.62
N PRO A 156 12.46 -7.48 -5.01
CA PRO A 156 12.23 -7.77 -3.60
C PRO A 156 12.85 -6.69 -2.73
N THR A 157 12.30 -6.44 -1.55
CA THR A 157 12.91 -5.47 -0.63
C THR A 157 14.31 -5.94 -0.20
N PRO A 158 15.21 -5.02 0.16
CA PRO A 158 16.50 -5.36 0.76
C PRO A 158 16.29 -6.17 2.04
N HIS A 159 15.27 -5.78 2.79
CA HIS A 159 14.83 -6.38 4.03
C HIS A 159 14.08 -7.69 3.78
N PHE A 160 13.98 -8.15 2.53
CA PHE A 160 13.64 -9.52 2.16
C PHE A 160 14.93 -10.29 1.88
N LEU A 161 15.74 -9.82 0.94
CA LEU A 161 17.00 -10.45 0.50
C LEU A 161 17.98 -10.71 1.63
N GLU A 162 17.80 -10.03 2.76
CA GLU A 162 18.51 -10.32 3.99
C GLU A 162 18.47 -11.82 4.35
N ASN A 163 17.30 -12.48 4.25
CA ASN A 163 17.13 -13.87 4.68
C ASN A 163 16.49 -14.76 3.63
N GLU A 164 17.11 -15.91 3.38
CA GLU A 164 16.72 -16.93 2.40
C GLU A 164 15.24 -17.30 2.56
N ASP A 165 14.79 -17.49 3.80
CA ASP A 165 13.43 -17.91 4.08
C ASP A 165 12.43 -16.82 3.68
N ARG A 166 12.83 -15.55 3.76
CA ARG A 166 11.96 -14.50 3.24
C ARG A 166 11.85 -14.57 1.73
N MET A 167 12.93 -14.93 1.05
CA MET A 167 12.96 -14.96 -0.40
C MET A 167 12.08 -16.11 -0.87
N GLU A 168 12.11 -17.27 -0.21
CA GLU A 168 11.19 -18.36 -0.45
C GLU A 168 9.74 -17.89 -0.39
N LEU A 169 9.36 -17.20 0.70
CA LEU A 169 8.01 -16.63 0.83
C LEU A 169 7.67 -15.74 -0.36
N TYR A 170 8.59 -14.85 -0.78
CA TYR A 170 8.37 -13.94 -1.89
C TYR A 170 8.01 -14.79 -3.11
N GLN A 171 8.95 -15.65 -3.52
CA GLN A 171 8.96 -16.42 -4.74
C GLN A 171 7.71 -17.28 -4.88
N THR A 172 7.38 -17.98 -3.80
CA THR A 172 6.17 -18.79 -3.73
C THR A 172 4.92 -17.92 -3.78
N ARG A 173 4.73 -16.97 -2.86
CA ARG A 173 3.47 -16.24 -2.79
C ARG A 173 3.23 -15.41 -4.06
N LEU A 174 4.28 -14.98 -4.76
CA LEU A 174 4.21 -14.38 -6.08
C LEU A 174 3.41 -15.30 -7.02
N SER A 175 4.01 -16.42 -7.41
CA SER A 175 3.63 -17.32 -8.48
C SER A 175 3.43 -16.60 -9.83
N LYS A 176 2.39 -15.77 -9.98
CA LYS A 176 2.35 -14.70 -10.98
C LYS A 176 1.48 -13.50 -10.62
N LYS A 177 0.47 -13.62 -9.77
CA LYS A 177 -0.37 -12.50 -9.33
C LYS A 177 -1.06 -11.69 -10.45
N ASN A 178 -1.12 -12.14 -11.72
CA ASN A 178 -1.73 -11.40 -12.84
C ASN A 178 -1.19 -9.97 -13.04
N TRP A 179 -0.07 -9.56 -12.42
CA TRP A 179 0.31 -8.16 -12.37
C TRP A 179 0.59 -7.57 -13.74
N GLN A 180 1.29 -8.33 -14.58
CA GLN A 180 1.58 -7.90 -15.94
C GLN A 180 0.33 -7.89 -16.84
N GLU A 181 -0.79 -8.49 -16.43
CA GLU A 181 -1.99 -8.56 -17.26
C GLU A 181 -2.70 -7.21 -17.24
N LYS A 182 -2.63 -6.50 -16.11
CA LYS A 182 -3.21 -5.19 -15.94
C LYS A 182 -2.23 -4.07 -16.29
N TRP A 183 -0.95 -4.36 -16.11
CA TRP A 183 0.14 -3.45 -16.44
C TRP A 183 1.19 -4.17 -17.30
N LYS A 184 1.12 -4.05 -18.63
CA LYS A 184 2.13 -4.63 -19.55
C LYS A 184 3.56 -4.31 -19.15
N ASN A 185 3.72 -3.10 -18.59
CA ASN A 185 5.01 -2.48 -18.31
C ASN A 185 5.60 -3.01 -17.01
N LEU A 186 4.85 -3.84 -16.27
CA LEU A 186 5.17 -4.36 -14.96
C LEU A 186 6.23 -5.44 -15.08
N ILE A 187 7.38 -5.19 -14.46
CA ILE A 187 8.59 -6.00 -14.59
C ILE A 187 8.73 -6.85 -13.34
N PHE A 188 9.14 -8.09 -13.50
CA PHE A 188 9.34 -9.05 -12.41
C PHE A 188 10.81 -9.36 -12.28
N LYS A 189 11.38 -9.14 -11.10
CA LYS A 189 12.80 -9.31 -10.79
C LYS A 189 12.96 -10.08 -9.48
N ASN A 190 14.19 -10.34 -9.09
CA ASN A 190 14.60 -11.06 -7.89
C ASN A 190 15.71 -10.36 -7.12
N THR A 191 16.09 -9.15 -7.55
CA THR A 191 16.96 -8.16 -6.88
C THR A 191 16.76 -6.84 -7.65
N GLY A 1 -4.97 19.33 -18.57
CA GLY A 1 -4.23 18.08 -18.77
C GLY A 1 -3.10 17.98 -17.76
N MET A 2 -2.87 16.76 -17.28
CA MET A 2 -1.86 16.38 -16.30
C MET A 2 -1.21 15.05 -16.71
N ASN A 3 -1.42 14.61 -17.96
CA ASN A 3 -1.16 13.26 -18.44
C ASN A 3 0.34 12.90 -18.48
N THR A 4 1.20 13.92 -18.57
CA THR A 4 2.66 13.89 -18.65
C THR A 4 3.31 13.59 -17.27
N VAL A 5 2.76 12.61 -16.55
CA VAL A 5 3.18 12.25 -15.21
C VAL A 5 4.47 11.44 -15.33
N LYS A 6 5.57 11.96 -14.80
CA LYS A 6 6.82 11.19 -14.72
C LYS A 6 7.43 11.22 -13.33
N ASN A 7 6.71 11.75 -12.33
CA ASN A 7 7.26 12.15 -11.05
C ASN A 7 6.15 12.31 -10.04
N LYS A 8 6.50 12.28 -8.76
CA LYS A 8 5.61 12.40 -7.61
C LYS A 8 4.57 13.50 -7.80
N GLN A 9 5.07 14.68 -8.16
CA GLN A 9 4.30 15.91 -8.12
C GLN A 9 3.08 15.76 -9.03
N GLU A 10 3.31 15.36 -10.29
CA GLU A 10 2.29 15.13 -11.30
C GLU A 10 1.25 14.11 -10.83
N ILE A 11 1.67 13.10 -10.06
CA ILE A 11 0.76 12.07 -9.54
C ILE A 11 -0.17 12.73 -8.52
N LEU A 12 0.41 13.42 -7.53
CA LEU A 12 -0.33 14.02 -6.43
C LEU A 12 -1.29 15.09 -6.94
N GLU A 13 -0.90 15.83 -7.99
CA GLU A 13 -1.77 16.77 -8.67
C GLU A 13 -3.02 16.05 -9.19
N ALA A 14 -2.94 14.81 -9.67
CA ALA A 14 -4.12 14.13 -10.18
C ALA A 14 -4.93 13.53 -9.03
N PHE A 15 -4.30 13.24 -7.89
CA PHE A 15 -4.98 12.63 -6.74
C PHE A 15 -6.09 13.56 -6.25
N ARG A 16 -5.75 14.80 -5.92
CA ARG A 16 -6.71 15.73 -5.30
C ARG A 16 -7.69 16.29 -6.32
N GLU A 17 -7.37 16.20 -7.61
CA GLU A 17 -8.28 16.54 -8.68
C GLU A 17 -9.47 15.56 -8.69
N SER A 18 -9.25 14.30 -8.31
CA SER A 18 -10.27 13.27 -8.22
C SER A 18 -11.03 13.39 -6.89
N PRO A 19 -12.37 13.35 -6.93
CA PRO A 19 -13.19 13.24 -5.74
C PRO A 19 -13.11 11.83 -5.15
N ASP A 20 -13.08 10.79 -6.00
CA ASP A 20 -13.08 9.39 -5.55
C ASP A 20 -11.81 9.11 -4.77
N MET A 21 -10.66 9.49 -5.33
CA MET A 21 -9.37 9.25 -4.69
C MET A 21 -9.26 10.05 -3.38
N MET A 22 -9.73 11.31 -3.39
CA MET A 22 -9.87 12.11 -2.19
C MET A 22 -10.70 11.39 -1.14
N ALA A 23 -11.90 10.91 -1.49
CA ALA A 23 -12.89 10.36 -0.58
C ALA A 23 -12.24 9.27 0.25
N ILE A 24 -11.59 8.30 -0.41
CA ILE A 24 -10.92 7.18 0.26
C ILE A 24 -10.02 7.71 1.39
N LEU A 25 -9.23 8.75 1.09
CA LEU A 25 -8.23 9.28 1.99
C LEU A 25 -8.80 10.13 3.13
N THR A 26 -9.89 10.84 2.86
CA THR A 26 -10.56 11.67 3.85
C THR A 26 -11.48 10.81 4.75
N ILE A 27 -11.95 9.67 4.26
CA ILE A 27 -12.71 8.71 5.07
C ILE A 27 -11.75 8.08 6.08
N ILE A 28 -10.61 7.51 5.63
CA ILE A 28 -9.70 6.76 6.49
C ILE A 28 -9.23 7.62 7.68
N ARG A 29 -8.86 8.88 7.43
CA ARG A 29 -8.43 9.79 8.50
C ARG A 29 -9.50 9.99 9.57
N ASP A 30 -10.77 9.99 9.19
CA ASP A 30 -11.93 10.26 10.05
C ASP A 30 -12.36 9.03 10.87
N LEU A 31 -11.73 7.87 10.66
CA LEU A 31 -12.06 6.64 11.37
C LEU A 31 -11.76 6.68 12.87
N GLY A 32 -10.98 7.67 13.33
CA GLY A 32 -10.58 7.79 14.72
C GLY A 32 -9.73 6.60 15.20
N LEU A 33 -9.08 5.88 14.28
CA LEU A 33 -8.08 4.88 14.63
C LEU A 33 -6.80 5.61 15.06
N LYS A 34 -5.93 4.86 15.74
CA LYS A 34 -4.62 5.34 16.12
C LYS A 34 -3.67 4.95 15.01
N ASP A 35 -2.79 5.87 14.65
CA ASP A 35 -1.65 5.67 13.75
C ASP A 35 -1.98 5.12 12.37
N SER A 36 -3.24 5.02 11.97
CA SER A 36 -3.64 4.43 10.69
C SER A 36 -3.24 5.32 9.53
N TRP A 37 -2.85 4.71 8.40
CA TRP A 37 -2.79 5.41 7.13
C TRP A 37 -2.87 4.41 5.98
N LEU A 38 -2.90 4.93 4.74
CA LEU A 38 -2.93 4.13 3.53
C LEU A 38 -1.52 3.72 3.19
N ALA A 39 -1.34 2.48 2.73
CA ALA A 39 -0.03 1.97 2.35
C ALA A 39 -0.15 0.94 1.25
N ALA A 40 0.99 0.61 0.62
CA ALA A 40 1.09 -0.41 -0.40
C ALA A 40 0.01 -0.23 -1.48
N GLY A 41 -0.38 -1.31 -2.15
CA GLY A 41 -1.73 -1.50 -2.66
C GLY A 41 -2.34 -0.29 -3.38
N SER A 42 -3.21 0.45 -2.68
CA SER A 42 -3.93 1.60 -3.20
C SER A 42 -2.98 2.73 -3.60
N VAL A 43 -1.98 2.99 -2.77
CA VAL A 43 -0.98 4.02 -3.03
C VAL A 43 -0.24 3.66 -4.33
N ARG A 44 -0.22 2.39 -4.73
CA ARG A 44 0.40 2.02 -5.99
C ARG A 44 -0.59 2.06 -7.12
N ASN A 45 -1.85 1.63 -6.89
CA ASN A 45 -2.85 1.55 -7.94
C ASN A 45 -3.00 2.93 -8.60
N PHE A 46 -3.12 3.99 -7.79
CA PHE A 46 -3.39 5.32 -8.32
C PHE A 46 -2.19 5.91 -9.07
N ILE A 47 -1.03 5.25 -9.05
CA ILE A 47 0.14 5.57 -9.87
C ILE A 47 0.14 4.59 -11.02
N TRP A 48 0.36 3.29 -10.82
CA TRP A 48 0.56 2.36 -11.93
C TRP A 48 -0.58 2.40 -12.97
N ASN A 49 -1.80 2.71 -12.56
CA ASN A 49 -2.90 2.83 -13.49
C ASN A 49 -2.75 4.05 -14.41
N LEU A 50 -2.18 5.18 -13.93
CA LEU A 50 -1.93 6.41 -14.66
C LEU A 50 -1.12 6.06 -15.93
N LEU A 51 0.17 5.75 -15.77
CA LEU A 51 1.18 5.52 -16.81
C LEU A 51 1.01 4.20 -17.58
N SER A 52 -0.15 3.58 -17.44
CA SER A 52 -0.55 2.43 -18.25
C SER A 52 -1.96 2.52 -18.82
N ASP A 53 -2.56 3.72 -18.83
CA ASP A 53 -3.82 3.94 -19.56
C ASP A 53 -5.00 3.16 -18.96
N LYS A 54 -4.92 2.92 -17.66
CA LYS A 54 -5.89 2.19 -16.84
C LYS A 54 -6.76 3.24 -16.13
N SER A 55 -7.48 2.80 -15.11
CA SER A 55 -8.38 3.63 -14.32
C SER A 55 -7.80 3.87 -12.93
N PRO A 56 -6.95 4.90 -12.77
CA PRO A 56 -6.38 5.26 -11.48
C PRO A 56 -7.49 5.57 -10.47
N PHE A 57 -8.67 6.01 -10.92
CA PHE A 57 -9.76 6.47 -10.08
C PHE A 57 -10.88 5.45 -9.96
N ASP A 58 -10.59 4.17 -10.18
CA ASP A 58 -11.50 3.10 -9.79
C ASP A 58 -11.41 2.94 -8.27
N HIS A 59 -12.55 3.00 -7.56
CA HIS A 59 -12.62 2.81 -6.11
C HIS A 59 -13.02 1.39 -5.68
N GLU A 60 -12.93 0.43 -6.60
CA GLU A 60 -13.35 -0.95 -6.41
C GLU A 60 -12.17 -1.90 -6.17
N THR A 61 -10.92 -1.42 -6.12
CA THR A 61 -9.74 -2.23 -5.81
C THR A 61 -9.64 -2.45 -4.28
N ASP A 62 -8.69 -3.29 -3.90
CA ASP A 62 -8.36 -3.66 -2.51
C ASP A 62 -7.76 -2.43 -1.82
N ILE A 63 -8.24 -2.04 -0.63
CA ILE A 63 -7.87 -0.80 0.04
C ILE A 63 -7.11 -1.15 1.33
N ASP A 64 -5.80 -1.10 1.25
CA ASP A 64 -4.86 -1.34 2.34
C ASP A 64 -4.96 -0.28 3.43
N VAL A 65 -5.42 -0.67 4.62
CA VAL A 65 -5.56 0.19 5.79
C VAL A 65 -4.74 -0.44 6.93
N ILE A 66 -3.46 -0.08 6.98
CA ILE A 66 -2.60 -0.52 8.07
C ILE A 66 -2.76 0.43 9.24
N PHE A 67 -2.66 -0.10 10.46
CA PHE A 67 -2.67 0.70 11.69
C PHE A 67 -1.75 0.05 12.72
N PHE A 68 -1.53 0.76 13.83
CA PHE A 68 -0.69 0.35 14.94
C PHE A 68 -1.49 0.68 16.20
N ASP A 69 -2.15 -0.33 16.75
CA ASP A 69 -2.72 -0.22 18.10
C ASP A 69 -2.38 -1.48 18.89
N PRO A 70 -1.22 -1.52 19.55
CA PRO A 70 -0.77 -2.69 20.31
C PRO A 70 -1.66 -2.98 21.51
N ASP A 71 -2.47 -2.00 21.94
CA ASP A 71 -3.30 -2.11 23.12
C ASP A 71 -4.66 -2.75 22.79
N PHE A 72 -5.01 -2.86 21.50
CA PHE A 72 -6.27 -3.40 20.98
C PHE A 72 -6.24 -4.93 21.01
N SER A 73 -7.39 -5.61 21.08
CA SER A 73 -7.39 -7.06 21.04
C SER A 73 -7.18 -7.53 19.59
N TYR A 74 -6.62 -8.74 19.46
CA TYR A 74 -6.50 -9.41 18.19
C TYR A 74 -7.87 -9.54 17.55
N GLU A 75 -8.87 -10.05 18.27
CA GLU A 75 -10.15 -10.34 17.67
C GLU A 75 -10.87 -9.07 17.23
N GLU A 76 -10.88 -8.04 18.08
CA GLU A 76 -11.54 -6.76 17.82
C GLU A 76 -11.04 -6.11 16.53
N THR A 77 -9.81 -6.40 16.13
CA THR A 77 -9.25 -5.97 14.85
C THR A 77 -10.11 -6.51 13.70
N LEU A 78 -10.40 -7.82 13.67
CA LEU A 78 -11.21 -8.46 12.63
C LEU A 78 -12.64 -7.89 12.65
N LEU A 79 -13.15 -7.58 13.83
CA LEU A 79 -14.47 -7.00 13.99
C LEU A 79 -14.52 -5.61 13.38
N LEU A 80 -13.52 -4.80 13.68
CA LEU A 80 -13.47 -3.41 13.23
C LEU A 80 -13.19 -3.32 11.72
N GLU A 81 -12.52 -4.32 11.15
CA GLU A 81 -12.42 -4.58 9.72
C GLU A 81 -13.81 -4.80 9.14
N LYS A 82 -14.54 -5.82 9.62
CA LYS A 82 -15.83 -6.16 9.02
C LYS A 82 -16.79 -4.97 9.13
N LYS A 83 -16.74 -4.21 10.24
CA LYS A 83 -17.58 -3.03 10.44
C LYS A 83 -17.40 -2.05 9.29
N LEU A 84 -16.16 -1.83 8.86
CA LEU A 84 -15.85 -0.91 7.77
C LEU A 84 -16.48 -1.39 6.47
N ARG A 85 -16.29 -2.67 6.15
CA ARG A 85 -16.85 -3.30 4.96
C ARG A 85 -18.37 -3.40 5.03
N GLU A 86 -18.98 -3.41 6.22
CA GLU A 86 -20.42 -3.39 6.38
C GLU A 86 -20.95 -1.99 6.09
N ASP A 87 -20.33 -0.95 6.67
CA ASP A 87 -20.85 0.41 6.55
C ASP A 87 -20.71 0.91 5.12
N PHE A 88 -19.62 0.57 4.44
CA PHE A 88 -19.34 1.05 3.09
C PHE A 88 -18.79 -0.08 2.21
N PRO A 89 -19.64 -1.01 1.72
CA PRO A 89 -19.20 -2.25 1.08
C PRO A 89 -18.48 -2.04 -0.27
N GLN A 90 -18.65 -0.87 -0.89
CA GLN A 90 -18.05 -0.52 -2.18
C GLN A 90 -16.51 -0.59 -2.12
N TYR A 91 -15.93 -0.02 -1.06
CA TYR A 91 -14.49 0.03 -0.86
C TYR A 91 -14.11 -1.23 -0.08
N GLN A 92 -12.86 -1.66 -0.22
CA GLN A 92 -12.42 -2.94 0.33
C GLN A 92 -11.40 -2.72 1.44
N TRP A 93 -11.86 -2.27 2.60
CA TRP A 93 -11.02 -1.83 3.70
C TRP A 93 -10.31 -3.00 4.42
N GLU A 94 -9.04 -3.21 4.10
CA GLU A 94 -8.17 -4.27 4.59
C GLU A 94 -7.53 -3.87 5.94
N LEU A 95 -8.33 -3.79 7.00
CA LEU A 95 -7.82 -3.35 8.30
C LEU A 95 -6.83 -4.37 8.86
N LYS A 96 -5.59 -3.96 9.15
CA LYS A 96 -4.53 -4.89 9.54
C LYS A 96 -3.63 -4.30 10.63
N ASN A 97 -3.65 -4.98 11.79
CA ASN A 97 -2.91 -4.62 13.00
C ASN A 97 -1.48 -5.20 13.00
N GLN A 98 -0.52 -4.43 12.49
CA GLN A 98 0.89 -4.81 12.29
C GLN A 98 1.67 -5.13 13.58
N VAL A 99 1.02 -5.05 14.73
CA VAL A 99 1.55 -5.33 16.06
C VAL A 99 1.91 -6.80 16.19
N TYR A 100 1.04 -7.69 15.72
CA TYR A 100 1.14 -9.11 16.02
C TYR A 100 2.15 -9.74 15.07
N MET A 101 1.70 -10.12 13.88
CA MET A 101 2.40 -10.58 12.68
C MET A 101 3.39 -11.74 12.84
N HIS A 102 3.62 -12.21 14.07
CA HIS A 102 4.42 -13.36 14.47
C HIS A 102 3.87 -14.70 13.97
N GLN A 103 3.05 -14.69 12.92
CA GLN A 103 2.46 -15.85 12.26
C GLN A 103 2.20 -15.61 10.76
N HIS A 104 2.71 -14.53 10.16
CA HIS A 104 2.50 -14.24 8.74
C HIS A 104 3.78 -13.86 7.99
N SER A 105 4.88 -13.58 8.68
CA SER A 105 6.21 -13.38 8.12
C SER A 105 7.06 -14.55 8.64
N PRO A 106 8.10 -15.01 7.93
CA PRO A 106 8.72 -16.28 8.31
C PRO A 106 9.66 -16.19 9.49
N HIS A 107 10.25 -15.02 9.64
CA HIS A 107 11.36 -14.72 10.54
C HIS A 107 11.54 -13.20 10.56
N THR A 108 10.56 -12.44 10.05
CA THR A 108 10.69 -10.97 10.01
C THR A 108 9.60 -10.29 10.86
N ALA A 109 9.06 -11.04 11.81
CA ALA A 109 8.01 -10.55 12.68
C ALA A 109 8.61 -9.74 13.81
N SER A 110 8.81 -8.46 13.50
CA SER A 110 9.08 -7.36 14.39
C SER A 110 9.34 -6.15 13.50
N TYR A 111 8.80 -4.99 13.92
CA TYR A 111 8.85 -3.73 13.20
C TYR A 111 8.87 -2.59 14.21
N THR A 112 9.21 -1.39 13.76
CA THR A 112 9.31 -0.21 14.67
C THR A 112 8.10 0.73 14.58
N SER A 113 7.39 0.74 13.45
CA SER A 113 6.30 1.65 13.11
C SER A 113 5.65 1.17 11.82
N SER A 114 4.56 1.81 11.38
CA SER A 114 3.92 1.55 10.09
C SER A 114 4.93 1.71 8.95
N ARG A 115 5.77 2.74 9.01
CA ARG A 115 6.80 3.03 8.03
C ARG A 115 7.92 1.99 8.04
N ASP A 116 8.36 1.51 9.19
CA ASP A 116 9.38 0.44 9.22
C ASP A 116 8.80 -0.92 8.80
N ALA A 117 7.55 -1.20 9.16
CA ALA A 117 6.79 -2.35 8.65
C ALA A 117 6.68 -2.27 7.12
N MET A 118 6.56 -1.07 6.55
CA MET A 118 6.53 -0.81 5.12
C MET A 118 7.83 -1.24 4.45
N SER A 119 8.98 -0.94 5.07
CA SER A 119 10.28 -1.34 4.59
C SER A 119 10.55 -2.84 4.72
N LYS A 120 9.65 -3.59 5.36
CA LYS A 120 9.71 -5.04 5.47
C LYS A 120 8.55 -5.67 4.69
N TYR A 121 7.93 -4.95 3.75
CA TYR A 121 7.05 -5.51 2.73
C TYR A 121 7.83 -6.47 1.81
N PRO A 122 7.14 -7.30 1.01
CA PRO A 122 7.79 -8.22 0.11
C PRO A 122 8.38 -7.58 -1.15
N GLU A 123 8.15 -6.30 -1.43
CA GLU A 123 8.45 -5.65 -2.71
C GLU A 123 8.87 -4.19 -2.47
N ARG A 124 9.73 -3.61 -3.34
CA ARG A 124 10.19 -2.22 -3.22
C ARG A 124 9.11 -1.23 -3.58
N CYS A 125 8.50 -1.37 -4.77
CA CYS A 125 7.50 -0.42 -5.23
C CYS A 125 6.31 -0.36 -4.26
N THR A 126 6.09 -1.43 -3.50
CA THR A 126 5.07 -1.62 -2.49
C THR A 126 5.44 -0.93 -1.16
N ALA A 127 6.74 -0.67 -0.92
CA ALA A 127 7.30 -0.05 0.27
C ALA A 127 7.11 1.47 0.25
N VAL A 128 5.86 1.91 0.42
CA VAL A 128 5.46 3.31 0.32
C VAL A 128 4.07 3.51 0.91
N GLY A 129 3.83 4.70 1.46
CA GLY A 129 2.55 5.13 2.02
C GLY A 129 2.20 6.51 1.49
N LEU A 130 0.90 6.86 1.60
CA LEU A 130 0.36 8.15 1.22
C LEU A 130 -0.84 8.40 2.13
N ARG A 131 -0.93 9.56 2.78
CA ARG A 131 -2.16 10.00 3.46
C ARG A 131 -2.15 11.51 3.60
N LEU A 132 -3.30 12.08 3.97
CA LEU A 132 -3.40 13.47 4.41
C LEU A 132 -2.65 13.61 5.70
N ASN A 133 -2.32 14.85 6.04
CA ASN A 133 -1.78 15.22 7.33
C ASN A 133 -2.71 16.25 7.95
N GLU A 134 -2.24 16.87 9.01
CA GLU A 134 -2.90 17.92 9.76
C GLU A 134 -3.31 19.14 8.93
N GLU A 135 -2.57 19.37 7.86
CA GLU A 135 -2.81 20.45 6.92
C GLU A 135 -3.71 20.05 5.74
N LEU A 136 -4.04 18.76 5.61
CA LEU A 136 -4.72 18.14 4.47
C LEU A 136 -3.82 18.08 3.23
N ASP A 137 -2.51 17.93 3.44
CA ASP A 137 -1.49 17.80 2.42
C ASP A 137 -1.34 16.38 1.89
N PHE A 138 -0.24 16.09 1.21
CA PHE A 138 0.21 14.75 0.86
C PHE A 138 1.45 14.45 1.70
N GLU A 139 1.31 13.61 2.73
CA GLU A 139 2.42 12.89 3.34
C GLU A 139 2.70 11.70 2.46
N LEU A 140 3.92 11.55 1.95
CA LEU A 140 4.39 10.38 1.21
C LEU A 140 5.63 9.84 1.92
N TYR A 141 5.93 8.54 1.80
CA TYR A 141 7.09 7.88 2.41
C TYR A 141 7.70 6.93 1.41
N VAL A 142 8.96 7.14 1.04
CA VAL A 142 9.73 6.33 0.08
C VAL A 142 11.20 6.31 0.53
N PRO A 143 11.59 5.47 1.50
CA PRO A 143 12.98 5.39 1.92
C PRO A 143 13.90 4.86 0.82
N TYR A 144 13.35 4.13 -0.16
CA TYR A 144 14.14 3.50 -1.22
C TYR A 144 13.89 4.18 -2.57
N GLY A 145 12.85 5.01 -2.68
CA GLY A 145 12.59 5.88 -3.82
C GLY A 145 11.22 5.65 -4.46
N LEU A 146 10.96 6.45 -5.49
CA LEU A 146 9.74 6.44 -6.29
C LEU A 146 9.98 5.77 -7.63
N GLU A 147 11.21 5.75 -8.15
CA GLU A 147 11.50 5.22 -9.48
C GLU A 147 11.15 3.74 -9.59
N ASP A 148 11.08 2.99 -8.48
CA ASP A 148 10.59 1.62 -8.44
C ASP A 148 9.14 1.55 -8.96
N ILE A 149 8.36 2.61 -8.75
CA ILE A 149 6.96 2.68 -9.13
C ILE A 149 6.89 3.22 -10.55
N LEU A 150 7.58 4.33 -10.86
CA LEU A 150 7.54 4.95 -12.20
C LEU A 150 8.08 3.99 -13.26
N ASN A 151 8.95 3.04 -12.89
CA ASN A 151 9.50 2.06 -13.81
C ASN A 151 8.80 0.70 -13.69
N PHE A 152 7.73 0.62 -12.90
CA PHE A 152 6.86 -0.53 -12.76
C PHE A 152 7.67 -1.76 -12.41
N GLN A 153 8.50 -1.66 -11.37
CA GLN A 153 9.44 -2.70 -11.02
C GLN A 153 8.83 -3.47 -9.87
N VAL A 154 8.93 -4.79 -9.90
CA VAL A 154 8.58 -5.70 -8.81
C VAL A 154 9.87 -6.43 -8.50
N ARG A 155 10.53 -5.99 -7.43
CA ARG A 155 11.80 -6.51 -6.97
C ARG A 155 11.76 -6.53 -5.43
N PRO A 156 12.52 -7.42 -4.78
CA PRO A 156 12.58 -7.48 -3.33
C PRO A 156 13.37 -6.29 -2.77
N THR A 157 13.11 -5.95 -1.52
CA THR A 157 13.75 -4.90 -0.73
C THR A 157 14.96 -5.44 0.04
N PRO A 158 15.84 -4.58 0.58
CA PRO A 158 17.11 -5.02 1.12
C PRO A 158 17.02 -5.75 2.45
N HIS A 159 15.93 -5.64 3.23
CA HIS A 159 15.71 -6.45 4.44
C HIS A 159 15.15 -7.85 4.14
N PHE A 160 14.90 -8.17 2.88
CA PHE A 160 14.46 -9.50 2.49
C PHE A 160 15.67 -10.37 2.20
N LEU A 161 16.46 -10.04 1.16
CA LEU A 161 17.52 -10.91 0.60
C LEU A 161 18.61 -11.29 1.60
N GLU A 162 18.66 -10.60 2.73
CA GLU A 162 19.42 -10.98 3.92
C GLU A 162 19.26 -12.48 4.22
N ASN A 163 18.04 -12.99 4.10
CA ASN A 163 17.59 -14.23 4.71
C ASN A 163 16.75 -15.02 3.70
N GLU A 164 17.16 -16.24 3.40
CA GLU A 164 16.59 -17.02 2.30
C GLU A 164 15.15 -17.44 2.56
N ASP A 165 14.81 -17.70 3.81
CA ASP A 165 13.46 -18.05 4.27
C ASP A 165 12.52 -16.88 4.05
N ARG A 166 13.04 -15.64 4.13
CA ARG A 166 12.20 -14.48 3.84
C ARG A 166 11.85 -14.45 2.36
N MET A 167 12.73 -14.94 1.47
CA MET A 167 12.51 -14.86 0.03
C MET A 167 11.36 -15.78 -0.37
N GLU A 168 11.20 -16.90 0.35
CA GLU A 168 10.12 -17.86 0.07
C GLU A 168 8.77 -17.18 0.13
N LEU A 169 8.55 -16.24 1.07
CA LEU A 169 7.29 -15.53 1.20
C LEU A 169 6.97 -14.77 -0.07
N TYR A 170 7.95 -14.04 -0.62
CA TYR A 170 7.74 -13.23 -1.82
C TYR A 170 7.32 -14.11 -2.98
N GLN A 171 8.02 -15.23 -3.16
CA GLN A 171 7.77 -16.19 -4.25
C GLN A 171 6.41 -16.86 -4.05
N THR A 172 6.16 -17.33 -2.85
CA THR A 172 4.86 -17.89 -2.42
C THR A 172 3.73 -16.92 -2.79
N ARG A 173 3.77 -15.67 -2.31
CA ARG A 173 2.73 -14.67 -2.56
C ARG A 173 2.70 -14.19 -4.02
N LEU A 174 3.60 -14.68 -4.88
CA LEU A 174 3.65 -14.34 -6.29
C LEU A 174 3.06 -15.49 -7.10
N SER A 175 3.75 -16.62 -7.13
CA SER A 175 3.70 -17.75 -8.05
C SER A 175 3.69 -17.26 -9.49
N LYS A 176 2.51 -16.87 -9.96
CA LYS A 176 2.18 -16.25 -11.23
C LYS A 176 1.01 -15.31 -10.96
N LYS A 177 1.30 -14.08 -10.56
CA LYS A 177 0.31 -13.02 -10.48
C LYS A 177 0.24 -12.35 -11.84
N ASN A 178 -0.99 -12.10 -12.29
CA ASN A 178 -1.46 -11.23 -13.36
C ASN A 178 -0.96 -9.77 -13.28
N TRP A 179 0.06 -9.44 -12.48
CA TRP A 179 0.70 -8.14 -12.47
C TRP A 179 1.08 -7.68 -13.86
N GLN A 180 1.79 -8.55 -14.55
CA GLN A 180 2.25 -8.32 -15.91
C GLN A 180 1.16 -8.52 -16.98
N GLU A 181 -0.08 -8.88 -16.59
CA GLU A 181 -1.22 -8.69 -17.43
C GLU A 181 -1.62 -7.23 -17.18
N LYS A 182 -2.00 -6.89 -15.93
CA LYS A 182 -2.89 -5.76 -15.69
C LYS A 182 -2.23 -4.46 -16.05
N TRP A 183 -0.92 -4.40 -15.82
CA TRP A 183 -0.03 -3.40 -16.38
C TRP A 183 0.98 -4.12 -17.27
N LYS A 184 0.87 -3.98 -18.60
CA LYS A 184 1.91 -4.47 -19.51
C LYS A 184 3.31 -3.99 -19.13
N ASN A 185 3.44 -2.80 -18.53
CA ASN A 185 4.73 -2.20 -18.18
C ASN A 185 5.48 -2.98 -17.09
N LEU A 186 4.83 -3.92 -16.44
CA LEU A 186 5.25 -4.44 -15.15
C LEU A 186 6.41 -5.43 -15.27
N ILE A 187 7.55 -5.07 -14.68
CA ILE A 187 8.81 -5.81 -14.68
C ILE A 187 8.91 -6.70 -13.44
N PHE A 188 9.35 -7.95 -13.62
CA PHE A 188 9.66 -8.92 -12.57
C PHE A 188 11.17 -9.04 -12.44
N LYS A 189 11.69 -9.27 -11.22
CA LYS A 189 13.11 -9.41 -10.93
C LYS A 189 13.34 -10.30 -9.71
N ASN A 190 14.61 -10.44 -9.30
CA ASN A 190 15.05 -11.13 -8.09
C ASN A 190 15.89 -10.27 -7.16
N THR A 191 16.18 -9.02 -7.53
CA THR A 191 16.76 -8.02 -6.66
C THR A 191 16.38 -6.67 -7.25
N GLY A 1 -3.74 16.44 -15.52
CA GLY A 1 -3.65 15.56 -16.70
C GLY A 1 -2.70 14.42 -16.46
N MET A 2 -3.09 13.19 -16.81
CA MET A 2 -2.14 12.10 -16.95
C MET A 2 -1.46 12.26 -18.30
N ASN A 3 -0.36 13.03 -18.34
CA ASN A 3 0.40 13.20 -19.57
C ASN A 3 1.88 13.08 -19.32
N THR A 4 2.48 14.05 -18.65
CA THR A 4 3.92 14.19 -18.49
C THR A 4 4.30 13.78 -17.07
N VAL A 5 3.58 12.80 -16.54
CA VAL A 5 3.72 12.34 -15.18
C VAL A 5 4.99 11.50 -15.12
N LYS A 6 6.07 12.14 -14.73
CA LYS A 6 7.39 11.53 -14.69
C LYS A 6 8.00 11.66 -13.29
N ASN A 7 7.18 12.06 -12.32
CA ASN A 7 7.60 12.41 -10.96
C ASN A 7 6.39 12.50 -10.05
N LYS A 8 6.64 12.55 -8.74
CA LYS A 8 5.64 12.58 -7.68
C LYS A 8 4.61 13.69 -7.85
N GLN A 9 5.05 14.94 -8.04
CA GLN A 9 4.21 16.13 -7.99
C GLN A 9 3.08 16.03 -9.02
N GLU A 10 3.42 15.53 -10.21
CA GLU A 10 2.51 15.29 -11.31
C GLU A 10 1.37 14.33 -10.89
N ILE A 11 1.67 13.36 -10.03
CA ILE A 11 0.73 12.33 -9.56
C ILE A 11 -0.10 12.86 -8.38
N LEU A 12 0.49 13.66 -7.49
CA LEU A 12 -0.20 14.20 -6.33
C LEU A 12 -1.37 15.10 -6.76
N GLU A 13 -1.27 15.74 -7.93
CA GLU A 13 -2.40 16.42 -8.56
C GLU A 13 -3.51 15.42 -8.88
N ALA A 14 -3.17 14.26 -9.45
CA ALA A 14 -4.13 13.26 -9.93
C ALA A 14 -4.95 12.69 -8.77
N PHE A 15 -4.32 12.53 -7.61
CA PHE A 15 -4.98 12.10 -6.40
C PHE A 15 -6.17 13.00 -6.10
N ARG A 16 -5.92 14.30 -5.92
CA ARG A 16 -6.96 15.24 -5.50
C ARG A 16 -7.97 15.48 -6.63
N GLU A 17 -7.57 15.26 -7.88
CA GLU A 17 -8.45 15.32 -9.05
C GLU A 17 -9.52 14.23 -9.05
N SER A 18 -9.48 13.26 -8.12
CA SER A 18 -10.56 12.30 -7.95
C SER A 18 -11.20 12.50 -6.58
N PRO A 19 -12.54 12.55 -6.52
CA PRO A 19 -13.29 12.64 -5.29
C PRO A 19 -13.12 11.35 -4.49
N ASP A 20 -13.31 10.18 -5.10
CA ASP A 20 -13.32 8.91 -4.37
C ASP A 20 -11.93 8.61 -3.84
N MET A 21 -10.88 8.85 -4.65
CA MET A 21 -9.50 8.61 -4.26
C MET A 21 -9.16 9.36 -2.98
N MET A 22 -9.63 10.60 -2.87
CA MET A 22 -9.34 11.44 -1.72
C MET A 22 -10.35 11.23 -0.59
N ALA A 23 -11.59 10.84 -0.91
CA ALA A 23 -12.61 10.41 0.06
C ALA A 23 -12.10 9.23 0.87
N ILE A 24 -11.54 8.21 0.21
CA ILE A 24 -10.92 7.05 0.84
C ILE A 24 -9.97 7.53 1.95
N LEU A 25 -9.11 8.48 1.61
CA LEU A 25 -8.08 9.01 2.49
C LEU A 25 -8.63 9.82 3.66
N THR A 26 -9.78 10.46 3.47
CA THR A 26 -10.54 11.15 4.49
C THR A 26 -11.31 10.16 5.39
N ILE A 27 -11.79 9.03 4.88
CA ILE A 27 -12.47 8.02 5.69
C ILE A 27 -11.44 7.38 6.62
N ILE A 28 -10.33 6.86 6.08
CA ILE A 28 -9.34 6.12 6.86
C ILE A 28 -8.84 6.96 8.05
N ARG A 29 -8.58 8.26 7.83
CA ARG A 29 -8.11 9.12 8.91
C ARG A 29 -9.18 9.31 10.01
N ASP A 30 -10.47 9.28 9.65
CA ASP A 30 -11.60 9.53 10.57
C ASP A 30 -11.85 8.37 11.52
N LEU A 31 -11.24 7.20 11.28
CA LEU A 31 -11.52 5.95 11.97
C LEU A 31 -11.17 6.01 13.45
N GLY A 32 -10.40 7.02 13.86
CA GLY A 32 -10.03 7.28 15.23
C GLY A 32 -8.70 6.64 15.61
N LEU A 33 -8.18 5.65 14.86
CA LEU A 33 -6.89 5.09 15.20
C LEU A 33 -5.77 6.10 15.01
N LYS A 34 -4.63 5.78 15.60
CA LYS A 34 -3.38 6.51 15.39
C LYS A 34 -2.46 5.72 14.46
N ASP A 35 -1.49 6.42 13.88
CA ASP A 35 -0.49 5.91 12.92
C ASP A 35 -1.11 5.14 11.74
N SER A 36 -2.42 5.29 11.50
CA SER A 36 -3.13 4.57 10.47
C SER A 36 -3.07 5.32 9.15
N TRP A 37 -2.83 4.61 8.05
CA TRP A 37 -2.89 5.17 6.71
C TRP A 37 -2.95 4.07 5.66
N LEU A 38 -3.03 4.46 4.39
CA LEU A 38 -2.85 3.52 3.29
C LEU A 38 -1.37 3.25 3.15
N ALA A 39 -1.12 2.02 2.72
CA ALA A 39 0.19 1.62 2.23
C ALA A 39 0.16 0.29 1.51
N ALA A 40 0.88 0.21 0.39
CA ALA A 40 0.89 -0.89 -0.57
C ALA A 40 -0.43 -1.00 -1.32
N GLY A 41 -0.35 -1.03 -2.64
CA GLY A 41 -1.46 -1.34 -3.54
C GLY A 41 -2.47 -0.21 -3.64
N SER A 42 -3.05 0.17 -2.51
CA SER A 42 -3.92 1.31 -2.29
C SER A 42 -3.35 2.54 -3.00
N VAL A 43 -2.16 2.96 -2.58
CA VAL A 43 -1.64 4.25 -3.03
C VAL A 43 -1.20 3.95 -4.49
N ARG A 44 -0.55 2.79 -4.69
CA ARG A 44 0.01 2.34 -5.97
C ARG A 44 -1.04 2.41 -7.08
N ASN A 45 -2.31 2.13 -6.80
CA ASN A 45 -3.40 2.10 -7.77
C ASN A 45 -3.48 3.42 -8.54
N PHE A 46 -3.52 4.55 -7.82
CA PHE A 46 -3.64 5.88 -8.42
C PHE A 46 -2.38 6.32 -9.19
N ILE A 47 -1.33 5.49 -9.24
CA ILE A 47 -0.06 5.79 -9.91
C ILE A 47 0.16 4.78 -11.05
N TRP A 48 0.12 3.48 -10.75
CA TRP A 48 0.35 2.45 -11.74
C TRP A 48 -0.74 2.45 -12.80
N ASN A 49 -2.01 2.58 -12.43
CA ASN A 49 -3.10 2.62 -13.40
C ASN A 49 -2.96 3.87 -14.27
N LEU A 50 -2.69 5.00 -13.62
CA LEU A 50 -2.43 6.32 -14.20
C LEU A 50 -1.43 6.14 -15.34
N LEU A 51 -0.21 5.71 -15.00
CA LEU A 51 0.93 5.53 -15.89
C LEU A 51 0.81 4.27 -16.75
N SER A 52 -0.34 3.60 -16.79
CA SER A 52 -0.60 2.44 -17.63
C SER A 52 -1.75 2.69 -18.60
N ASP A 53 -2.26 3.93 -18.69
CA ASP A 53 -3.41 4.29 -19.53
C ASP A 53 -4.70 3.61 -19.02
N LYS A 54 -4.69 3.06 -17.80
CA LYS A 54 -5.83 2.40 -17.17
C LYS A 54 -6.67 3.43 -16.41
N SER A 55 -7.57 2.95 -15.55
CA SER A 55 -8.54 3.70 -14.75
C SER A 55 -8.10 3.76 -13.29
N PRO A 56 -7.29 4.75 -12.90
CA PRO A 56 -6.79 4.91 -11.53
C PRO A 56 -7.87 5.10 -10.48
N PHE A 57 -9.09 5.44 -10.86
CA PHE A 57 -10.15 5.80 -9.92
C PHE A 57 -11.21 4.73 -9.75
N ASP A 58 -10.93 3.55 -10.29
CA ASP A 58 -11.66 2.35 -9.95
C ASP A 58 -11.45 2.06 -8.46
N HIS A 59 -12.43 2.41 -7.64
CA HIS A 59 -12.47 2.09 -6.21
C HIS A 59 -12.94 0.65 -5.94
N GLU A 60 -13.18 -0.15 -6.97
CA GLU A 60 -13.68 -1.52 -6.85
C GLU A 60 -12.57 -2.55 -6.59
N THR A 61 -11.42 -2.13 -6.08
CA THR A 61 -10.25 -2.96 -5.82
C THR A 61 -9.86 -2.88 -4.34
N ASP A 62 -9.00 -3.81 -3.88
CA ASP A 62 -8.63 -3.96 -2.47
C ASP A 62 -7.86 -2.74 -1.97
N ILE A 63 -7.88 -2.52 -0.65
CA ILE A 63 -7.41 -1.32 0.02
C ILE A 63 -6.68 -1.76 1.29
N ASP A 64 -5.35 -1.84 1.22
CA ASP A 64 -4.51 -2.03 2.40
C ASP A 64 -4.73 -0.86 3.35
N VAL A 65 -5.23 -1.13 4.56
CA VAL A 65 -5.40 -0.17 5.62
C VAL A 65 -4.51 -0.67 6.75
N ILE A 66 -3.36 -0.04 6.97
CA ILE A 66 -2.46 -0.38 8.07
C ILE A 66 -2.60 0.61 9.23
N PHE A 67 -2.35 0.12 10.45
CA PHE A 67 -2.37 0.85 11.71
C PHE A 67 -1.46 0.13 12.72
N PHE A 68 -1.07 0.83 13.78
CA PHE A 68 -0.29 0.34 14.90
C PHE A 68 -1.17 0.55 16.12
N ASP A 69 -1.69 -0.53 16.70
CA ASP A 69 -2.53 -0.40 17.90
C ASP A 69 -2.36 -1.58 18.85
N PRO A 70 -1.32 -1.57 19.70
CA PRO A 70 -0.86 -2.73 20.48
C PRO A 70 -1.85 -3.26 21.50
N ASP A 71 -2.88 -2.47 21.82
CA ASP A 71 -3.95 -2.81 22.72
C ASP A 71 -5.11 -3.48 21.99
N PHE A 72 -5.30 -3.17 20.70
CA PHE A 72 -6.50 -3.52 19.96
C PHE A 72 -6.47 -4.99 19.65
N SER A 73 -7.32 -5.79 20.31
CA SER A 73 -7.30 -7.23 20.14
C SER A 73 -7.40 -7.64 18.67
N TYR A 74 -6.89 -8.84 18.42
CA TYR A 74 -6.88 -9.46 17.12
C TYR A 74 -8.31 -9.52 16.61
N GLU A 75 -9.21 -10.12 17.38
CA GLU A 75 -10.60 -10.30 16.97
C GLU A 75 -11.29 -8.94 16.78
N GLU A 76 -11.04 -7.98 17.67
CA GLU A 76 -11.57 -6.62 17.53
C GLU A 76 -11.16 -6.03 16.19
N THR A 77 -9.91 -6.29 15.76
CA THR A 77 -9.43 -5.83 14.45
C THR A 77 -10.33 -6.38 13.34
N LEU A 78 -10.61 -7.70 13.31
CA LEU A 78 -11.44 -8.29 12.25
C LEU A 78 -12.88 -7.78 12.32
N LEU A 79 -13.36 -7.47 13.52
CA LEU A 79 -14.73 -7.02 13.74
C LEU A 79 -14.91 -5.56 13.32
N LEU A 80 -13.97 -4.69 13.68
CA LEU A 80 -13.89 -3.31 13.25
C LEU A 80 -13.77 -3.23 11.73
N GLU A 81 -13.06 -4.18 11.11
CA GLU A 81 -13.05 -4.27 9.65
C GLU A 81 -14.45 -4.57 9.11
N LYS A 82 -15.15 -5.59 9.61
CA LYS A 82 -16.43 -5.95 9.01
C LYS A 82 -17.36 -4.73 8.98
N LYS A 83 -17.31 -3.89 10.03
CA LYS A 83 -18.08 -2.68 10.24
C LYS A 83 -17.72 -1.63 9.20
N LEU A 84 -16.44 -1.50 8.86
CA LEU A 84 -15.99 -0.61 7.79
C LEU A 84 -16.65 -1.03 6.48
N ARG A 85 -16.52 -2.29 6.09
CA ARG A 85 -17.07 -2.80 4.82
C ARG A 85 -18.60 -2.90 4.82
N GLU A 86 -19.27 -2.88 5.96
CA GLU A 86 -20.71 -2.77 6.00
C GLU A 86 -21.13 -1.34 5.69
N ASP A 87 -20.42 -0.37 6.25
CA ASP A 87 -20.87 1.01 6.34
C ASP A 87 -20.43 1.84 5.13
N PHE A 88 -19.33 1.44 4.49
CA PHE A 88 -18.86 1.97 3.23
C PHE A 88 -18.57 0.78 2.32
N PRO A 89 -19.61 0.05 1.88
CA PRO A 89 -19.48 -1.17 1.10
C PRO A 89 -19.06 -0.89 -0.35
N GLN A 90 -18.97 0.37 -0.79
CA GLN A 90 -18.39 0.74 -2.08
C GLN A 90 -16.86 0.53 -2.13
N TYR A 91 -16.25 0.07 -1.03
CA TYR A 91 -14.81 -0.07 -0.89
C TYR A 91 -14.45 -1.43 -0.26
N GLN A 92 -13.18 -1.83 -0.37
CA GLN A 92 -12.62 -3.12 0.05
C GLN A 92 -11.47 -2.92 1.03
N TRP A 93 -11.78 -2.41 2.21
CA TRP A 93 -10.86 -2.17 3.31
C TRP A 93 -10.28 -3.49 3.85
N GLU A 94 -9.00 -3.46 4.24
CA GLU A 94 -8.24 -4.61 4.72
C GLU A 94 -7.40 -4.22 5.96
N LEU A 95 -8.05 -4.17 7.13
CA LEU A 95 -7.55 -3.61 8.40
C LEU A 95 -6.41 -4.40 9.03
N LYS A 96 -5.20 -4.14 8.56
CA LYS A 96 -4.03 -4.95 8.82
C LYS A 96 -3.26 -4.38 10.01
N ASN A 97 -3.29 -5.04 11.16
CA ASN A 97 -2.46 -4.70 12.33
C ASN A 97 -1.03 -5.23 12.09
N GLN A 98 0.02 -4.42 12.28
CA GLN A 98 1.45 -4.82 12.16
C GLN A 98 2.09 -5.28 13.48
N VAL A 99 1.46 -5.03 14.64
CA VAL A 99 1.95 -5.49 15.92
C VAL A 99 1.90 -7.03 15.94
N TYR A 100 0.75 -7.63 15.62
CA TYR A 100 0.54 -9.07 15.59
C TYR A 100 1.20 -9.78 14.39
N MET A 101 2.13 -9.12 13.69
CA MET A 101 2.70 -9.64 12.46
C MET A 101 3.78 -10.69 12.75
N HIS A 102 3.34 -11.85 13.24
CA HIS A 102 4.14 -12.99 13.68
C HIS A 102 3.38 -14.27 13.32
N GLN A 103 2.85 -14.32 12.09
CA GLN A 103 1.98 -15.39 11.61
C GLN A 103 1.92 -15.35 10.07
N HIS A 104 1.46 -14.24 9.48
CA HIS A 104 1.26 -14.08 8.04
C HIS A 104 2.57 -14.00 7.24
N SER A 105 3.72 -14.14 7.88
CA SER A 105 5.03 -14.07 7.27
C SER A 105 5.98 -14.87 8.18
N PRO A 106 7.09 -15.40 7.63
CA PRO A 106 8.15 -16.09 8.35
C PRO A 106 9.02 -15.11 9.13
N HIS A 107 10.20 -15.54 9.59
CA HIS A 107 11.20 -14.85 10.38
C HIS A 107 11.44 -13.43 9.85
N THR A 108 10.60 -12.49 10.28
CA THR A 108 10.55 -11.11 9.79
C THR A 108 10.35 -10.08 10.90
N ALA A 109 10.56 -10.45 12.16
CA ALA A 109 10.48 -9.54 13.29
C ALA A 109 11.64 -8.55 13.24
N SER A 110 11.30 -7.27 13.22
CA SER A 110 12.22 -6.15 13.02
C SER A 110 11.48 -4.81 13.08
N TYR A 111 10.17 -4.84 12.81
CA TYR A 111 9.27 -3.69 12.83
C TYR A 111 8.19 -3.86 13.89
N THR A 112 7.38 -2.82 13.98
CA THR A 112 6.17 -2.76 14.77
C THR A 112 5.30 -1.63 14.20
N SER A 113 5.90 -0.47 13.90
CA SER A 113 5.19 0.73 13.43
C SER A 113 4.93 0.65 11.92
N SER A 114 3.98 1.47 11.46
CA SER A 114 3.52 1.53 10.08
C SER A 114 4.65 1.77 9.08
N ARG A 115 5.47 2.83 9.29
CA ARG A 115 6.59 3.10 8.40
C ARG A 115 7.67 2.02 8.50
N ASP A 116 8.00 1.50 9.68
CA ASP A 116 9.05 0.47 9.81
C ASP A 116 8.66 -0.76 8.99
N ALA A 117 7.44 -1.24 9.21
CA ALA A 117 6.86 -2.37 8.49
C ALA A 117 6.83 -2.16 6.97
N MET A 118 6.71 -0.91 6.50
CA MET A 118 6.61 -0.58 5.09
C MET A 118 7.85 -1.00 4.30
N SER A 119 9.03 -0.91 4.94
CA SER A 119 10.29 -1.34 4.34
C SER A 119 10.54 -2.85 4.51
N LYS A 120 9.60 -3.58 5.11
CA LYS A 120 9.60 -5.04 5.20
C LYS A 120 8.42 -5.62 4.38
N TYR A 121 7.84 -4.82 3.46
CA TYR A 121 6.96 -5.36 2.42
C TYR A 121 7.77 -6.28 1.49
N PRO A 122 7.09 -7.11 0.66
CA PRO A 122 7.74 -8.05 -0.24
C PRO A 122 8.37 -7.40 -1.47
N GLU A 123 8.07 -6.13 -1.81
CA GLU A 123 8.64 -5.48 -2.98
C GLU A 123 9.05 -4.05 -2.68
N ARG A 124 9.96 -3.52 -3.52
CA ARG A 124 10.34 -2.11 -3.61
C ARG A 124 9.12 -1.25 -3.92
N CYS A 125 8.49 -1.41 -5.08
CA CYS A 125 7.33 -0.60 -5.43
C CYS A 125 6.12 -0.83 -4.49
N THR A 126 6.08 -1.91 -3.70
CA THR A 126 5.08 -2.07 -2.65
C THR A 126 5.36 -1.08 -1.48
N ALA A 127 6.62 -0.74 -1.20
CA ALA A 127 7.09 -0.02 -0.01
C ALA A 127 6.83 1.48 -0.05
N VAL A 128 5.56 1.87 0.00
CA VAL A 128 5.14 3.28 0.00
C VAL A 128 3.75 3.43 0.65
N GLY A 129 3.50 4.61 1.23
CA GLY A 129 2.26 5.00 1.89
C GLY A 129 1.84 6.41 1.47
N LEU A 130 0.56 6.74 1.67
CA LEU A 130 -0.05 8.03 1.35
C LEU A 130 -1.13 8.30 2.40
N ARG A 131 -1.20 9.51 2.99
CA ARG A 131 -2.42 9.97 3.68
C ARG A 131 -2.59 11.48 3.53
N LEU A 132 -3.75 11.98 3.96
CA LEU A 132 -3.94 13.38 4.34
C LEU A 132 -3.38 13.57 5.72
N ASN A 133 -3.03 14.80 6.02
CA ASN A 133 -2.65 15.24 7.35
C ASN A 133 -3.59 16.34 7.82
N GLU A 134 -3.19 17.05 8.87
CA GLU A 134 -3.93 18.15 9.48
C GLU A 134 -4.20 19.29 8.49
N GLU A 135 -3.49 19.35 7.37
CA GLU A 135 -3.55 20.40 6.38
C GLU A 135 -4.22 19.89 5.09
N LEU A 136 -4.71 18.65 5.11
CA LEU A 136 -5.24 17.89 3.98
C LEU A 136 -4.23 17.77 2.84
N ASP A 137 -2.95 17.84 3.17
CA ASP A 137 -1.84 17.74 2.23
C ASP A 137 -1.57 16.28 1.89
N PHE A 138 -0.47 16.02 1.20
CA PHE A 138 -0.12 14.71 0.70
C PHE A 138 1.09 14.22 1.49
N GLU A 139 0.83 13.50 2.58
CA GLU A 139 1.88 12.78 3.30
C GLU A 139 2.28 11.58 2.45
N LEU A 140 3.59 11.33 2.29
CA LEU A 140 4.16 10.25 1.50
C LEU A 140 5.28 9.60 2.33
N TYR A 141 5.77 8.41 1.96
CA TYR A 141 6.99 7.84 2.52
C TYR A 141 7.58 6.87 1.52
N VAL A 142 8.84 7.10 1.12
CA VAL A 142 9.57 6.30 0.14
C VAL A 142 11.04 6.22 0.57
N PRO A 143 11.38 5.41 1.59
CA PRO A 143 12.74 5.34 2.11
C PRO A 143 13.75 4.75 1.14
N TYR A 144 13.28 4.18 0.02
CA TYR A 144 14.11 3.56 -0.99
C TYR A 144 13.99 4.27 -2.34
N GLY A 145 13.09 5.26 -2.48
CA GLY A 145 12.96 6.06 -3.68
C GLY A 145 11.71 5.75 -4.49
N LEU A 146 11.49 6.55 -5.52
CA LEU A 146 10.26 6.56 -6.32
C LEU A 146 10.41 5.86 -7.64
N GLU A 147 11.63 5.79 -8.19
CA GLU A 147 11.85 5.37 -9.56
C GLU A 147 11.24 3.98 -9.82
N ASP A 148 11.27 3.09 -8.82
CA ASP A 148 10.69 1.75 -8.92
C ASP A 148 9.19 1.71 -9.15
N ILE A 149 8.46 2.77 -8.82
CA ILE A 149 7.04 2.84 -9.17
C ILE A 149 6.97 3.24 -10.64
N LEU A 150 7.59 4.37 -11.04
CA LEU A 150 7.51 4.92 -12.40
C LEU A 150 7.97 3.87 -13.43
N ASN A 151 9.05 3.17 -13.11
CA ASN A 151 9.67 2.14 -13.96
C ASN A 151 8.94 0.81 -13.87
N PHE A 152 7.86 0.69 -13.06
CA PHE A 152 7.06 -0.49 -12.81
C PHE A 152 7.96 -1.68 -12.43
N GLN A 153 8.74 -1.56 -11.36
CA GLN A 153 9.76 -2.54 -11.01
C GLN A 153 9.32 -3.39 -9.83
N VAL A 154 8.78 -4.57 -10.10
CA VAL A 154 8.61 -5.62 -9.10
C VAL A 154 10.01 -6.17 -8.85
N ARG A 155 10.61 -5.80 -7.72
CA ARG A 155 11.87 -6.33 -7.22
C ARG A 155 11.76 -6.41 -5.71
N PRO A 156 12.44 -7.37 -5.05
CA PRO A 156 12.45 -7.44 -3.60
C PRO A 156 13.24 -6.24 -3.07
N THR A 157 12.79 -5.74 -1.93
CA THR A 157 13.49 -4.82 -1.07
C THR A 157 14.68 -5.53 -0.41
N PRO A 158 15.69 -4.78 0.08
CA PRO A 158 16.91 -5.39 0.59
C PRO A 158 16.67 -6.13 1.91
N HIS A 159 15.57 -5.85 2.63
CA HIS A 159 15.20 -6.54 3.86
C HIS A 159 14.58 -7.91 3.59
N PHE A 160 14.42 -8.38 2.34
CA PHE A 160 13.99 -9.75 2.07
C PHE A 160 15.17 -10.72 2.05
N LEU A 161 16.15 -10.46 1.17
CA LEU A 161 17.25 -11.36 0.77
C LEU A 161 18.17 -11.76 1.92
N GLU A 162 17.96 -11.17 3.09
CA GLU A 162 18.64 -11.45 4.35
C GLU A 162 18.11 -12.73 5.02
N ASN A 163 17.03 -13.33 4.52
CA ASN A 163 16.46 -14.60 4.98
C ASN A 163 15.95 -15.35 3.74
N GLU A 164 16.26 -16.63 3.62
CA GLU A 164 15.85 -17.45 2.48
C GLU A 164 14.34 -17.72 2.54
N ASP A 165 13.82 -17.89 3.76
CA ASP A 165 12.41 -18.12 4.04
C ASP A 165 11.60 -16.89 3.63
N ARG A 166 12.19 -15.69 3.70
CA ARG A 166 11.51 -14.52 3.17
C ARG A 166 11.49 -14.52 1.66
N MET A 167 12.55 -14.98 1.00
CA MET A 167 12.61 -15.02 -0.45
C MET A 167 11.53 -15.96 -0.96
N GLU A 168 11.34 -17.09 -0.29
CA GLU A 168 10.26 -18.03 -0.55
C GLU A 168 8.91 -17.32 -0.58
N LEU A 169 8.55 -16.59 0.47
CA LEU A 169 7.27 -15.89 0.54
C LEU A 169 7.09 -15.00 -0.68
N TYR A 170 8.13 -14.22 -1.02
CA TYR A 170 8.07 -13.32 -2.16
C TYR A 170 7.83 -14.13 -3.44
N GLN A 171 8.55 -15.24 -3.64
CA GLN A 171 8.47 -16.09 -4.83
C GLN A 171 7.07 -16.71 -4.96
N THR A 172 6.61 -17.35 -3.91
CA THR A 172 5.31 -18.03 -3.86
C THR A 172 4.17 -17.00 -3.95
N ARG A 173 4.41 -15.74 -3.55
CA ARG A 173 3.47 -14.63 -3.72
C ARG A 173 4.04 -13.61 -4.73
N LEU A 174 4.65 -14.12 -5.80
CA LEU A 174 5.09 -13.33 -6.97
C LEU A 174 4.26 -13.73 -8.17
N SER A 175 4.22 -15.02 -8.48
CA SER A 175 3.54 -15.52 -9.66
C SER A 175 2.03 -15.30 -9.50
N LYS A 176 1.45 -15.76 -8.38
CA LYS A 176 0.03 -15.64 -8.10
C LYS A 176 -0.38 -14.22 -7.67
N LYS A 177 0.42 -13.18 -7.96
CA LYS A 177 0.03 -11.79 -7.70
C LYS A 177 -0.75 -11.16 -8.85
N ASN A 178 -0.80 -11.81 -10.03
CA ASN A 178 -1.34 -11.26 -11.28
C ASN A 178 -0.84 -9.84 -11.59
N TRP A 179 0.42 -9.50 -11.25
CA TRP A 179 1.01 -8.20 -11.54
C TRP A 179 0.98 -7.91 -13.02
N GLN A 180 1.73 -8.73 -13.76
CA GLN A 180 2.08 -8.47 -15.14
C GLN A 180 0.86 -8.58 -16.07
N GLU A 181 -0.21 -9.22 -15.60
CA GLU A 181 -1.49 -9.35 -16.29
C GLU A 181 -2.31 -8.05 -16.28
N LYS A 182 -2.10 -7.18 -15.29
CA LYS A 182 -2.93 -6.01 -15.06
C LYS A 182 -2.29 -4.73 -15.57
N TRP A 183 -0.97 -4.68 -15.56
CA TRP A 183 -0.24 -3.58 -16.15
C TRP A 183 0.79 -4.23 -17.05
N LYS A 184 0.64 -4.05 -18.37
CA LYS A 184 1.35 -4.83 -19.38
C LYS A 184 2.85 -4.62 -19.31
N ASN A 185 3.25 -3.53 -18.66
CA ASN A 185 4.54 -2.89 -18.77
C ASN A 185 5.44 -3.22 -17.57
N LEU A 186 5.03 -4.17 -16.70
CA LEU A 186 5.69 -4.58 -15.48
C LEU A 186 7.07 -5.17 -15.78
N ILE A 187 8.02 -4.85 -14.92
CA ILE A 187 9.32 -5.50 -14.80
C ILE A 187 9.29 -6.39 -13.56
N PHE A 188 9.88 -7.57 -13.67
CA PHE A 188 10.04 -8.57 -12.63
C PHE A 188 11.53 -8.81 -12.44
N LYS A 189 12.01 -8.80 -11.20
CA LYS A 189 13.37 -9.17 -10.83
C LYS A 189 13.37 -9.87 -9.47
N ASN A 190 14.47 -10.56 -9.17
CA ASN A 190 14.75 -11.26 -7.91
C ASN A 190 15.66 -10.48 -6.96
N THR A 191 16.11 -9.30 -7.37
CA THR A 191 17.07 -8.43 -6.72
C THR A 191 17.01 -7.13 -7.51
N GLY A 1 -6.44 17.52 -17.65
CA GLY A 1 -5.03 17.43 -18.03
C GLY A 1 -4.56 16.02 -17.84
N MET A 2 -3.75 15.78 -16.80
CA MET A 2 -3.27 14.47 -16.37
C MET A 2 -2.70 13.64 -17.52
N ASN A 3 -1.43 13.89 -17.83
CA ASN A 3 -0.70 13.08 -18.83
C ASN A 3 0.81 13.28 -18.73
N THR A 4 1.26 14.50 -18.48
CA THR A 4 2.67 14.90 -18.50
C THR A 4 3.42 14.55 -17.19
N VAL A 5 3.07 13.41 -16.59
CA VAL A 5 3.36 13.08 -15.20
C VAL A 5 4.53 12.11 -15.11
N LYS A 6 5.72 12.60 -14.73
CA LYS A 6 6.91 11.76 -14.56
C LYS A 6 7.53 11.90 -13.15
N ASN A 7 6.84 12.55 -12.22
CA ASN A 7 7.40 12.96 -10.92
C ASN A 7 6.29 13.08 -9.89
N LYS A 8 6.63 12.94 -8.61
CA LYS A 8 5.67 12.97 -7.49
C LYS A 8 4.75 14.16 -7.58
N GLN A 9 5.30 15.33 -7.87
CA GLN A 9 4.60 16.60 -7.90
C GLN A 9 3.39 16.54 -8.82
N GLU A 10 3.55 15.89 -9.98
CA GLU A 10 2.53 15.69 -10.99
C GLU A 10 1.53 14.62 -10.59
N ILE A 11 2.03 13.53 -10.00
CA ILE A 11 1.20 12.39 -9.60
C ILE A 11 0.25 12.85 -8.48
N LEU A 12 0.75 13.57 -7.48
CA LEU A 12 -0.05 14.05 -6.35
C LEU A 12 -1.18 14.98 -6.81
N GLU A 13 -1.03 15.69 -7.93
CA GLU A 13 -2.12 16.47 -8.47
C GLU A 13 -3.18 15.55 -9.10
N ALA A 14 -2.80 14.39 -9.66
CA ALA A 14 -3.78 13.44 -10.16
C ALA A 14 -4.57 12.87 -8.99
N PHE A 15 -3.92 12.72 -7.82
CA PHE A 15 -4.61 12.16 -6.68
C PHE A 15 -5.84 12.95 -6.32
N ARG A 16 -5.66 14.23 -6.04
CA ARG A 16 -6.72 15.05 -5.47
C ARG A 16 -7.73 15.45 -6.55
N GLU A 17 -7.33 15.40 -7.82
CA GLU A 17 -8.24 15.55 -8.96
C GLU A 17 -9.45 14.63 -8.83
N SER A 18 -9.26 13.39 -8.38
CA SER A 18 -10.35 12.45 -8.28
C SER A 18 -11.06 12.66 -6.94
N PRO A 19 -12.41 12.71 -6.97
CA PRO A 19 -13.21 12.85 -5.78
C PRO A 19 -13.17 11.59 -4.94
N ASP A 20 -13.23 10.42 -5.57
CA ASP A 20 -13.33 9.12 -4.93
C ASP A 20 -12.01 8.79 -4.26
N MET A 21 -10.92 8.85 -5.05
CA MET A 21 -9.58 8.56 -4.58
C MET A 21 -9.23 9.39 -3.35
N MET A 22 -9.60 10.69 -3.35
CA MET A 22 -9.31 11.55 -2.22
C MET A 22 -10.29 11.34 -1.06
N ALA A 23 -11.54 10.94 -1.32
CA ALA A 23 -12.51 10.59 -0.27
C ALA A 23 -11.99 9.45 0.59
N ILE A 24 -11.36 8.43 0.00
CA ILE A 24 -10.76 7.31 0.74
C ILE A 24 -9.82 7.87 1.82
N LEU A 25 -9.04 8.89 1.47
CA LEU A 25 -8.07 9.52 2.36
C LEU A 25 -8.72 10.29 3.49
N THR A 26 -9.82 10.99 3.23
CA THR A 26 -10.59 11.67 4.27
C THR A 26 -11.19 10.64 5.23
N ILE A 27 -11.69 9.50 4.73
CA ILE A 27 -12.28 8.45 5.55
C ILE A 27 -11.20 7.87 6.47
N ILE A 28 -10.13 7.27 5.94
CA ILE A 28 -9.05 6.60 6.72
C ILE A 28 -8.38 7.57 7.70
N ARG A 29 -8.31 8.86 7.38
CA ARG A 29 -7.91 9.90 8.34
C ARG A 29 -8.82 9.85 9.58
N ASP A 30 -10.14 9.86 9.39
CA ASP A 30 -11.14 9.98 10.46
C ASP A 30 -11.48 8.66 11.13
N LEU A 31 -10.93 7.55 10.64
CA LEU A 31 -11.17 6.17 11.09
C LEU A 31 -10.99 6.02 12.60
N GLY A 32 -10.02 6.73 13.16
CA GLY A 32 -9.72 6.69 14.59
C GLY A 32 -8.80 5.53 14.97
N LEU A 33 -8.05 5.01 14.00
CA LEU A 33 -7.08 3.94 14.23
C LEU A 33 -5.72 4.53 14.63
N LYS A 34 -5.01 3.87 15.53
CA LYS A 34 -3.72 4.30 16.04
C LYS A 34 -2.67 4.06 14.96
N ASP A 35 -1.85 5.05 14.68
CA ASP A 35 -0.71 4.95 13.75
C ASP A 35 -1.11 4.47 12.34
N SER A 36 -2.39 4.54 11.94
CA SER A 36 -2.80 4.09 10.61
C SER A 36 -2.42 5.09 9.54
N TRP A 37 -2.37 4.61 8.29
CA TRP A 37 -2.57 5.43 7.09
C TRP A 37 -2.89 4.50 5.93
N LEU A 38 -2.94 5.06 4.71
CA LEU A 38 -3.20 4.34 3.48
C LEU A 38 -1.84 4.03 2.86
N ALA A 39 -1.56 2.78 2.50
CA ALA A 39 -0.25 2.39 1.99
C ALA A 39 -0.32 1.31 0.93
N ALA A 40 0.86 1.01 0.34
CA ALA A 40 1.04 0.09 -0.79
C ALA A 40 0.00 0.33 -1.88
N GLY A 41 -0.34 -0.70 -2.67
CA GLY A 41 -1.70 -1.08 -3.00
C GLY A 41 -2.59 0.10 -3.36
N SER A 42 -3.28 0.63 -2.33
CA SER A 42 -4.22 1.73 -2.40
C SER A 42 -3.60 2.96 -3.08
N VAL A 43 -2.39 3.34 -2.69
CA VAL A 43 -1.78 4.58 -3.09
C VAL A 43 -1.18 4.25 -4.47
N ARG A 44 -0.49 3.11 -4.58
CA ARG A 44 0.14 2.63 -5.83
C ARG A 44 -0.85 2.60 -6.99
N ASN A 45 -2.11 2.23 -6.73
CA ASN A 45 -3.14 2.09 -7.77
C ASN A 45 -3.14 3.34 -8.65
N PHE A 46 -3.26 4.50 -8.04
CA PHE A 46 -3.37 5.78 -8.72
C PHE A 46 -2.07 6.23 -9.39
N ILE A 47 -1.01 5.45 -9.26
CA ILE A 47 0.31 5.76 -9.80
C ILE A 47 0.57 4.79 -10.95
N TRP A 48 0.43 3.48 -10.71
CA TRP A 48 0.61 2.46 -11.74
C TRP A 48 -0.47 2.57 -12.82
N ASN A 49 -1.76 2.57 -12.47
CA ASN A 49 -2.83 2.64 -13.48
C ASN A 49 -2.73 3.91 -14.30
N LEU A 50 -2.45 5.03 -13.64
CA LEU A 50 -2.17 6.33 -14.23
C LEU A 50 -1.10 6.20 -15.30
N LEU A 51 0.09 5.72 -14.93
CA LEU A 51 1.25 5.57 -15.80
C LEU A 51 1.11 4.40 -16.77
N SER A 52 -0.07 3.81 -16.89
CA SER A 52 -0.34 2.62 -17.70
C SER A 52 -1.52 2.82 -18.65
N ASP A 53 -2.13 4.01 -18.68
CA ASP A 53 -3.34 4.27 -19.47
C ASP A 53 -4.43 3.24 -19.13
N LYS A 54 -4.66 3.08 -17.82
CA LYS A 54 -5.67 2.26 -17.17
C LYS A 54 -6.66 3.19 -16.47
N SER A 55 -7.45 2.64 -15.56
CA SER A 55 -8.39 3.38 -14.72
C SER A 55 -7.89 3.49 -13.30
N PRO A 56 -7.09 4.50 -12.98
CA PRO A 56 -6.71 4.76 -11.60
C PRO A 56 -7.94 5.00 -10.72
N PHE A 57 -9.02 5.59 -11.24
CA PHE A 57 -10.14 6.05 -10.40
C PHE A 57 -11.31 5.07 -10.42
N ASP A 58 -10.97 3.80 -10.20
CA ASP A 58 -11.94 2.72 -10.25
C ASP A 58 -12.68 2.54 -8.94
N HIS A 59 -12.06 2.91 -7.80
CA HIS A 59 -12.42 2.64 -6.40
C HIS A 59 -12.62 1.18 -5.99
N GLU A 60 -12.82 0.29 -6.96
CA GLU A 60 -13.30 -1.06 -6.79
C GLU A 60 -12.20 -2.05 -6.41
N THR A 61 -10.96 -1.62 -6.22
CA THR A 61 -9.84 -2.51 -5.93
C THR A 61 -9.73 -2.69 -4.41
N ASP A 62 -8.93 -3.68 -4.01
CA ASP A 62 -8.42 -3.94 -2.67
C ASP A 62 -7.75 -2.69 -2.09
N ILE A 63 -8.18 -2.25 -0.91
CA ILE A 63 -7.71 -1.04 -0.21
C ILE A 63 -6.92 -1.49 1.00
N ASP A 64 -5.60 -1.38 0.97
CA ASP A 64 -4.74 -1.62 2.13
C ASP A 64 -5.08 -0.65 3.27
N VAL A 65 -5.12 -1.13 4.52
CA VAL A 65 -5.19 -0.31 5.72
C VAL A 65 -4.29 -0.94 6.81
N ILE A 66 -3.02 -0.53 6.87
CA ILE A 66 -2.06 -0.90 7.91
C ILE A 66 -2.21 0.00 9.15
N PHE A 67 -1.80 -0.48 10.33
CA PHE A 67 -1.81 0.26 11.60
C PHE A 67 -0.96 -0.42 12.67
N PHE A 68 -0.72 0.23 13.82
CA PHE A 68 0.15 -0.29 14.87
C PHE A 68 -0.47 -0.02 16.23
N ASP A 69 -1.11 -1.05 16.79
CA ASP A 69 -1.71 -1.01 18.14
C ASP A 69 -1.58 -2.36 18.85
N PRO A 70 -0.44 -2.62 19.52
CA PRO A 70 -0.18 -3.87 20.27
C PRO A 70 -1.15 -4.13 21.43
N ASP A 71 -2.04 -3.17 21.65
CA ASP A 71 -3.02 -3.08 22.70
C ASP A 71 -4.41 -3.52 22.22
N PHE A 72 -4.71 -3.54 20.91
CA PHE A 72 -6.03 -3.94 20.41
C PHE A 72 -6.03 -5.45 20.23
N SER A 73 -7.06 -6.16 20.70
CA SER A 73 -7.11 -7.61 20.62
C SER A 73 -7.09 -8.10 19.16
N TYR A 74 -6.66 -9.33 18.96
CA TYR A 74 -6.60 -9.92 17.63
C TYR A 74 -8.00 -9.97 17.02
N GLU A 75 -9.01 -10.44 17.75
CA GLU A 75 -10.33 -10.64 17.16
C GLU A 75 -11.05 -9.31 16.97
N GLU A 76 -10.82 -8.38 17.89
CA GLU A 76 -11.29 -7.01 17.84
C GLU A 76 -10.93 -6.35 16.52
N THR A 77 -9.73 -6.66 16.03
CA THR A 77 -9.28 -6.25 14.69
C THR A 77 -10.29 -6.67 13.61
N LEU A 78 -10.63 -7.96 13.49
CA LEU A 78 -11.54 -8.45 12.44
C LEU A 78 -12.96 -7.91 12.64
N LEU A 79 -13.32 -7.67 13.89
CA LEU A 79 -14.61 -7.11 14.27
C LEU A 79 -14.72 -5.64 13.90
N LEU A 80 -13.64 -4.89 13.97
CA LEU A 80 -13.60 -3.50 13.53
C LEU A 80 -13.71 -3.48 12.01
N GLU A 81 -12.94 -4.37 11.39
CA GLU A 81 -12.87 -4.56 9.94
C GLU A 81 -14.27 -4.72 9.36
N LYS A 82 -15.11 -5.55 9.98
CA LYS A 82 -16.47 -5.78 9.52
C LYS A 82 -17.25 -4.46 9.48
N LYS A 83 -17.24 -3.67 10.56
CA LYS A 83 -18.01 -2.43 10.66
C LYS A 83 -17.58 -1.48 9.55
N LEU A 84 -16.28 -1.37 9.31
CA LEU A 84 -15.76 -0.52 8.24
C LEU A 84 -16.31 -0.92 6.87
N ARG A 85 -16.40 -2.22 6.61
CA ARG A 85 -16.93 -2.73 5.36
C ARG A 85 -18.45 -2.55 5.28
N GLU A 86 -19.17 -2.58 6.40
CA GLU A 86 -20.58 -2.26 6.43
C GLU A 86 -20.81 -0.76 6.21
N ASP A 87 -19.88 0.10 6.67
CA ASP A 87 -20.01 1.57 6.63
C ASP A 87 -19.71 2.15 5.24
N PHE A 88 -18.81 1.56 4.48
CA PHE A 88 -18.52 1.98 3.11
C PHE A 88 -18.35 0.73 2.24
N PRO A 89 -19.46 0.06 1.85
CA PRO A 89 -19.40 -1.17 1.08
C PRO A 89 -18.85 -0.96 -0.35
N GLN A 90 -18.75 0.27 -0.84
CA GLN A 90 -18.24 0.60 -2.17
C GLN A 90 -16.71 0.43 -2.31
N TYR A 91 -16.01 0.17 -1.21
CA TYR A 91 -14.55 0.04 -1.12
C TYR A 91 -14.22 -1.33 -0.51
N GLN A 92 -12.93 -1.62 -0.32
CA GLN A 92 -12.43 -2.92 0.14
C GLN A 92 -11.37 -2.78 1.23
N TRP A 93 -11.71 -2.23 2.39
CA TRP A 93 -10.80 -1.93 3.51
C TRP A 93 -10.16 -3.19 4.14
N GLU A 94 -8.94 -3.51 3.74
CA GLU A 94 -8.09 -4.57 4.25
C GLU A 94 -7.42 -4.14 5.57
N LEU A 95 -8.15 -4.17 6.69
CA LEU A 95 -7.55 -3.83 7.98
C LEU A 95 -6.58 -4.91 8.43
N LYS A 96 -5.28 -4.61 8.38
CA LYS A 96 -4.24 -5.56 8.77
C LYS A 96 -3.40 -4.96 9.89
N ASN A 97 -3.46 -5.55 11.09
CA ASN A 97 -2.59 -5.19 12.21
C ASN A 97 -1.23 -5.87 12.08
N GLN A 98 -0.16 -5.08 11.93
CA GLN A 98 1.24 -5.49 11.73
C GLN A 98 1.87 -6.06 13.00
N VAL A 99 1.33 -5.73 14.18
CA VAL A 99 1.81 -6.19 15.48
C VAL A 99 2.01 -7.71 15.51
N TYR A 100 1.09 -8.43 14.86
CA TYR A 100 1.03 -9.87 14.92
C TYR A 100 1.98 -10.45 13.90
N MET A 101 1.55 -10.45 12.64
CA MET A 101 2.17 -10.89 11.38
C MET A 101 2.75 -12.32 11.32
N HIS A 102 3.10 -12.90 12.47
CA HIS A 102 3.63 -14.23 12.77
C HIS A 102 2.66 -15.39 12.39
N GLN A 103 1.70 -15.16 11.50
CA GLN A 103 0.80 -16.15 10.92
C GLN A 103 0.41 -15.81 9.47
N HIS A 104 0.90 -14.70 8.94
CA HIS A 104 0.69 -14.25 7.57
C HIS A 104 2.03 -14.27 6.80
N SER A 105 3.15 -14.53 7.47
CA SER A 105 4.48 -14.69 6.93
C SER A 105 5.27 -15.64 7.86
N PRO A 106 6.44 -16.17 7.41
CA PRO A 106 7.52 -16.65 8.27
C PRO A 106 8.11 -15.49 9.09
N HIS A 107 9.29 -15.68 9.69
CA HIS A 107 10.01 -14.90 10.69
C HIS A 107 10.19 -13.40 10.39
N THR A 108 9.09 -12.68 10.23
CA THR A 108 9.00 -11.32 9.70
C THR A 108 8.37 -10.43 10.78
N ALA A 109 9.11 -10.24 11.87
CA ALA A 109 8.72 -9.44 13.00
C ALA A 109 9.94 -8.64 13.37
N SER A 110 9.83 -7.32 13.28
CA SER A 110 10.96 -6.38 13.30
C SER A 110 10.49 -4.94 13.26
N TYR A 111 9.28 -4.70 12.74
CA TYR A 111 8.75 -3.38 12.49
C TYR A 111 8.61 -2.63 13.80
N THR A 112 8.72 -1.33 13.68
CA THR A 112 8.77 -0.41 14.83
C THR A 112 7.82 0.78 14.66
N SER A 113 7.37 1.06 13.44
CA SER A 113 6.45 2.14 13.10
C SER A 113 5.66 1.74 11.85
N SER A 114 4.68 2.55 11.45
CA SER A 114 3.98 2.38 10.19
C SER A 114 4.92 2.49 9.00
N ARG A 115 5.61 3.64 8.85
CA ARG A 115 6.65 3.85 7.85
C ARG A 115 7.68 2.72 7.84
N ASP A 116 8.11 2.27 9.01
CA ASP A 116 9.14 1.24 9.08
C ASP A 116 8.64 -0.11 8.57
N ALA A 117 7.39 -0.47 8.89
CA ALA A 117 6.68 -1.60 8.32
C ALA A 117 6.70 -1.55 6.79
N MET A 118 6.35 -0.40 6.18
CA MET A 118 6.44 -0.25 4.73
C MET A 118 7.85 -0.54 4.26
N SER A 119 8.87 0.08 4.87
CA SER A 119 10.29 -0.17 4.64
C SER A 119 10.74 -1.63 4.83
N LYS A 120 9.82 -2.56 5.12
CA LYS A 120 10.03 -3.96 5.41
C LYS A 120 8.92 -4.80 4.73
N TYR A 121 8.34 -4.31 3.63
CA TYR A 121 7.43 -5.06 2.78
C TYR A 121 8.18 -5.94 1.78
N PRO A 122 7.50 -6.91 1.13
CA PRO A 122 8.12 -7.84 0.21
C PRO A 122 8.59 -7.23 -1.10
N GLU A 123 8.18 -6.01 -1.46
CA GLU A 123 8.47 -5.43 -2.76
C GLU A 123 8.73 -3.94 -2.54
N ARG A 124 9.70 -3.36 -3.26
CA ARG A 124 10.10 -1.97 -3.03
C ARG A 124 8.96 -1.00 -3.31
N CYS A 125 8.14 -1.29 -4.32
CA CYS A 125 6.98 -0.47 -4.64
C CYS A 125 5.85 -0.64 -3.61
N THR A 126 5.79 -1.76 -2.88
CA THR A 126 4.83 -1.92 -1.79
C THR A 126 5.19 -1.00 -0.61
N ALA A 127 6.48 -0.71 -0.43
CA ALA A 127 6.98 0.06 0.69
C ALA A 127 6.75 1.57 0.52
N VAL A 128 5.49 2.02 0.58
CA VAL A 128 5.10 3.41 0.35
C VAL A 128 3.83 3.70 1.13
N GLY A 129 3.62 4.95 1.57
CA GLY A 129 2.34 5.42 2.12
C GLY A 129 1.93 6.75 1.49
N LEU A 130 0.65 7.11 1.64
CA LEU A 130 0.03 8.37 1.27
C LEU A 130 -1.03 8.71 2.35
N ARG A 131 -1.05 9.90 2.96
CA ARG A 131 -2.24 10.35 3.71
C ARG A 131 -2.35 11.88 3.80
N LEU A 132 -3.53 12.36 4.17
CA LEU A 132 -3.77 13.75 4.55
C LEU A 132 -3.16 14.01 5.92
N ASN A 133 -2.76 15.25 6.15
CA ASN A 133 -2.20 15.73 7.42
C ASN A 133 -3.08 16.85 7.97
N GLU A 134 -2.53 17.61 8.91
CA GLU A 134 -3.17 18.76 9.55
C GLU A 134 -3.49 19.86 8.53
N GLU A 135 -2.80 19.90 7.39
CA GLU A 135 -2.94 20.91 6.34
C GLU A 135 -3.68 20.35 5.13
N LEU A 136 -4.23 19.14 5.26
CA LEU A 136 -4.91 18.38 4.22
C LEU A 136 -4.00 18.16 3.00
N ASP A 137 -2.71 17.99 3.26
CA ASP A 137 -1.62 17.87 2.30
C ASP A 137 -1.37 16.41 1.96
N PHE A 138 -0.27 16.11 1.27
CA PHE A 138 0.03 14.81 0.73
C PHE A 138 1.35 14.32 1.32
N GLU A 139 1.25 13.76 2.52
CA GLU A 139 2.33 13.04 3.17
C GLU A 139 2.63 11.84 2.28
N LEU A 140 3.81 11.81 1.64
CA LEU A 140 4.28 10.71 0.81
C LEU A 140 5.53 10.17 1.50
N TYR A 141 5.75 8.85 1.43
CA TYR A 141 6.94 8.19 1.95
C TYR A 141 7.39 7.20 0.89
N VAL A 142 8.55 7.45 0.26
CA VAL A 142 9.16 6.54 -0.72
C VAL A 142 10.60 6.25 -0.28
N PRO A 143 10.82 5.31 0.64
CA PRO A 143 12.16 4.92 1.09
C PRO A 143 13.07 4.42 -0.05
N TYR A 144 12.51 3.99 -1.17
CA TYR A 144 13.26 3.48 -2.32
C TYR A 144 13.29 4.49 -3.45
N GLY A 145 12.61 5.63 -3.28
CA GLY A 145 12.43 6.61 -4.33
C GLY A 145 11.28 6.21 -5.23
N LEU A 146 10.99 7.08 -6.18
CA LEU A 146 9.88 6.88 -7.10
C LEU A 146 10.30 6.03 -8.29
N GLU A 147 11.59 5.96 -8.64
CA GLU A 147 12.05 5.31 -9.86
C GLU A 147 11.50 3.89 -9.97
N ASP A 148 11.55 3.10 -8.90
CA ASP A 148 11.08 1.71 -8.91
C ASP A 148 9.60 1.62 -9.32
N ILE A 149 8.79 2.62 -8.97
CA ILE A 149 7.39 2.69 -9.32
C ILE A 149 7.25 3.16 -10.76
N LEU A 150 7.92 4.25 -11.12
CA LEU A 150 7.86 4.84 -12.45
C LEU A 150 8.32 3.84 -13.50
N ASN A 151 9.29 3.00 -13.17
CA ASN A 151 9.85 1.97 -14.03
C ASN A 151 9.12 0.63 -13.84
N PHE A 152 8.03 0.57 -13.07
CA PHE A 152 7.22 -0.62 -12.84
C PHE A 152 8.10 -1.84 -12.48
N GLN A 153 8.90 -1.73 -11.41
CA GLN A 153 9.92 -2.73 -11.09
C GLN A 153 9.48 -3.57 -9.90
N VAL A 154 9.20 -4.85 -10.11
CA VAL A 154 8.96 -5.80 -9.03
C VAL A 154 10.32 -6.34 -8.60
N ARG A 155 10.91 -5.71 -7.59
CA ARG A 155 12.10 -6.16 -6.88
C ARG A 155 11.79 -6.19 -5.39
N PRO A 156 12.40 -7.11 -4.61
CA PRO A 156 12.22 -7.15 -3.18
C PRO A 156 12.92 -5.97 -2.51
N THR A 157 12.52 -5.62 -1.29
CA THR A 157 13.30 -4.70 -0.48
C THR A 157 14.66 -5.35 -0.15
N PRO A 158 15.71 -4.56 0.14
CA PRO A 158 16.98 -5.10 0.58
C PRO A 158 16.77 -5.93 1.85
N HIS A 159 15.85 -5.50 2.72
CA HIS A 159 15.50 -6.11 3.99
C HIS A 159 14.67 -7.39 3.83
N PHE A 160 14.56 -7.91 2.61
CA PHE A 160 13.79 -9.09 2.27
C PHE A 160 14.67 -10.23 1.78
N LEU A 161 15.93 -9.96 1.46
CA LEU A 161 16.87 -10.95 0.95
C LEU A 161 17.63 -11.61 2.10
N GLU A 162 17.63 -10.96 3.26
CA GLU A 162 18.50 -11.24 4.42
C GLU A 162 18.07 -12.46 5.24
N ASN A 163 16.99 -13.15 4.85
CA ASN A 163 16.42 -14.36 5.49
C ASN A 163 15.78 -15.18 4.38
N GLU A 164 16.29 -16.39 4.11
CA GLU A 164 15.90 -17.18 2.94
C GLU A 164 14.47 -17.70 3.07
N ASP A 165 14.01 -17.99 4.28
CA ASP A 165 12.64 -18.39 4.54
C ASP A 165 11.72 -17.21 4.26
N ARG A 166 12.17 -15.98 4.56
CA ARG A 166 11.40 -14.80 4.22
C ARG A 166 11.38 -14.55 2.72
N MET A 167 12.46 -14.84 1.99
CA MET A 167 12.41 -14.75 0.53
C MET A 167 11.23 -15.55 -0.03
N GLU A 168 10.95 -16.75 0.48
CA GLU A 168 9.87 -17.58 -0.08
C GLU A 168 8.51 -16.90 0.04
N LEU A 169 8.27 -16.11 1.09
CA LEU A 169 7.00 -15.43 1.26
C LEU A 169 6.76 -14.42 0.13
N TYR A 170 7.84 -13.82 -0.39
CA TYR A 170 7.78 -12.92 -1.52
C TYR A 170 7.42 -13.74 -2.74
N GLN A 171 8.24 -14.76 -3.06
CA GLN A 171 8.10 -15.62 -4.22
C GLN A 171 6.68 -16.20 -4.32
N THR A 172 6.22 -16.79 -3.22
CA THR A 172 4.92 -17.46 -3.13
C THR A 172 3.78 -16.45 -3.35
N ARG A 173 4.01 -15.15 -3.17
CA ARG A 173 3.04 -14.09 -3.45
C ARG A 173 3.64 -13.13 -4.48
N LEU A 174 4.35 -13.67 -5.46
CA LEU A 174 4.91 -12.98 -6.61
C LEU A 174 4.45 -13.69 -7.88
N SER A 175 4.76 -14.98 -8.00
CA SER A 175 4.47 -15.75 -9.21
C SER A 175 2.96 -15.89 -9.44
N LYS A 176 2.15 -15.69 -8.39
CA LYS A 176 0.69 -15.75 -8.39
C LYS A 176 0.17 -14.38 -7.95
N LYS A 177 0.38 -13.38 -8.78
CA LYS A 177 -0.08 -12.01 -8.52
C LYS A 177 -0.68 -11.31 -9.73
N ASN A 178 -0.72 -11.96 -10.89
CA ASN A 178 -1.21 -11.41 -12.15
C ASN A 178 -0.64 -10.01 -12.46
N TRP A 179 0.59 -9.70 -11.99
CA TRP A 179 1.19 -8.38 -12.13
C TRP A 179 1.29 -8.03 -13.61
N GLN A 180 2.08 -8.80 -14.34
CA GLN A 180 2.28 -8.66 -15.77
C GLN A 180 1.01 -8.94 -16.60
N GLU A 181 -0.09 -9.39 -15.99
CA GLU A 181 -1.36 -9.58 -16.70
C GLU A 181 -2.19 -8.29 -16.71
N LYS A 182 -2.02 -7.42 -15.71
CA LYS A 182 -2.80 -6.19 -15.55
C LYS A 182 -2.11 -4.98 -16.13
N TRP A 183 -0.79 -4.98 -16.14
CA TRP A 183 0.04 -3.92 -16.67
C TRP A 183 1.06 -4.58 -17.59
N LYS A 184 0.96 -4.28 -18.88
CA LYS A 184 1.78 -4.75 -19.99
C LYS A 184 3.21 -4.21 -20.00
N ASN A 185 3.64 -3.47 -18.98
CA ASN A 185 4.99 -2.87 -18.89
C ASN A 185 5.71 -3.29 -17.61
N LEU A 186 5.16 -4.24 -16.84
CA LEU A 186 5.66 -4.64 -15.54
C LEU A 186 6.97 -5.45 -15.67
N ILE A 187 8.05 -4.97 -15.05
CA ILE A 187 9.34 -5.64 -14.95
C ILE A 187 9.35 -6.54 -13.71
N PHE A 188 9.95 -7.73 -13.83
CA PHE A 188 10.20 -8.65 -12.73
C PHE A 188 11.70 -8.79 -12.50
N LYS A 189 12.12 -8.72 -11.24
CA LYS A 189 13.48 -8.89 -10.73
C LYS A 189 13.40 -9.64 -9.39
N ASN A 190 14.55 -9.93 -8.78
CA ASN A 190 14.71 -10.66 -7.52
C ASN A 190 15.70 -9.95 -6.59
N THR A 191 16.17 -8.76 -6.94
CA THR A 191 16.94 -7.86 -6.09
C THR A 191 16.88 -6.47 -6.73
N GLY A 1 -3.14 17.36 -14.40
CA GLY A 1 -3.07 16.49 -15.57
C GLY A 1 -2.99 15.04 -15.16
N MET A 2 -2.77 14.14 -16.11
CA MET A 2 -2.48 12.73 -15.82
C MET A 2 -1.52 12.10 -16.85
N ASN A 3 -0.84 12.91 -17.67
CA ASN A 3 -0.17 12.43 -18.89
C ASN A 3 1.33 12.62 -18.76
N THR A 4 1.79 13.84 -18.53
CA THR A 4 3.21 14.12 -18.33
C THR A 4 3.62 13.80 -16.89
N VAL A 5 3.02 12.76 -16.32
CA VAL A 5 3.36 12.20 -15.04
C VAL A 5 4.62 11.40 -15.28
N LYS A 6 5.73 11.89 -14.74
CA LYS A 6 6.97 11.14 -14.60
C LYS A 6 7.43 11.12 -13.15
N ASN A 7 6.62 11.63 -12.23
CA ASN A 7 7.11 12.15 -10.97
C ASN A 7 5.98 12.42 -10.00
N LYS A 8 6.34 12.44 -8.72
CA LYS A 8 5.50 12.62 -7.55
C LYS A 8 4.50 13.74 -7.72
N GLN A 9 4.98 14.95 -7.97
CA GLN A 9 4.17 16.16 -7.98
C GLN A 9 2.96 16.02 -8.91
N GLU A 10 3.20 15.59 -10.15
CA GLU A 10 2.18 15.34 -11.17
C GLU A 10 1.13 14.34 -10.70
N ILE A 11 1.56 13.29 -10.01
CA ILE A 11 0.65 12.29 -9.45
C ILE A 11 -0.26 12.95 -8.41
N LEU A 12 0.31 13.71 -7.47
CA LEU A 12 -0.44 14.27 -6.35
C LEU A 12 -1.47 15.29 -6.82
N GLU A 13 -1.23 15.93 -7.97
CA GLU A 13 -2.22 16.75 -8.64
C GLU A 13 -3.40 15.91 -9.15
N ALA A 14 -3.17 14.66 -9.59
CA ALA A 14 -4.23 13.85 -10.17
C ALA A 14 -5.03 13.19 -9.04
N PHE A 15 -4.41 13.01 -7.88
CA PHE A 15 -5.06 12.52 -6.69
C PHE A 15 -6.26 13.40 -6.33
N ARG A 16 -6.03 14.71 -6.14
CA ARG A 16 -7.08 15.63 -5.68
C ARG A 16 -8.07 15.95 -6.81
N GLU A 17 -7.71 15.73 -8.07
CA GLU A 17 -8.65 15.83 -9.18
C GLU A 17 -9.84 14.87 -9.04
N SER A 18 -9.65 13.72 -8.40
CA SER A 18 -10.70 12.74 -8.23
C SER A 18 -11.39 12.99 -6.89
N PRO A 19 -12.71 12.83 -6.86
CA PRO A 19 -13.47 12.84 -5.62
C PRO A 19 -13.21 11.56 -4.85
N ASP A 20 -13.34 10.38 -5.45
CA ASP A 20 -13.27 9.11 -4.72
C ASP A 20 -11.88 8.85 -4.20
N MET A 21 -10.87 9.11 -5.03
CA MET A 21 -9.48 8.91 -4.64
C MET A 21 -9.19 9.63 -3.33
N MET A 22 -9.63 10.89 -3.24
CA MET A 22 -9.36 11.70 -2.09
C MET A 22 -10.38 11.43 -0.96
N ALA A 23 -11.58 10.97 -1.29
CA ALA A 23 -12.59 10.50 -0.35
C ALA A 23 -12.04 9.35 0.50
N ILE A 24 -11.45 8.33 -0.14
CA ILE A 24 -10.86 7.17 0.52
C ILE A 24 -9.86 7.61 1.59
N LEU A 25 -9.06 8.63 1.28
CA LEU A 25 -8.03 9.18 2.15
C LEU A 25 -8.59 10.06 3.25
N THR A 26 -9.75 10.67 3.01
CA THR A 26 -10.47 11.45 3.99
C THR A 26 -11.19 10.51 4.97
N ILE A 27 -11.71 9.37 4.52
CA ILE A 27 -12.39 8.43 5.39
C ILE A 27 -11.40 7.91 6.43
N ILE A 28 -10.22 7.43 6.00
CA ILE A 28 -9.22 6.87 6.91
C ILE A 28 -8.83 7.87 7.99
N ARG A 29 -8.55 9.12 7.62
CA ARG A 29 -8.10 10.13 8.59
C ARG A 29 -9.14 10.39 9.69
N ASP A 30 -10.42 10.18 9.40
CA ASP A 30 -11.55 10.45 10.29
C ASP A 30 -11.96 9.22 11.11
N LEU A 31 -11.24 8.11 10.96
CA LEU A 31 -11.47 6.88 11.73
C LEU A 31 -11.01 6.99 13.19
N GLY A 32 -10.13 7.94 13.50
CA GLY A 32 -9.60 8.12 14.84
C GLY A 32 -8.76 6.95 15.34
N LEU A 33 -8.09 6.20 14.47
CA LEU A 33 -7.20 5.09 14.83
C LEU A 33 -5.80 5.60 15.22
N LYS A 34 -4.89 4.67 15.55
CA LYS A 34 -3.54 4.99 16.03
C LYS A 34 -2.50 4.57 15.00
N ASP A 35 -1.66 5.52 14.61
CA ASP A 35 -0.54 5.44 13.66
C ASP A 35 -0.89 4.91 12.26
N SER A 36 -2.17 4.76 11.97
CA SER A 36 -2.67 4.10 10.78
C SER A 36 -2.64 5.00 9.57
N TRP A 37 -2.30 4.44 8.40
CA TRP A 37 -2.46 5.16 7.14
C TRP A 37 -2.60 4.21 5.96
N LEU A 38 -2.88 4.79 4.80
CA LEU A 38 -2.94 4.11 3.51
C LEU A 38 -1.49 3.85 3.08
N ALA A 39 -1.16 2.60 2.73
CA ALA A 39 0.21 2.21 2.37
C ALA A 39 0.17 0.90 1.63
N ALA A 40 1.21 0.59 0.86
CA ALA A 40 1.17 -0.48 -0.13
C ALA A 40 -0.06 -0.39 -1.06
N GLY A 41 -0.29 -1.42 -1.88
CA GLY A 41 -1.52 -1.71 -2.60
C GLY A 41 -2.16 -0.51 -3.26
N SER A 42 -3.06 0.16 -2.56
CA SER A 42 -3.79 1.31 -3.06
C SER A 42 -2.88 2.51 -3.35
N VAL A 43 -1.84 2.75 -2.53
CA VAL A 43 -0.84 3.75 -2.85
C VAL A 43 -0.10 3.39 -4.14
N ARG A 44 -0.13 2.12 -4.59
CA ARG A 44 0.51 1.72 -5.83
C ARG A 44 -0.49 1.42 -6.96
N ASN A 45 -1.81 1.54 -6.73
CA ASN A 45 -2.80 1.66 -7.79
C ASN A 45 -2.76 3.02 -8.52
N PHE A 46 -2.97 4.12 -7.80
CA PHE A 46 -3.26 5.49 -8.28
C PHE A 46 -2.13 6.20 -9.08
N ILE A 47 -0.97 5.59 -9.24
CA ILE A 47 0.25 6.04 -9.95
C ILE A 47 0.50 5.14 -11.16
N TRP A 48 0.30 3.83 -11.04
CA TRP A 48 0.71 2.89 -12.07
C TRP A 48 -0.24 3.02 -13.25
N ASN A 49 -1.53 2.86 -12.98
CA ASN A 49 -2.62 3.01 -13.94
C ASN A 49 -2.55 4.32 -14.74
N LEU A 50 -2.13 5.44 -14.12
CA LEU A 50 -1.96 6.74 -14.74
C LEU A 50 -1.10 6.66 -16.01
N LEU A 51 -0.14 5.73 -16.04
CA LEU A 51 0.89 5.60 -17.06
C LEU A 51 0.57 4.41 -17.98
N SER A 52 -0.51 3.67 -17.71
CA SER A 52 -0.85 2.39 -18.33
C SER A 52 -2.23 2.40 -18.99
N ASP A 53 -2.87 3.57 -19.11
CA ASP A 53 -4.12 3.81 -19.82
C ASP A 53 -5.34 3.07 -19.24
N LYS A 54 -5.14 2.54 -18.04
CA LYS A 54 -6.07 1.87 -17.15
C LYS A 54 -6.98 2.88 -16.46
N SER A 55 -7.66 2.46 -15.39
CA SER A 55 -8.48 3.29 -14.53
C SER A 55 -7.76 3.55 -13.20
N PRO A 56 -6.92 4.59 -13.13
CA PRO A 56 -6.28 4.99 -11.89
C PRO A 56 -7.27 5.27 -10.77
N PHE A 57 -8.51 5.67 -11.11
CA PHE A 57 -9.55 5.98 -10.16
C PHE A 57 -10.57 4.86 -10.14
N ASP A 58 -10.08 3.64 -9.97
CA ASP A 58 -10.90 2.46 -10.09
C ASP A 58 -11.87 2.33 -8.91
N HIS A 59 -11.39 2.67 -7.71
CA HIS A 59 -11.94 2.55 -6.35
C HIS A 59 -12.44 1.16 -5.92
N GLU A 60 -12.67 0.26 -6.87
CA GLU A 60 -13.13 -1.10 -6.72
C GLU A 60 -11.88 -1.99 -6.77
N THR A 61 -10.93 -1.63 -5.92
CA THR A 61 -9.68 -2.33 -5.69
C THR A 61 -9.44 -2.49 -4.18
N ASP A 62 -8.42 -3.25 -3.78
CA ASP A 62 -8.07 -3.52 -2.38
C ASP A 62 -7.38 -2.31 -1.75
N ILE A 63 -7.82 -1.90 -0.56
CA ILE A 63 -7.46 -0.65 0.10
C ILE A 63 -6.72 -1.00 1.39
N ASP A 64 -5.41 -1.07 1.33
CA ASP A 64 -4.59 -1.22 2.52
C ASP A 64 -4.64 -0.01 3.39
N VAL A 65 -4.75 -0.32 4.67
CA VAL A 65 -5.01 0.53 5.78
C VAL A 65 -4.28 -0.10 6.98
N ILE A 66 -2.96 -0.08 6.93
CA ILE A 66 -2.16 -0.60 8.02
C ILE A 66 -2.35 0.32 9.22
N PHE A 67 -2.42 -0.28 10.42
CA PHE A 67 -2.42 0.42 11.69
C PHE A 67 -1.46 -0.23 12.68
N PHE A 68 -1.19 0.48 13.77
CA PHE A 68 -0.35 0.03 14.86
C PHE A 68 -1.15 0.33 16.13
N ASP A 69 -1.81 -0.69 16.68
CA ASP A 69 -2.55 -0.58 17.94
C ASP A 69 -2.23 -1.78 18.80
N PRO A 70 -1.14 -1.70 19.58
CA PRO A 70 -0.60 -2.83 20.32
C PRO A 70 -1.42 -3.28 21.52
N ASP A 71 -2.49 -2.55 21.84
CA ASP A 71 -3.39 -2.91 22.94
C ASP A 71 -4.65 -3.64 22.41
N PHE A 72 -4.88 -3.63 21.10
CA PHE A 72 -6.09 -4.17 20.48
C PHE A 72 -6.10 -5.71 20.50
N SER A 73 -7.29 -6.28 20.60
CA SER A 73 -7.51 -7.72 20.55
C SER A 73 -7.53 -8.22 19.10
N TYR A 74 -7.34 -9.53 18.93
CA TYR A 74 -7.33 -10.19 17.63
C TYR A 74 -8.71 -10.04 17.02
N GLU A 75 -9.77 -10.39 17.76
CA GLU A 75 -11.12 -10.39 17.21
C GLU A 75 -11.51 -8.96 16.87
N GLU A 76 -11.34 -8.02 17.81
CA GLU A 76 -11.65 -6.60 17.65
C GLU A 76 -11.07 -6.01 16.38
N THR A 77 -9.84 -6.40 16.06
CA THR A 77 -9.21 -6.02 14.80
C THR A 77 -10.14 -6.33 13.61
N LEU A 78 -10.66 -7.56 13.56
CA LEU A 78 -11.55 -8.04 12.52
C LEU A 78 -12.89 -7.33 12.58
N LEU A 79 -13.45 -7.15 13.77
CA LEU A 79 -14.74 -6.51 14.00
C LEU A 79 -14.73 -5.10 13.45
N LEU A 80 -13.67 -4.36 13.78
CA LEU A 80 -13.46 -2.99 13.35
C LEU A 80 -13.32 -2.92 11.81
N GLU A 81 -12.61 -3.86 11.21
CA GLU A 81 -12.47 -3.99 9.76
C GLU A 81 -13.86 -4.17 9.14
N LYS A 82 -14.57 -5.20 9.58
CA LYS A 82 -15.93 -5.56 9.18
C LYS A 82 -16.89 -4.37 9.35
N LYS A 83 -16.83 -3.65 10.46
CA LYS A 83 -17.61 -2.45 10.71
C LYS A 83 -17.39 -1.47 9.58
N LEU A 84 -16.14 -1.15 9.29
CA LEU A 84 -15.75 -0.26 8.21
C LEU A 84 -16.34 -0.72 6.88
N ARG A 85 -16.35 -2.04 6.62
CA ARG A 85 -16.91 -2.58 5.40
C ARG A 85 -18.41 -2.39 5.32
N GLU A 86 -19.16 -2.64 6.39
CA GLU A 86 -20.59 -2.41 6.37
C GLU A 86 -20.88 -0.91 6.23
N ASP A 87 -20.06 -0.05 6.82
CA ASP A 87 -20.20 1.39 6.77
C ASP A 87 -20.06 1.87 5.34
N PHE A 88 -19.04 1.35 4.62
CA PHE A 88 -18.72 1.76 3.26
C PHE A 88 -18.42 0.52 2.41
N PRO A 89 -19.44 -0.16 1.86
CA PRO A 89 -19.26 -1.38 1.07
C PRO A 89 -18.69 -1.08 -0.34
N GLN A 90 -18.50 0.20 -0.68
CA GLN A 90 -17.99 0.70 -1.95
C GLN A 90 -16.45 0.76 -2.01
N TYR A 91 -15.77 0.40 -0.91
CA TYR A 91 -14.31 0.39 -0.74
C TYR A 91 -13.91 -0.95 -0.13
N GLN A 92 -12.61 -1.20 0.11
CA GLN A 92 -12.10 -2.50 0.56
C GLN A 92 -11.01 -2.36 1.62
N TRP A 93 -11.41 -2.00 2.84
CA TRP A 93 -10.51 -1.67 3.95
C TRP A 93 -9.81 -2.93 4.53
N GLU A 94 -8.58 -3.25 4.09
CA GLU A 94 -7.78 -4.43 4.46
C GLU A 94 -7.19 -4.40 5.89
N LEU A 95 -7.87 -3.83 6.90
CA LEU A 95 -7.33 -3.27 8.15
C LEU A 95 -6.26 -4.14 8.84
N LYS A 96 -4.97 -3.81 8.63
CA LYS A 96 -3.88 -4.74 8.98
C LYS A 96 -3.04 -4.24 10.14
N ASN A 97 -3.18 -4.88 11.30
CA ASN A 97 -2.44 -4.55 12.51
C ASN A 97 -1.01 -5.04 12.39
N GLN A 98 -0.10 -4.13 12.09
CA GLN A 98 1.33 -4.39 11.96
C GLN A 98 1.94 -5.02 13.24
N VAL A 99 1.28 -4.89 14.38
CA VAL A 99 1.71 -5.48 15.66
C VAL A 99 1.68 -7.01 15.62
N TYR A 100 0.69 -7.61 14.93
CA TYR A 100 0.44 -9.05 15.01
C TYR A 100 1.48 -9.76 14.14
N MET A 101 1.20 -9.86 12.84
CA MET A 101 2.14 -10.21 11.78
C MET A 101 3.02 -11.41 12.13
N HIS A 102 2.40 -12.39 12.81
CA HIS A 102 2.99 -13.61 13.35
C HIS A 102 1.99 -14.72 13.01
N GLN A 103 1.72 -14.87 11.72
CA GLN A 103 0.66 -15.66 11.09
C GLN A 103 0.68 -15.54 9.56
N HIS A 104 1.52 -14.66 8.98
CA HIS A 104 1.44 -14.18 7.61
C HIS A 104 2.82 -14.11 6.92
N SER A 105 3.90 -14.49 7.59
CA SER A 105 5.27 -14.36 7.11
C SER A 105 6.18 -15.18 8.05
N PRO A 106 7.40 -15.50 7.61
CA PRO A 106 8.45 -16.16 8.39
C PRO A 106 8.98 -15.26 9.52
N HIS A 107 10.14 -15.62 10.09
CA HIS A 107 10.86 -14.90 11.13
C HIS A 107 11.29 -13.47 10.70
N THR A 108 10.33 -12.62 10.36
CA THR A 108 10.54 -11.32 9.75
C THR A 108 11.04 -10.23 10.71
N ALA A 109 11.50 -10.64 11.89
CA ALA A 109 11.84 -9.83 13.04
C ALA A 109 10.70 -8.88 13.42
N SER A 110 11.00 -8.04 14.40
CA SER A 110 10.14 -6.97 14.87
C SER A 110 10.36 -5.73 13.99
N TYR A 111 9.34 -4.88 13.93
CA TYR A 111 9.32 -3.58 13.27
C TYR A 111 9.43 -2.49 14.35
N THR A 112 9.32 -1.21 13.95
CA THR A 112 9.49 -0.11 14.91
C THR A 112 8.33 0.90 14.92
N SER A 113 7.51 0.93 13.86
CA SER A 113 6.42 1.88 13.61
C SER A 113 5.67 1.47 12.34
N SER A 114 4.55 2.13 12.06
CA SER A 114 3.85 2.06 10.78
C SER A 114 4.81 2.31 9.63
N ARG A 115 5.52 3.45 9.67
CA ARG A 115 6.56 3.82 8.71
C ARG A 115 7.54 2.67 8.52
N ASP A 116 8.11 2.16 9.60
CA ASP A 116 9.17 1.15 9.52
C ASP A 116 8.70 -0.13 8.85
N ALA A 117 7.52 -0.62 9.23
CA ALA A 117 6.94 -1.83 8.67
C ALA A 117 6.91 -1.81 7.13
N MET A 118 6.68 -0.64 6.51
CA MET A 118 6.68 -0.51 5.05
C MET A 118 7.98 -1.04 4.44
N SER A 119 9.14 -0.78 5.05
CA SER A 119 10.40 -1.15 4.45
C SER A 119 10.64 -2.68 4.50
N LYS A 120 9.81 -3.43 5.23
CA LYS A 120 9.76 -4.89 5.28
C LYS A 120 8.60 -5.45 4.42
N TYR A 121 7.99 -4.69 3.51
CA TYR A 121 7.08 -5.28 2.53
C TYR A 121 7.83 -6.24 1.59
N PRO A 122 7.13 -7.10 0.83
CA PRO A 122 7.75 -8.06 -0.05
C PRO A 122 8.43 -7.43 -1.26
N GLU A 123 8.29 -6.12 -1.50
CA GLU A 123 8.87 -5.49 -2.70
C GLU A 123 9.27 -4.04 -2.41
N ARG A 124 10.30 -3.52 -3.10
CA ARG A 124 10.74 -2.12 -3.06
C ARG A 124 9.59 -1.23 -3.51
N CYS A 125 9.01 -1.50 -4.68
CA CYS A 125 7.77 -0.86 -5.13
C CYS A 125 6.68 -0.89 -4.05
N THR A 126 6.52 -2.00 -3.33
CA THR A 126 5.43 -2.11 -2.38
C THR A 126 5.65 -1.19 -1.16
N ALA A 127 6.90 -0.96 -0.76
CA ALA A 127 7.28 -0.13 0.37
C ALA A 127 7.06 1.36 0.05
N VAL A 128 5.83 1.82 0.18
CA VAL A 128 5.44 3.21 -0.02
C VAL A 128 4.18 3.50 0.80
N GLY A 129 3.96 4.76 1.18
CA GLY A 129 2.77 5.24 1.87
C GLY A 129 2.38 6.62 1.35
N LEU A 130 1.10 6.99 1.47
CA LEU A 130 0.53 8.25 0.98
C LEU A 130 -0.77 8.50 1.74
N ARG A 131 -0.92 9.55 2.57
CA ARG A 131 -2.18 9.82 3.31
C ARG A 131 -2.32 11.31 3.64
N LEU A 132 -3.50 11.74 4.11
CA LEU A 132 -3.75 13.10 4.55
C LEU A 132 -3.12 13.35 5.91
N ASN A 133 -2.91 14.62 6.20
CA ASN A 133 -2.47 15.08 7.51
C ASN A 133 -3.49 16.05 8.08
N GLU A 134 -3.11 16.71 9.17
CA GLU A 134 -3.96 17.66 9.89
C GLU A 134 -4.33 18.88 9.04
N GLU A 135 -3.66 19.12 7.91
CA GLU A 135 -4.02 20.15 6.93
C GLU A 135 -4.22 19.58 5.54
N LEU A 136 -4.57 18.31 5.51
CA LEU A 136 -5.27 17.67 4.43
C LEU A 136 -4.41 17.63 3.17
N ASP A 137 -3.11 17.46 3.39
CA ASP A 137 -2.00 17.50 2.46
C ASP A 137 -1.57 16.08 2.10
N PHE A 138 -0.39 15.90 1.52
CA PHE A 138 0.11 14.60 1.09
C PHE A 138 1.36 14.20 1.89
N GLU A 139 1.14 13.48 3.00
CA GLU A 139 2.19 12.71 3.66
C GLU A 139 2.68 11.66 2.68
N LEU A 140 3.99 11.38 2.65
CA LEU A 140 4.61 10.47 1.68
C LEU A 140 5.75 9.71 2.39
N TYR A 141 6.03 8.47 2.01
CA TYR A 141 7.20 7.72 2.48
C TYR A 141 7.62 6.76 1.39
N VAL A 142 8.92 6.69 1.12
CA VAL A 142 9.54 5.86 0.09
C VAL A 142 10.98 5.57 0.52
N PRO A 143 11.20 4.62 1.45
CA PRO A 143 12.50 4.42 2.05
C PRO A 143 13.55 3.81 1.10
N TYR A 144 13.17 3.48 -0.13
CA TYR A 144 14.08 3.02 -1.16
C TYR A 144 14.01 3.93 -2.40
N GLY A 145 12.91 4.67 -2.60
CA GLY A 145 12.73 5.59 -3.71
C GLY A 145 11.37 5.44 -4.42
N LEU A 146 11.17 6.28 -5.44
CA LEU A 146 9.94 6.36 -6.23
C LEU A 146 10.14 5.89 -7.67
N GLU A 147 11.35 6.03 -8.22
CA GLU A 147 11.65 5.64 -9.59
C GLU A 147 11.27 4.18 -9.84
N ASP A 148 11.40 3.31 -8.83
CA ASP A 148 10.96 1.92 -8.88
C ASP A 148 9.53 1.83 -9.39
N ILE A 149 8.64 2.69 -8.88
CA ILE A 149 7.24 2.66 -9.20
C ILE A 149 7.07 3.14 -10.64
N LEU A 150 7.64 4.30 -10.99
CA LEU A 150 7.53 4.84 -12.35
C LEU A 150 8.07 3.88 -13.40
N ASN A 151 9.07 3.06 -13.05
CA ASN A 151 9.70 2.10 -13.94
C ASN A 151 9.09 0.71 -13.80
N PHE A 152 8.03 0.54 -13.00
CA PHE A 152 7.26 -0.68 -12.83
C PHE A 152 8.10 -1.85 -12.32
N GLN A 153 9.00 -1.59 -11.38
CA GLN A 153 10.04 -2.52 -10.97
C GLN A 153 9.61 -3.34 -9.74
N VAL A 154 9.19 -4.58 -9.96
CA VAL A 154 8.94 -5.52 -8.87
C VAL A 154 10.28 -6.12 -8.45
N ARG A 155 10.93 -5.48 -7.46
CA ARG A 155 12.21 -5.90 -6.89
C ARG A 155 11.93 -6.26 -5.44
N PRO A 156 12.56 -7.29 -4.83
CA PRO A 156 12.48 -7.50 -3.39
C PRO A 156 13.26 -6.40 -2.66
N THR A 157 12.82 -6.02 -1.46
CA THR A 157 13.55 -5.14 -0.56
C THR A 157 14.91 -5.77 -0.19
N PRO A 158 15.88 -4.95 0.24
CA PRO A 158 17.12 -5.47 0.83
C PRO A 158 16.81 -6.30 2.08
N HIS A 159 15.71 -5.99 2.78
CA HIS A 159 15.33 -6.61 4.04
C HIS A 159 14.82 -8.05 3.86
N PHE A 160 14.76 -8.55 2.63
CA PHE A 160 14.25 -9.87 2.27
C PHE A 160 15.37 -10.82 1.83
N LEU A 161 16.33 -10.34 1.01
CA LEU A 161 17.42 -11.18 0.50
C LEU A 161 18.20 -11.85 1.64
N GLU A 162 18.27 -11.15 2.78
CA GLU A 162 19.01 -11.53 3.97
C GLU A 162 18.80 -12.97 4.39
N ASN A 163 17.53 -13.40 4.51
CA ASN A 163 17.11 -14.68 4.97
C ASN A 163 16.17 -15.27 3.94
N GLU A 164 16.54 -16.41 3.38
CA GLU A 164 15.86 -16.98 2.22
C GLU A 164 14.47 -17.51 2.62
N ASP A 165 14.21 -17.63 3.92
CA ASP A 165 12.88 -17.73 4.53
C ASP A 165 12.01 -16.62 3.97
N ARG A 166 12.49 -15.36 4.07
CA ARG A 166 11.71 -14.23 3.58
C ARG A 166 11.57 -14.29 2.05
N MET A 167 12.56 -14.84 1.34
CA MET A 167 12.49 -14.92 -0.10
C MET A 167 11.40 -15.88 -0.55
N GLU A 168 11.16 -17.00 0.15
CA GLU A 168 10.07 -17.90 -0.22
C GLU A 168 8.72 -17.17 -0.16
N LEU A 169 8.50 -16.27 0.80
CA LEU A 169 7.26 -15.49 0.90
C LEU A 169 7.08 -14.59 -0.32
N TYR A 170 8.16 -13.94 -0.74
CA TYR A 170 8.15 -13.11 -1.95
C TYR A 170 7.76 -14.00 -3.14
N GLN A 171 8.61 -14.98 -3.43
CA GLN A 171 8.51 -15.95 -4.52
C GLN A 171 7.10 -16.52 -4.65
N THR A 172 6.62 -17.15 -3.57
CA THR A 172 5.37 -17.92 -3.55
C THR A 172 4.17 -17.04 -3.89
N ARG A 173 4.24 -15.72 -3.64
CA ARG A 173 3.17 -14.77 -3.94
C ARG A 173 3.65 -13.76 -4.97
N LEU A 174 4.57 -14.16 -5.85
CA LEU A 174 5.11 -13.35 -6.94
C LEU A 174 4.91 -14.09 -8.25
N SER A 175 5.58 -15.22 -8.49
CA SER A 175 5.37 -15.98 -9.72
C SER A 175 3.98 -16.65 -9.75
N LYS A 176 3.16 -16.53 -8.69
CA LYS A 176 1.74 -16.83 -8.68
C LYS A 176 0.90 -15.54 -8.77
N LYS A 177 1.40 -14.41 -9.27
CA LYS A 177 0.63 -13.17 -9.39
C LYS A 177 0.41 -12.82 -10.84
N ASN A 178 -0.69 -12.10 -11.02
CA ASN A 178 -1.26 -11.57 -12.24
C ASN A 178 -0.70 -10.19 -12.62
N TRP A 179 0.41 -9.72 -12.05
CA TRP A 179 0.74 -8.29 -12.11
C TRP A 179 0.97 -7.77 -13.51
N GLN A 180 1.54 -8.61 -14.35
CA GLN A 180 1.74 -8.29 -15.74
C GLN A 180 0.40 -8.29 -16.54
N GLU A 181 -0.68 -8.88 -16.01
CA GLU A 181 -1.88 -9.15 -16.79
C GLU A 181 -2.73 -7.87 -16.85
N LYS A 182 -2.59 -7.03 -15.82
CA LYS A 182 -3.29 -5.78 -15.64
C LYS A 182 -2.45 -4.62 -16.14
N TRP A 183 -1.14 -4.81 -16.11
CA TRP A 183 -0.13 -3.86 -16.55
C TRP A 183 0.98 -4.52 -17.35
N LYS A 184 1.01 -4.33 -18.67
CA LYS A 184 2.00 -4.91 -19.57
C LYS A 184 3.45 -4.52 -19.27
N ASN A 185 3.62 -3.39 -18.60
CA ASN A 185 4.92 -2.75 -18.37
C ASN A 185 5.61 -3.34 -17.13
N LEU A 186 4.95 -4.29 -16.44
CA LEU A 186 5.39 -4.76 -15.15
C LEU A 186 6.70 -5.55 -15.26
N ILE A 187 7.77 -5.02 -14.67
CA ILE A 187 9.06 -5.72 -14.67
C ILE A 187 9.14 -6.57 -13.42
N PHE A 188 9.56 -7.81 -13.55
CA PHE A 188 9.72 -8.78 -12.48
C PHE A 188 11.19 -9.13 -12.34
N LYS A 189 11.72 -9.11 -11.12
CA LYS A 189 13.10 -9.53 -10.82
C LYS A 189 13.17 -10.16 -9.44
N ASN A 190 14.29 -10.80 -9.16
CA ASN A 190 14.63 -11.45 -7.90
C ASN A 190 15.55 -10.63 -7.01
N THR A 191 16.01 -9.48 -7.50
CA THR A 191 16.87 -8.53 -6.83
C THR A 191 16.40 -7.15 -7.28
N GLY A 1 -3.96 19.16 -18.96
CA GLY A 1 -4.66 17.90 -18.72
C GLY A 1 -3.81 16.98 -17.87
N MET A 2 -4.29 16.59 -16.68
CA MET A 2 -3.54 15.87 -15.64
C MET A 2 -3.01 14.47 -16.01
N ASN A 3 -3.17 14.02 -17.26
CA ASN A 3 -2.70 12.72 -17.72
C ASN A 3 -1.17 12.68 -17.92
N THR A 4 -0.54 13.79 -18.33
CA THR A 4 0.90 13.82 -18.60
C THR A 4 1.68 13.86 -17.29
N VAL A 5 1.83 12.69 -16.68
CA VAL A 5 2.54 12.46 -15.45
C VAL A 5 3.82 11.70 -15.76
N LYS A 6 4.96 12.19 -15.27
CA LYS A 6 6.21 11.41 -15.21
C LYS A 6 6.86 11.47 -13.83
N ASN A 7 6.26 12.17 -12.88
CA ASN A 7 6.96 12.66 -11.67
C ASN A 7 5.98 13.03 -10.57
N LYS A 8 6.51 13.14 -9.35
CA LYS A 8 5.80 13.27 -8.09
C LYS A 8 4.65 14.26 -8.17
N GLN A 9 4.95 15.51 -8.48
CA GLN A 9 4.01 16.62 -8.42
C GLN A 9 2.79 16.32 -9.28
N GLU A 10 3.02 15.93 -10.54
CA GLU A 10 1.99 15.65 -11.51
C GLU A 10 1.04 14.55 -10.99
N ILE A 11 1.58 13.57 -10.28
CA ILE A 11 0.80 12.53 -9.63
C ILE A 11 -0.07 13.14 -8.51
N LEU A 12 0.54 13.86 -7.57
CA LEU A 12 -0.16 14.33 -6.37
C LEU A 12 -1.23 15.34 -6.74
N GLU A 13 -0.98 16.13 -7.79
CA GLU A 13 -1.97 17.01 -8.36
C GLU A 13 -3.12 16.20 -8.98
N ALA A 14 -2.89 15.04 -9.57
CA ALA A 14 -3.96 14.23 -10.18
C ALA A 14 -4.79 13.54 -9.09
N PHE A 15 -4.17 13.21 -7.96
CA PHE A 15 -4.88 12.70 -6.79
C PHE A 15 -5.94 13.70 -6.35
N ARG A 16 -5.54 14.96 -6.13
CA ARG A 16 -6.45 15.96 -5.59
C ARG A 16 -7.54 16.30 -6.62
N GLU A 17 -7.24 16.14 -7.92
CA GLU A 17 -8.20 16.29 -9.03
C GLU A 17 -9.26 15.16 -9.05
N SER A 18 -9.29 14.22 -8.10
CA SER A 18 -10.28 13.13 -8.02
C SER A 18 -11.05 13.19 -6.69
N PRO A 19 -12.38 13.07 -6.74
CA PRO A 19 -13.24 13.05 -5.57
C PRO A 19 -13.09 11.74 -4.79
N ASP A 20 -13.14 10.59 -5.46
CA ASP A 20 -13.10 9.27 -4.83
C ASP A 20 -11.74 9.08 -4.18
N MET A 21 -10.67 9.48 -4.87
CA MET A 21 -9.32 9.40 -4.36
C MET A 21 -9.18 10.21 -3.05
N MET A 22 -9.69 11.45 -3.05
CA MET A 22 -9.79 12.26 -1.84
C MET A 22 -10.61 11.55 -0.77
N ALA A 23 -11.77 10.99 -1.13
CA ALA A 23 -12.70 10.39 -0.19
C ALA A 23 -12.03 9.27 0.59
N ILE A 24 -11.32 8.35 -0.08
CA ILE A 24 -10.64 7.23 0.57
C ILE A 24 -9.73 7.74 1.69
N LEU A 25 -8.95 8.78 1.39
CA LEU A 25 -7.99 9.37 2.32
C LEU A 25 -8.70 9.98 3.53
N THR A 26 -9.78 10.70 3.27
CA THR A 26 -10.62 11.31 4.29
C THR A 26 -11.35 10.26 5.14
N ILE A 27 -11.67 9.07 4.61
CA ILE A 27 -12.24 7.98 5.40
C ILE A 27 -11.16 7.48 6.35
N ILE A 28 -10.00 7.04 5.85
CA ILE A 28 -9.03 6.32 6.68
C ILE A 28 -8.58 7.21 7.86
N ARG A 29 -8.47 8.53 7.64
CA ARG A 29 -8.19 9.50 8.71
C ARG A 29 -9.31 9.57 9.75
N ASP A 30 -10.57 9.64 9.31
CA ASP A 30 -11.73 9.96 10.16
C ASP A 30 -12.05 8.81 11.10
N LEU A 31 -11.51 7.62 10.81
CA LEU A 31 -11.68 6.44 11.65
C LEU A 31 -11.04 6.59 13.03
N GLY A 32 -10.12 7.54 13.22
CA GLY A 32 -9.49 7.81 14.52
C GLY A 32 -8.46 6.77 14.95
N LEU A 33 -8.07 5.85 14.06
CA LEU A 33 -7.19 4.72 14.36
C LEU A 33 -5.77 5.20 14.63
N LYS A 34 -5.00 4.43 15.40
CA LYS A 34 -3.71 4.93 15.90
C LYS A 34 -2.59 4.61 14.94
N ASP A 35 -1.82 5.65 14.59
CA ASP A 35 -0.73 5.69 13.58
C ASP A 35 -1.16 5.08 12.25
N SER A 36 -2.46 5.16 11.93
CA SER A 36 -2.99 4.51 10.74
C SER A 36 -2.79 5.39 9.53
N TRP A 37 -2.64 4.79 8.36
CA TRP A 37 -2.67 5.52 7.11
C TRP A 37 -2.83 4.60 5.91
N LEU A 38 -2.96 5.18 4.72
CA LEU A 38 -3.09 4.44 3.46
C LEU A 38 -1.69 4.03 2.98
N ALA A 39 -1.59 2.84 2.38
CA ALA A 39 -0.36 2.22 1.91
C ALA A 39 -0.66 1.40 0.65
N ALA A 40 0.15 0.37 0.44
CA ALA A 40 0.24 -0.50 -0.72
C ALA A 40 -1.11 -0.94 -1.30
N GLY A 41 -1.08 -1.38 -2.55
CA GLY A 41 -2.30 -1.37 -3.35
C GLY A 41 -2.58 0.09 -3.64
N SER A 42 -3.35 0.79 -2.80
CA SER A 42 -3.88 2.11 -3.10
C SER A 42 -2.79 3.09 -3.50
N VAL A 43 -1.80 3.28 -2.63
CA VAL A 43 -0.76 4.28 -2.85
C VAL A 43 0.11 3.91 -4.05
N ARG A 44 0.07 2.68 -4.54
CA ARG A 44 0.73 2.34 -5.79
C ARG A 44 -0.23 2.46 -6.99
N ASN A 45 -1.54 2.22 -6.79
CA ASN A 45 -2.53 2.01 -7.85
C ASN A 45 -2.80 3.32 -8.60
N PHE A 46 -3.07 4.41 -7.86
CA PHE A 46 -3.39 5.70 -8.46
C PHE A 46 -2.22 6.27 -9.26
N ILE A 47 -1.01 5.70 -9.17
CA ILE A 47 0.19 6.05 -9.89
C ILE A 47 0.44 5.07 -11.03
N TRP A 48 0.52 3.76 -10.74
CA TRP A 48 0.83 2.76 -11.75
C TRP A 48 -0.14 2.91 -12.91
N ASN A 49 -1.42 3.17 -12.64
CA ASN A 49 -2.43 3.31 -13.67
C ASN A 49 -2.33 4.62 -14.46
N LEU A 50 -1.86 5.74 -13.88
CA LEU A 50 -1.58 6.98 -14.61
C LEU A 50 -0.58 6.68 -15.73
N LEU A 51 0.35 5.77 -15.41
CA LEU A 51 1.53 5.45 -16.19
C LEU A 51 1.32 4.16 -16.98
N SER A 52 0.09 3.64 -17.08
CA SER A 52 -0.26 2.37 -17.74
C SER A 52 -1.47 2.46 -18.66
N ASP A 53 -2.01 3.64 -18.92
CA ASP A 53 -3.13 3.81 -19.85
C ASP A 53 -4.42 3.16 -19.29
N LYS A 54 -4.46 3.00 -17.96
CA LYS A 54 -5.47 2.33 -17.16
C LYS A 54 -6.36 3.38 -16.48
N SER A 55 -7.14 2.97 -15.50
CA SER A 55 -8.03 3.75 -14.66
C SER A 55 -7.46 3.91 -13.25
N PRO A 56 -6.63 4.93 -13.01
CA PRO A 56 -6.08 5.22 -11.69
C PRO A 56 -7.15 5.47 -10.63
N PHE A 57 -8.35 5.90 -11.03
CA PHE A 57 -9.40 6.33 -10.14
C PHE A 57 -10.51 5.27 -10.17
N ASP A 58 -10.23 4.12 -9.56
CA ASP A 58 -11.12 2.97 -9.52
C ASP A 58 -10.97 2.33 -8.15
N HIS A 59 -12.08 2.23 -7.41
CA HIS A 59 -12.11 1.58 -6.09
C HIS A 59 -11.96 0.05 -6.16
N GLU A 60 -11.85 -0.50 -7.36
CA GLU A 60 -11.64 -1.90 -7.68
C GLU A 60 -10.14 -2.21 -7.61
N THR A 61 -9.53 -1.73 -6.54
CA THR A 61 -8.19 -2.03 -6.07
C THR A 61 -8.25 -2.30 -4.57
N ASP A 62 -7.21 -2.97 -4.06
CA ASP A 62 -6.94 -3.28 -2.67
C ASP A 62 -6.42 -2.03 -1.94
N ILE A 63 -6.84 -1.85 -0.68
CA ILE A 63 -6.77 -0.61 0.08
C ILE A 63 -6.08 -0.94 1.41
N ASP A 64 -4.77 -0.73 1.51
CA ASP A 64 -4.04 -1.06 2.73
C ASP A 64 -4.04 0.09 3.72
N VAL A 65 -4.47 -0.24 4.91
CA VAL A 65 -4.99 0.65 5.92
C VAL A 65 -4.40 0.24 7.28
N ILE A 66 -3.08 0.13 7.26
CA ILE A 66 -2.33 -0.40 8.37
C ILE A 66 -2.51 0.53 9.55
N PHE A 67 -2.44 -0.02 10.76
CA PHE A 67 -2.44 0.76 12.00
C PHE A 67 -1.64 0.04 13.08
N PHE A 68 -1.36 0.71 14.20
CA PHE A 68 -0.55 0.19 15.30
C PHE A 68 -1.29 0.49 16.59
N ASP A 69 -1.87 -0.52 17.22
CA ASP A 69 -2.74 -0.33 18.39
C ASP A 69 -2.62 -1.49 19.38
N PRO A 70 -1.63 -1.47 20.27
CA PRO A 70 -1.23 -2.61 21.11
C PRO A 70 -2.13 -2.85 22.32
N ASP A 71 -3.11 -1.98 22.55
CA ASP A 71 -4.06 -2.08 23.65
C ASP A 71 -5.46 -2.49 23.18
N PHE A 72 -5.73 -2.49 21.87
CA PHE A 72 -7.01 -2.89 21.27
C PHE A 72 -6.98 -4.39 21.02
N SER A 73 -7.97 -5.13 21.51
CA SER A 73 -7.96 -6.59 21.54
C SER A 73 -7.93 -7.19 20.13
N TYR A 74 -7.42 -8.42 20.03
CA TYR A 74 -7.37 -9.15 18.78
C TYR A 74 -8.76 -9.22 18.16
N GLU A 75 -9.81 -9.52 18.94
CA GLU A 75 -11.14 -9.69 18.40
C GLU A 75 -11.72 -8.39 17.86
N GLU A 76 -11.50 -7.30 18.59
CA GLU A 76 -11.96 -5.97 18.26
C GLU A 76 -11.43 -5.52 16.90
N THR A 77 -10.21 -5.95 16.60
CA THR A 77 -9.58 -5.80 15.30
C THR A 77 -10.52 -6.29 14.19
N LEU A 78 -11.02 -7.53 14.28
CA LEU A 78 -11.89 -8.10 13.25
C LEU A 78 -13.21 -7.37 13.22
N LEU A 79 -13.74 -6.98 14.38
CA LEU A 79 -14.98 -6.23 14.42
C LEU A 79 -14.87 -4.89 13.74
N LEU A 80 -13.73 -4.22 13.90
CA LEU A 80 -13.53 -2.95 13.25
C LEU A 80 -13.44 -3.17 11.74
N GLU A 81 -12.66 -4.16 11.35
CA GLU A 81 -12.47 -4.58 9.97
C GLU A 81 -13.84 -4.85 9.32
N LYS A 82 -14.61 -5.77 9.90
CA LYS A 82 -15.90 -6.17 9.37
C LYS A 82 -16.84 -4.97 9.34
N LYS A 83 -16.85 -4.12 10.37
CA LYS A 83 -17.69 -2.92 10.45
C LYS A 83 -17.37 -1.99 9.30
N LEU A 84 -16.08 -1.74 9.02
CA LEU A 84 -15.66 -0.99 7.85
C LEU A 84 -16.29 -1.62 6.63
N ARG A 85 -16.06 -2.92 6.38
CA ARG A 85 -16.63 -3.60 5.22
C ARG A 85 -18.15 -3.42 5.14
N GLU A 86 -18.90 -3.40 6.25
CA GLU A 86 -20.34 -3.23 6.22
C GLU A 86 -20.75 -1.81 5.84
N ASP A 87 -19.88 -0.84 6.08
CA ASP A 87 -20.16 0.59 5.91
C ASP A 87 -19.95 1.04 4.45
N PHE A 88 -19.00 0.44 3.73
CA PHE A 88 -18.69 0.76 2.34
C PHE A 88 -18.31 -0.52 1.55
N PRO A 89 -19.17 -1.55 1.50
CA PRO A 89 -18.79 -2.90 1.04
C PRO A 89 -18.21 -2.97 -0.37
N GLN A 90 -18.42 -1.92 -1.17
CA GLN A 90 -17.86 -1.72 -2.49
C GLN A 90 -16.32 -1.53 -2.47
N TYR A 91 -15.70 -1.26 -1.32
CA TYR A 91 -14.27 -0.96 -1.20
C TYR A 91 -13.55 -2.07 -0.44
N GLN A 92 -12.23 -2.12 -0.59
CA GLN A 92 -11.40 -3.28 -0.25
C GLN A 92 -10.44 -2.99 0.92
N TRP A 93 -10.99 -2.66 2.10
CA TRP A 93 -10.21 -2.24 3.27
C TRP A 93 -9.52 -3.45 3.92
N GLU A 94 -8.21 -3.57 3.73
CA GLU A 94 -7.34 -4.65 4.21
C GLU A 94 -7.04 -4.55 5.73
N LEU A 95 -7.98 -4.03 6.54
CA LEU A 95 -7.78 -3.45 7.88
C LEU A 95 -6.87 -4.27 8.79
N LYS A 96 -5.62 -3.83 8.95
CA LYS A 96 -4.64 -4.66 9.66
C LYS A 96 -3.88 -3.95 10.75
N ASN A 97 -4.10 -4.45 11.96
CA ASN A 97 -3.25 -4.11 13.10
C ASN A 97 -1.90 -4.79 12.93
N GLN A 98 -0.88 -4.02 12.57
CA GLN A 98 0.49 -4.45 12.39
C GLN A 98 1.16 -4.88 13.69
N VAL A 99 0.57 -4.63 14.87
CA VAL A 99 1.12 -5.12 16.14
C VAL A 99 1.22 -6.64 16.10
N TYR A 100 0.24 -7.32 15.47
CA TYR A 100 0.11 -8.78 15.49
C TYR A 100 0.88 -9.45 14.33
N MET A 101 1.79 -8.74 13.65
CA MET A 101 2.40 -9.17 12.38
C MET A 101 3.63 -10.10 12.58
N HIS A 102 3.75 -10.71 13.74
CA HIS A 102 4.86 -11.59 14.11
C HIS A 102 4.68 -13.05 13.65
N GLN A 103 3.59 -13.40 12.96
CA GLN A 103 3.07 -14.78 12.96
C GLN A 103 2.41 -15.25 11.65
N HIS A 104 2.27 -14.40 10.64
CA HIS A 104 1.52 -14.73 9.42
C HIS A 104 2.39 -14.84 8.17
N SER A 105 3.63 -14.37 8.27
CA SER A 105 4.69 -14.37 7.26
C SER A 105 5.92 -15.04 7.91
N PRO A 106 6.83 -15.65 7.13
CA PRO A 106 7.92 -16.44 7.66
C PRO A 106 8.95 -15.52 8.29
N HIS A 107 9.12 -15.60 9.61
CA HIS A 107 10.17 -14.92 10.36
C HIS A 107 10.24 -13.41 10.11
N THR A 108 9.16 -12.72 9.75
CA THR A 108 9.28 -11.33 9.30
C THR A 108 9.61 -10.30 10.40
N ALA A 109 10.05 -10.77 11.57
CA ALA A 109 10.49 -10.11 12.79
C ALA A 109 9.57 -9.00 13.31
N SER A 110 8.30 -9.09 12.95
CA SER A 110 7.33 -8.03 13.08
C SER A 110 7.93 -6.72 12.52
N TYR A 111 7.34 -5.61 12.91
CA TYR A 111 7.74 -4.26 12.51
C TYR A 111 7.92 -3.39 13.76
N THR A 112 8.41 -2.16 13.58
CA THR A 112 8.58 -1.20 14.68
C THR A 112 7.61 0.00 14.58
N SER A 113 7.16 0.38 13.37
CA SER A 113 6.25 1.49 13.16
C SER A 113 5.40 1.22 11.93
N SER A 114 4.47 2.12 11.58
CA SER A 114 3.74 1.99 10.32
C SER A 114 4.69 2.21 9.14
N ARG A 115 5.65 3.13 9.23
CA ARG A 115 6.65 3.33 8.18
C ARG A 115 7.46 2.06 7.98
N ASP A 116 7.96 1.45 9.06
CA ASP A 116 8.80 0.27 8.94
C ASP A 116 8.07 -0.93 8.32
N ALA A 117 6.77 -1.05 8.56
CA ALA A 117 5.95 -2.12 7.98
C ALA A 117 6.05 -2.16 6.46
N MET A 118 5.87 -1.01 5.79
CA MET A 118 6.02 -0.89 4.34
C MET A 118 7.41 -1.32 3.89
N SER A 119 8.45 -0.99 4.65
CA SER A 119 9.82 -1.32 4.30
C SER A 119 10.08 -2.82 4.25
N LYS A 120 9.24 -3.65 4.88
CA LYS A 120 9.31 -5.11 4.85
C LYS A 120 8.17 -5.67 3.97
N TYR A 121 7.78 -5.00 2.88
CA TYR A 121 6.95 -5.64 1.87
C TYR A 121 7.74 -6.65 1.03
N PRO A 122 7.04 -7.58 0.35
CA PRO A 122 7.65 -8.43 -0.68
C PRO A 122 8.15 -7.65 -1.89
N GLU A 123 7.64 -6.43 -2.14
CA GLU A 123 7.95 -5.62 -3.30
C GLU A 123 8.30 -4.20 -2.86
N ARG A 124 9.52 -3.72 -3.16
CA ARG A 124 9.85 -2.31 -2.88
C ARG A 124 8.97 -1.36 -3.68
N CYS A 125 8.55 -1.72 -4.90
CA CYS A 125 7.53 -0.94 -5.60
C CYS A 125 6.17 -0.87 -4.87
N THR A 126 5.94 -1.45 -3.68
CA THR A 126 4.69 -1.19 -2.99
C THR A 126 5.02 -0.59 -1.62
N ALA A 127 6.32 -0.51 -1.27
CA ALA A 127 6.87 0.01 -0.02
C ALA A 127 6.75 1.53 -0.02
N VAL A 128 5.49 1.97 0.04
CA VAL A 128 5.08 3.35 -0.05
C VAL A 128 3.77 3.53 0.71
N GLY A 129 3.58 4.73 1.24
CA GLY A 129 2.32 5.14 1.81
C GLY A 129 2.12 6.63 1.58
N LEU A 130 0.86 7.06 1.68
CA LEU A 130 0.38 8.40 1.40
C LEU A 130 -0.86 8.62 2.26
N ARG A 131 -0.93 9.73 2.98
CA ARG A 131 -2.13 10.14 3.71
C ARG A 131 -2.13 11.66 3.85
N LEU A 132 -3.22 12.21 4.36
CA LEU A 132 -3.30 13.62 4.72
C LEU A 132 -2.51 13.82 6.00
N ASN A 133 -1.97 15.01 6.17
CA ASN A 133 -1.44 15.48 7.43
C ASN A 133 -2.37 16.54 7.98
N GLU A 134 -1.91 17.18 9.04
CA GLU A 134 -2.63 18.21 9.75
C GLU A 134 -3.07 19.37 8.85
N GLU A 135 -2.32 19.65 7.80
CA GLU A 135 -2.55 20.72 6.84
C GLU A 135 -3.45 20.25 5.69
N LEU A 136 -3.92 18.99 5.76
CA LEU A 136 -4.57 18.21 4.73
C LEU A 136 -3.65 18.06 3.52
N ASP A 137 -2.38 17.74 3.78
CA ASP A 137 -1.32 17.71 2.79
C ASP A 137 -0.76 16.32 2.62
N PHE A 138 -0.02 16.12 1.54
CA PHE A 138 0.42 14.83 1.08
C PHE A 138 1.67 14.41 1.87
N GLU A 139 1.46 13.71 2.97
CA GLU A 139 2.49 12.93 3.64
C GLU A 139 2.93 11.87 2.64
N LEU A 140 4.23 11.73 2.42
CA LEU A 140 4.79 10.75 1.48
C LEU A 140 5.89 10.00 2.20
N TYR A 141 6.08 8.73 1.87
CA TYR A 141 7.18 7.91 2.37
C TYR A 141 7.58 6.95 1.27
N VAL A 142 8.82 7.07 0.80
CA VAL A 142 9.43 6.18 -0.18
C VAL A 142 10.89 5.97 0.23
N PRO A 143 11.19 5.03 1.14
CA PRO A 143 12.54 4.86 1.66
C PRO A 143 13.48 4.18 0.67
N TYR A 144 12.97 3.70 -0.46
CA TYR A 144 13.74 3.02 -1.48
C TYR A 144 13.69 3.78 -2.82
N GLY A 145 12.75 4.72 -2.96
CA GLY A 145 12.70 5.69 -4.04
C GLY A 145 11.35 5.74 -4.77
N LEU A 146 11.32 6.64 -5.75
CA LEU A 146 10.19 6.85 -6.64
C LEU A 146 10.37 6.05 -7.92
N GLU A 147 11.61 5.98 -8.45
CA GLU A 147 11.90 5.40 -9.76
C GLU A 147 11.46 3.94 -9.82
N ASP A 148 11.54 3.23 -8.71
CA ASP A 148 11.12 1.86 -8.52
C ASP A 148 9.64 1.71 -8.86
N ILE A 149 8.80 2.66 -8.46
CA ILE A 149 7.39 2.63 -8.77
C ILE A 149 7.24 3.07 -10.22
N LEU A 150 7.83 4.22 -10.60
CA LEU A 150 7.64 4.83 -11.92
C LEU A 150 8.00 3.88 -13.05
N ASN A 151 9.12 3.16 -12.92
CA ASN A 151 9.59 2.23 -13.92
C ASN A 151 8.94 0.85 -13.77
N PHE A 152 8.04 0.67 -12.79
CA PHE A 152 7.31 -0.55 -12.49
C PHE A 152 8.25 -1.71 -12.14
N GLN A 153 9.19 -1.47 -11.23
CA GLN A 153 10.20 -2.43 -10.88
C GLN A 153 9.75 -3.28 -9.69
N VAL A 154 9.22 -4.47 -9.96
CA VAL A 154 8.92 -5.45 -8.93
C VAL A 154 10.24 -6.09 -8.51
N ARG A 155 10.94 -5.43 -7.58
CA ARG A 155 12.13 -5.95 -6.92
C ARG A 155 11.77 -6.31 -5.49
N PRO A 156 12.46 -7.27 -4.85
CA PRO A 156 12.30 -7.49 -3.42
C PRO A 156 12.79 -6.25 -2.68
N THR A 157 12.27 -6.01 -1.48
CA THR A 157 12.87 -5.04 -0.57
C THR A 157 14.27 -5.53 -0.15
N PRO A 158 15.10 -4.66 0.42
CA PRO A 158 16.39 -5.09 0.95
C PRO A 158 16.25 -6.04 2.14
N HIS A 159 15.31 -5.82 3.06
CA HIS A 159 15.30 -6.52 4.34
C HIS A 159 14.88 -7.99 4.12
N PHE A 160 14.16 -8.26 3.04
CA PHE A 160 13.90 -9.59 2.50
C PHE A 160 15.22 -10.32 2.33
N LEU A 161 16.07 -9.97 1.36
CA LEU A 161 17.11 -10.85 0.78
C LEU A 161 18.06 -11.46 1.79
N GLU A 162 18.15 -10.86 2.94
CA GLU A 162 18.83 -11.30 4.15
C GLU A 162 18.24 -12.55 4.82
N ASN A 163 17.17 -13.16 4.30
CA ASN A 163 16.58 -14.36 4.93
C ASN A 163 16.97 -15.52 4.05
N GLU A 164 16.29 -16.64 4.15
CA GLU A 164 16.15 -17.58 3.03
C GLU A 164 14.67 -17.73 2.74
N ASP A 165 13.89 -17.62 3.80
CA ASP A 165 12.44 -17.75 3.79
C ASP A 165 11.80 -16.65 2.99
N ARG A 166 12.43 -15.48 2.97
CA ARG A 166 11.97 -14.37 2.14
C ARG A 166 11.75 -14.78 0.69
N MET A 167 12.79 -15.39 0.15
CA MET A 167 12.96 -15.58 -1.29
C MET A 167 11.92 -16.61 -1.69
N GLU A 168 11.77 -17.69 -0.91
CA GLU A 168 10.69 -18.63 -1.11
C GLU A 168 9.33 -17.97 -0.99
N LEU A 169 9.07 -17.18 0.07
CA LEU A 169 7.76 -16.58 0.26
C LEU A 169 7.44 -15.73 -0.95
N TYR A 170 8.44 -15.01 -1.45
CA TYR A 170 8.25 -14.04 -2.51
C TYR A 170 7.72 -14.79 -3.72
N GLN A 171 8.43 -15.86 -4.10
CA GLN A 171 8.21 -16.71 -5.27
C GLN A 171 6.87 -17.43 -5.16
N THR A 172 6.65 -18.04 -4.00
CA THR A 172 5.41 -18.73 -3.61
C THR A 172 4.21 -17.81 -3.80
N ARG A 173 4.33 -16.57 -3.33
CA ARG A 173 3.30 -15.53 -3.43
C ARG A 173 3.34 -14.83 -4.79
N LEU A 174 4.28 -15.16 -5.69
CA LEU A 174 4.51 -14.44 -6.94
C LEU A 174 3.61 -15.03 -8.03
N SER A 175 3.83 -16.30 -8.38
CA SER A 175 3.17 -16.94 -9.52
C SER A 175 1.69 -17.26 -9.24
N LYS A 176 1.12 -16.70 -8.17
CA LYS A 176 -0.31 -16.67 -7.89
C LYS A 176 -0.83 -15.23 -8.00
N LYS A 177 -0.12 -14.35 -8.70
CA LYS A 177 -0.49 -12.95 -8.94
C LYS A 177 -0.49 -12.70 -10.43
N ASN A 178 -0.97 -11.53 -10.81
CA ASN A 178 -1.33 -11.11 -12.16
C ASN A 178 -0.72 -9.73 -12.47
N TRP A 179 0.51 -9.51 -12.00
CA TRP A 179 1.25 -8.25 -12.08
C TRP A 179 1.25 -7.64 -13.48
N GLN A 180 2.00 -8.28 -14.37
CA GLN A 180 2.17 -7.90 -15.76
C GLN A 180 0.85 -7.92 -16.55
N GLU A 181 -0.16 -8.67 -16.08
CA GLU A 181 -1.45 -8.75 -16.74
C GLU A 181 -2.32 -7.52 -16.45
N LYS A 182 -2.03 -6.78 -15.38
CA LYS A 182 -2.71 -5.51 -15.09
C LYS A 182 -1.92 -4.34 -15.67
N TRP A 183 -0.59 -4.46 -15.71
CA TRP A 183 0.32 -3.39 -16.10
C TRP A 183 1.35 -3.96 -17.07
N LYS A 184 1.14 -3.80 -18.38
CA LYS A 184 1.99 -4.39 -19.42
C LYS A 184 3.46 -4.00 -19.30
N ASN A 185 3.79 -2.86 -18.70
CA ASN A 185 5.18 -2.37 -18.62
C ASN A 185 5.97 -3.02 -17.48
N LEU A 186 5.30 -3.74 -16.59
CA LEU A 186 5.76 -4.22 -15.31
C LEU A 186 7.01 -5.10 -15.41
N ILE A 187 8.09 -4.69 -14.76
CA ILE A 187 9.38 -5.36 -14.70
C ILE A 187 9.44 -6.26 -13.48
N PHE A 188 9.98 -7.47 -13.67
CA PHE A 188 10.29 -8.41 -12.61
C PHE A 188 11.78 -8.36 -12.37
N LYS A 189 12.18 -8.43 -11.10
CA LYS A 189 13.57 -8.47 -10.64
C LYS A 189 13.69 -9.46 -9.49
N ASN A 190 14.92 -9.78 -9.08
CA ASN A 190 15.27 -10.64 -7.95
C ASN A 190 16.13 -9.90 -6.93
N THR A 191 16.44 -8.62 -7.15
CA THR A 191 17.19 -7.72 -6.27
C THR A 191 17.00 -6.30 -6.84
N GLY A 1 -4.91 15.48 -19.78
CA GLY A 1 -4.04 15.48 -18.59
C GLY A 1 -3.64 14.07 -18.20
N MET A 2 -3.03 13.92 -17.02
CA MET A 2 -2.85 12.64 -16.33
C MET A 2 -1.83 11.69 -16.98
N ASN A 3 -1.08 12.14 -18.00
CA ASN A 3 -0.11 11.31 -18.72
C ASN A 3 1.27 11.92 -18.78
N THR A 4 1.36 13.25 -18.79
CA THR A 4 2.62 14.01 -18.74
C THR A 4 3.29 13.96 -17.34
N VAL A 5 3.14 12.84 -16.67
CA VAL A 5 3.58 12.57 -15.31
C VAL A 5 4.75 11.62 -15.36
N LYS A 6 5.85 11.97 -14.68
CA LYS A 6 7.04 11.12 -14.53
C LYS A 6 7.56 11.12 -13.10
N ASN A 7 6.88 11.86 -12.23
CA ASN A 7 7.39 12.43 -11.00
C ASN A 7 6.29 12.43 -9.96
N LYS A 8 6.72 12.23 -8.71
CA LYS A 8 5.89 12.15 -7.51
C LYS A 8 4.86 13.26 -7.46
N GLN A 9 5.31 14.47 -7.77
CA GLN A 9 4.52 15.68 -7.66
C GLN A 9 3.33 15.63 -8.62
N GLU A 10 3.56 15.32 -9.90
CA GLU A 10 2.51 15.18 -10.90
C GLU A 10 1.55 14.05 -10.59
N ILE A 11 2.06 12.99 -9.97
CA ILE A 11 1.22 11.89 -9.51
C ILE A 11 0.27 12.42 -8.42
N LEU A 12 0.81 13.08 -7.38
CA LEU A 12 0.05 13.65 -6.27
C LEU A 12 -1.05 14.58 -6.75
N GLU A 13 -0.76 15.40 -7.75
CA GLU A 13 -1.69 16.32 -8.37
C GLU A 13 -2.98 15.61 -8.76
N ALA A 14 -2.87 14.52 -9.51
CA ALA A 14 -4.04 13.80 -10.02
C ALA A 14 -4.68 12.93 -8.94
N PHE A 15 -4.03 12.69 -7.80
CA PHE A 15 -4.74 12.15 -6.65
C PHE A 15 -5.77 13.18 -6.19
N ARG A 16 -5.33 14.43 -6.04
CA ARG A 16 -6.19 15.50 -5.55
C ARG A 16 -7.22 15.88 -6.62
N GLU A 17 -6.95 15.70 -7.91
CA GLU A 17 -7.88 16.06 -8.96
C GLU A 17 -9.19 15.29 -8.86
N SER A 18 -9.17 14.15 -8.17
CA SER A 18 -10.14 13.13 -8.38
C SER A 18 -10.94 12.92 -7.10
N PRO A 19 -12.26 13.12 -7.16
CA PRO A 19 -13.12 13.16 -5.99
C PRO A 19 -13.07 11.86 -5.22
N ASP A 20 -13.14 10.72 -5.91
CA ASP A 20 -13.15 9.38 -5.33
C ASP A 20 -11.83 9.11 -4.61
N MET A 21 -10.72 9.49 -5.25
CA MET A 21 -9.40 9.23 -4.71
C MET A 21 -9.19 10.03 -3.42
N MET A 22 -9.56 11.31 -3.45
CA MET A 22 -9.63 12.13 -2.25
C MET A 22 -10.57 11.52 -1.22
N ALA A 23 -11.75 11.02 -1.63
CA ALA A 23 -12.76 10.47 -0.75
C ALA A 23 -12.16 9.38 0.12
N ILE A 24 -11.47 8.40 -0.48
CA ILE A 24 -10.90 7.28 0.26
C ILE A 24 -9.98 7.80 1.37
N LEU A 25 -9.08 8.72 1.01
CA LEU A 25 -8.07 9.27 1.91
C LEU A 25 -8.71 10.06 3.05
N THR A 26 -9.76 10.81 2.73
CA THR A 26 -10.54 11.55 3.69
C THR A 26 -11.43 10.62 4.54
N ILE A 27 -11.77 9.41 4.10
CA ILE A 27 -12.53 8.44 4.89
C ILE A 27 -11.59 7.74 5.88
N ILE A 28 -10.38 7.31 5.47
CA ILE A 28 -9.46 6.63 6.39
C ILE A 28 -9.11 7.56 7.55
N ARG A 29 -8.76 8.83 7.28
CA ARG A 29 -8.43 9.79 8.35
C ARG A 29 -9.55 9.91 9.39
N ASP A 30 -10.80 9.81 8.95
CA ASP A 30 -12.00 10.07 9.74
C ASP A 30 -12.34 8.91 10.68
N LEU A 31 -11.60 7.81 10.54
CA LEU A 31 -11.70 6.68 11.44
C LEU A 31 -11.20 6.98 12.84
N GLY A 32 -10.31 7.97 13.00
CA GLY A 32 -9.78 8.37 14.29
C GLY A 32 -8.98 7.25 15.01
N LEU A 33 -8.42 6.28 14.27
CA LEU A 33 -7.58 5.20 14.81
C LEU A 33 -6.22 5.75 15.23
N LYS A 34 -5.28 4.86 15.55
CA LYS A 34 -3.92 5.21 15.93
C LYS A 34 -2.99 4.61 14.88
N ASP A 35 -2.00 5.39 14.46
CA ASP A 35 -1.00 5.05 13.44
C ASP A 35 -1.56 4.52 12.11
N SER A 36 -2.87 4.60 11.86
CA SER A 36 -3.46 4.00 10.68
C SER A 36 -3.24 4.86 9.45
N TRP A 37 -2.83 4.25 8.34
CA TRP A 37 -2.83 4.93 7.07
C TRP A 37 -2.88 3.95 5.91
N LEU A 38 -3.02 4.50 4.69
CA LEU A 38 -2.92 3.70 3.49
C LEU A 38 -1.46 3.41 3.22
N ALA A 39 -1.22 2.17 2.82
CA ALA A 39 0.05 1.74 2.27
C ALA A 39 -0.18 0.77 1.13
N ALA A 40 0.91 0.42 0.44
CA ALA A 40 0.98 -0.50 -0.67
C ALA A 40 -0.17 -0.24 -1.66
N GLY A 41 -0.59 -1.26 -2.43
CA GLY A 41 -1.95 -1.46 -2.88
C GLY A 41 -2.66 -0.22 -3.41
N SER A 42 -3.47 0.43 -2.54
CA SER A 42 -4.26 1.60 -2.90
C SER A 42 -3.37 2.72 -3.43
N VAL A 43 -2.30 2.98 -2.70
CA VAL A 43 -1.36 4.05 -2.96
C VAL A 43 -0.71 3.75 -4.31
N ARG A 44 -0.36 2.50 -4.61
CA ARG A 44 0.20 2.20 -5.92
C ARG A 44 -0.85 2.30 -7.02
N ASN A 45 -2.10 1.92 -6.75
CA ASN A 45 -3.13 1.77 -7.77
C ASN A 45 -3.23 3.04 -8.59
N PHE A 46 -3.41 4.18 -7.91
CA PHE A 46 -3.52 5.44 -8.63
C PHE A 46 -2.22 5.72 -9.41
N ILE A 47 -1.04 5.49 -8.84
CA ILE A 47 0.24 5.80 -9.46
C ILE A 47 0.47 5.00 -10.75
N TRP A 48 0.37 3.68 -10.67
CA TRP A 48 0.64 2.83 -11.83
C TRP A 48 -0.40 3.07 -12.90
N ASN A 49 -1.67 3.17 -12.51
CA ASN A 49 -2.71 3.43 -13.48
C ASN A 49 -2.59 4.82 -14.10
N LEU A 50 -2.17 5.85 -13.33
CA LEU A 50 -1.82 7.20 -13.79
C LEU A 50 -0.88 7.03 -14.99
N LEU A 51 0.25 6.38 -14.74
CA LEU A 51 1.36 6.22 -15.67
C LEU A 51 1.07 5.18 -16.77
N SER A 52 -0.16 4.67 -16.91
CA SER A 52 -0.53 3.67 -17.92
C SER A 52 -1.87 3.99 -18.62
N ASP A 53 -2.46 5.16 -18.38
CA ASP A 53 -3.73 5.59 -19.03
C ASP A 53 -4.93 4.69 -18.65
N LYS A 54 -4.76 3.96 -17.56
CA LYS A 54 -5.68 3.05 -16.88
C LYS A 54 -6.67 3.86 -16.05
N SER A 55 -7.35 3.20 -15.11
CA SER A 55 -8.30 3.77 -14.16
C SER A 55 -7.67 3.88 -12.77
N PRO A 56 -6.97 4.99 -12.48
CA PRO A 56 -6.37 5.21 -11.18
C PRO A 56 -7.38 5.33 -10.04
N PHE A 57 -8.64 5.63 -10.37
CA PHE A 57 -9.67 6.01 -9.42
C PHE A 57 -10.67 4.91 -9.17
N ASP A 58 -10.29 3.68 -9.54
CA ASP A 58 -11.19 2.56 -9.62
C ASP A 58 -11.39 1.96 -8.24
N HIS A 59 -12.21 2.61 -7.40
CA HIS A 59 -12.35 2.36 -5.96
C HIS A 59 -12.87 0.97 -5.58
N GLU A 60 -13.16 0.14 -6.58
CA GLU A 60 -13.55 -1.28 -6.52
C GLU A 60 -12.33 -2.19 -6.29
N THR A 61 -11.15 -1.62 -6.10
CA THR A 61 -9.91 -2.30 -5.78
C THR A 61 -9.73 -2.39 -4.25
N ASP A 62 -8.78 -3.22 -3.85
CA ASP A 62 -8.49 -3.58 -2.47
C ASP A 62 -7.82 -2.37 -1.79
N ILE A 63 -8.15 -2.07 -0.54
CA ILE A 63 -7.77 -0.84 0.17
C ILE A 63 -6.98 -1.19 1.44
N ASP A 64 -5.66 -1.30 1.33
CA ASP A 64 -4.73 -1.54 2.44
C ASP A 64 -4.63 -0.37 3.37
N VAL A 65 -5.40 -0.54 4.43
CA VAL A 65 -5.41 0.19 5.65
C VAL A 65 -4.60 -0.60 6.70
N ILE A 66 -3.30 -0.33 6.81
CA ILE A 66 -2.57 -0.78 7.99
C ILE A 66 -2.89 0.13 9.17
N PHE A 67 -2.82 -0.46 10.36
CA PHE A 67 -2.74 0.26 11.64
C PHE A 67 -1.91 -0.52 12.67
N PHE A 68 -1.68 0.08 13.84
CA PHE A 68 -0.99 -0.45 15.00
C PHE A 68 -1.86 -0.14 16.21
N ASP A 69 -2.45 -1.16 16.83
CA ASP A 69 -3.17 -0.99 18.10
C ASP A 69 -2.88 -2.19 19.01
N PRO A 70 -1.78 -2.17 19.76
CA PRO A 70 -1.33 -3.28 20.61
C PRO A 70 -2.20 -3.48 21.85
N ASP A 71 -3.18 -2.60 22.08
CA ASP A 71 -4.08 -2.60 23.24
C ASP A 71 -5.52 -2.94 22.81
N PHE A 72 -5.74 -3.31 21.54
CA PHE A 72 -6.99 -3.81 20.98
C PHE A 72 -7.05 -5.33 21.17
N SER A 73 -8.25 -5.95 21.21
CA SER A 73 -8.33 -7.40 21.08
C SER A 73 -7.89 -7.83 19.67
N TYR A 74 -7.52 -9.10 19.47
CA TYR A 74 -7.47 -9.67 18.13
C TYR A 74 -8.88 -9.59 17.55
N GLU A 75 -9.87 -10.17 18.22
CA GLU A 75 -11.15 -10.40 17.59
C GLU A 75 -11.85 -9.09 17.25
N GLU A 76 -11.74 -8.10 18.13
CA GLU A 76 -12.32 -6.78 17.98
C GLU A 76 -11.77 -6.03 16.75
N THR A 77 -10.61 -6.45 16.25
CA THR A 77 -10.05 -5.95 15.00
C THR A 77 -10.97 -6.33 13.85
N LEU A 78 -11.38 -7.60 13.80
CA LEU A 78 -12.27 -8.09 12.74
C LEU A 78 -13.67 -7.48 12.81
N LEU A 79 -14.07 -7.06 14.00
CA LEU A 79 -15.32 -6.38 14.23
C LEU A 79 -15.29 -4.99 13.61
N LEU A 80 -14.23 -4.26 13.89
CA LEU A 80 -14.00 -2.94 13.35
C LEU A 80 -14.01 -3.00 11.83
N GLU A 81 -13.28 -3.99 11.31
CA GLU A 81 -13.18 -4.32 9.90
C GLU A 81 -14.57 -4.40 9.28
N LYS A 82 -15.52 -5.09 9.91
CA LYS A 82 -16.84 -5.24 9.32
C LYS A 82 -17.50 -3.88 9.22
N LYS A 83 -17.43 -3.05 10.28
CA LYS A 83 -18.16 -1.80 10.39
C LYS A 83 -17.74 -0.86 9.28
N LEU A 84 -16.44 -0.79 9.03
CA LEU A 84 -15.87 -0.02 7.94
C LEU A 84 -16.51 -0.41 6.60
N ARG A 85 -16.66 -1.71 6.36
CA ARG A 85 -17.29 -2.24 5.16
C ARG A 85 -18.82 -2.13 5.22
N GLU A 86 -19.47 -1.93 6.36
CA GLU A 86 -20.91 -1.75 6.46
C GLU A 86 -21.27 -0.28 6.21
N ASP A 87 -20.47 0.66 6.75
CA ASP A 87 -20.59 2.11 6.54
C ASP A 87 -20.44 2.40 5.04
N PHE A 88 -19.42 1.81 4.41
CA PHE A 88 -19.07 2.02 3.02
C PHE A 88 -18.65 0.69 2.35
N PRO A 89 -19.61 -0.16 1.96
CA PRO A 89 -19.34 -1.45 1.31
C PRO A 89 -18.78 -1.30 -0.11
N GLN A 90 -18.81 -0.10 -0.69
CA GLN A 90 -18.28 0.19 -2.03
C GLN A 90 -16.75 0.31 -2.05
N TYR A 91 -16.09 0.05 -0.92
CA TYR A 91 -14.64 0.01 -0.78
C TYR A 91 -14.26 -1.26 -0.03
N GLN A 92 -12.97 -1.57 -0.02
CA GLN A 92 -12.45 -2.86 0.42
C GLN A 92 -11.38 -2.67 1.48
N TRP A 93 -11.78 -2.18 2.65
CA TRP A 93 -10.95 -1.82 3.79
C TRP A 93 -10.23 -3.05 4.38
N GLU A 94 -9.06 -3.39 3.83
CA GLU A 94 -8.19 -4.50 4.22
C GLU A 94 -7.50 -4.23 5.57
N LEU A 95 -8.29 -4.06 6.63
CA LEU A 95 -7.82 -3.61 7.95
C LEU A 95 -6.97 -4.68 8.59
N LYS A 96 -5.69 -4.40 8.88
CA LYS A 96 -4.80 -5.41 9.46
C LYS A 96 -3.86 -4.79 10.48
N ASN A 97 -3.88 -5.33 11.70
CA ASN A 97 -3.07 -4.84 12.81
C ASN A 97 -1.65 -5.39 12.70
N GLN A 98 -0.68 -4.57 12.31
CA GLN A 98 0.71 -4.97 12.16
C GLN A 98 1.39 -5.35 13.49
N VAL A 99 0.77 -5.14 14.66
CA VAL A 99 1.26 -5.73 15.91
C VAL A 99 1.26 -7.26 15.76
N TYR A 100 0.19 -7.82 15.19
CA TYR A 100 -0.01 -9.26 15.04
C TYR A 100 0.70 -9.72 13.77
N MET A 101 1.99 -9.41 13.67
CA MET A 101 2.91 -9.87 12.65
C MET A 101 3.96 -10.73 13.33
N HIS A 102 5.08 -11.02 12.64
CA HIS A 102 6.15 -11.98 12.92
C HIS A 102 5.62 -13.42 12.88
N GLN A 103 4.54 -13.72 13.59
CA GLN A 103 3.83 -14.99 13.64
C GLN A 103 3.14 -15.37 12.32
N HIS A 104 3.37 -14.59 11.25
CA HIS A 104 2.98 -14.88 9.89
C HIS A 104 4.10 -14.49 8.92
N SER A 105 5.31 -14.23 9.42
CA SER A 105 6.45 -13.79 8.64
C SER A 105 7.59 -14.79 8.87
N PRO A 106 8.43 -15.08 7.87
CA PRO A 106 9.57 -15.98 8.03
C PRO A 106 10.69 -15.29 8.83
N HIS A 107 10.56 -15.36 10.16
CA HIS A 107 11.55 -14.97 11.16
C HIS A 107 11.86 -13.47 11.16
N THR A 108 11.04 -12.64 10.48
CA THR A 108 11.29 -11.24 10.11
C THR A 108 11.30 -10.26 11.29
N ALA A 109 11.36 -10.80 12.50
CA ALA A 109 11.49 -10.12 13.78
C ALA A 109 10.44 -9.01 14.00
N SER A 110 9.22 -9.20 13.48
CA SER A 110 8.12 -8.27 13.55
C SER A 110 8.44 -7.02 12.72
N TYR A 111 7.81 -5.91 13.10
CA TYR A 111 8.12 -4.55 12.69
C TYR A 111 8.27 -3.72 13.98
N THR A 112 8.59 -2.44 13.84
CA THR A 112 8.43 -1.45 14.91
C THR A 112 7.20 -0.60 14.63
N SER A 113 7.14 0.12 13.49
CA SER A 113 6.09 1.08 13.19
C SER A 113 5.58 0.92 11.75
N SER A 114 4.60 1.72 11.33
CA SER A 114 3.99 1.63 10.01
C SER A 114 5.03 1.85 8.91
N ARG A 115 5.86 2.87 9.09
CA ARG A 115 6.95 3.20 8.18
C ARG A 115 7.89 2.00 8.04
N ASP A 116 8.21 1.33 9.14
CA ASP A 116 9.09 0.16 9.15
C ASP A 116 8.43 -1.06 8.50
N ALA A 117 7.12 -1.26 8.68
CA ALA A 117 6.39 -2.31 7.98
C ALA A 117 6.54 -2.15 6.47
N MET A 118 6.35 -0.93 5.95
CA MET A 118 6.59 -0.62 4.54
C MET A 118 8.03 -0.88 4.14
N SER A 119 9.00 -0.47 4.96
CA SER A 119 10.40 -0.59 4.58
C SER A 119 10.81 -2.06 4.45
N LYS A 120 10.17 -2.94 5.25
CA LYS A 120 10.34 -4.39 5.25
C LYS A 120 9.35 -5.14 4.33
N TYR A 121 8.54 -4.49 3.47
CA TYR A 121 7.70 -5.19 2.50
C TYR A 121 8.54 -6.15 1.62
N PRO A 122 7.92 -7.10 0.88
CA PRO A 122 8.63 -8.06 0.04
C PRO A 122 9.32 -7.45 -1.18
N GLU A 123 8.92 -6.25 -1.59
CA GLU A 123 9.17 -5.75 -2.93
C GLU A 123 9.04 -4.23 -2.93
N ARG A 124 9.91 -3.53 -3.67
CA ARG A 124 10.08 -2.08 -3.46
C ARG A 124 8.90 -1.30 -4.03
N CYS A 125 8.27 -1.79 -5.10
CA CYS A 125 7.02 -1.25 -5.62
C CYS A 125 5.86 -1.40 -4.61
N THR A 126 6.01 -2.19 -3.54
CA THR A 126 5.04 -2.29 -2.45
C THR A 126 5.44 -1.37 -1.27
N ALA A 127 6.70 -0.94 -1.16
CA ALA A 127 7.21 -0.02 -0.15
C ALA A 127 6.80 1.44 -0.43
N VAL A 128 5.52 1.76 -0.23
CA VAL A 128 4.90 3.05 -0.56
C VAL A 128 3.71 3.31 0.36
N GLY A 129 3.53 4.56 0.80
CA GLY A 129 2.40 4.99 1.65
C GLY A 129 1.94 6.42 1.35
N LEU A 130 0.68 6.75 1.67
CA LEU A 130 0.04 8.06 1.40
C LEU A 130 -1.18 8.25 2.32
N ARG A 131 -1.31 9.33 3.13
CA ARG A 131 -2.51 9.71 3.91
C ARG A 131 -2.48 11.18 4.36
N LEU A 132 -3.55 11.70 4.97
CA LEU A 132 -3.67 13.10 5.39
C LEU A 132 -3.53 13.28 6.88
N ASN A 133 -2.91 14.38 7.28
CA ASN A 133 -2.62 14.75 8.66
C ASN A 133 -3.39 16.04 8.97
N GLU A 134 -3.08 16.63 10.12
CA GLU A 134 -3.70 17.86 10.63
C GLU A 134 -3.86 18.98 9.60
N GLU A 135 -2.93 19.08 8.67
CA GLU A 135 -2.85 20.20 7.74
C GLU A 135 -3.51 19.87 6.40
N LEU A 136 -4.10 18.67 6.28
CA LEU A 136 -4.64 18.10 5.05
C LEU A 136 -3.60 18.00 3.94
N ASP A 137 -2.32 18.04 4.32
CA ASP A 137 -1.19 17.69 3.52
C ASP A 137 -1.14 16.21 3.28
N PHE A 138 -0.26 15.85 2.36
CA PHE A 138 -0.04 14.50 1.91
C PHE A 138 1.22 13.97 2.61
N GLU A 139 1.04 13.07 3.56
CA GLU A 139 2.08 12.18 4.10
C GLU A 139 2.59 11.34 2.94
N LEU A 140 3.86 11.00 2.88
CA LEU A 140 4.49 10.17 1.85
C LEU A 140 5.42 9.17 2.52
N TYR A 141 5.60 7.97 1.97
CA TYR A 141 6.76 7.16 2.34
C TYR A 141 7.17 6.17 1.25
N VAL A 142 8.13 6.60 0.44
CA VAL A 142 8.78 5.88 -0.64
C VAL A 142 10.29 6.16 -0.55
N PRO A 143 11.00 5.46 0.36
CA PRO A 143 12.44 5.63 0.51
C PRO A 143 13.22 5.14 -0.72
N TYR A 144 12.72 4.07 -1.34
CA TYR A 144 13.20 3.40 -2.55
C TYR A 144 12.15 3.33 -3.67
N GLY A 145 10.95 3.83 -3.39
CA GLY A 145 9.77 3.31 -4.06
C GLY A 145 9.32 4.08 -5.27
N LEU A 146 9.74 5.33 -5.41
CA LEU A 146 9.25 6.12 -6.52
C LEU A 146 9.70 5.43 -7.78
N GLU A 147 10.91 4.86 -7.76
CA GLU A 147 11.56 4.48 -8.99
C GLU A 147 11.14 3.10 -9.45
N ASP A 148 10.99 2.15 -8.54
CA ASP A 148 10.41 0.85 -8.85
C ASP A 148 9.04 1.02 -9.49
N ILE A 149 8.25 1.94 -8.95
CA ILE A 149 6.94 2.24 -9.47
C ILE A 149 7.06 2.91 -10.85
N LEU A 150 7.83 4.02 -10.96
CA LEU A 150 8.04 4.80 -12.19
C LEU A 150 8.48 3.89 -13.34
N ASN A 151 9.48 3.07 -13.11
CA ASN A 151 10.09 2.21 -14.12
C ASN A 151 9.21 0.98 -14.39
N PHE A 152 8.10 0.77 -13.66
CA PHE A 152 7.21 -0.38 -13.64
C PHE A 152 7.96 -1.68 -13.38
N GLN A 153 8.39 -1.87 -12.14
CA GLN A 153 9.30 -2.94 -11.75
C GLN A 153 8.71 -3.68 -10.55
N VAL A 154 9.27 -4.85 -10.27
CA VAL A 154 8.96 -5.74 -9.17
C VAL A 154 10.28 -6.42 -8.81
N ARG A 155 11.13 -5.77 -8.00
CA ARG A 155 12.29 -6.42 -7.35
C ARG A 155 12.06 -6.44 -5.84
N PRO A 156 12.72 -7.36 -5.11
CA PRO A 156 12.76 -7.33 -3.67
C PRO A 156 13.53 -6.11 -3.17
N THR A 157 13.12 -5.66 -2.01
CA THR A 157 13.72 -4.64 -1.16
C THR A 157 15.07 -5.12 -0.57
N PRO A 158 15.91 -4.22 -0.03
CA PRO A 158 17.20 -4.60 0.50
C PRO A 158 17.03 -5.51 1.72
N HIS A 159 16.03 -5.20 2.56
CA HIS A 159 15.82 -5.80 3.86
C HIS A 159 15.04 -7.12 3.73
N PHE A 160 15.34 -7.86 2.66
CA PHE A 160 14.79 -9.16 2.31
C PHE A 160 15.90 -10.14 1.99
N LEU A 161 16.81 -9.75 1.10
CA LEU A 161 17.89 -10.60 0.58
C LEU A 161 18.71 -11.22 1.71
N GLU A 162 18.81 -10.50 2.80
CA GLU A 162 19.66 -10.77 3.96
C GLU A 162 19.15 -11.95 4.80
N ASN A 163 17.95 -12.48 4.51
CA ASN A 163 17.30 -13.59 5.20
C ASN A 163 16.51 -14.34 4.13
N GLU A 164 17.12 -15.35 3.53
CA GLU A 164 16.60 -16.10 2.39
C GLU A 164 15.22 -16.73 2.63
N ASP A 165 14.86 -17.00 3.88
CA ASP A 165 13.53 -17.47 4.24
C ASP A 165 12.48 -16.42 3.89
N ARG A 166 12.85 -15.13 3.92
CA ARG A 166 11.98 -14.07 3.44
C ARG A 166 11.81 -14.16 1.94
N MET A 167 12.87 -14.47 1.19
CA MET A 167 12.79 -14.50 -0.27
C MET A 167 11.69 -15.47 -0.71
N GLU A 168 11.55 -16.64 -0.09
CA GLU A 168 10.48 -17.57 -0.45
C GLU A 168 9.11 -16.92 -0.38
N LEU A 169 8.83 -16.11 0.64
CA LEU A 169 7.54 -15.47 0.81
C LEU A 169 7.23 -14.54 -0.38
N TYR A 170 8.27 -13.88 -0.91
CA TYR A 170 8.09 -12.96 -2.01
C TYR A 170 7.69 -13.79 -3.23
N GLN A 171 8.54 -14.75 -3.61
CA GLN A 171 8.42 -15.61 -4.78
C GLN A 171 7.12 -16.42 -4.78
N THR A 172 6.82 -17.07 -3.66
CA THR A 172 5.61 -17.88 -3.50
C THR A 172 4.33 -17.07 -3.74
N ARG A 173 4.38 -15.75 -3.55
CA ARG A 173 3.28 -14.83 -3.76
C ARG A 173 3.64 -13.81 -4.86
N LEU A 174 4.53 -14.21 -5.78
CA LEU A 174 4.93 -13.44 -6.95
C LEU A 174 4.08 -13.91 -8.14
N SER A 175 4.28 -15.15 -8.59
CA SER A 175 3.62 -15.72 -9.77
C SER A 175 2.16 -16.10 -9.52
N LYS A 176 1.43 -15.33 -8.70
CA LYS A 176 -0.02 -15.40 -8.52
C LYS A 176 -0.56 -14.02 -8.18
N LYS A 177 -0.07 -12.98 -8.88
CA LYS A 177 -0.39 -11.57 -8.62
C LYS A 177 -0.91 -10.85 -9.86
N ASN A 178 -1.01 -11.50 -11.01
CA ASN A 178 -1.48 -10.94 -12.28
C ASN A 178 -0.91 -9.56 -12.62
N TRP A 179 0.30 -9.25 -12.16
CA TRP A 179 0.97 -7.96 -12.34
C TRP A 179 1.02 -7.56 -13.81
N GLN A 180 1.71 -8.38 -14.58
CA GLN A 180 1.87 -8.26 -16.02
C GLN A 180 0.53 -8.19 -16.75
N GLU A 181 -0.51 -8.87 -16.25
CA GLU A 181 -1.81 -8.98 -16.91
C GLU A 181 -2.61 -7.67 -16.85
N LYS A 182 -2.14 -6.67 -16.11
CA LYS A 182 -2.80 -5.39 -15.95
C LYS A 182 -2.02 -4.27 -16.60
N TRP A 183 -0.73 -4.17 -16.30
CA TRP A 183 0.13 -3.12 -16.80
C TRP A 183 1.19 -3.88 -17.59
N LYS A 184 0.96 -3.98 -18.91
CA LYS A 184 1.69 -4.85 -19.82
C LYS A 184 3.20 -4.67 -19.75
N ASN A 185 3.62 -3.46 -19.36
CA ASN A 185 5.00 -3.01 -19.39
C ASN A 185 5.86 -3.64 -18.29
N LEU A 186 5.22 -4.32 -17.32
CA LEU A 186 5.80 -4.71 -16.06
C LEU A 186 7.10 -5.49 -16.24
N ILE A 187 8.10 -5.14 -15.45
CA ILE A 187 9.35 -5.87 -15.34
C ILE A 187 9.27 -6.67 -14.06
N PHE A 188 9.74 -7.91 -14.10
CA PHE A 188 9.95 -8.73 -12.92
C PHE A 188 11.46 -8.88 -12.72
N LYS A 189 11.88 -8.95 -11.47
CA LYS A 189 13.26 -9.16 -11.06
C LYS A 189 13.25 -10.05 -9.82
N ASN A 190 14.42 -10.15 -9.20
CA ASN A 190 14.75 -10.99 -8.06
C ASN A 190 15.77 -10.30 -7.16
N THR A 191 16.26 -9.11 -7.52
CA THR A 191 17.34 -8.39 -6.89
C THR A 191 17.15 -6.92 -7.24
N GLY A 1 -4.64 19.06 -18.58
CA GLY A 1 -4.72 17.85 -19.41
C GLY A 1 -4.04 16.69 -18.70
N MET A 2 -4.79 16.06 -17.80
CA MET A 2 -4.36 15.15 -16.74
C MET A 2 -3.85 13.81 -17.29
N ASN A 3 -2.62 13.77 -17.81
CA ASN A 3 -2.03 12.53 -18.36
C ASN A 3 -0.50 12.57 -18.46
N THR A 4 0.12 13.74 -18.63
CA THR A 4 1.57 13.91 -18.74
C THR A 4 2.30 13.67 -17.40
N VAL A 5 1.92 12.64 -16.66
CA VAL A 5 2.47 12.22 -15.40
C VAL A 5 3.82 11.58 -15.70
N LYS A 6 4.89 12.12 -15.11
CA LYS A 6 6.20 11.49 -15.16
C LYS A 6 6.87 11.45 -13.79
N ASN A 7 6.17 11.89 -12.74
CA ASN A 7 6.76 12.38 -11.51
C ASN A 7 5.71 12.53 -10.43
N LYS A 8 6.19 12.62 -9.19
CA LYS A 8 5.43 12.67 -7.96
C LYS A 8 4.34 13.71 -7.97
N GLN A 9 4.71 14.95 -8.29
CA GLN A 9 3.81 16.08 -8.19
C GLN A 9 2.53 15.85 -8.98
N GLU A 10 2.66 15.51 -10.27
CA GLU A 10 1.55 15.22 -11.18
C GLU A 10 0.54 14.27 -10.55
N ILE A 11 1.04 13.21 -9.92
CA ILE A 11 0.22 12.19 -9.30
C ILE A 11 -0.60 12.80 -8.15
N LEU A 12 0.02 13.64 -7.32
CA LEU A 12 -0.65 14.27 -6.20
C LEU A 12 -1.65 15.34 -6.66
N GLU A 13 -1.52 15.84 -7.88
CA GLU A 13 -2.51 16.70 -8.50
C GLU A 13 -3.66 15.87 -9.07
N ALA A 14 -3.37 14.66 -9.58
CA ALA A 14 -4.35 13.71 -10.11
C ALA A 14 -5.20 13.13 -8.98
N PHE A 15 -4.56 12.91 -7.84
CA PHE A 15 -5.17 12.53 -6.59
C PHE A 15 -6.31 13.48 -6.25
N ARG A 16 -6.00 14.77 -6.15
CA ARG A 16 -6.97 15.77 -5.70
C ARG A 16 -8.07 15.97 -6.74
N GLU A 17 -7.80 15.69 -8.02
CA GLU A 17 -8.78 15.62 -9.12
C GLU A 17 -9.82 14.49 -8.94
N SER A 18 -9.68 13.63 -7.92
CA SER A 18 -10.57 12.51 -7.65
C SER A 18 -11.23 12.71 -6.29
N PRO A 19 -12.55 12.93 -6.26
CA PRO A 19 -13.32 12.93 -5.03
C PRO A 19 -13.19 11.62 -4.28
N ASP A 20 -13.18 10.49 -5.00
CA ASP A 20 -13.14 9.17 -4.37
C ASP A 20 -11.78 8.96 -3.71
N MET A 21 -10.69 9.31 -4.38
CA MET A 21 -9.35 9.15 -3.81
C MET A 21 -9.26 10.00 -2.55
N MET A 22 -9.65 11.27 -2.66
CA MET A 22 -9.76 12.19 -1.53
C MET A 22 -10.59 11.58 -0.40
N ALA A 23 -11.75 11.02 -0.70
CA ALA A 23 -12.63 10.41 0.28
C ALA A 23 -11.91 9.33 1.05
N ILE A 24 -11.13 8.44 0.42
CA ILE A 24 -10.45 7.37 1.18
C ILE A 24 -9.63 7.96 2.33
N LEU A 25 -8.93 9.07 2.08
CA LEU A 25 -8.12 9.75 3.09
C LEU A 25 -9.01 10.38 4.13
N THR A 26 -9.94 11.23 3.70
CA THR A 26 -10.78 11.99 4.61
C THR A 26 -11.63 11.08 5.49
N ILE A 27 -12.02 9.91 4.99
CA ILE A 27 -12.63 8.84 5.77
C ILE A 27 -11.56 8.38 6.75
N ILE A 28 -10.54 7.62 6.31
CA ILE A 28 -9.66 6.81 7.17
C ILE A 28 -9.06 7.70 8.28
N ARG A 29 -8.67 8.94 7.98
CA ARG A 29 -8.09 9.86 8.95
C ARG A 29 -9.00 10.02 10.17
N ASP A 30 -10.30 10.12 9.93
CA ASP A 30 -11.36 10.37 10.91
C ASP A 30 -11.88 9.10 11.58
N LEU A 31 -11.35 7.91 11.25
CA LEU A 31 -11.79 6.60 11.80
C LEU A 31 -11.67 6.51 13.30
N GLY A 32 -10.69 7.23 13.83
CA GLY A 32 -10.35 7.18 15.25
C GLY A 32 -9.38 6.04 15.55
N LEU A 33 -8.67 5.53 14.55
CA LEU A 33 -7.53 4.68 14.76
C LEU A 33 -6.37 5.57 15.18
N LYS A 34 -5.30 4.94 15.66
CA LYS A 34 -3.99 5.56 15.78
C LYS A 34 -3.08 4.88 14.75
N ASP A 35 -1.99 5.57 14.42
CA ASP A 35 -0.88 5.06 13.63
C ASP A 35 -1.33 4.26 12.40
N SER A 36 -2.34 4.74 11.66
CA SER A 36 -2.90 4.04 10.52
C SER A 36 -2.78 4.88 9.26
N TRP A 37 -2.58 4.26 8.09
CA TRP A 37 -2.67 4.93 6.79
C TRP A 37 -2.69 3.90 5.66
N LEU A 38 -3.01 4.36 4.43
CA LEU A 38 -3.06 3.54 3.21
C LEU A 38 -1.66 3.38 2.66
N ALA A 39 -1.31 2.16 2.26
CA ALA A 39 0.00 1.76 1.77
C ALA A 39 -0.17 0.85 0.57
N ALA A 40 0.97 0.35 0.11
CA ALA A 40 1.06 -0.80 -0.77
C ALA A 40 0.31 -0.60 -2.07
N GLY A 41 -0.13 -1.69 -2.69
CA GLY A 41 -0.87 -1.72 -3.93
C GLY A 41 -1.98 -0.68 -4.05
N SER A 42 -2.61 -0.25 -2.96
CA SER A 42 -3.64 0.78 -3.01
C SER A 42 -3.04 2.13 -3.43
N VAL A 43 -1.94 2.53 -2.80
CA VAL A 43 -1.22 3.75 -3.13
C VAL A 43 -0.69 3.63 -4.56
N ARG A 44 -0.23 2.45 -4.95
CA ARG A 44 0.29 2.22 -6.30
C ARG A 44 -0.80 2.27 -7.36
N ASN A 45 -2.04 1.92 -7.05
CA ASN A 45 -3.10 1.84 -8.03
C ASN A 45 -3.29 3.18 -8.74
N PHE A 46 -3.40 4.26 -7.96
CA PHE A 46 -3.55 5.60 -8.52
C PHE A 46 -2.24 6.16 -9.12
N ILE A 47 -1.17 5.37 -9.27
CA ILE A 47 0.13 5.78 -9.80
C ILE A 47 0.51 4.98 -11.04
N TRP A 48 0.38 3.65 -11.02
CA TRP A 48 0.71 2.80 -12.15
C TRP A 48 -0.29 3.03 -13.28
N ASN A 49 -1.58 2.96 -13.00
CA ASN A 49 -2.62 3.14 -14.01
C ASN A 49 -2.59 4.50 -14.70
N LEU A 50 -2.10 5.56 -14.04
CA LEU A 50 -1.86 6.88 -14.63
C LEU A 50 -0.95 6.74 -15.85
N LEU A 51 0.14 5.99 -15.70
CA LEU A 51 1.23 5.84 -16.65
C LEU A 51 0.91 4.74 -17.67
N SER A 52 -0.29 4.13 -17.59
CA SER A 52 -0.64 2.94 -18.32
C SER A 52 -2.01 3.07 -18.98
N ASP A 53 -2.58 4.28 -19.13
CA ASP A 53 -3.85 4.48 -19.82
C ASP A 53 -5.02 3.65 -19.28
N LYS A 54 -4.92 3.27 -18.00
CA LYS A 54 -5.87 2.47 -17.25
C LYS A 54 -6.72 3.38 -16.34
N SER A 55 -7.40 2.79 -15.37
CA SER A 55 -8.26 3.49 -14.41
C SER A 55 -7.61 3.60 -13.02
N PRO A 56 -6.79 4.63 -12.76
CA PRO A 56 -6.19 4.89 -11.45
C PRO A 56 -7.22 5.13 -10.34
N PHE A 57 -8.46 5.48 -10.70
CA PHE A 57 -9.52 5.87 -9.78
C PHE A 57 -10.66 4.87 -9.80
N ASP A 58 -10.30 3.59 -9.91
CA ASP A 58 -11.28 2.50 -9.94
C ASP A 58 -12.05 2.35 -8.63
N HIS A 59 -11.42 2.70 -7.49
CA HIS A 59 -11.95 2.71 -6.13
C HIS A 59 -12.67 1.45 -5.63
N GLU A 60 -12.73 0.36 -6.40
CA GLU A 60 -13.42 -0.88 -6.02
C GLU A 60 -12.39 -2.02 -6.01
N THR A 61 -11.28 -1.76 -5.33
CA THR A 61 -10.14 -2.62 -5.23
C THR A 61 -9.65 -2.56 -3.77
N ASP A 62 -8.74 -3.45 -3.40
CA ASP A 62 -8.33 -3.67 -2.02
C ASP A 62 -7.71 -2.36 -1.47
N ILE A 63 -8.15 -1.90 -0.29
CA ILE A 63 -7.72 -0.65 0.33
C ILE A 63 -6.96 -1.00 1.61
N ASP A 64 -5.63 -0.94 1.56
CA ASP A 64 -4.75 -1.27 2.67
C ASP A 64 -5.01 -0.37 3.88
N VAL A 65 -5.22 -0.91 5.08
CA VAL A 65 -5.34 -0.15 6.31
C VAL A 65 -4.45 -0.82 7.36
N ILE A 66 -3.13 -0.73 7.17
CA ILE A 66 -2.22 -1.09 8.23
C ILE A 66 -2.37 -0.09 9.37
N PHE A 67 -2.27 -0.58 10.61
CA PHE A 67 -2.29 0.24 11.80
C PHE A 67 -1.54 -0.46 12.93
N PHE A 68 -1.44 0.25 14.05
CA PHE A 68 -0.79 -0.17 15.27
C PHE A 68 -1.76 0.22 16.38
N ASP A 69 -2.33 -0.76 17.08
CA ASP A 69 -3.02 -0.52 18.35
C ASP A 69 -2.73 -1.70 19.26
N PRO A 70 -1.61 -1.67 20.00
CA PRO A 70 -1.12 -2.79 20.80
C PRO A 70 -2.00 -3.16 21.99
N ASP A 71 -3.06 -2.39 22.21
CA ASP A 71 -3.93 -2.47 23.37
C ASP A 71 -5.39 -2.71 22.93
N PHE A 72 -5.62 -3.29 21.75
CA PHE A 72 -6.95 -3.57 21.18
C PHE A 72 -7.04 -5.06 20.78
N SER A 73 -8.14 -5.75 21.09
CA SER A 73 -8.21 -7.21 20.93
C SER A 73 -8.06 -7.64 19.47
N TYR A 74 -7.49 -8.83 19.23
CA TYR A 74 -7.48 -9.47 17.91
C TYR A 74 -8.89 -9.51 17.34
N GLU A 75 -9.88 -9.98 18.09
CA GLU A 75 -11.22 -10.14 17.55
C GLU A 75 -11.83 -8.80 17.14
N GLU A 76 -11.67 -7.77 17.97
CA GLU A 76 -12.19 -6.44 17.75
C GLU A 76 -11.60 -5.79 16.50
N THR A 77 -10.35 -6.14 16.16
CA THR A 77 -9.73 -5.81 14.87
C THR A 77 -10.71 -6.13 13.74
N LEU A 78 -11.25 -7.35 13.76
CA LEU A 78 -12.12 -7.89 12.74
C LEU A 78 -13.49 -7.23 12.75
N LEU A 79 -14.00 -6.94 13.95
CA LEU A 79 -15.28 -6.29 14.15
C LEU A 79 -15.28 -4.89 13.56
N LEU A 80 -14.18 -4.19 13.79
CA LEU A 80 -13.94 -2.86 13.26
C LEU A 80 -13.95 -2.92 11.74
N GLU A 81 -13.21 -3.89 11.23
CA GLU A 81 -13.02 -4.12 9.81
C GLU A 81 -14.36 -4.37 9.12
N LYS A 82 -15.18 -5.28 9.67
CA LYS A 82 -16.56 -5.52 9.25
C LYS A 82 -17.31 -4.21 9.18
N LYS A 83 -17.39 -3.52 10.32
CA LYS A 83 -18.15 -2.29 10.50
C LYS A 83 -17.76 -1.27 9.44
N LEU A 84 -16.47 -1.10 9.18
CA LEU A 84 -15.98 -0.20 8.14
C LEU A 84 -16.53 -0.59 6.77
N ARG A 85 -16.43 -1.87 6.40
CA ARG A 85 -16.93 -2.39 5.13
C ARG A 85 -18.46 -2.38 5.07
N GLU A 86 -19.17 -2.37 6.22
CA GLU A 86 -20.61 -2.29 6.26
C GLU A 86 -21.04 -0.84 6.01
N ASP A 87 -20.37 0.15 6.62
CA ASP A 87 -20.77 1.56 6.48
C ASP A 87 -20.30 2.16 5.16
N PHE A 88 -19.24 1.61 4.57
CA PHE A 88 -18.69 2.04 3.29
C PHE A 88 -18.38 0.82 2.40
N PRO A 89 -19.40 0.13 1.87
CA PRO A 89 -19.23 -1.08 1.08
C PRO A 89 -18.51 -0.84 -0.26
N GLN A 90 -18.43 0.40 -0.75
CA GLN A 90 -17.72 0.67 -2.00
C GLN A 90 -16.20 0.54 -1.88
N TYR A 91 -15.66 0.47 -0.66
CA TYR A 91 -14.23 0.61 -0.38
C TYR A 91 -13.79 -0.55 0.52
N GLN A 92 -12.82 -1.32 0.05
CA GLN A 92 -12.41 -2.60 0.62
C GLN A 92 -11.42 -2.44 1.77
N TRP A 93 -11.87 -1.95 2.94
CA TRP A 93 -10.99 -1.65 4.08
C TRP A 93 -10.28 -2.92 4.61
N GLU A 94 -8.98 -3.05 4.40
CA GLU A 94 -8.14 -4.15 4.84
C GLU A 94 -7.43 -3.77 6.16
N LEU A 95 -8.11 -3.85 7.31
CA LEU A 95 -7.49 -3.52 8.60
C LEU A 95 -6.49 -4.60 9.01
N LYS A 96 -5.22 -4.23 9.22
CA LYS A 96 -4.19 -5.17 9.70
C LYS A 96 -3.38 -4.55 10.83
N ASN A 97 -3.64 -5.00 12.06
CA ASN A 97 -2.88 -4.56 13.23
C ASN A 97 -1.50 -5.20 13.20
N GLN A 98 -0.48 -4.41 12.88
CA GLN A 98 0.88 -4.90 12.71
C GLN A 98 1.56 -5.33 14.03
N VAL A 99 0.96 -5.10 15.19
CA VAL A 99 1.55 -5.49 16.47
C VAL A 99 1.76 -7.01 16.50
N TYR A 100 0.82 -7.78 15.96
CA TYR A 100 0.76 -9.23 16.11
C TYR A 100 1.48 -9.97 14.95
N MET A 101 2.42 -9.30 14.28
CA MET A 101 3.07 -9.81 13.08
C MET A 101 4.26 -10.69 13.43
N HIS A 102 4.10 -12.02 13.41
CA HIS A 102 5.15 -12.99 13.71
C HIS A 102 4.78 -14.43 13.32
N GLN A 103 3.96 -14.62 12.26
CA GLN A 103 3.39 -15.94 11.97
C GLN A 103 2.88 -16.16 10.54
N HIS A 104 2.60 -15.08 9.82
CA HIS A 104 1.95 -15.05 8.50
C HIS A 104 2.95 -15.11 7.34
N SER A 105 4.23 -15.02 7.66
CA SER A 105 5.37 -14.94 6.76
C SER A 105 6.56 -15.57 7.50
N PRO A 106 7.55 -16.18 6.83
CA PRO A 106 8.39 -17.19 7.48
C PRO A 106 9.42 -16.68 8.47
N HIS A 107 9.84 -15.43 8.31
CA HIS A 107 10.80 -14.76 9.19
C HIS A 107 10.52 -13.25 9.26
N THR A 108 9.36 -12.81 8.76
CA THR A 108 9.04 -11.41 8.58
C THR A 108 8.37 -10.94 9.86
N ALA A 109 9.17 -10.78 10.91
CA ALA A 109 8.75 -10.14 12.14
C ALA A 109 9.85 -9.16 12.53
N SER A 110 9.46 -7.93 12.82
CA SER A 110 10.28 -6.87 13.39
C SER A 110 9.42 -5.63 13.62
N TYR A 111 8.61 -5.29 12.62
CA TYR A 111 7.85 -4.05 12.60
C TYR A 111 6.75 -4.02 13.64
N THR A 112 6.17 -2.84 13.80
CA THR A 112 5.05 -2.60 14.69
C THR A 112 4.35 -1.31 14.24
N SER A 113 5.11 -0.24 13.98
CA SER A 113 4.55 1.06 13.63
C SER A 113 4.33 1.15 12.12
N SER A 114 3.61 2.18 11.68
CA SER A 114 3.04 2.29 10.35
C SER A 114 4.11 2.40 9.27
N ARG A 115 5.00 3.39 9.37
CA ARG A 115 6.13 3.50 8.45
C ARG A 115 7.05 2.29 8.62
N ASP A 116 7.22 1.79 9.86
CA ASP A 116 8.18 0.74 10.18
C ASP A 116 7.85 -0.58 9.48
N ALA A 117 6.55 -0.90 9.37
CA ALA A 117 6.06 -2.01 8.57
C ALA A 117 6.52 -1.89 7.12
N MET A 118 6.29 -0.73 6.50
CA MET A 118 6.70 -0.50 5.11
C MET A 118 8.21 -0.64 4.93
N SER A 119 9.04 -0.46 5.96
CA SER A 119 10.47 -0.69 5.89
C SER A 119 10.86 -2.17 5.68
N LYS A 120 9.92 -3.12 5.74
CA LYS A 120 10.11 -4.55 5.51
C LYS A 120 8.97 -5.14 4.66
N TYR A 121 8.55 -4.40 3.63
CA TYR A 121 7.51 -4.80 2.69
C TYR A 121 8.00 -5.79 1.62
N PRO A 122 7.08 -6.45 0.89
CA PRO A 122 7.39 -7.55 -0.02
C PRO A 122 8.27 -7.10 -1.20
N GLU A 123 8.08 -5.88 -1.68
CA GLU A 123 8.76 -5.35 -2.86
C GLU A 123 9.20 -3.93 -2.54
N ARG A 124 10.28 -3.46 -3.18
CA ARG A 124 10.80 -2.11 -2.96
C ARG A 124 9.79 -1.09 -3.45
N CYS A 125 9.25 -1.34 -4.64
CA CYS A 125 8.28 -0.46 -5.23
C CYS A 125 6.98 -0.45 -4.42
N THR A 126 6.61 -1.57 -3.79
CA THR A 126 5.41 -1.67 -2.96
C THR A 126 5.59 -0.95 -1.64
N ALA A 127 6.83 -0.80 -1.15
CA ALA A 127 7.16 -0.09 0.07
C ALA A 127 6.97 1.42 -0.16
N VAL A 128 5.71 1.84 -0.20
CA VAL A 128 5.31 3.21 -0.43
C VAL A 128 3.98 3.47 0.26
N GLY A 129 3.79 4.72 0.68
CA GLY A 129 2.62 5.18 1.39
C GLY A 129 2.21 6.57 0.93
N LEU A 130 0.92 6.90 1.10
CA LEU A 130 0.32 8.17 0.72
C LEU A 130 -0.89 8.41 1.62
N ARG A 131 -0.89 9.47 2.43
CA ARG A 131 -2.08 9.91 3.18
C ARG A 131 -2.04 11.42 3.41
N LEU A 132 -3.04 11.97 4.09
CA LEU A 132 -3.05 13.35 4.54
C LEU A 132 -2.28 13.41 5.84
N ASN A 133 -1.92 14.62 6.20
CA ASN A 133 -1.44 14.96 7.54
C ASN A 133 -2.38 15.99 8.14
N GLU A 134 -1.97 16.55 9.27
CA GLU A 134 -2.73 17.55 10.02
C GLU A 134 -2.92 18.85 9.21
N GLU A 135 -2.05 19.11 8.23
CA GLU A 135 -2.07 20.26 7.31
C GLU A 135 -2.89 19.93 6.05
N LEU A 136 -3.52 18.75 6.04
CA LEU A 136 -4.32 18.19 4.96
C LEU A 136 -3.49 18.00 3.67
N ASP A 137 -2.19 17.71 3.83
CA ASP A 137 -1.16 17.69 2.79
C ASP A 137 -0.91 16.31 2.21
N PHE A 138 0.21 16.12 1.51
CA PHE A 138 0.61 14.85 0.93
C PHE A 138 1.72 14.21 1.76
N GLU A 139 1.33 13.43 2.78
CA GLU A 139 2.25 12.58 3.49
C GLU A 139 2.69 11.50 2.51
N LEU A 140 4.01 11.38 2.28
CA LEU A 140 4.63 10.44 1.36
C LEU A 140 5.59 9.58 2.19
N TYR A 141 5.96 8.40 1.71
CA TYR A 141 7.06 7.61 2.21
C TYR A 141 7.57 6.77 1.07
N VAL A 142 8.84 6.95 0.68
CA VAL A 142 9.54 6.13 -0.31
C VAL A 142 10.97 5.88 0.19
N PRO A 143 11.17 4.87 1.07
CA PRO A 143 12.47 4.62 1.67
C PRO A 143 13.53 4.09 0.70
N TYR A 144 13.15 3.74 -0.54
CA TYR A 144 14.04 3.18 -1.56
C TYR A 144 14.06 4.01 -2.84
N GLY A 145 13.15 4.98 -2.97
CA GLY A 145 12.97 5.86 -4.11
C GLY A 145 11.65 5.59 -4.83
N LEU A 146 11.35 6.41 -5.84
CA LEU A 146 10.13 6.31 -6.66
C LEU A 146 10.40 5.65 -8.01
N GLU A 147 11.66 5.62 -8.46
CA GLU A 147 11.99 5.25 -9.83
C GLU A 147 11.54 3.84 -10.19
N ASP A 148 11.49 2.91 -9.24
CA ASP A 148 11.08 1.53 -9.52
C ASP A 148 9.56 1.39 -9.62
N ILE A 149 8.77 2.34 -9.14
CA ILE A 149 7.37 2.42 -9.49
C ILE A 149 7.30 2.88 -10.94
N LEU A 150 7.92 4.01 -11.23
CA LEU A 150 7.80 4.70 -12.51
C LEU A 150 8.33 3.86 -13.67
N ASN A 151 9.43 3.14 -13.48
CA ASN A 151 10.00 2.24 -14.48
C ASN A 151 9.27 0.88 -14.49
N PHE A 152 8.21 0.71 -13.70
CA PHE A 152 7.44 -0.51 -13.50
C PHE A 152 8.34 -1.71 -13.19
N GLN A 153 8.97 -1.73 -12.01
CA GLN A 153 9.98 -2.70 -11.67
C GLN A 153 9.64 -3.38 -10.35
N VAL A 154 9.65 -4.70 -10.34
CA VAL A 154 9.30 -5.53 -9.19
C VAL A 154 10.60 -6.19 -8.71
N ARG A 155 11.13 -5.71 -7.58
CA ARG A 155 12.26 -6.36 -6.89
C ARG A 155 11.99 -6.41 -5.39
N PRO A 156 12.53 -7.42 -4.68
CA PRO A 156 12.42 -7.53 -3.23
C PRO A 156 13.30 -6.49 -2.52
N THR A 157 12.92 -6.13 -1.31
CA THR A 157 13.66 -5.22 -0.44
C THR A 157 14.98 -5.86 0.03
N PRO A 158 15.96 -5.06 0.47
CA PRO A 158 17.22 -5.60 0.99
C PRO A 158 16.98 -6.47 2.24
N HIS A 159 15.88 -6.21 2.94
CA HIS A 159 15.42 -6.93 4.11
C HIS A 159 14.79 -8.29 3.78
N PHE A 160 14.75 -8.68 2.49
CA PHE A 160 14.28 -9.99 2.07
C PHE A 160 15.45 -10.84 1.58
N LEU A 161 16.37 -10.28 0.79
CA LEU A 161 17.51 -11.03 0.24
C LEU A 161 18.31 -11.74 1.33
N GLU A 162 18.42 -11.10 2.48
CA GLU A 162 19.25 -11.49 3.62
C GLU A 162 18.82 -12.80 4.29
N ASN A 163 17.62 -13.25 3.94
CA ASN A 163 16.93 -14.41 4.46
C ASN A 163 16.43 -15.28 3.31
N GLU A 164 17.04 -16.45 3.11
CA GLU A 164 16.63 -17.42 2.08
C GLU A 164 15.15 -17.80 2.23
N ASP A 165 14.61 -17.70 3.44
CA ASP A 165 13.24 -18.07 3.81
C ASP A 165 12.33 -16.90 3.46
N ARG A 166 12.73 -15.67 3.75
CA ARG A 166 11.94 -14.51 3.34
C ARG A 166 11.89 -14.42 1.82
N MET A 167 12.93 -14.89 1.13
CA MET A 167 12.96 -14.90 -0.32
C MET A 167 11.85 -15.80 -0.86
N GLU A 168 11.60 -16.99 -0.28
CA GLU A 168 10.59 -17.89 -0.81
C GLU A 168 9.22 -17.22 -0.83
N LEU A 169 8.92 -16.46 0.23
CA LEU A 169 7.63 -15.79 0.38
C LEU A 169 7.40 -14.84 -0.80
N TYR A 170 8.45 -14.14 -1.23
CA TYR A 170 8.37 -13.19 -2.31
C TYR A 170 8.06 -13.97 -3.59
N GLN A 171 8.92 -14.90 -3.95
CA GLN A 171 8.87 -15.73 -5.16
C GLN A 171 7.52 -16.46 -5.28
N THR A 172 7.12 -17.18 -4.24
CA THR A 172 5.92 -18.01 -4.25
C THR A 172 4.67 -17.16 -4.57
N ARG A 173 4.54 -16.00 -3.93
CA ARG A 173 3.43 -15.10 -4.22
C ARG A 173 3.61 -14.42 -5.57
N LEU A 174 4.84 -14.12 -5.99
CA LEU A 174 5.15 -13.48 -7.27
C LEU A 174 4.49 -14.24 -8.42
N SER A 175 4.68 -15.56 -8.44
CA SER A 175 4.12 -16.42 -9.48
C SER A 175 2.58 -16.48 -9.43
N LYS A 176 1.98 -16.14 -8.28
CA LYS A 176 0.54 -16.11 -8.05
C LYS A 176 0.04 -14.66 -8.13
N LYS A 177 0.68 -13.81 -8.95
CA LYS A 177 0.31 -12.42 -9.17
C LYS A 177 0.28 -12.09 -10.65
N ASN A 178 -0.82 -11.50 -11.08
CA ASN A 178 -1.12 -10.97 -12.42
C ASN A 178 -0.35 -9.69 -12.78
N TRP A 179 0.90 -9.52 -12.33
CA TRP A 179 1.61 -8.25 -12.42
C TRP A 179 1.73 -7.79 -13.87
N GLN A 180 2.40 -8.58 -14.70
CA GLN A 180 2.64 -8.26 -16.10
C GLN A 180 1.37 -8.37 -16.96
N GLU A 181 0.26 -8.86 -16.39
CA GLU A 181 -1.02 -9.02 -17.08
C GLU A 181 -1.77 -7.68 -17.05
N LYS A 182 -1.82 -7.02 -15.88
CA LYS A 182 -2.48 -5.71 -15.76
C LYS A 182 -1.65 -4.60 -16.39
N TRP A 183 -0.32 -4.69 -16.30
CA TRP A 183 0.61 -3.72 -16.85
C TRP A 183 1.66 -4.48 -17.65
N LYS A 184 1.57 -4.51 -18.99
CA LYS A 184 2.55 -5.21 -19.83
C LYS A 184 3.99 -4.74 -19.62
N ASN A 185 4.16 -3.44 -19.33
CA ASN A 185 5.44 -2.73 -19.21
C ASN A 185 6.27 -3.16 -17.99
N LEU A 186 5.86 -4.23 -17.30
CA LEU A 186 6.25 -4.55 -15.94
C LEU A 186 7.45 -5.51 -15.94
N ILE A 187 8.53 -5.07 -15.30
CA ILE A 187 9.81 -5.78 -15.17
C ILE A 187 9.83 -6.53 -13.85
N PHE A 188 10.30 -7.78 -13.90
CA PHE A 188 10.56 -8.61 -12.74
C PHE A 188 12.07 -8.65 -12.51
N LYS A 189 12.49 -8.77 -11.26
CA LYS A 189 13.85 -9.07 -10.84
C LYS A 189 13.80 -9.87 -9.54
N ASN A 190 14.96 -10.32 -9.06
CA ASN A 190 15.14 -10.93 -7.74
C ASN A 190 15.88 -10.00 -6.78
N THR A 191 16.29 -8.82 -7.24
CA THR A 191 17.13 -7.87 -6.50
C THR A 191 17.17 -6.56 -7.29
#